data_7STB
#
_entry.id   7STB
#
_cell.length_a   1.00
_cell.length_b   1.00
_cell.length_c   1.00
_cell.angle_alpha   90.00
_cell.angle_beta   90.00
_cell.angle_gamma   90.00
#
_symmetry.space_group_name_H-M   'P 1'
#
loop_
_entity.id
_entity.type
_entity.pdbx_description
1 polymer 'Checkpoint protein RAD24'
2 polymer 'Replication factor C subunit 4'
3 polymer 'Replication factor C subunit 3'
4 polymer 'Replication factor C subunit 2'
5 polymer 'Replication factor C subunit 5'
6 polymer 'DNA damage checkpoint control protein RAD17'
7 polymer 'DNA damage checkpoint protein 1'
8 polymer 'DNA damage checkpoint control protein MEC3'
9 polymer 'DNA (50-MER)'
10 polymer "DNA (5'-D(P*CP*GP*CP*TP*CP*CP*TP*TP*CP*CP*TP*GP*AP*CP*TP*CP*GP*TP*CP*C)-3')"
11 non-polymer 'PHOSPHOTHIOPHOSPHORIC ACID-ADENYLATE ESTER'
12 non-polymer 'MAGNESIUM ION'
13 non-polymer "ADENOSINE-5'-DIPHOSPHATE"
#
loop_
_entity_poly.entity_id
_entity_poly.type
_entity_poly.pdbx_seq_one_letter_code
_entity_poly.pdbx_strand_id
1 'polypeptide(L)'
;MDSTNLNKRPLLQYSLSSLGSQITKWSSSRPTSPVRKARSTENDFLSKQDTSSILPSINDDGGEQWYEKFKPNCLEQVAI
HKRKLKDVQEALDAMFLPNAKHRILLLSGPSGCSKSTVIKELSKILVPKYRQNSNGTSFRSTPNEHKVTEFRGDCIVNDL
PQMESFSEFLKGARYLVMSNLSLILIEDLPNVFHIDTRRRFQQLILQWLYSSEPLLPPLVICITECEIPENDNNYRKFGI
DYTFSAETIMNKEILMHPRLKRIKFNPINSTLLKKHLKFICVQNMKMLKEKNKWNKRQEVIDYIAQETGDIRSAITTLQF
WATSSGSLPISTRESTISYFHAIGKVIHGSHSTNNDNEMINNLFENSNNLLSKEDFKLGILENYNTFNKGEFSISDASSI
VDCLSECDNMNGLPESNEYGLREVRKTFRNISKQGHNHGTVYFPREWKVRKLQNSFKVQAEDWLNVSLYKYNAVHSFRNI
TLEFGYYAPLIRKCQSYKKKYILYYLKNLPSGSSGPKQTMDKFSDIMKVENGIDVVDRIGGPIEALSVEDGLAPLMDNDS
NNCDHLEDQKKERDRRLRMLIDQYERNVMMANDDLEDEETSFNDDPIVDSDSDNSNNIGNETFGRSDEDESLCEILSQRQ
PRKAPVISESLSDSDLEILGLNLEVLFQGPGGDYKDDDDKDYKDDDDKDYKDDDDK
;
A
2 'polypeptide(L)'
;MSKTLSLQLPWVEKYRPQVLSDIVGNKETIDRLQQIAKDGNMPHMIISGMPGIGKTTSVHCLAHELLGRSYADGVLELNA
SDDRGIDVVRNQIKHFAQKKLHLPPGKHKIVILDEADSMTAGAQQALRRTMELYSNSTRFAFACNQSNKIIEPLQSRCAI
LRYSKLSDEDVLKRLLQIIKLEDVKYTNDGLEAIIFTAEGDMRQAINNLQSTVAGHGLVNADNVFKIVDSPHPLIVKKML
LASNLEDSIQILRTDLWKKGYSSIDIVTTSFRVTKNLAQVKESVRLEMIKEIGLTHMRILEGVGTYLQLASMLAKIHKLN
NKA
;
B
3 'polypeptide(L)'
;MSTSTEKRSKENLPWVEKYRPETLDEVYGQNEVITTVRKFVDEGKLPHLLFYGPPGTGKTSTIVALAREIYGKNYSNMVL
ELNASDDRGIDVVRNQIKDFASTRQIFSKGFKLIILDEADAMTNAAQNALRRVIERYTKNTRFCVLANYAHKLTPALLSR
CTRFRFQPLPQEAIERRIANVLVHEKLKLSPNAEKALIELSNGDMRRVLNVLQSCKATLDNPDEDEISDDVIYECCGAPR
PSDLKAVLKSILEDDWGTAHYTLNKVRSAKGLALIDLIEGIVKILEDYELQNEETRVHLLTKLADIEYSISKGGNDQIQG
SAVIGAIKASFENETVKANV
;
C
4 'polypeptide(L)'
;MFEGFGPNKKRKISKLAAEQSLAQQPWVEKYRPKNLDEVTAQDHAVTVLKKTLKSANLPHMLFYGPPGTGKTSTILALTK
ELYGPDLMKSRILELNASDERGISIVREKVKNFARLTVSKPSKHDLENYPCPPYKIIILDEADSMTADAQSALRRTMETY
SGVTRFCLICNYVTRIIDPLASRCSKFRFKALDASNAIDRLRFISEQENVKCDDGVLERILDISAGDLRRGITLLQSASK
GAQYLGDGKNITSTQVEELAGVVPHDILIEIVEKVKSGDFDEIKKYVNTFMKSGWSAASVVNQLHEYYITNDNFDTNFKN
QISWLLFTTDSRLNNGTNEHIQLLNLLVKISQL
;
D
5 'polypeptide(L)'
;MSLWVDKYRPKSLNALSHNEELTNFLKSLSDQPRDLPHLLLYGPNGTGKKTRCMALLESIFGPGVYRLKIDVRQFVTASN
RKLELNVVSSPYHLEITPSDMGNNDRIVIQELLKEVAQMEQVDFQDSKDGLAHRYKCVIINEANSLTKDAQAALRRTMEK
YSKNIRLIMVCDSMSPIIAPIKSRCLLIRCPAPSDSEISTILSDVVTNERIQLETKDILKRIAQASNGNLRVSLLMLESM
ALNNELALKSSSPIIKPDWIIVIHKLTRKIVKERSVNSLIECRAVLYDLLAHCIPANIILKELTFSLLDVETLNTTNKSS
IIEYSSVFDERLSLGNKAIFHLEGFIAKVMCCLD
;
E
6 'polypeptide(L)'
;MRINSELANKFSASTVHLEHITTALSCLTPFGSKDDVLIFIDADGLSFVRENNHVIKIQLLLSRELFMSYSYRNETEDHM
KLCVKINHILDSVSVMNRNSDDIVECTLSYDGHGSPFVLIFEDSFISERVEYSTYLIKDFDTNGLELDRERISFEAIIKG
EALHSALKDLKEIGCKECYVYAKTEANDENVFALISKSQLGFSKIKLPSNRSILEKLQVFDGDSTTVIDGFAVIGFFDFT
SFDKIRKSTKIASKVLFRMDVHGVLSVNILSQTDDVIITDTTRPSNNRPGSIRQLQLPKDYPGIVIEVCMLEKESIDEAA
QTEIELLMETNELGNRNSFKKSTIRKRYGTDKGNETSNDNLLQLNGKKIKLPSEEENNKNRESEDEENHCKYPTKDIPIF
F
;
F
7 'polypeptide(L)'
;MDYKDDDDKDYKDDDDKDYKDDDDKLEVLFQGPGMSFKATITESGKQNIWFRAIYVLSTIQDDIKITVTTNELIAWSMNE
TDTTLCQVRFQKSFFEEYEFKPHEIVFGENGVQVIEDTYGNSHKLYSFRVNGRHLTTISRKPDGDGIKSFTIAVNNTSTC
PESLANRLIVVIEMDSLIVKEYCPQFQPIKYDPIIINLKYKRRFLDVFGTAASDRNPQEPLDPKLLDVFTNTERELTSAL
FNEEVESDIRKRNQLTAADEINYICCNSTLLKNFLDNCNVNVTDEVKLEINVHRLSITAFTKAVYGKNNDLLRNALSMSN
TISTLDLEHYCLFTTIEDEKQDKRSHSKRREHMKSIIFKLKDFKNFITIGPSWKTTQDGNDNISLWFCHPGDPILMQMQK
PGVKLELVEVTDSNINDDILEGKFIKTAISGSKEEAGLKDNKESCESPLKSKTALKRENLPHSVAGTRNSPLKVSYLTPD
NGSTVAKTYRNNTARKLFVEEQSQSTNYEQDKRFRQASSVHMNMNREQSFDIGTTHEVACPRNESNSLKRSIADICNETE
DPTQQSTFAKRADTTVTWGKALPAADDEVSCSNIDRKGMLKKEKLKHMQGLLNSQNDTSNHKKQDNKEMEDGLGLTQVEK
PRGIFD
;
G
8 'polypeptide(L)'
;MKLKLIVNGCEAPDDYKLLRTTINTVASLRKTAILRFNSERLTIISTPKSSLNSSNNGTILRGDTGQLWCTIPHDVFRLY
TVISARELNTITMECNCDSLLSVFKRYDRVMNQGSSSNMTIKLQSMPEWNTNNGTLSGGTAGGVDTTSKPNPICALGITF
EEIVHTSGPNDAIVMNGGVDEHNGLPTTVGTGNLLASNKVIMHSFKVPVKLLFRAQDTRIQEPMINYIQLMMYKLPPISG
EFGSAFHGFIRRVERYSNVNHIHLMGVKKKEHGNEGDDVELKIIVNELDWHLEICWNGPLDSVIQRQEGLTDNPSQNQHI
DTDGRQEEGSLPIIEADKPMSSLYTNTRDREMEENIRYDEDLLRIEDSSIADTRGNIYTADTSGDTEFNDISVMVEKAEQ
ESSSTHEVIIRCKDWKVCSKLYAAFEEVVLAISHDESCVFHCSLDRGSLEDSEDVEKPRERGQIIYYIARSKGL
;
H
9 'polydeoxyribonucleotide'
;(DG)(DG)(DA)(DC)(DG)(DA)(DG)(DT)(DC)(DA)(DG)(DG)(DA)(DA)(DG)(DG)(DA)(DG)(DC)(DG)
(DT)(DT)(DT)(DT)(DT)(DT)(DT)(DT)(DT)(DT)(DT)(DT)(DT)(DT)(DT)(DT)(DT)(DT)(DT)(DT)
(DT)(DT)(DT)(DT)(DT)(DT)(DT)(DT)(DT)(DT)
;
J
10 'polydeoxyribonucleotide'
;(DA)(DC)(DG)(DC)(DT)(DC)(DC)(DT)(DT)(DC)(DC)(DT)(DG)(DA)(DC)(DT)(DC)(DG)(DT)(DC)
(DC)
;
I
#
loop_
_chem_comp.id
_chem_comp.type
_chem_comp.name
_chem_comp.formula
ADP non-polymer ADENOSINE-5'-DIPHOSPHATE 'C10 H15 N5 O10 P2'
AGS non-polymer 'PHOSPHOTHIOPHOSPHORIC ACID-ADENYLATE ESTER' 'C10 H16 N5 O12 P3 S'
DA DNA linking 2'-DEOXYADENOSINE-5'-MONOPHOSPHATE 'C10 H14 N5 O6 P'
DC DNA linking 2'-DEOXYCYTIDINE-5'-MONOPHOSPHATE 'C9 H14 N3 O7 P'
DG DNA linking 2'-DEOXYGUANOSINE-5'-MONOPHOSPHATE 'C10 H14 N5 O7 P'
DT DNA linking THYMIDINE-5'-MONOPHOSPHATE 'C10 H15 N2 O8 P'
MG non-polymer 'MAGNESIUM ION' 'Mg 2'
#
# COMPACT_ATOMS: atom_id res chain seq x y z
N GLY A 63 18.06 32.51 30.08
CA GLY A 63 17.39 31.27 29.74
C GLY A 63 16.59 31.35 28.47
N GLU A 64 15.90 32.47 28.29
CA GLU A 64 15.10 32.67 27.09
C GLU A 64 16.00 32.77 25.87
N GLN A 65 15.61 32.06 24.80
CA GLN A 65 16.37 32.12 23.56
C GLN A 65 16.23 33.50 22.93
N TRP A 66 17.31 33.95 22.29
CA TRP A 66 17.34 35.32 21.79
C TRP A 66 16.29 35.56 20.72
N TYR A 67 16.12 34.61 19.80
CA TYR A 67 15.14 34.81 18.73
C TYR A 67 13.73 34.99 19.28
N GLU A 68 13.48 34.56 20.52
CA GLU A 68 12.22 34.84 21.18
C GLU A 68 12.31 36.10 22.04
N LYS A 69 13.44 36.30 22.71
CA LYS A 69 13.62 37.50 23.53
C LYS A 69 13.60 38.76 22.68
N PHE A 70 14.32 38.74 21.55
CA PHE A 70 14.40 39.90 20.66
C PHE A 70 13.39 39.77 19.52
N LYS A 71 12.11 39.73 19.89
CA LYS A 71 11.06 39.65 18.88
C LYS A 71 10.58 41.05 18.51
N PRO A 72 10.06 41.24 17.30
CA PRO A 72 9.57 42.57 16.92
C PRO A 72 8.47 43.05 17.85
N ASN A 73 8.52 44.34 18.18
CA ASN A 73 7.47 45.00 18.94
C ASN A 73 6.59 45.88 18.06
N CYS A 74 6.94 46.05 16.79
CA CYS A 74 6.18 46.87 15.87
C CYS A 74 6.43 46.38 14.45
N LEU A 75 5.58 46.82 13.53
CA LEU A 75 5.69 46.39 12.14
C LEU A 75 7.01 46.83 11.51
N GLU A 76 7.65 47.87 12.03
CA GLU A 76 8.89 48.40 11.45
C GLU A 76 10.12 47.57 11.80
N GLN A 77 10.00 46.61 12.73
CA GLN A 77 11.13 45.78 13.13
C GLN A 77 11.11 44.41 12.47
N VAL A 78 10.19 44.16 11.56
CA VAL A 78 10.07 42.86 10.90
C VAL A 78 11.02 42.83 9.71
N ALA A 79 11.80 41.76 9.61
CA ALA A 79 12.79 41.61 8.54
C ALA A 79 12.07 41.21 7.25
N ILE A 80 11.37 42.20 6.68
CA ILE A 80 10.59 42.02 5.46
C ILE A 80 10.91 43.17 4.51
N HIS A 81 11.01 42.85 3.22
CA HIS A 81 11.28 43.85 2.21
C HIS A 81 10.11 44.82 2.10
N LYS A 82 10.40 46.05 1.67
CA LYS A 82 9.37 47.08 1.60
C LYS A 82 8.28 46.71 0.61
N ARG A 83 8.65 46.20 -0.56
CA ARG A 83 7.66 45.89 -1.59
C ARG A 83 6.71 44.78 -1.12
N LYS A 84 7.27 43.70 -0.57
CA LYS A 84 6.43 42.60 -0.10
C LYS A 84 5.53 43.05 1.04
N LEU A 85 6.07 43.86 1.96
CA LEU A 85 5.28 44.37 3.06
C LEU A 85 4.12 45.22 2.55
N LYS A 86 4.39 46.10 1.59
CA LYS A 86 3.34 46.95 1.04
C LYS A 86 2.27 46.12 0.35
N ASP A 87 2.69 45.11 -0.42
CA ASP A 87 1.73 44.24 -1.09
C ASP A 87 0.84 43.52 -0.07
N VAL A 88 1.44 42.98 0.99
CA VAL A 88 0.67 42.29 2.00
C VAL A 88 -0.29 43.25 2.70
N GLN A 89 0.18 44.46 3.01
CA GLN A 89 -0.70 45.45 3.63
C GLN A 89 -1.91 45.73 2.74
N GLU A 90 -1.67 45.97 1.45
CA GLU A 90 -2.77 46.31 0.55
C GLU A 90 -3.75 45.14 0.45
N ALA A 91 -3.24 43.92 0.28
CA ALA A 91 -4.12 42.77 0.15
C ALA A 91 -4.95 42.57 1.41
N LEU A 92 -4.31 42.61 2.58
CA LEU A 92 -5.02 42.39 3.83
C LEU A 92 -6.05 43.49 4.08
N ASP A 93 -5.69 44.74 3.80
CA ASP A 93 -6.65 45.82 3.97
C ASP A 93 -7.85 45.64 3.04
N ALA A 94 -7.60 45.20 1.81
CA ALA A 94 -8.71 44.93 0.90
C ALA A 94 -9.61 43.82 1.46
N MET A 95 -9.01 42.77 2.01
CA MET A 95 -9.80 41.66 2.52
C MET A 95 -10.65 42.04 3.73
N PHE A 96 -10.33 43.13 4.41
CA PHE A 96 -11.07 43.56 5.58
C PHE A 96 -12.27 44.43 5.25
N LEU A 97 -12.50 44.73 3.98
CA LEU A 97 -13.59 45.62 3.61
C LEU A 97 -14.95 44.95 3.86
N PRO A 98 -16.01 45.74 4.00
CA PRO A 98 -17.34 45.15 4.25
C PRO A 98 -17.66 43.98 3.34
N ASN A 99 -17.58 44.17 2.03
CA ASN A 99 -17.81 43.12 1.04
C ASN A 99 -16.52 43.00 0.21
N ALA A 100 -15.59 42.18 0.70
CA ALA A 100 -14.28 42.04 0.09
C ALA A 100 -14.32 40.94 -0.98
N LYS A 101 -13.75 41.22 -2.14
CA LYS A 101 -13.68 40.22 -3.20
C LYS A 101 -12.85 39.02 -2.77
N HIS A 102 -11.72 39.27 -2.11
CA HIS A 102 -10.82 38.20 -1.69
C HIS A 102 -11.24 37.69 -0.32
N ARG A 103 -11.24 36.36 -0.18
CA ARG A 103 -11.67 35.71 1.07
C ARG A 103 -10.55 34.99 1.79
N ILE A 104 -9.50 34.58 1.10
CA ILE A 104 -8.39 33.84 1.69
C ILE A 104 -7.08 34.46 1.24
N LEU A 105 -6.15 34.61 2.18
CA LEU A 105 -4.78 35.05 1.88
C LEU A 105 -3.86 33.86 2.08
N LEU A 106 -3.33 33.34 0.97
CA LEU A 106 -2.43 32.19 1.00
C LEU A 106 -1.00 32.68 0.91
N LEU A 107 -0.28 32.61 2.04
CA LEU A 107 1.12 33.01 2.10
C LEU A 107 1.99 31.76 2.10
N SER A 108 2.87 31.66 1.10
CA SER A 108 3.77 30.53 0.96
C SER A 108 5.21 31.03 0.87
N GLY A 109 6.11 30.34 1.56
CA GLY A 109 7.50 30.71 1.55
C GLY A 109 8.36 29.73 2.33
N PRO A 110 9.68 29.92 2.30
CA PRO A 110 10.58 29.01 3.03
C PRO A 110 10.48 29.18 4.53
N SER A 111 11.28 28.43 5.28
CA SER A 111 11.24 28.51 6.74
C SER A 111 11.88 29.81 7.21
N GLY A 112 11.28 30.41 8.23
CA GLY A 112 11.83 31.60 8.84
C GLY A 112 11.96 32.79 7.91
N CYS A 113 10.93 33.06 7.12
CA CYS A 113 10.89 34.25 6.27
C CYS A 113 9.92 35.30 6.81
N SER A 114 9.45 35.15 8.05
CA SER A 114 8.62 36.16 8.71
C SER A 114 7.22 36.24 8.11
N LYS A 115 6.62 35.09 7.81
CA LYS A 115 5.22 35.06 7.38
C LYS A 115 4.28 35.28 8.55
N SER A 116 4.35 34.39 9.54
CA SER A 116 3.48 34.54 10.71
C SER A 116 3.79 35.83 11.46
N THR A 117 5.07 36.21 11.52
CA THR A 117 5.44 37.43 12.24
C THR A 117 4.78 38.65 11.61
N VAL A 118 4.91 38.81 10.29
CA VAL A 118 4.32 39.97 9.63
C VAL A 118 2.80 39.90 9.69
N ILE A 119 2.23 38.69 9.58
CA ILE A 119 0.78 38.55 9.67
C ILE A 119 0.29 39.04 11.02
N LYS A 120 0.95 38.61 12.10
CA LYS A 120 0.53 39.02 13.44
C LYS A 120 0.73 40.52 13.64
N GLU A 121 1.85 41.06 13.17
CA GLU A 121 2.11 42.49 13.33
C GLU A 121 1.06 43.32 12.60
N LEU A 122 0.70 42.91 11.38
CA LEU A 122 -0.33 43.62 10.64
C LEU A 122 -1.70 43.46 11.28
N SER A 123 -1.99 42.28 11.82
CA SER A 123 -3.27 42.07 12.50
C SER A 123 -3.39 43.00 13.71
N LYS A 124 -2.31 43.14 14.47
CA LYS A 124 -2.35 43.98 15.66
C LYS A 124 -2.77 45.41 15.34
N ILE A 125 -2.54 45.86 14.12
CA ILE A 125 -2.88 47.21 13.70
C ILE A 125 -4.22 47.25 12.98
N LEU A 126 -4.54 46.20 12.22
CA LEU A 126 -5.74 46.24 11.38
C LEU A 126 -6.99 45.85 12.16
N VAL A 127 -6.94 44.76 12.93
CA VAL A 127 -8.13 44.28 13.62
C VAL A 127 -8.74 45.38 14.49
N PRO A 128 -7.98 46.13 15.29
CA PRO A 128 -8.61 47.21 16.09
C PRO A 128 -9.32 48.25 15.23
N LYS A 129 -8.86 48.48 14.00
CA LYS A 129 -9.44 49.52 13.17
C LYS A 129 -10.84 49.15 12.70
N TYR A 130 -11.04 47.92 12.24
CA TYR A 130 -12.33 47.50 11.70
C TYR A 130 -13.24 46.86 12.75
N ARG A 131 -12.69 46.36 13.86
CA ARG A 131 -13.50 45.68 14.85
C ARG A 131 -14.60 46.60 15.37
N GLN A 132 -15.85 46.20 15.18
CA GLN A 132 -16.97 46.99 15.64
C GLN A 132 -16.99 47.04 17.16
N ASN A 133 -17.28 48.21 17.70
CA ASN A 133 -17.32 48.38 19.15
C ASN A 133 -18.48 47.59 19.75
N SER A 134 -18.23 47.05 20.94
CA SER A 134 -19.23 46.26 21.66
C SER A 134 -20.00 47.13 22.64
N ASN A 135 -21.14 46.61 23.08
CA ASN A 135 -22.02 47.29 24.02
C ASN A 135 -22.12 46.49 25.32
N GLY A 136 -20.98 46.01 25.80
CA GLY A 136 -20.96 45.18 26.99
C GLY A 136 -21.19 43.71 26.74
N THR A 137 -21.00 43.25 25.51
CA THR A 137 -21.23 41.86 25.15
C THR A 137 -19.94 41.04 25.13
N SER A 138 -18.83 41.61 25.58
CA SER A 138 -17.58 40.88 25.65
C SER A 138 -17.64 39.82 26.75
N PHE A 139 -16.94 38.71 26.52
CA PHE A 139 -16.93 37.61 27.49
C PHE A 139 -16.54 38.12 28.88
N ARG A 140 -15.35 38.70 28.99
CA ARG A 140 -14.81 39.17 30.26
C ARG A 140 -14.70 40.69 30.24
N SER A 141 -14.34 41.24 31.40
CA SER A 141 -14.14 42.69 31.50
C SER A 141 -13.02 43.18 30.58
N THR A 142 -12.11 42.30 30.19
CA THR A 142 -11.03 42.67 29.30
C THR A 142 -11.57 42.93 27.89
N PRO A 143 -10.82 43.66 27.06
CA PRO A 143 -11.31 43.99 25.72
C PRO A 143 -11.19 42.84 24.73
N ASN A 144 -10.94 41.63 25.21
CA ASN A 144 -10.83 40.44 24.37
C ASN A 144 -9.69 40.60 23.36
N GLU A 145 -8.47 40.60 23.91
CA GLU A 145 -7.25 40.73 23.11
C GLU A 145 -7.04 39.40 22.37
N HIS A 146 -7.76 39.26 21.26
CA HIS A 146 -7.73 38.04 20.45
C HIS A 146 -7.64 38.41 18.97
N LYS A 147 -6.70 39.31 18.64
CA LYS A 147 -6.58 39.78 17.27
C LYS A 147 -6.46 38.63 16.27
N VAL A 148 -5.75 37.58 16.65
CA VAL A 148 -5.52 36.42 15.78
C VAL A 148 -6.08 35.18 16.45
N THR A 149 -6.88 34.42 15.71
CA THR A 149 -7.37 33.12 16.13
C THR A 149 -6.68 32.06 15.28
N GLU A 150 -5.98 31.15 15.93
CA GLU A 150 -5.17 30.15 15.25
C GLU A 150 -5.72 28.74 15.56
N PHE A 151 -5.49 27.84 14.61
CA PHE A 151 -5.95 26.46 14.73
C PHE A 151 -4.82 25.60 15.28
N ARG A 152 -5.13 24.80 16.31
CA ARG A 152 -4.16 23.93 16.95
C ARG A 152 -4.41 22.50 16.48
N GLY A 153 -3.42 21.89 15.86
CA GLY A 153 -3.57 20.57 15.26
C GLY A 153 -3.44 19.40 16.20
N ASP A 154 -3.03 19.62 17.45
CA ASP A 154 -2.88 18.54 18.42
C ASP A 154 -3.97 18.57 19.49
N CYS A 155 -5.08 19.27 19.24
CA CYS A 155 -6.20 19.29 20.18
C CYS A 155 -7.04 18.04 19.98
N ILE A 156 -7.27 17.30 21.07
CA ILE A 156 -8.03 16.06 21.05
C ILE A 156 -9.15 16.22 22.06
N VAL A 157 -10.33 16.66 21.61
CA VAL A 157 -11.49 16.70 22.48
C VAL A 157 -12.09 15.30 22.59
N ASN A 158 -12.95 15.12 23.59
CA ASN A 158 -13.44 13.78 23.91
C ASN A 158 -14.38 13.25 22.83
N ASP A 159 -15.50 13.95 22.63
CA ASP A 159 -16.55 13.48 21.71
C ASP A 159 -16.37 14.14 20.34
N LEU A 160 -15.33 13.72 19.64
CA LEU A 160 -15.10 14.22 18.28
C LEU A 160 -14.09 13.36 17.54
N PRO A 161 -14.40 12.89 16.33
CA PRO A 161 -13.38 12.24 15.51
C PRO A 161 -12.30 13.23 15.11
N GLN A 162 -11.09 12.71 14.88
CA GLN A 162 -9.95 13.57 14.60
C GLN A 162 -10.16 14.37 13.33
N MET A 163 -10.60 13.72 12.26
CA MET A 163 -10.75 14.42 10.98
C MET A 163 -11.76 15.55 11.06
N GLU A 164 -12.67 15.51 12.01
CA GLU A 164 -13.68 16.55 12.17
C GLU A 164 -13.20 17.72 13.01
N SER A 165 -11.96 17.69 13.50
CA SER A 165 -11.48 18.78 14.34
C SER A 165 -11.46 20.09 13.59
N PHE A 166 -10.80 20.11 12.42
CA PHE A 166 -10.66 21.36 11.67
C PHE A 166 -12.03 21.92 11.30
N SER A 167 -12.94 21.06 10.85
CA SER A 167 -14.30 21.50 10.59
C SER A 167 -14.88 22.23 11.79
N GLU A 168 -14.78 21.62 12.98
CA GLU A 168 -15.32 22.27 14.17
C GLU A 168 -14.66 23.62 14.41
N PHE A 169 -13.39 23.76 14.04
CA PHE A 169 -12.76 25.08 14.12
C PHE A 169 -13.39 26.03 13.13
N LEU A 170 -13.51 25.62 11.86
CA LEU A 170 -14.00 26.54 10.84
C LEU A 170 -15.43 26.97 11.14
N LYS A 171 -16.29 26.02 11.52
CA LYS A 171 -17.67 26.36 11.81
C LYS A 171 -17.78 27.34 12.97
N GLY A 172 -16.74 27.46 13.80
CA GLY A 172 -16.71 28.48 14.83
C GLY A 172 -16.12 29.76 14.30
N ALA A 173 -15.08 29.64 13.47
CA ALA A 173 -14.38 30.81 12.96
C ALA A 173 -15.32 31.73 12.19
N ARG A 174 -16.36 31.19 11.56
CA ARG A 174 -17.29 32.03 10.81
C ARG A 174 -17.95 33.07 11.70
N TYR A 175 -18.08 32.79 12.99
CA TYR A 175 -18.79 33.70 13.89
C TYR A 175 -17.93 34.86 14.36
N LEU A 176 -16.63 34.86 14.05
CA LEU A 176 -15.72 35.91 14.51
C LEU A 176 -15.71 37.04 13.48
N VAL A 177 -16.85 37.74 13.38
CA VAL A 177 -17.02 38.84 12.44
C VAL A 177 -17.69 40.00 13.16
N MET A 178 -17.55 41.18 12.57
CA MET A 178 -18.20 42.40 13.06
C MET A 178 -17.74 42.65 14.48
N SER A 179 -18.61 42.67 15.49
CA SER A 179 -18.18 42.97 16.85
C SER A 179 -17.18 41.95 17.36
N ASN A 180 -17.26 40.71 16.88
CA ASN A 180 -16.32 39.66 17.23
C ASN A 180 -15.26 39.45 16.16
N LEU A 181 -14.91 40.51 15.44
CA LEU A 181 -13.97 40.38 14.33
C LEU A 181 -12.63 39.86 14.81
N SER A 182 -12.07 38.91 14.08
CA SER A 182 -10.77 38.34 14.40
C SER A 182 -10.17 37.76 13.13
N LEU A 183 -8.86 37.88 12.99
CA LEU A 183 -8.17 37.35 11.83
C LEU A 183 -7.90 35.85 12.05
N ILE A 184 -8.40 35.03 11.13
CA ILE A 184 -8.26 33.59 11.23
C ILE A 184 -6.96 33.19 10.55
N LEU A 185 -6.00 32.71 11.33
CA LEU A 185 -4.70 32.28 10.84
C LEU A 185 -4.60 30.76 10.92
N ILE A 186 -4.18 30.14 9.84
CA ILE A 186 -4.01 28.69 9.78
C ILE A 186 -2.54 28.44 9.43
N GLU A 187 -1.72 28.29 10.46
CA GLU A 187 -0.32 27.93 10.32
C GLU A 187 -0.04 26.48 10.67
N ASP A 188 -0.62 25.99 11.76
CA ASP A 188 -0.50 24.58 12.16
C ASP A 188 -1.60 23.81 11.46
N LEU A 189 -1.28 23.24 10.30
CA LEU A 189 -2.26 22.54 9.51
C LEU A 189 -2.66 21.23 10.18
N PRO A 190 -3.84 20.70 9.84
CA PRO A 190 -4.18 19.35 10.32
C PRO A 190 -3.27 18.31 9.69
N ASN A 191 -3.48 17.03 10.02
CA ASN A 191 -2.63 15.95 9.50
C ASN A 191 -2.97 15.73 8.03
N VAL A 192 -2.48 16.65 7.19
CA VAL A 192 -2.73 16.56 5.75
C VAL A 192 -2.03 15.38 5.10
N PHE A 193 -1.10 14.73 5.79
CA PHE A 193 -0.48 13.52 5.25
C PHE A 193 -1.46 12.36 5.22
N HIS A 194 -2.49 12.38 6.07
CA HIS A 194 -3.57 11.42 5.98
C HIS A 194 -4.48 11.80 4.81
N ILE A 195 -4.73 10.85 3.91
CA ILE A 195 -5.44 11.16 2.67
C ILE A 195 -6.84 11.68 2.97
N ASP A 196 -7.56 10.97 3.84
CA ASP A 196 -8.93 11.40 4.17
C ASP A 196 -8.94 12.77 4.83
N THR A 197 -7.99 13.02 5.74
CA THR A 197 -7.92 14.32 6.38
C THR A 197 -7.64 15.42 5.35
N ARG A 198 -6.74 15.16 4.41
CA ARG A 198 -6.43 16.15 3.38
C ARG A 198 -7.64 16.42 2.50
N ARG A 199 -8.38 15.37 2.12
CA ARG A 199 -9.58 15.57 1.32
C ARG A 199 -10.61 16.39 2.09
N ARG A 200 -10.80 16.10 3.37
CA ARG A 200 -11.74 16.87 4.17
C ARG A 200 -11.30 18.33 4.28
N PHE A 201 -10.00 18.55 4.46
CA PHE A 201 -9.47 19.92 4.55
C PHE A 201 -9.73 20.68 3.25
N GLN A 202 -9.46 20.04 2.11
CA GLN A 202 -9.69 20.69 0.83
C GLN A 202 -11.17 20.99 0.62
N GLN A 203 -12.04 20.04 0.98
CA GLN A 203 -13.47 20.27 0.84
C GLN A 203 -13.94 21.42 1.71
N LEU A 204 -13.43 21.50 2.94
CA LEU A 204 -13.82 22.58 3.83
C LEU A 204 -13.33 23.93 3.30
N ILE A 205 -12.11 23.97 2.77
CA ILE A 205 -11.60 25.22 2.20
C ILE A 205 -12.46 25.64 1.01
N LEU A 206 -12.81 24.68 0.15
CA LEU A 206 -13.67 24.99 -0.99
C LEU A 206 -15.02 25.51 -0.54
N GLN A 207 -15.60 24.88 0.48
CA GLN A 207 -16.88 25.36 1.00
C GLN A 207 -16.76 26.77 1.54
N TRP A 208 -15.65 27.08 2.22
CA TRP A 208 -15.42 28.44 2.68
C TRP A 208 -15.36 29.40 1.50
N LEU A 209 -14.64 29.04 0.44
CA LEU A 209 -14.53 29.92 -0.72
C LEU A 209 -15.86 30.09 -1.43
N TYR A 210 -16.63 29.00 -1.57
CA TYR A 210 -17.92 29.02 -2.25
C TYR A 210 -19.08 29.30 -1.30
N SER A 211 -18.80 29.59 -0.03
CA SER A 211 -19.87 29.83 0.93
C SER A 211 -20.75 30.99 0.47
N SER A 212 -21.93 31.06 1.07
CA SER A 212 -22.94 32.04 0.70
C SER A 212 -23.40 32.86 1.90
N GLU A 213 -22.45 33.27 2.74
CA GLU A 213 -22.81 34.15 3.85
C GLU A 213 -22.53 35.60 3.48
N PRO A 214 -23.37 36.55 3.89
CA PRO A 214 -23.06 37.97 3.61
C PRO A 214 -21.74 38.41 4.21
N LEU A 215 -21.36 37.88 5.36
CA LEU A 215 -20.16 38.31 6.08
C LEU A 215 -19.30 37.09 6.39
N LEU A 216 -17.99 37.24 6.21
CA LEU A 216 -17.02 36.25 6.63
C LEU A 216 -15.79 36.97 7.16
N PRO A 217 -15.04 36.35 8.06
CA PRO A 217 -13.80 36.96 8.55
C PRO A 217 -12.66 36.68 7.60
N PRO A 218 -11.64 37.54 7.56
CA PRO A 218 -10.47 37.26 6.72
C PRO A 218 -9.81 35.95 7.15
N LEU A 219 -9.43 35.16 6.16
CA LEU A 219 -8.76 33.88 6.38
C LEU A 219 -7.35 33.94 5.81
N VAL A 220 -6.36 33.61 6.63
CA VAL A 220 -4.96 33.62 6.24
C VAL A 220 -4.40 32.22 6.47
N ILE A 221 -3.80 31.65 5.42
CA ILE A 221 -3.17 30.33 5.49
C ILE A 221 -1.70 30.52 5.18
N CYS A 222 -0.85 30.27 6.17
CA CYS A 222 0.60 30.36 6.00
C CYS A 222 1.18 28.96 5.89
N ILE A 223 1.73 28.64 4.73
CA ILE A 223 2.29 27.32 4.45
C ILE A 223 3.80 27.48 4.31
N THR A 224 4.55 26.75 5.14
CA THR A 224 6.00 26.73 5.06
C THR A 224 6.41 25.65 4.06
N GLU A 225 6.86 26.06 2.89
CA GLU A 225 7.23 25.12 1.84
C GLU A 225 8.57 24.47 2.18
N CYS A 226 8.57 23.16 2.36
CA CYS A 226 9.78 22.42 2.68
C CYS A 226 9.67 21.02 2.11
N GLU A 227 10.82 20.39 1.94
CA GLU A 227 10.88 19.03 1.41
C GLU A 227 10.65 18.01 2.52
N ILE A 228 10.15 16.84 2.13
CA ILE A 228 9.93 15.73 3.03
C ILE A 228 11.05 14.72 2.81
N PRO A 229 11.99 14.55 3.76
CA PRO A 229 13.08 13.60 3.54
C PRO A 229 12.58 12.18 3.33
N GLU A 230 13.29 11.44 2.49
CA GLU A 230 12.96 10.05 2.21
C GLU A 230 13.02 9.22 3.50
N ASN A 231 11.87 8.75 3.96
CA ASN A 231 11.78 8.01 5.21
C ASN A 231 11.42 6.55 4.93
N ASP A 232 11.92 5.67 5.80
CA ASP A 232 11.66 4.24 5.64
C ASP A 232 10.22 3.89 5.96
N ASN A 233 9.63 4.53 6.98
CA ASN A 233 8.27 4.22 7.39
C ASN A 233 7.23 4.59 6.33
N ASN A 234 7.60 5.37 5.33
CA ASN A 234 6.70 5.78 4.26
C ASN A 234 7.18 5.19 2.94
N TYR A 235 6.28 4.52 2.22
CA TYR A 235 6.59 3.95 0.92
C TYR A 235 5.83 4.62 -0.22
N ARG A 236 4.75 5.34 0.08
CA ARG A 236 3.99 6.02 -0.97
C ARG A 236 4.81 7.14 -1.60
N LYS A 237 4.52 7.41 -2.87
CA LYS A 237 5.27 8.39 -3.65
C LYS A 237 4.31 9.42 -4.24
N PHE A 238 3.39 9.92 -3.42
CA PHE A 238 2.50 10.97 -3.85
C PHE A 238 3.22 12.31 -3.82
N GLY A 239 2.52 13.35 -4.30
CA GLY A 239 3.12 14.68 -4.31
C GLY A 239 3.42 15.19 -2.91
N ILE A 240 2.49 14.99 -1.97
CA ILE A 240 2.71 15.46 -0.60
C ILE A 240 3.84 14.68 0.06
N ASP A 241 4.04 13.43 -0.34
CA ASP A 241 5.14 12.64 0.23
C ASP A 241 6.51 13.17 -0.19
N TYR A 242 6.57 14.01 -1.22
CA TYR A 242 7.82 14.58 -1.69
C TYR A 242 8.00 16.03 -1.25
N THR A 243 6.97 16.86 -1.38
CA THR A 243 7.06 18.28 -1.03
C THR A 243 5.83 18.67 -0.22
N PHE A 244 6.05 19.48 0.81
CA PHE A 244 4.99 20.02 1.65
C PHE A 244 4.82 21.49 1.27
N SER A 245 4.00 21.74 0.25
CA SER A 245 3.83 23.07 -0.31
C SER A 245 2.34 23.32 -0.56
N ALA A 246 2.03 24.53 -1.02
CA ALA A 246 0.64 24.88 -1.31
C ALA A 246 0.06 24.01 -2.41
N GLU A 247 0.85 23.76 -3.46
CA GLU A 247 0.36 22.96 -4.58
C GLU A 247 -0.04 21.56 -4.12
N THR A 248 0.78 20.93 -3.28
CA THR A 248 0.49 19.57 -2.84
C THR A 248 -0.63 19.54 -1.79
N ILE A 249 -0.74 20.58 -0.97
CA ILE A 249 -1.77 20.60 0.07
C ILE A 249 -3.12 21.03 -0.50
N MET A 250 -3.13 22.10 -1.30
CA MET A 250 -4.34 22.57 -1.94
C MET A 250 -4.49 21.88 -3.30
N ASN A 251 -5.44 22.34 -4.10
CA ASN A 251 -5.66 21.80 -5.44
C ASN A 251 -5.83 22.96 -6.41
N LYS A 252 -5.98 22.62 -7.69
CA LYS A 252 -6.06 23.65 -8.73
C LYS A 252 -7.26 24.54 -8.53
N GLU A 253 -8.40 23.97 -8.16
CA GLU A 253 -9.63 24.77 -8.02
C GLU A 253 -9.47 25.83 -6.94
N ILE A 254 -8.87 25.47 -5.81
CA ILE A 254 -8.70 26.43 -4.72
C ILE A 254 -7.69 27.51 -5.12
N LEU A 255 -6.57 27.09 -5.69
CA LEU A 255 -5.52 28.05 -6.05
C LEU A 255 -6.00 29.03 -7.12
N MET A 256 -6.78 28.53 -8.08
CA MET A 256 -7.27 29.35 -9.18
C MET A 256 -8.58 30.06 -8.87
N HIS A 257 -9.08 29.94 -7.64
CA HIS A 257 -10.33 30.58 -7.30
C HIS A 257 -10.17 32.11 -7.38
N PRO A 258 -11.13 32.82 -7.96
CA PRO A 258 -11.01 34.29 -8.03
C PRO A 258 -11.01 34.98 -6.68
N ARG A 259 -11.48 34.32 -5.63
CA ARG A 259 -11.58 34.92 -4.30
C ARG A 259 -10.42 34.54 -3.39
N LEU A 260 -9.36 33.95 -3.94
CA LEU A 260 -8.18 33.59 -3.19
C LEU A 260 -6.97 34.31 -3.78
N LYS A 261 -6.21 34.98 -2.92
CA LYS A 261 -5.01 35.72 -3.32
C LYS A 261 -3.78 35.03 -2.74
N ARG A 262 -2.82 34.73 -3.60
CA ARG A 262 -1.60 34.04 -3.21
C ARG A 262 -0.42 35.01 -3.34
N ILE A 263 0.31 35.20 -2.25
CA ILE A 263 1.52 36.01 -2.22
C ILE A 263 2.67 35.15 -1.76
N LYS A 264 3.74 35.09 -2.56
CA LYS A 264 4.90 34.26 -2.27
C LYS A 264 5.96 35.09 -1.56
N PHE A 265 6.45 34.57 -0.43
CA PHE A 265 7.52 35.21 0.31
C PHE A 265 8.88 34.72 -0.18
N ASN A 266 9.88 35.56 -0.02
CA ASN A 266 11.25 35.25 -0.41
C ASN A 266 12.15 35.14 0.81
N PRO A 267 13.28 34.43 0.69
CA PRO A 267 14.24 34.43 1.79
C PRO A 267 14.72 35.83 2.11
N ILE A 268 14.93 36.10 3.40
CA ILE A 268 15.32 37.44 3.82
C ILE A 268 16.67 37.78 3.24
N ASN A 269 16.80 38.97 2.67
CA ASN A 269 18.02 39.37 2.00
C ASN A 269 19.12 39.65 3.02
N SER A 270 20.35 39.76 2.52
CA SER A 270 21.51 39.90 3.39
C SER A 270 21.50 41.23 4.13
N THR A 271 20.96 42.29 3.53
CA THR A 271 20.98 43.59 4.18
C THR A 271 20.18 43.59 5.47
N LEU A 272 18.93 43.10 5.41
CA LEU A 272 18.09 43.06 6.60
C LEU A 272 18.68 42.15 7.67
N LEU A 273 19.22 40.99 7.25
CA LEU A 273 19.84 40.08 8.21
C LEU A 273 21.02 40.76 8.90
N LYS A 274 21.87 41.44 8.13
CA LYS A 274 23.01 42.13 8.72
C LYS A 274 22.55 43.21 9.70
N LYS A 275 21.53 43.99 9.30
CA LYS A 275 21.04 45.05 10.18
C LYS A 275 20.52 44.48 11.50
N HIS A 276 19.71 43.42 11.42
CA HIS A 276 19.11 42.86 12.62
C HIS A 276 20.16 42.18 13.49
N LEU A 277 21.13 41.49 12.87
CA LEU A 277 22.20 40.88 13.65
C LEU A 277 23.05 41.94 14.35
N LYS A 278 23.32 43.05 13.67
CA LYS A 278 24.05 44.14 14.30
C LYS A 278 23.26 44.72 15.46
N PHE A 279 21.95 44.88 15.29
CA PHE A 279 21.11 45.37 16.39
C PHE A 279 21.16 44.43 17.58
N ILE A 280 21.06 43.12 17.31
CA ILE A 280 21.12 42.13 18.38
C ILE A 280 22.45 42.21 19.12
N CYS A 281 23.56 42.29 18.36
CA CYS A 281 24.87 42.39 18.99
C CYS A 281 24.99 43.65 19.83
N VAL A 282 24.47 44.77 19.33
CA VAL A 282 24.51 46.02 20.09
C VAL A 282 23.71 45.88 21.38
N GLN A 283 22.58 45.18 21.32
CA GLN A 283 21.77 45.01 22.52
C GLN A 283 22.54 44.27 23.60
N ASN A 284 23.26 43.21 23.22
CA ASN A 284 24.09 42.45 24.16
C ASN A 284 25.54 42.88 23.97
N MET A 285 25.93 43.93 24.69
CA MET A 285 27.27 44.48 24.59
C MET A 285 28.16 44.13 25.78
N LYS A 286 27.58 43.96 26.97
CA LYS A 286 28.39 43.68 28.14
C LYS A 286 29.14 42.36 28.01
N MET A 287 28.41 41.29 27.68
CA MET A 287 29.04 39.97 27.63
C MET A 287 29.98 39.86 26.43
N LEU A 288 29.59 40.43 25.28
CA LEU A 288 30.46 40.37 24.12
C LEU A 288 31.78 41.07 24.38
N LYS A 289 31.73 42.26 25.00
CA LYS A 289 32.96 42.97 25.33
C LYS A 289 33.77 42.22 26.39
N GLU A 290 33.09 41.65 27.39
CA GLU A 290 33.80 40.94 28.45
C GLU A 290 34.53 39.73 27.91
N LYS A 291 33.90 39.00 26.99
CA LYS A 291 34.49 37.78 26.44
C LYS A 291 35.45 38.07 25.29
N ASN A 292 35.60 39.34 24.89
CA ASN A 292 36.54 39.72 23.83
C ASN A 292 36.10 39.17 22.48
N LYS A 293 34.80 39.28 22.17
CA LYS A 293 34.28 38.92 20.88
C LYS A 293 33.70 40.11 20.12
N TRP A 294 33.68 41.29 20.73
CA TRP A 294 33.14 42.47 20.06
C TRP A 294 33.97 42.81 18.82
N ASN A 295 35.30 42.88 18.99
CA ASN A 295 36.15 43.35 17.90
C ASN A 295 36.03 42.50 16.65
N LYS A 296 35.57 41.26 16.77
CA LYS A 296 35.45 40.35 15.64
C LYS A 296 33.99 40.00 15.33
N ARG A 297 33.03 40.75 15.88
CA ARG A 297 31.63 40.42 15.64
C ARG A 297 31.26 40.56 14.17
N GLN A 298 31.71 41.66 13.53
CA GLN A 298 31.27 41.97 12.18
C GLN A 298 31.44 40.79 11.25
N GLU A 299 32.65 40.24 11.18
CA GLU A 299 32.91 39.11 10.30
C GLU A 299 31.89 38.01 10.52
N VAL A 300 31.68 37.63 11.78
CA VAL A 300 30.73 36.55 12.08
C VAL A 300 29.37 36.89 11.47
N ILE A 301 28.89 38.10 11.72
CA ILE A 301 27.60 38.52 11.17
C ILE A 301 27.61 38.33 9.66
N ASP A 302 28.66 38.84 9.00
CA ASP A 302 28.76 38.70 7.56
C ASP A 302 28.59 37.25 7.15
N TYR A 303 29.31 36.34 7.84
CA TYR A 303 29.20 34.93 7.52
C TYR A 303 27.74 34.50 7.57
N ILE A 304 27.08 34.79 8.70
CA ILE A 304 25.67 34.42 8.83
C ILE A 304 24.87 35.01 7.69
N ALA A 305 25.11 36.29 7.38
CA ALA A 305 24.33 36.96 6.36
C ALA A 305 24.44 36.25 5.01
N GLN A 306 25.57 35.61 4.75
CA GLN A 306 25.77 34.94 3.47
C GLN A 306 25.61 33.43 3.56
N GLU A 307 25.11 32.92 4.69
CA GLU A 307 24.93 31.48 4.86
C GLU A 307 23.48 31.05 4.87
N THR A 308 22.58 31.86 5.42
CA THR A 308 21.18 31.48 5.52
C THR A 308 20.29 32.71 5.31
N GLY A 309 19.08 32.45 4.82
CA GLY A 309 18.04 33.45 4.74
C GLY A 309 17.02 33.34 5.85
N ASP A 310 17.21 32.44 6.81
CA ASP A 310 16.28 32.23 7.90
C ASP A 310 16.70 33.09 9.08
N ILE A 311 15.84 34.05 9.46
CA ILE A 311 16.18 34.96 10.55
C ILE A 311 16.27 34.21 11.87
N ARG A 312 15.33 33.28 12.12
CA ARG A 312 15.35 32.53 13.37
C ARG A 312 16.63 31.70 13.50
N SER A 313 17.00 31.01 12.43
CA SER A 313 18.23 30.23 12.45
C SER A 313 19.45 31.13 12.62
N ALA A 314 19.44 32.30 11.99
CA ALA A 314 20.56 33.23 12.13
C ALA A 314 20.71 33.69 13.58
N ILE A 315 19.60 34.04 14.22
CA ILE A 315 19.66 34.48 15.61
C ILE A 315 20.11 33.34 16.52
N THR A 316 19.62 32.13 16.27
CA THR A 316 20.04 30.99 17.07
C THR A 316 21.54 30.76 16.93
N THR A 317 22.06 30.82 15.70
CA THR A 317 23.49 30.62 15.49
C THR A 317 24.30 31.73 16.15
N LEU A 318 23.83 32.98 16.07
CA LEU A 318 24.54 34.07 16.71
C LEU A 318 24.59 33.87 18.23
N GLN A 319 23.47 33.47 18.83
CA GLN A 319 23.45 33.21 20.26
C GLN A 319 24.40 32.07 20.62
N PHE A 320 24.39 31.00 19.82
CA PHE A 320 25.25 29.87 20.10
C PHE A 320 26.73 30.27 20.04
N TRP A 321 27.09 31.08 19.04
CA TRP A 321 28.47 31.55 18.94
C TRP A 321 28.83 32.45 20.11
N ALA A 322 27.94 33.38 20.46
CA ALA A 322 28.25 34.32 21.53
C ALA A 322 28.40 33.62 22.89
N THR A 323 27.52 32.65 23.17
CA THR A 323 27.55 31.99 24.46
C THR A 323 28.76 31.10 24.63
N SER A 324 29.33 30.61 23.52
CA SER A 324 30.48 29.71 23.60
C SER A 324 31.70 30.46 24.14
N SER A 325 32.33 29.88 25.16
CA SER A 325 33.49 30.52 25.76
C SER A 325 34.74 30.32 24.89
N GLY A 326 34.86 29.17 24.24
CA GLY A 326 36.00 28.91 23.38
C GLY A 326 35.79 29.45 21.99
N SER A 327 36.02 28.59 20.98
CA SER A 327 35.83 29.00 19.59
C SER A 327 35.31 27.78 18.83
N LEU A 328 34.00 27.75 18.59
CA LEU A 328 33.37 26.68 17.83
C LEU A 328 33.00 27.18 16.44
N PRO A 329 33.23 26.40 15.39
CA PRO A 329 32.89 26.86 14.04
C PRO A 329 31.41 27.20 13.92
N ILE A 330 31.13 28.27 13.19
CA ILE A 330 29.76 28.76 13.04
C ILE A 330 29.07 27.99 11.93
N SER A 331 27.90 27.43 12.23
CA SER A 331 27.11 26.67 11.27
C SER A 331 25.64 27.04 11.42
N THR A 332 24.90 26.88 10.33
CA THR A 332 23.47 27.17 10.30
C THR A 332 22.74 26.02 9.60
N ARG A 333 21.42 26.11 9.59
CA ARG A 333 20.61 25.06 8.99
C ARG A 333 20.84 25.01 7.48
N GLU A 334 20.68 23.82 6.92
CA GLU A 334 20.88 23.64 5.49
C GLU A 334 19.64 24.03 4.71
N SER A 335 19.84 24.61 3.54
CA SER A 335 18.76 25.04 2.66
C SER A 335 18.74 24.16 1.42
N THR A 336 17.57 23.62 1.10
CA THR A 336 17.44 22.75 -0.06
C THR A 336 17.59 23.55 -1.34
N ILE A 337 18.26 22.95 -2.32
CA ILE A 337 18.46 23.58 -3.62
C ILE A 337 17.18 23.45 -4.43
N SER A 338 16.69 24.57 -4.96
CA SER A 338 15.46 24.55 -5.73
C SER A 338 15.67 23.85 -7.07
N TYR A 339 14.56 23.62 -7.77
CA TYR A 339 14.62 22.91 -9.04
C TYR A 339 15.46 23.69 -10.05
N PHE A 340 15.14 24.96 -10.25
CA PHE A 340 15.89 25.77 -11.21
C PHE A 340 17.31 26.05 -10.72
N HIS A 341 17.49 26.20 -9.41
CA HIS A 341 18.84 26.34 -8.87
C HIS A 341 19.67 25.09 -9.14
N ALA A 342 19.05 23.91 -8.97
CA ALA A 342 19.77 22.67 -9.27
C ALA A 342 20.09 22.56 -10.75
N ILE A 343 19.16 22.95 -11.61
CA ILE A 343 19.42 22.92 -13.05
C ILE A 343 20.58 23.84 -13.40
N GLY A 344 20.59 25.04 -12.82
CA GLY A 344 21.69 25.97 -13.06
C GLY A 344 23.01 25.44 -12.55
N LYS A 345 22.99 24.79 -11.38
CA LYS A 345 24.21 24.19 -10.86
C LYS A 345 24.74 23.11 -11.79
N VAL A 346 23.84 22.30 -12.34
CA VAL A 346 24.28 21.24 -13.24
C VAL A 346 24.80 21.80 -14.55
N ILE A 347 24.19 22.88 -15.05
CA ILE A 347 24.52 23.40 -16.37
C ILE A 347 25.73 24.32 -16.31
N HIS A 348 25.59 25.43 -15.58
CA HIS A 348 26.63 26.46 -15.53
C HIS A 348 27.64 26.24 -14.40
N GLY A 349 27.34 25.37 -13.46
CA GLY A 349 28.24 25.11 -12.35
C GLY A 349 27.87 25.92 -11.11
N SER A 350 28.75 25.85 -10.12
CA SER A 350 28.57 26.55 -8.85
C SER A 350 29.77 27.44 -8.58
N HIS A 351 29.51 28.65 -8.07
CA HIS A 351 30.59 29.56 -7.72
C HIS A 351 31.29 29.14 -6.43
N SER A 352 30.55 28.61 -5.47
CA SER A 352 31.13 28.26 -4.18
C SER A 352 32.16 27.14 -4.27
N THR A 353 32.15 26.38 -5.37
CA THR A 353 33.06 25.25 -5.51
C THR A 353 33.64 25.25 -6.92
N ASN A 354 34.87 24.75 -7.04
CA ASN A 354 35.54 24.58 -8.31
C ASN A 354 35.63 23.13 -8.76
N ASN A 355 35.63 22.18 -7.83
CA ASN A 355 35.67 20.77 -8.16
C ASN A 355 34.25 20.28 -8.46
N ASP A 356 34.02 19.84 -9.70
CA ASP A 356 32.69 19.39 -10.10
C ASP A 356 32.28 18.15 -9.32
N ASN A 357 33.23 17.24 -9.08
CA ASN A 357 32.89 16.00 -8.38
C ASN A 357 32.36 16.29 -6.98
N GLU A 358 33.01 17.19 -6.25
CA GLU A 358 32.54 17.53 -4.91
C GLU A 358 31.14 18.14 -4.95
N MET A 359 30.91 19.06 -5.89
CA MET A 359 29.61 19.70 -5.98
C MET A 359 28.52 18.68 -6.30
N ILE A 360 28.79 17.76 -7.23
CA ILE A 360 27.79 16.77 -7.61
C ILE A 360 27.52 15.82 -6.45
N ASN A 361 28.58 15.40 -5.74
CA ASN A 361 28.38 14.53 -4.59
C ASN A 361 27.56 15.22 -3.51
N ASN A 362 27.84 16.49 -3.24
CA ASN A 362 27.07 17.22 -2.24
C ASN A 362 25.61 17.35 -2.66
N LEU A 363 25.37 17.66 -3.94
CA LEU A 363 24.00 17.80 -4.42
C LEU A 363 23.25 16.48 -4.31
N PHE A 364 23.89 15.37 -4.67
CA PHE A 364 23.22 14.08 -4.58
C PHE A 364 22.96 13.69 -3.13
N GLU A 365 23.90 13.98 -2.23
CA GLU A 365 23.73 13.59 -0.84
C GLU A 365 22.68 14.47 -0.14
N ASN A 366 22.55 15.72 -0.57
CA ASN A 366 21.63 16.66 0.09
C ASN A 366 20.31 16.83 -0.66
N SER A 367 20.26 16.52 -1.94
CA SER A 367 19.06 16.70 -2.77
C SER A 367 18.78 15.45 -3.59
N ASN A 368 18.85 14.29 -2.94
CA ASN A 368 18.59 13.03 -3.64
C ASN A 368 17.14 12.96 -4.11
N ASN A 369 16.20 13.44 -3.30
CA ASN A 369 14.78 13.34 -3.66
C ASN A 369 14.50 14.10 -4.94
N LEU A 370 15.02 15.32 -5.07
CA LEU A 370 14.77 16.12 -6.26
C LEU A 370 15.46 15.52 -7.48
N LEU A 371 16.68 15.01 -7.31
CA LEU A 371 17.46 14.52 -8.44
C LEU A 371 17.02 13.13 -8.89
N SER A 372 16.30 12.39 -8.05
CA SER A 372 15.87 11.04 -8.43
C SER A 372 14.71 11.06 -9.41
N LYS A 373 13.82 12.06 -9.30
CA LYS A 373 12.64 12.11 -10.15
C LYS A 373 13.04 12.33 -11.60
N GLU A 374 12.18 11.85 -12.51
CA GLU A 374 12.39 12.07 -13.93
C GLU A 374 12.14 13.53 -14.32
N ASP A 375 11.49 14.30 -13.45
CA ASP A 375 11.26 15.72 -13.75
C ASP A 375 12.58 16.46 -13.91
N PHE A 376 13.56 16.17 -13.06
CA PHE A 376 14.86 16.84 -13.16
C PHE A 376 15.55 16.48 -14.46
N LYS A 377 15.49 15.21 -14.86
CA LYS A 377 16.10 14.79 -16.12
C LYS A 377 15.42 15.48 -17.31
N LEU A 378 14.10 15.57 -17.28
CA LEU A 378 13.38 16.27 -18.34
C LEU A 378 13.75 17.75 -18.38
N GLY A 379 13.89 18.36 -17.20
CA GLY A 379 14.30 19.76 -17.16
C GLY A 379 15.69 19.97 -17.72
N ILE A 380 16.61 19.05 -17.43
CA ILE A 380 17.94 19.13 -18.01
C ILE A 380 17.85 19.04 -19.52
N LEU A 381 17.08 18.07 -20.02
CA LEU A 381 16.91 17.93 -21.46
C LEU A 381 16.31 19.17 -22.09
N GLU A 382 15.42 19.85 -21.37
CA GLU A 382 14.75 21.02 -21.90
C GLU A 382 15.64 22.26 -21.89
N ASN A 383 16.49 22.39 -20.88
CA ASN A 383 17.23 23.63 -20.65
C ASN A 383 18.73 23.54 -20.97
N TYR A 384 19.22 22.39 -21.43
CA TYR A 384 20.63 22.30 -21.77
C TYR A 384 21.01 23.20 -22.94
N ASN A 385 20.03 23.67 -23.71
CA ASN A 385 20.30 24.46 -24.91
C ASN A 385 20.38 25.95 -24.64
N THR A 386 20.22 26.39 -23.40
CA THR A 386 20.28 27.80 -23.05
C THR A 386 21.68 28.27 -22.70
N PHE A 387 22.69 27.40 -22.83
CA PHE A 387 24.04 27.75 -22.40
C PHE A 387 24.51 29.02 -23.09
N ASN A 388 24.64 29.00 -24.41
CA ASN A 388 25.10 30.14 -25.19
C ASN A 388 24.01 30.55 -26.18
N LYS A 389 22.76 30.57 -25.71
CA LYS A 389 21.60 30.85 -26.56
C LYS A 389 21.51 29.88 -27.73
N GLY A 390 22.11 28.70 -27.58
CA GLY A 390 22.06 27.67 -28.60
C GLY A 390 23.22 27.68 -29.58
N GLU A 391 24.01 28.75 -29.63
CA GLU A 391 25.13 28.83 -30.56
C GLU A 391 26.34 28.16 -29.93
N PHE A 392 26.31 26.83 -29.93
CA PHE A 392 27.45 26.03 -29.50
C PHE A 392 27.45 24.74 -30.31
N SER A 393 28.57 24.03 -30.26
CA SER A 393 28.77 22.86 -31.12
C SER A 393 27.63 21.87 -30.95
N ILE A 394 27.07 21.43 -32.08
CA ILE A 394 25.99 20.46 -32.06
C ILE A 394 26.46 19.11 -31.52
N SER A 395 27.76 18.83 -31.60
CA SER A 395 28.27 17.56 -31.06
C SER A 395 28.04 17.47 -29.56
N ASP A 396 28.22 18.57 -28.84
CA ASP A 396 27.98 18.56 -27.40
C ASP A 396 26.52 18.27 -27.10
N ALA A 397 25.60 18.89 -27.85
CA ALA A 397 24.18 18.63 -27.65
C ALA A 397 23.85 17.18 -27.93
N SER A 398 24.40 16.62 -29.01
CA SER A 398 24.15 15.22 -29.33
C SER A 398 24.67 14.31 -28.24
N SER A 399 25.86 14.59 -27.72
CA SER A 399 26.42 13.77 -26.65
C SER A 399 25.55 13.84 -25.40
N ILE A 400 25.09 15.04 -25.04
CA ILE A 400 24.26 15.19 -23.85
C ILE A 400 22.95 14.41 -24.02
N VAL A 401 22.32 14.55 -25.18
CA VAL A 401 21.03 13.88 -25.39
C VAL A 401 21.22 12.37 -25.43
N ASP A 402 22.30 11.89 -26.04
CA ASP A 402 22.58 10.46 -26.06
C ASP A 402 22.78 9.93 -24.65
N CYS A 403 23.53 10.67 -23.83
CA CYS A 403 23.74 10.24 -22.45
C CYS A 403 22.43 10.20 -21.67
N LEU A 404 21.57 11.21 -21.85
CA LEU A 404 20.28 11.20 -21.16
C LEU A 404 19.42 10.04 -21.63
N SER A 405 19.42 9.77 -22.93
CA SER A 405 18.65 8.64 -23.45
C SER A 405 19.13 7.32 -22.87
N GLU A 406 20.44 7.14 -22.77
CA GLU A 406 20.97 5.88 -22.24
C GLU A 406 20.70 5.79 -20.74
N CYS A 407 20.72 6.92 -20.04
CA CYS A 407 20.30 6.92 -18.63
C CYS A 407 18.85 6.50 -18.48
N ASP A 408 18.00 6.89 -19.43
CA ASP A 408 16.60 6.53 -19.35
C ASP A 408 16.37 5.02 -19.33
N ASN A 409 17.35 4.24 -19.79
CA ASN A 409 17.23 2.78 -19.84
C ASN A 409 17.73 2.09 -18.58
N MET A 410 18.18 2.84 -17.57
CA MET A 410 18.78 2.25 -16.38
C MET A 410 17.79 2.07 -15.24
N ASN A 411 16.48 2.06 -15.56
CA ASN A 411 15.44 1.76 -14.57
C ASN A 411 15.53 2.68 -13.36
N GLY A 412 15.94 3.93 -13.60
CA GLY A 412 15.97 4.92 -12.53
C GLY A 412 16.90 4.56 -11.39
N LEU A 413 18.04 3.96 -11.68
CA LEU A 413 19.05 3.76 -10.66
C LEU A 413 19.69 5.10 -10.29
N PRO A 414 20.05 5.29 -9.01
CA PRO A 414 20.66 6.58 -8.63
C PRO A 414 21.94 6.88 -9.39
N GLU A 415 22.74 5.86 -9.68
CA GLU A 415 23.98 6.09 -10.41
C GLU A 415 23.76 6.39 -11.88
N SER A 416 22.60 6.01 -12.44
CA SER A 416 22.23 6.51 -13.76
C SER A 416 22.07 8.02 -13.73
N ASN A 417 21.40 8.55 -12.70
CA ASN A 417 21.29 9.99 -12.54
C ASN A 417 22.66 10.62 -12.33
N GLU A 418 23.51 9.97 -11.54
CA GLU A 418 24.88 10.46 -11.36
C GLU A 418 25.58 10.58 -12.70
N TYR A 419 25.51 9.52 -13.51
CA TYR A 419 26.16 9.54 -14.82
C TYR A 419 25.63 10.66 -15.68
N GLY A 420 24.31 10.82 -15.74
CA GLY A 420 23.74 11.88 -16.57
C GLY A 420 24.18 13.26 -16.15
N LEU A 421 24.06 13.57 -14.86
CA LEU A 421 24.43 14.89 -14.37
C LEU A 421 25.91 15.16 -14.57
N ARG A 422 26.75 14.16 -14.29
CA ARG A 422 28.19 14.36 -14.44
C ARG A 422 28.58 14.54 -15.90
N GLU A 423 27.95 13.81 -16.82
CA GLU A 423 28.21 14.01 -18.24
C GLU A 423 27.83 15.42 -18.66
N VAL A 424 26.66 15.89 -18.22
CA VAL A 424 26.25 17.25 -18.59
C VAL A 424 27.23 18.28 -18.05
N ARG A 425 27.63 18.11 -16.78
CA ARG A 425 28.56 19.04 -16.16
C ARG A 425 29.89 19.07 -16.90
N LYS A 426 30.45 17.89 -17.22
CA LYS A 426 31.72 17.84 -17.92
C LYS A 426 31.62 18.47 -19.30
N THR A 427 30.55 18.15 -20.03
CA THR A 427 30.40 18.70 -21.38
C THR A 427 30.30 20.22 -21.34
N PHE A 428 29.55 20.76 -20.38
CA PHE A 428 29.43 22.22 -20.30
C PHE A 428 30.72 22.86 -19.83
N ARG A 429 31.49 22.19 -18.97
CA ARG A 429 32.76 22.76 -18.53
C ARG A 429 33.78 22.77 -19.65
N ASN A 430 33.72 21.78 -20.54
CA ASN A 430 34.70 21.72 -21.63
C ASN A 430 34.62 22.96 -22.52
N ILE A 431 33.41 23.41 -22.83
CA ILE A 431 33.22 24.53 -23.75
C ILE A 431 32.95 25.85 -23.02
N SER A 432 33.20 25.89 -21.70
CA SER A 432 32.94 27.11 -20.95
C SER A 432 33.97 28.18 -21.28
N LYS A 433 33.50 29.42 -21.37
CA LYS A 433 34.37 30.56 -21.64
C LYS A 433 33.77 31.80 -21.00
N GLN A 434 34.61 32.83 -20.83
CA GLN A 434 34.16 34.05 -20.18
C GLN A 434 33.04 34.74 -20.96
N GLY A 435 33.19 34.82 -22.28
CA GLY A 435 32.23 35.52 -23.11
C GLY A 435 31.03 34.67 -23.49
N HIS A 436 30.12 34.48 -22.54
CA HIS A 436 28.93 33.67 -22.75
C HIS A 436 27.68 34.44 -22.36
N ASN A 437 26.66 34.34 -23.20
CA ASN A 437 25.33 34.91 -22.94
C ASN A 437 24.31 33.79 -22.95
N HIS A 438 23.49 33.70 -21.91
CA HIS A 438 22.59 32.59 -21.72
C HIS A 438 21.16 32.97 -22.08
N GLY A 439 20.32 31.95 -22.22
CA GLY A 439 18.91 32.09 -22.53
C GLY A 439 18.04 32.03 -21.29
N THR A 440 16.80 31.60 -21.50
CA THR A 440 15.81 31.51 -20.43
C THR A 440 15.50 30.05 -20.12
N VAL A 441 15.42 29.73 -18.84
CA VAL A 441 15.13 28.37 -18.38
C VAL A 441 13.63 28.19 -18.29
N TYR A 442 13.12 27.11 -18.86
CA TYR A 442 11.69 26.82 -18.90
C TYR A 442 11.43 25.43 -18.34
N PHE A 443 10.32 25.30 -17.62
CA PHE A 443 9.89 24.00 -17.13
C PHE A 443 9.52 23.11 -18.32
N PRO A 444 9.93 21.84 -18.33
CA PRO A 444 9.53 20.96 -19.43
C PRO A 444 8.02 20.86 -19.56
N ARG A 445 7.56 20.72 -20.80
CA ARG A 445 6.14 20.75 -21.14
C ARG A 445 5.56 19.34 -21.32
N GLU A 446 6.06 18.37 -20.55
CA GLU A 446 5.49 17.03 -20.59
C GLU A 446 4.06 17.01 -20.06
N TRP A 447 3.77 17.84 -19.06
CA TRP A 447 2.42 17.89 -18.50
C TRP A 447 1.41 18.35 -19.54
N LYS A 448 1.77 19.34 -20.34
CA LYS A 448 0.87 19.80 -21.41
C LYS A 448 0.63 18.69 -22.42
N VAL A 449 1.67 17.93 -22.76
CA VAL A 449 1.49 16.81 -23.69
C VAL A 449 0.55 15.78 -23.08
N ARG A 450 0.71 15.49 -21.79
CA ARG A 450 -0.17 14.52 -21.14
C ARG A 450 -1.62 14.99 -21.14
N LYS A 451 -1.84 16.28 -20.87
CA LYS A 451 -3.20 16.80 -20.88
C LYS A 451 -3.81 16.73 -22.29
N LEU A 452 -3.02 17.08 -23.30
CA LEU A 452 -3.51 16.98 -24.67
C LEU A 452 -3.82 15.52 -25.03
N GLN A 453 -2.99 14.59 -24.57
CA GLN A 453 -3.25 13.18 -24.82
C GLN A 453 -4.54 12.73 -24.14
N ASN A 454 -4.79 13.20 -22.92
CA ASN A 454 -6.03 12.85 -22.23
C ASN A 454 -7.24 13.38 -23.00
N SER A 455 -7.16 14.62 -23.48
CA SER A 455 -8.24 15.18 -24.28
C SER A 455 -8.45 14.35 -25.55
N PHE A 456 -7.35 13.94 -26.18
CA PHE A 456 -7.44 13.11 -27.38
C PHE A 456 -8.12 11.78 -27.07
N LYS A 457 -7.78 11.17 -25.93
CA LYS A 457 -8.42 9.92 -25.54
C LYS A 457 -9.92 10.12 -25.35
N VAL A 458 -10.31 11.21 -24.69
CA VAL A 458 -11.75 11.46 -24.47
C VAL A 458 -12.46 11.63 -25.81
N GLN A 459 -11.87 12.41 -26.71
CA GLN A 459 -12.50 12.64 -28.01
C GLN A 459 -12.57 11.35 -28.82
N ALA A 460 -11.52 10.53 -28.77
CA ALA A 460 -11.53 9.26 -29.49
C ALA A 460 -12.60 8.32 -28.93
N GLU A 461 -12.77 8.29 -27.61
CA GLU A 461 -13.83 7.49 -27.02
C GLU A 461 -15.19 7.98 -27.48
N ASP A 462 -15.39 9.30 -27.53
CA ASP A 462 -16.65 9.85 -28.01
C ASP A 462 -16.91 9.43 -29.46
N TRP A 463 -15.89 9.54 -30.31
CA TRP A 463 -16.04 9.16 -31.70
C TRP A 463 -16.35 7.67 -31.84
N LEU A 464 -15.68 6.84 -31.05
CA LEU A 464 -15.93 5.41 -31.09
C LEU A 464 -17.36 5.10 -30.67
N ASN A 465 -17.85 5.76 -29.63
CA ASN A 465 -19.24 5.56 -29.20
C ASN A 465 -20.20 5.98 -30.32
N VAL A 466 -19.95 7.11 -30.95
CA VAL A 466 -20.81 7.57 -32.04
C VAL A 466 -20.83 6.54 -33.16
N SER A 467 -19.65 6.07 -33.57
CA SER A 467 -19.58 5.09 -34.64
C SER A 467 -20.32 3.80 -34.26
N LEU A 468 -20.10 3.32 -33.04
CA LEU A 468 -20.74 2.07 -32.63
C LEU A 468 -22.25 2.19 -32.61
N TYR A 469 -22.78 3.31 -32.11
CA TYR A 469 -24.21 3.44 -31.91
C TYR A 469 -24.93 4.08 -33.10
N LYS A 470 -24.21 4.47 -34.16
CA LYS A 470 -24.87 5.02 -35.34
C LYS A 470 -24.51 4.30 -36.64
N TYR A 471 -23.48 3.46 -36.67
CA TYR A 471 -23.10 2.77 -37.90
C TYR A 471 -22.73 1.30 -37.68
N ASN A 472 -22.89 0.76 -36.47
CA ASN A 472 -22.59 -0.64 -36.19
C ASN A 472 -21.16 -1.00 -36.60
N ALA A 473 -20.22 -0.13 -36.25
CA ALA A 473 -18.82 -0.32 -36.56
C ALA A 473 -17.99 -0.10 -35.31
N VAL A 474 -17.05 -1.00 -35.07
CA VAL A 474 -16.14 -0.91 -33.93
C VAL A 474 -14.71 -0.90 -34.46
N HIS A 475 -13.93 0.09 -34.01
CA HIS A 475 -12.56 0.27 -34.47
C HIS A 475 -11.62 0.40 -33.28
N SER A 476 -10.36 0.04 -33.50
CA SER A 476 -9.35 0.17 -32.47
C SER A 476 -8.98 1.64 -32.25
N PHE A 477 -8.60 1.96 -31.01
CA PHE A 477 -8.13 3.31 -30.71
C PHE A 477 -6.86 3.64 -31.49
N ARG A 478 -6.02 2.63 -31.77
CA ARG A 478 -4.84 2.86 -32.56
C ARG A 478 -5.20 3.39 -33.95
N ASN A 479 -6.22 2.80 -34.57
CA ASN A 479 -6.67 3.30 -35.87
C ASN A 479 -7.21 4.72 -35.75
N ILE A 480 -7.89 5.03 -34.65
CA ILE A 480 -8.38 6.38 -34.43
C ILE A 480 -7.21 7.37 -34.41
N THR A 481 -6.14 7.02 -33.69
CA THR A 481 -4.97 7.90 -33.65
C THR A 481 -4.28 8.00 -34.99
N LEU A 482 -4.28 6.92 -35.78
CA LEU A 482 -3.47 6.89 -36.99
C LEU A 482 -4.17 7.54 -38.18
N GLU A 483 -5.33 7.00 -38.57
CA GLU A 483 -5.96 7.43 -39.82
C GLU A 483 -7.37 7.97 -39.65
N PHE A 484 -8.20 7.36 -38.80
CA PHE A 484 -9.61 7.77 -38.73
C PHE A 484 -9.74 9.19 -38.21
N GLY A 485 -8.95 9.56 -37.21
CA GLY A 485 -9.12 10.85 -36.55
C GLY A 485 -8.96 12.04 -37.47
N TYR A 486 -8.34 11.84 -38.64
CA TYR A 486 -8.20 12.89 -39.64
C TYR A 486 -9.12 12.70 -40.82
N TYR A 487 -9.26 11.47 -41.32
CA TYR A 487 -10.07 11.24 -42.52
C TYR A 487 -11.56 11.40 -42.20
N ALA A 488 -12.03 10.78 -41.11
CA ALA A 488 -13.47 10.78 -40.85
C ALA A 488 -14.03 12.18 -40.63
N PRO A 489 -13.43 13.03 -39.77
CA PRO A 489 -13.99 14.39 -39.64
C PRO A 489 -14.03 15.17 -40.93
N LEU A 490 -13.00 15.02 -41.77
CA LEU A 490 -12.99 15.70 -43.07
C LEU A 490 -14.15 15.21 -43.93
N ILE A 491 -14.36 13.90 -43.98
CA ILE A 491 -15.45 13.34 -44.77
C ILE A 491 -16.79 13.87 -44.27
N ARG A 492 -16.98 13.88 -42.95
CA ARG A 492 -18.24 14.36 -42.39
C ARG A 492 -18.44 15.84 -42.70
N LYS A 493 -17.39 16.64 -42.60
CA LYS A 493 -17.51 18.07 -42.85
C LYS A 493 -17.89 18.33 -44.31
N CYS A 494 -17.22 17.66 -45.25
CA CYS A 494 -17.52 17.88 -46.65
C CYS A 494 -18.93 17.37 -46.99
N GLN A 495 -19.32 16.24 -46.39
CA GLN A 495 -20.68 15.73 -46.60
C GLN A 495 -21.72 16.72 -46.08
N SER A 496 -21.45 17.32 -44.92
CA SER A 496 -22.39 18.31 -44.37
C SER A 496 -22.45 19.55 -45.26
N TYR A 497 -21.31 19.98 -45.81
CA TYR A 497 -21.31 21.12 -46.72
C TYR A 497 -22.16 20.81 -47.96
N LYS A 498 -21.98 19.63 -48.54
CA LYS A 498 -22.78 19.25 -49.70
C LYS A 498 -24.26 19.12 -49.33
N LYS A 499 -24.55 18.65 -48.11
CA LYS A 499 -25.94 18.57 -47.67
C LYS A 499 -26.56 19.96 -47.58
N LYS A 500 -25.83 20.93 -47.04
CA LYS A 500 -26.34 22.29 -46.99
C LYS A 500 -26.58 22.82 -48.41
N TYR A 501 -25.63 22.57 -49.32
CA TYR A 501 -25.81 23.05 -50.69
C TYR A 501 -27.05 22.45 -51.33
N ILE A 502 -27.23 21.14 -51.17
CA ILE A 502 -28.38 20.46 -51.79
C ILE A 502 -29.67 20.95 -51.17
N LEU A 503 -29.70 21.13 -49.85
CA LEU A 503 -30.91 21.60 -49.20
C LEU A 503 -31.27 23.00 -49.67
N TYR A 504 -30.28 23.89 -49.77
CA TYR A 504 -30.55 25.24 -50.26
C TYR A 504 -31.05 25.22 -51.69
N TYR A 505 -30.44 24.38 -52.55
CA TYR A 505 -30.89 24.28 -53.92
C TYR A 505 -32.33 23.79 -54.01
N LEU A 506 -32.68 22.77 -53.21
CA LEU A 506 -34.04 22.27 -53.23
C LEU A 506 -35.02 23.32 -52.71
N LYS A 507 -34.65 24.04 -51.66
CA LYS A 507 -35.53 25.08 -51.13
C LYS A 507 -35.76 26.18 -52.15
N ASN A 508 -34.71 26.60 -52.85
CA ASN A 508 -34.86 27.65 -53.85
C ASN A 508 -35.79 27.19 -54.98
N LEU A 509 -35.65 25.94 -55.42
CA LEU A 509 -36.48 25.42 -56.49
C LEU A 509 -37.91 25.21 -56.01
N MET A 520 -32.62 14.62 -52.94
CA MET A 520 -32.36 13.78 -51.78
C MET A 520 -32.09 12.34 -52.21
N ASP A 521 -32.88 11.85 -53.18
CA ASP A 521 -32.69 10.49 -53.66
C ASP A 521 -31.33 10.32 -54.33
N LYS A 522 -30.88 11.32 -55.08
CA LYS A 522 -29.60 11.22 -55.76
C LYS A 522 -28.46 11.06 -54.77
N PHE A 523 -28.50 11.81 -53.67
CA PHE A 523 -27.45 11.81 -52.65
C PHE A 523 -28.04 11.50 -51.29
N SER A 524 -28.86 10.44 -51.22
CA SER A 524 -29.47 10.06 -49.95
C SER A 524 -28.43 9.79 -48.88
N ASP A 525 -27.25 9.27 -49.26
CA ASP A 525 -26.20 9.03 -48.29
C ASP A 525 -25.77 10.32 -47.60
N ILE A 526 -25.60 11.39 -48.37
CA ILE A 526 -25.23 12.66 -47.78
C ILE A 526 -26.35 13.18 -46.90
N MET A 527 -27.61 12.98 -47.30
CA MET A 527 -28.73 13.44 -46.50
C MET A 527 -28.79 12.78 -45.14
N LYS A 528 -28.16 11.61 -44.97
CA LYS A 528 -28.19 10.89 -43.71
C LYS A 528 -27.15 11.38 -42.71
N VAL A 529 -26.31 12.35 -43.09
CA VAL A 529 -25.29 12.87 -42.19
C VAL A 529 -25.93 13.90 -41.27
N GLU A 530 -25.86 13.65 -39.97
CA GLU A 530 -26.45 14.53 -38.98
C GLU A 530 -25.38 15.46 -38.41
N ASN A 531 -25.66 16.77 -38.45
CA ASN A 531 -24.68 17.74 -37.97
C ASN A 531 -24.58 17.74 -36.45
N GLY A 532 -25.65 17.38 -35.75
CA GLY A 532 -25.66 17.42 -34.31
C GLY A 532 -24.95 16.28 -33.62
N ILE A 533 -24.57 15.23 -34.35
CA ILE A 533 -23.92 14.06 -33.79
C ILE A 533 -22.58 13.78 -34.45
N ASP A 534 -22.56 13.68 -35.78
CA ASP A 534 -21.33 13.34 -36.49
C ASP A 534 -20.25 14.38 -36.22
N VAL A 535 -19.04 13.89 -35.95
CA VAL A 535 -17.90 14.77 -35.66
C VAL A 535 -17.33 15.28 -36.98
N VAL A 536 -17.17 16.60 -37.07
CA VAL A 536 -16.70 17.25 -38.29
C VAL A 536 -15.39 18.00 -38.08
N ASP A 537 -14.70 17.75 -36.96
CA ASP A 537 -13.43 18.41 -36.67
C ASP A 537 -12.38 17.37 -36.33
N ARG A 538 -11.13 17.68 -36.66
CA ARG A 538 -10.02 16.79 -36.36
C ARG A 538 -9.95 16.53 -34.85
N ILE A 539 -9.75 15.26 -34.50
CA ILE A 539 -9.63 14.89 -33.09
C ILE A 539 -8.34 15.48 -32.53
N GLY A 540 -8.45 16.21 -31.42
CA GLY A 540 -7.32 16.90 -30.85
C GLY A 540 -6.99 18.22 -31.50
N GLY A 541 -7.76 18.66 -32.49
CA GLY A 541 -7.50 19.89 -33.18
C GLY A 541 -6.51 19.72 -34.31
N PRO A 542 -6.41 20.71 -35.19
CA PRO A 542 -5.45 20.62 -36.29
C PRO A 542 -4.02 20.57 -35.78
N ILE A 543 -3.16 19.90 -36.55
CA ILE A 543 -1.74 19.80 -36.23
C ILE A 543 -1.10 21.14 -36.60
N GLU A 544 -0.95 22.02 -35.60
CA GLU A 544 -0.43 23.36 -35.84
C GLU A 544 1.08 23.40 -36.02
N ALA A 545 1.78 22.31 -35.69
CA ALA A 545 3.23 22.29 -35.81
C ALA A 545 3.65 22.57 -37.25
N LEU A 546 4.62 23.47 -37.41
CA LEU A 546 5.10 23.86 -38.74
C LEU A 546 3.96 24.33 -39.62
N SER A 547 3.05 25.10 -39.04
CA SER A 547 1.90 25.62 -39.76
C SER A 547 1.03 24.48 -40.30
N HIS A 565 -11.68 21.90 -18.34
CA HIS A 565 -11.53 21.67 -19.78
C HIS A 565 -11.93 20.24 -20.14
N LEU A 566 -11.29 19.27 -19.50
CA LEU A 566 -11.64 17.87 -19.74
C LEU A 566 -13.05 17.56 -19.27
N GLU A 567 -13.51 18.21 -18.20
CA GLU A 567 -14.85 17.93 -17.69
C GLU A 567 -15.91 18.28 -18.71
N ASP A 568 -15.75 19.40 -19.42
CA ASP A 568 -16.72 19.78 -20.44
C ASP A 568 -16.79 18.74 -21.55
N GLN A 569 -15.62 18.26 -22.01
CA GLN A 569 -15.60 17.24 -23.04
C GLN A 569 -16.25 15.95 -22.56
N LYS A 570 -15.99 15.57 -21.30
CA LYS A 570 -16.59 14.36 -20.76
C LYS A 570 -18.10 14.49 -20.68
N LYS A 571 -18.59 15.65 -20.24
CA LYS A 571 -20.04 15.85 -20.19
C LYS A 571 -20.66 15.83 -21.58
N GLU A 572 -19.99 16.44 -22.56
CA GLU A 572 -20.49 16.38 -23.92
C GLU A 572 -20.52 14.95 -24.44
N ARG A 573 -19.50 14.16 -24.14
CA ARG A 573 -19.49 12.76 -24.55
C ARG A 573 -20.62 11.99 -23.90
N ASP A 574 -20.88 12.25 -22.61
CA ASP A 574 -21.98 11.59 -21.93
C ASP A 574 -23.32 11.96 -22.56
N ARG A 575 -23.51 13.24 -22.89
CA ARG A 575 -24.76 13.67 -23.53
C ARG A 575 -24.92 12.99 -24.88
N ARG A 576 -23.86 12.94 -25.68
CA ARG A 576 -23.94 12.29 -26.98
C ARG A 576 -24.22 10.80 -26.84
N LEU A 577 -23.62 10.15 -25.84
CA LEU A 577 -23.87 8.74 -25.60
C LEU A 577 -25.33 8.51 -25.23
N ARG A 578 -25.89 9.35 -24.37
CA ARG A 578 -27.29 9.22 -23.99
C ARG A 578 -28.20 9.42 -25.20
N MET A 579 -27.91 10.42 -26.02
CA MET A 579 -28.71 10.65 -27.23
C MET A 579 -28.63 9.46 -28.18
N LEU A 580 -27.43 8.90 -28.35
CA LEU A 580 -27.26 7.76 -29.23
C LEU A 580 -28.03 6.55 -28.70
N ILE A 581 -27.97 6.32 -27.40
CA ILE A 581 -28.70 5.21 -26.80
C ILE A 581 -30.20 5.39 -27.00
N ASP A 582 -30.70 6.60 -26.80
CA ASP A 582 -32.12 6.87 -27.00
C ASP A 582 -32.52 6.62 -28.45
N GLN A 583 -31.71 7.09 -29.40
CA GLN A 583 -32.03 6.89 -30.81
C GLN A 583 -32.00 5.40 -31.16
N TYR A 584 -31.02 4.67 -30.66
CA TYR A 584 -30.93 3.24 -30.94
C TYR A 584 -32.15 2.50 -30.38
N GLU A 585 -32.56 2.85 -29.15
CA GLU A 585 -33.74 2.22 -28.57
C GLU A 585 -34.99 2.54 -29.39
N ARG A 586 -35.14 3.80 -29.80
CA ARG A 586 -36.30 4.19 -30.61
C ARG A 586 -36.33 3.41 -31.91
N ASN A 587 -35.16 3.25 -32.56
CA ASN A 587 -35.10 2.42 -33.75
C ASN A 587 -35.48 0.97 -33.44
N VAL A 588 -35.05 0.47 -32.28
CA VAL A 588 -35.35 -0.91 -31.90
C VAL A 588 -36.85 -1.12 -31.80
N MET A 589 -37.55 -0.24 -31.09
CA MET A 589 -39.00 -0.35 -31.04
C MET A 589 -39.62 -0.11 -32.41
N MET A 590 -39.09 0.86 -33.15
CA MET A 590 -39.62 1.17 -34.48
C MET A 590 -39.07 0.17 -35.51
N GLU A 598 -34.72 18.96 -19.88
CA GLU A 598 -36.06 19.45 -20.16
C GLU A 598 -36.60 20.28 -19.02
N GLU A 599 -35.76 21.20 -18.53
CA GLU A 599 -36.19 22.09 -17.44
C GLU A 599 -37.36 22.97 -17.87
N THR A 600 -37.50 23.21 -19.17
CA THR A 600 -38.63 24.00 -19.65
C THR A 600 -39.96 23.32 -19.33
N SER A 601 -40.01 21.99 -19.43
CA SER A 601 -41.24 21.27 -19.08
C SER A 601 -41.60 21.48 -17.62
N PHE A 602 -40.61 21.39 -16.73
CA PHE A 602 -40.86 21.63 -15.31
C PHE A 602 -41.32 23.06 -15.07
N ASN A 603 -40.67 24.03 -15.73
CA ASN A 603 -41.06 25.42 -15.56
C ASN A 603 -42.48 25.66 -16.06
N ASP A 604 -42.90 24.95 -17.10
CA ASP A 604 -44.24 25.14 -17.65
C ASP A 604 -45.32 24.69 -16.67
N ASP A 605 -45.01 23.82 -15.73
CA ASP A 605 -45.97 23.32 -14.75
C ASP A 605 -45.38 23.45 -13.35
N PRO A 606 -45.33 24.66 -12.81
CA PRO A 606 -44.87 24.83 -11.43
C PRO A 606 -45.74 24.04 -10.46
N ILE A 607 -45.12 23.54 -9.39
CA ILE A 607 -45.85 22.74 -8.43
C ILE A 607 -46.99 23.55 -7.83
N VAL A 608 -47.95 22.85 -7.25
CA VAL A 608 -49.11 23.46 -6.59
C VAL A 608 -49.07 23.05 -5.13
N ASP A 609 -48.89 24.03 -4.25
CA ASP A 609 -48.87 23.79 -2.80
C ASP A 609 -50.25 24.11 -2.22
N SER A 610 -51.18 23.20 -2.49
CA SER A 610 -52.56 23.34 -2.04
C SER A 610 -52.80 22.46 -0.83
N ASP A 611 -53.32 23.06 0.24
CA ASP A 611 -53.60 22.33 1.47
C ASP A 611 -55.08 22.02 1.59
N LEU B 7 27.72 -14.40 33.13
CA LEU B 7 27.75 -13.73 31.84
C LEU B 7 27.97 -12.23 32.02
N GLN B 8 29.24 -11.82 32.05
CA GLN B 8 29.57 -10.41 32.22
C GLN B 8 29.12 -9.60 31.00
N LEU B 9 28.73 -8.36 31.25
CA LEU B 9 28.27 -7.50 30.18
C LEU B 9 29.41 -7.19 29.22
N PRO B 10 29.15 -7.06 27.92
CA PRO B 10 30.21 -6.67 27.00
C PRO B 10 30.77 -5.30 27.34
N TRP B 11 32.06 -5.11 27.05
CA TRP B 11 32.73 -3.87 27.42
C TRP B 11 32.17 -2.67 26.69
N VAL B 12 31.46 -2.86 25.58
CA VAL B 12 30.82 -1.73 24.93
C VAL B 12 29.81 -1.08 25.86
N GLU B 13 29.19 -1.87 26.73
CA GLU B 13 28.23 -1.35 27.71
C GLU B 13 28.81 -1.25 29.12
N LYS B 14 29.71 -2.16 29.49
CA LYS B 14 30.29 -2.12 30.83
C LYS B 14 31.08 -0.84 31.06
N TYR B 15 31.87 -0.44 30.06
CA TYR B 15 32.72 0.76 30.16
C TYR B 15 32.13 1.93 29.39
N ARG B 16 30.82 1.97 29.23
CA ARG B 16 30.18 3.10 28.57
C ARG B 16 30.47 4.37 29.38
N PRO B 17 30.97 5.44 28.76
CA PRO B 17 31.29 6.64 29.54
C PRO B 17 30.07 7.18 30.26
N GLN B 18 30.29 7.63 31.50
CA GLN B 18 29.24 8.23 32.31
C GLN B 18 29.37 9.74 32.45
N VAL B 19 30.56 10.30 32.22
CA VAL B 19 30.78 11.73 32.22
C VAL B 19 31.37 12.12 30.88
N LEU B 20 31.06 13.35 30.43
CA LEU B 20 31.52 13.81 29.13
C LEU B 20 33.03 13.86 29.04
N SER B 21 33.73 14.00 30.16
CA SER B 21 35.18 14.08 30.15
C SER B 21 35.83 12.77 29.70
N ASP B 22 35.10 11.66 29.74
CA ASP B 22 35.63 10.37 29.34
C ASP B 22 35.40 10.07 27.86
N ILE B 23 34.83 11.00 27.11
CA ILE B 23 34.60 10.81 25.68
C ILE B 23 35.81 11.34 24.91
N VAL B 24 36.39 10.49 24.08
CA VAL B 24 37.59 10.84 23.31
C VAL B 24 37.18 11.26 21.91
N GLY B 25 37.90 12.23 21.36
CA GLY B 25 37.63 12.73 20.04
C GLY B 25 36.64 13.89 20.04
N ASN B 26 36.66 14.64 18.94
CA ASN B 26 35.77 15.79 18.78
C ASN B 26 35.89 16.73 19.97
N LYS B 27 37.12 17.01 20.38
CA LYS B 27 37.36 17.71 21.65
C LYS B 27 36.63 19.05 21.70
N GLU B 28 36.52 19.74 20.57
CA GLU B 28 35.89 21.05 20.57
C GLU B 28 34.41 20.95 20.94
N THR B 29 33.68 20.04 20.28
CA THR B 29 32.26 19.90 20.56
C THR B 29 32.02 19.38 21.97
N ILE B 30 32.87 18.48 22.45
CA ILE B 30 32.72 17.97 23.81
C ILE B 30 32.97 19.08 24.83
N ASP B 31 33.96 19.94 24.58
CA ASP B 31 34.17 21.10 25.45
C ASP B 31 32.97 22.03 25.43
N ARG B 32 32.39 22.24 24.24
CA ARG B 32 31.18 23.06 24.15
C ARG B 32 30.05 22.45 24.97
N LEU B 33 29.89 21.13 24.89
CA LEU B 33 28.85 20.46 25.67
C LEU B 33 29.11 20.59 27.16
N GLN B 34 30.38 20.50 27.57
CA GLN B 34 30.72 20.70 28.98
C GLN B 34 30.36 22.12 29.43
N GLN B 35 30.66 23.12 28.60
CA GLN B 35 30.30 24.49 28.96
C GLN B 35 28.79 24.63 29.04
N ILE B 36 28.06 23.99 28.12
CA ILE B 36 26.60 24.04 28.16
C ILE B 36 26.09 23.43 29.47
N ALA B 37 26.65 22.28 29.86
CA ALA B 37 26.23 21.64 31.10
C ALA B 37 26.52 22.52 32.31
N LYS B 38 27.69 23.17 32.31
CA LYS B 38 28.02 24.04 33.44
C LYS B 38 27.08 25.24 33.50
N ASP B 39 26.89 25.93 32.38
CA ASP B 39 25.99 27.08 32.37
C ASP B 39 24.55 26.66 32.57
N GLY B 40 24.12 25.57 31.91
CA GLY B 40 22.80 25.04 32.07
C GLY B 40 21.78 25.55 31.07
N ASN B 41 22.13 26.54 30.25
CA ASN B 41 21.19 27.13 29.30
C ASN B 41 21.24 26.35 27.98
N MET B 42 20.75 25.12 28.06
CA MET B 42 20.79 24.21 26.92
C MET B 42 19.72 24.59 25.91
N PRO B 43 20.09 24.87 24.64
CA PRO B 43 19.07 25.15 23.63
C PRO B 43 18.63 23.88 22.90
N HIS B 44 17.66 24.01 21.99
CA HIS B 44 17.35 22.91 21.09
C HIS B 44 18.57 22.60 20.23
N MET B 45 18.86 21.31 20.05
CA MET B 45 20.09 20.90 19.38
C MET B 45 19.84 19.68 18.52
N ILE B 46 20.66 19.54 17.48
CA ILE B 46 20.66 18.38 16.60
C ILE B 46 22.10 17.90 16.47
N ILE B 47 22.36 16.66 16.87
CA ILE B 47 23.68 16.05 16.82
C ILE B 47 23.68 15.02 15.69
N SER B 48 24.54 15.22 14.70
CA SER B 48 24.63 14.34 13.55
C SER B 48 26.06 13.85 13.39
N GLY B 49 26.20 12.64 12.87
CA GLY B 49 27.51 12.07 12.64
C GLY B 49 27.41 10.62 12.25
N MET B 50 28.59 10.03 12.05
CA MET B 50 28.69 8.63 11.66
C MET B 50 28.26 7.73 12.82
N PRO B 51 27.73 6.54 12.52
CA PRO B 51 27.33 5.63 13.61
C PRO B 51 28.49 5.25 14.50
N GLY B 52 28.19 5.09 15.79
CA GLY B 52 29.17 4.61 16.75
C GLY B 52 30.34 5.53 17.02
N ILE B 53 30.07 6.83 17.18
CA ILE B 53 31.12 7.80 17.50
C ILE B 53 30.87 8.53 18.80
N GLY B 54 29.72 8.31 19.46
CA GLY B 54 29.48 8.89 20.76
C GLY B 54 28.39 9.94 20.77
N LYS B 55 27.37 9.78 19.92
CA LYS B 55 26.26 10.72 19.90
C LYS B 55 25.27 10.43 21.01
N THR B 56 24.76 9.20 21.07
CA THR B 56 23.84 8.82 22.14
C THR B 56 24.52 8.95 23.50
N THR B 57 25.77 8.50 23.60
CA THR B 57 26.51 8.63 24.85
C THR B 57 26.67 10.09 25.24
N SER B 58 27.00 10.96 24.28
CA SER B 58 27.18 12.37 24.59
C SER B 58 25.89 12.99 25.07
N VAL B 59 24.77 12.70 24.40
CA VAL B 59 23.49 13.28 24.79
C VAL B 59 23.10 12.80 26.18
N HIS B 60 23.26 11.50 26.44
CA HIS B 60 22.89 10.96 27.75
C HIS B 60 23.77 11.54 28.85
N CYS B 61 25.07 11.67 28.60
CA CYS B 61 25.96 12.25 29.61
C CYS B 61 25.60 13.71 29.88
N LEU B 62 25.30 14.47 28.83
CA LEU B 62 24.89 15.86 29.02
C LEU B 62 23.61 15.94 29.83
N ALA B 63 22.62 15.10 29.53
CA ALA B 63 21.37 15.12 30.28
C ALA B 63 21.62 14.76 31.74
N HIS B 64 22.44 13.73 31.98
CA HIS B 64 22.74 13.34 33.35
C HIS B 64 23.40 14.48 34.11
N GLU B 65 24.44 15.08 33.52
CA GLU B 65 25.13 16.17 34.19
C GLU B 65 24.19 17.34 34.45
N LEU B 66 23.29 17.63 33.51
CA LEU B 66 22.38 18.76 33.67
C LEU B 66 21.39 18.50 34.80
N LEU B 67 20.82 17.29 34.86
CA LEU B 67 19.71 17.04 35.77
C LEU B 67 20.18 16.46 37.11
N GLY B 68 20.84 15.31 37.09
CA GLY B 68 21.26 14.67 38.32
C GLY B 68 20.16 13.89 38.99
N ARG B 69 19.75 14.32 40.18
CA ARG B 69 18.67 13.64 40.89
C ARG B 69 17.34 13.74 40.15
N SER B 70 17.22 14.67 39.20
CA SER B 70 15.99 14.86 38.45
C SER B 70 16.05 14.25 37.06
N TYR B 71 17.03 13.39 36.78
CA TYR B 71 17.16 12.80 35.46
C TYR B 71 15.92 11.96 35.12
N ALA B 72 15.43 11.18 36.08
CA ALA B 72 14.30 10.30 35.80
C ALA B 72 13.05 11.08 35.42
N ASP B 73 12.77 12.18 36.14
CA ASP B 73 11.57 12.95 35.92
C ASP B 73 11.74 14.06 34.88
N GLY B 74 12.96 14.31 34.41
CA GLY B 74 13.20 15.39 33.48
C GLY B 74 13.65 14.95 32.10
N VAL B 75 13.74 13.65 31.88
CA VAL B 75 14.15 13.09 30.59
C VAL B 75 13.05 12.18 30.09
N LEU B 76 12.68 12.36 28.82
CA LEU B 76 11.70 11.53 28.14
C LEU B 76 12.39 10.94 26.91
N GLU B 77 12.91 9.73 27.07
CA GLU B 77 13.71 9.08 26.03
C GLU B 77 12.79 8.31 25.09
N LEU B 78 12.71 8.76 23.84
CA LEU B 78 12.01 8.05 22.79
C LEU B 78 13.01 7.60 21.73
N ASN B 79 12.63 6.55 21.01
CA ASN B 79 13.57 5.86 20.12
C ASN B 79 12.77 5.12 19.06
N ALA B 80 13.48 4.60 18.06
CA ALA B 80 12.84 3.92 16.95
C ALA B 80 12.05 2.70 17.44
N SER B 81 12.62 1.94 18.39
CA SER B 81 11.92 0.78 18.91
C SER B 81 10.61 1.15 19.60
N ASP B 82 10.50 2.37 20.11
CA ASP B 82 9.27 2.85 20.72
C ASP B 82 8.40 3.55 19.68
N ASP B 83 7.09 3.44 19.84
CA ASP B 83 6.18 4.10 18.93
C ASP B 83 6.39 5.60 18.98
N ARG B 84 6.50 6.22 17.81
CA ARG B 84 6.77 7.65 17.69
C ARG B 84 5.89 8.27 16.61
N GLY B 85 4.61 7.91 16.60
CA GLY B 85 3.68 8.42 15.63
C GLY B 85 3.14 9.79 16.03
N ILE B 86 2.21 10.28 15.19
CA ILE B 86 1.62 11.59 15.45
C ILE B 86 0.83 11.57 16.75
N ASP B 87 0.17 10.44 17.04
CA ASP B 87 -0.57 10.33 18.29
C ASP B 87 0.37 10.38 19.50
N VAL B 88 1.56 9.80 19.37
CA VAL B 88 2.55 9.87 20.45
C VAL B 88 2.92 11.31 20.73
N VAL B 89 3.20 12.08 19.68
CA VAL B 89 3.50 13.50 19.85
C VAL B 89 2.31 14.22 20.46
N ARG B 90 1.10 13.83 20.05
CA ARG B 90 -0.10 14.51 20.52
C ARG B 90 -0.35 14.28 22.00
N ASN B 91 0.00 13.10 22.52
CA ASN B 91 -0.33 12.75 23.90
C ASN B 91 0.88 12.71 24.82
N GLN B 92 1.86 11.85 24.55
CA GLN B 92 2.93 11.63 25.52
C GLN B 92 3.88 12.80 25.57
N ILE B 93 4.40 13.22 24.40
CA ILE B 93 5.30 14.36 24.36
C ILE B 93 4.59 15.62 24.83
N LYS B 94 3.33 15.78 24.43
CA LYS B 94 2.56 16.96 24.85
C LYS B 94 2.41 17.01 26.36
N HIS B 95 2.07 15.89 26.99
CA HIS B 95 1.88 15.90 28.44
C HIS B 95 3.21 16.07 29.17
N PHE B 96 4.28 15.47 28.64
CA PHE B 96 5.59 15.68 29.26
C PHE B 96 5.99 17.15 29.19
N ALA B 97 5.78 17.80 28.03
CA ALA B 97 6.11 19.20 27.90
C ALA B 97 5.24 20.06 28.83
N GLN B 98 3.95 19.73 28.94
CA GLN B 98 3.07 20.47 29.84
C GLN B 98 3.44 20.26 31.31
N LYS B 99 4.11 19.16 31.64
CA LYS B 99 4.43 18.88 33.03
C LYS B 99 5.28 20.00 33.62
N LYS B 100 4.90 20.47 34.80
CA LYS B 100 5.61 21.54 35.48
C LYS B 100 6.49 20.94 36.57
N LEU B 101 7.80 21.10 36.41
CA LEU B 101 8.77 20.61 37.38
C LEU B 101 9.29 21.79 38.21
N HIS B 102 10.24 21.49 39.10
CA HIS B 102 10.87 22.49 39.96
C HIS B 102 12.39 22.37 39.86
N LEU B 103 12.88 22.29 38.62
CA LEU B 103 14.31 22.17 38.39
C LEU B 103 15.02 23.45 38.82
N PRO B 104 16.33 23.38 39.08
CA PRO B 104 17.09 24.58 39.46
C PRO B 104 16.89 25.70 38.46
N PRO B 105 17.29 26.93 38.81
CA PRO B 105 16.92 28.08 37.99
C PRO B 105 17.36 27.98 36.53
N GLY B 106 18.55 27.44 36.27
CA GLY B 106 19.08 27.45 34.92
C GLY B 106 19.03 26.10 34.23
N LYS B 107 17.93 25.38 34.39
CA LYS B 107 17.81 24.03 33.83
C LYS B 107 16.42 23.85 33.23
N HIS B 108 16.33 22.97 32.24
CA HIS B 108 15.09 22.70 31.54
C HIS B 108 14.97 21.21 31.27
N LYS B 109 13.73 20.76 31.12
CA LYS B 109 13.47 19.37 30.75
C LYS B 109 14.04 19.08 29.37
N ILE B 110 14.51 17.86 29.19
CA ILE B 110 15.18 17.44 27.96
C ILE B 110 14.40 16.29 27.35
N VAL B 111 14.06 16.42 26.07
CA VAL B 111 13.38 15.38 25.31
C VAL B 111 14.40 14.83 24.33
N ILE B 112 14.90 13.62 24.59
CA ILE B 112 15.92 13.00 23.76
C ILE B 112 15.20 12.15 22.71
N LEU B 113 15.19 12.63 21.46
CA LEU B 113 14.61 11.89 20.34
C LEU B 113 15.76 11.23 19.58
N ASP B 114 16.27 10.14 20.16
CA ASP B 114 17.34 9.40 19.50
C ASP B 114 16.85 8.80 18.19
N GLU B 115 17.74 8.76 17.20
CA GLU B 115 17.40 8.27 15.87
C GLU B 115 16.20 9.03 15.31
N ALA B 116 16.24 10.35 15.44
CA ALA B 116 15.14 11.21 15.01
C ALA B 116 14.98 11.24 13.50
N ASP B 117 15.94 10.74 12.74
CA ASP B 117 15.86 10.75 11.29
C ASP B 117 14.93 9.68 10.74
N SER B 118 14.16 9.01 11.59
CA SER B 118 13.19 8.01 11.15
C SER B 118 11.76 8.36 11.53
N MET B 119 11.53 9.53 12.12
CA MET B 119 10.18 9.91 12.53
C MET B 119 9.34 10.27 11.31
N THR B 120 8.02 10.13 11.45
CA THR B 120 7.10 10.43 10.37
C THR B 120 6.97 11.94 10.18
N ALA B 121 6.57 12.32 8.97
CA ALA B 121 6.44 13.74 8.63
C ALA B 121 5.39 14.42 9.51
N GLY B 122 4.26 13.75 9.74
CA GLY B 122 3.23 14.34 10.59
C GLY B 122 3.71 14.54 12.01
N ALA B 123 4.50 13.60 12.53
CA ALA B 123 5.06 13.76 13.86
C ALA B 123 5.96 14.99 13.94
N GLN B 124 6.79 15.20 12.92
CA GLN B 124 7.65 16.37 12.91
C GLN B 124 6.85 17.67 12.78
N GLN B 125 5.78 17.64 11.98
CA GLN B 125 4.93 18.81 11.85
C GLN B 125 4.27 19.16 13.19
N ALA B 126 3.84 18.14 13.95
CA ALA B 126 3.31 18.40 15.28
C ALA B 126 4.41 18.88 16.23
N LEU B 127 5.62 18.34 16.06
CA LEU B 127 6.75 18.80 16.86
C LEU B 127 7.02 20.28 16.62
N ARG B 128 6.77 20.76 15.41
CA ARG B 128 6.91 22.20 15.16
C ARG B 128 6.12 23.01 16.18
N ARG B 129 4.83 22.68 16.32
CA ARG B 129 3.99 23.44 17.23
C ARG B 129 4.35 23.19 18.69
N THR B 130 4.65 21.93 19.04
CA THR B 130 4.95 21.65 20.44
C THR B 130 6.23 22.36 20.89
N MET B 131 7.20 22.52 19.98
CA MET B 131 8.40 23.29 20.30
C MET B 131 8.11 24.79 20.29
N GLU B 132 7.26 25.24 19.37
CA GLU B 132 6.92 26.66 19.33
C GLU B 132 6.19 27.10 20.59
N LEU B 133 5.51 26.17 21.27
CA LEU B 133 4.71 26.52 22.44
C LEU B 133 5.38 26.15 23.76
N TYR B 134 6.11 25.04 23.82
CA TYR B 134 6.67 24.55 25.07
C TYR B 134 8.19 24.69 25.13
N SER B 135 8.74 25.72 24.47
CA SER B 135 10.18 25.92 24.48
C SER B 135 10.70 26.62 25.72
N ASN B 136 9.81 27.21 26.53
CA ASN B 136 10.25 27.93 27.72
C ASN B 136 10.73 27.01 28.83
N SER B 137 10.28 25.75 28.85
CA SER B 137 10.66 24.80 29.89
C SER B 137 11.10 23.45 29.35
N THR B 138 10.95 23.18 28.05
CA THR B 138 11.33 21.92 27.45
C THR B 138 12.28 22.19 26.29
N ARG B 139 13.32 21.36 26.19
CA ARG B 139 14.30 21.45 25.12
C ARG B 139 14.46 20.10 24.45
N PHE B 140 14.75 20.12 23.16
CA PHE B 140 14.84 18.91 22.36
C PHE B 140 16.28 18.69 21.92
N ALA B 141 16.75 17.45 22.05
CA ALA B 141 18.09 17.05 21.64
C ALA B 141 17.95 15.92 20.63
N PHE B 142 17.78 16.29 19.37
CA PHE B 142 17.69 15.28 18.32
C PHE B 142 19.05 14.67 18.06
N ALA B 143 19.07 13.36 17.86
CA ALA B 143 20.28 12.63 17.49
C ALA B 143 19.99 11.85 16.21
N CYS B 144 20.84 12.05 15.20
CA CYS B 144 20.61 11.41 13.91
C CYS B 144 21.96 11.17 13.23
N ASN B 145 21.91 10.56 12.05
CA ASN B 145 23.09 10.39 11.21
C ASN B 145 23.17 11.43 10.10
N GLN B 146 22.03 11.79 9.52
CA GLN B 146 21.95 12.84 8.50
C GLN B 146 21.11 13.97 9.06
N SER B 147 21.68 15.18 9.07
CA SER B 147 20.96 16.33 9.62
C SER B 147 19.80 16.75 8.72
N ASN B 148 19.93 16.55 7.39
CA ASN B 148 18.88 16.97 6.47
C ASN B 148 17.60 16.17 6.66
N LYS B 149 17.66 15.04 7.35
CA LYS B 149 16.47 14.22 7.57
C LYS B 149 15.47 14.89 8.50
N ILE B 150 15.86 15.96 9.18
CA ILE B 150 14.94 16.74 10.02
C ILE B 150 14.39 17.88 9.17
N ILE B 151 13.07 18.06 9.21
CA ILE B 151 12.45 19.08 8.37
C ILE B 151 12.99 20.46 8.73
N GLU B 152 13.09 21.32 7.71
CA GLU B 152 13.69 22.63 7.90
C GLU B 152 13.03 23.44 9.01
N PRO B 153 11.71 23.44 9.17
CA PRO B 153 11.13 24.21 10.29
C PRO B 153 11.67 23.81 11.65
N LEU B 154 11.95 22.51 11.84
CA LEU B 154 12.53 22.07 13.09
C LEU B 154 14.01 22.44 13.18
N GLN B 155 14.75 22.31 12.07
CA GLN B 155 16.16 22.70 12.06
C GLN B 155 16.34 24.17 12.40
N SER B 156 15.39 25.01 11.98
CA SER B 156 15.54 26.45 12.18
C SER B 156 15.71 26.80 13.66
N ARG B 157 15.16 25.98 14.54
CA ARG B 157 15.17 26.27 15.98
C ARG B 157 16.28 25.54 16.72
N CYS B 158 17.10 24.74 16.05
CA CYS B 158 18.07 23.87 16.70
C CYS B 158 19.48 24.20 16.22
N ALA B 159 20.42 24.20 17.17
CA ALA B 159 21.83 24.35 16.84
C ALA B 159 22.39 23.02 16.35
N ILE B 160 23.17 23.08 15.28
CA ILE B 160 23.66 21.90 14.58
C ILE B 160 25.06 21.58 15.08
N LEU B 161 25.28 20.35 15.54
CA LEU B 161 26.60 19.85 15.89
C LEU B 161 26.88 18.60 15.07
N ARG B 162 27.91 18.68 14.23
CA ARG B 162 28.32 17.56 13.38
C ARG B 162 29.54 16.91 14.01
N TYR B 163 29.41 15.65 14.40
CA TYR B 163 30.51 14.91 15.00
C TYR B 163 31.41 14.35 13.89
N SER B 164 32.71 14.59 14.02
CA SER B 164 33.68 14.12 13.05
C SER B 164 34.08 12.68 13.35
N LYS B 165 34.68 12.03 12.35
CA LYS B 165 35.17 10.67 12.52
C LYS B 165 36.31 10.66 13.54
N LEU B 166 36.36 9.62 14.35
CA LEU B 166 37.36 9.53 15.41
C LEU B 166 38.75 9.40 14.82
N SER B 167 39.71 10.08 15.43
CA SER B 167 41.10 9.98 15.01
C SER B 167 41.76 8.77 15.65
N ASP B 168 42.92 8.39 15.10
CA ASP B 168 43.62 7.22 15.61
C ASP B 168 44.11 7.44 17.03
N GLU B 169 44.53 8.67 17.36
CA GLU B 169 45.07 8.93 18.69
C GLU B 169 44.03 8.72 19.77
N ASP B 170 42.82 9.24 19.55
CA ASP B 170 41.76 9.10 20.55
C ASP B 170 41.37 7.64 20.73
N VAL B 171 41.23 6.90 19.63
CA VAL B 171 40.90 5.49 19.71
C VAL B 171 41.98 4.73 20.48
N LEU B 172 43.25 5.03 20.18
CA LEU B 172 44.34 4.36 20.88
C LEU B 172 44.31 4.68 22.37
N LYS B 173 44.05 5.94 22.72
CA LYS B 173 44.03 6.33 24.12
C LYS B 173 42.92 5.61 24.88
N ARG B 174 41.71 5.61 24.31
CA ARG B 174 40.60 4.94 24.99
C ARG B 174 40.83 3.43 25.07
N LEU B 175 41.38 2.82 24.01
CA LEU B 175 41.68 1.40 24.03
C LEU B 175 42.70 1.08 25.12
N LEU B 176 43.73 1.92 25.25
CA LEU B 176 44.73 1.70 26.28
C LEU B 176 44.12 1.82 27.67
N GLN B 177 43.23 2.80 27.87
CA GLN B 177 42.57 2.92 29.17
C GLN B 177 41.75 1.68 29.48
N ILE B 178 40.98 1.20 28.51
CA ILE B 178 40.15 0.02 28.72
C ILE B 178 41.02 -1.20 29.01
N ILE B 179 42.13 -1.35 28.27
CA ILE B 179 43.01 -2.48 28.48
C ILE B 179 43.62 -2.44 29.87
N LYS B 180 44.06 -1.26 30.30
CA LYS B 180 44.61 -1.12 31.65
C LYS B 180 43.58 -1.47 32.70
N LEU B 181 42.33 -1.03 32.50
CA LEU B 181 41.27 -1.37 33.45
C LEU B 181 41.04 -2.88 33.49
N GLU B 182 41.04 -3.54 32.33
CA GLU B 182 40.80 -4.97 32.24
C GLU B 182 42.07 -5.80 32.38
N ASP B 183 43.24 -5.17 32.45
CA ASP B 183 44.50 -5.89 32.57
C ASP B 183 44.69 -6.90 31.43
N VAL B 184 44.36 -6.46 30.21
CA VAL B 184 44.51 -7.28 29.02
C VAL B 184 45.91 -7.11 28.47
N LYS B 185 46.54 -8.22 28.08
CA LYS B 185 47.87 -8.16 27.48
C LYS B 185 47.75 -7.72 26.02
N TYR B 186 48.64 -6.82 25.61
CA TYR B 186 48.55 -6.21 24.30
C TYR B 186 49.93 -5.90 23.78
N THR B 187 50.01 -5.67 22.46
CA THR B 187 51.23 -5.21 21.82
C THR B 187 50.94 -3.97 20.98
N ASN B 188 51.93 -3.52 20.20
CA ASN B 188 51.73 -2.33 19.37
C ASN B 188 51.05 -2.70 18.05
N ASP B 189 51.49 -3.78 17.41
CA ASP B 189 50.91 -4.17 16.13
C ASP B 189 49.42 -4.51 16.27
N GLY B 190 49.06 -5.19 17.36
CA GLY B 190 47.65 -5.52 17.56
C GLY B 190 46.78 -4.30 17.72
N LEU B 191 47.22 -3.33 18.52
CA LEU B 191 46.46 -2.09 18.68
C LEU B 191 46.38 -1.34 17.36
N GLU B 192 47.48 -1.31 16.60
CA GLU B 192 47.45 -0.65 15.29
C GLU B 192 46.43 -1.31 14.38
N ALA B 193 46.40 -2.65 14.36
CA ALA B 193 45.42 -3.35 13.53
C ALA B 193 44.01 -3.07 13.97
N ILE B 194 43.77 -3.04 15.29
CA ILE B 194 42.44 -2.74 15.80
C ILE B 194 42.00 -1.35 15.36
N ILE B 195 42.89 -0.37 15.49
CA ILE B 195 42.56 0.99 15.07
C ILE B 195 42.29 1.04 13.58
N PHE B 196 43.11 0.35 12.79
CA PHE B 196 42.94 0.37 11.34
C PHE B 196 41.60 -0.23 10.94
N THR B 197 41.20 -1.33 11.57
CA THR B 197 39.92 -1.95 11.26
C THR B 197 38.73 -1.20 11.86
N ALA B 198 38.96 -0.35 12.87
CA ALA B 198 37.86 0.38 13.48
C ALA B 198 37.23 1.35 12.49
N GLU B 199 38.05 2.03 11.69
CA GLU B 199 37.56 3.02 10.74
C GLU B 199 36.77 4.12 11.44
N GLY B 200 37.23 4.53 12.61
CA GLY B 200 36.63 5.62 13.34
C GLY B 200 35.44 5.27 14.20
N ASP B 201 35.00 4.02 14.18
CA ASP B 201 33.86 3.56 14.98
C ASP B 201 34.42 2.91 16.24
N MET B 202 34.28 3.59 17.38
CA MET B 202 34.84 3.08 18.63
C MET B 202 34.10 1.84 19.11
N ARG B 203 32.78 1.78 18.90
CA ARG B 203 32.04 0.58 19.31
C ARG B 203 32.58 -0.65 18.58
N GLN B 204 32.81 -0.53 17.27
CA GLN B 204 33.38 -1.63 16.51
C GLN B 204 34.77 -1.99 17.04
N ALA B 205 35.57 -0.97 17.38
CA ALA B 205 36.91 -1.24 17.91
C ALA B 205 36.83 -2.03 19.21
N ILE B 206 35.96 -1.62 20.12
CA ILE B 206 35.84 -2.31 21.40
C ILE B 206 35.35 -3.74 21.18
N ASN B 207 34.37 -3.91 20.31
CA ASN B 207 33.84 -5.26 20.05
C ASN B 207 34.93 -6.15 19.47
N ASN B 208 35.70 -5.64 18.51
CA ASN B 208 36.77 -6.44 17.91
C ASN B 208 37.84 -6.79 18.95
N LEU B 209 38.21 -5.82 19.79
CA LEU B 209 39.20 -6.09 20.83
C LEU B 209 38.72 -7.19 21.78
N GLN B 210 37.46 -7.09 22.21
CA GLN B 210 36.93 -8.08 23.14
C GLN B 210 36.89 -9.46 22.48
N SER B 211 36.43 -9.53 21.23
CA SER B 211 36.38 -10.81 20.54
C SER B 211 37.77 -11.41 20.40
N THR B 212 38.75 -10.59 20.03
CA THR B 212 40.11 -11.08 19.84
C THR B 212 40.68 -11.62 21.15
N VAL B 213 40.53 -10.85 22.24
CA VAL B 213 41.11 -11.29 23.50
C VAL B 213 40.42 -12.57 23.98
N ALA B 214 39.10 -12.66 23.82
CA ALA B 214 38.37 -13.83 24.29
C ALA B 214 38.66 -15.05 23.43
N GLY B 215 38.98 -14.86 22.15
CA GLY B 215 39.21 -15.98 21.26
C GLY B 215 40.63 -16.49 21.27
N HIS B 216 41.61 -15.58 21.34
CA HIS B 216 43.01 -15.95 21.24
C HIS B 216 43.87 -15.46 22.40
N GLY B 217 43.32 -14.68 23.32
CA GLY B 217 44.07 -14.24 24.48
C GLY B 217 44.89 -12.99 24.21
N LEU B 218 46.19 -13.17 23.99
CA LEU B 218 47.06 -12.04 23.71
C LEU B 218 46.67 -11.38 22.39
N VAL B 219 46.71 -10.04 22.39
CA VAL B 219 46.30 -9.26 21.23
C VAL B 219 47.50 -9.15 20.29
N ASN B 220 47.34 -9.63 19.06
CA ASN B 220 48.38 -9.63 18.05
C ASN B 220 47.80 -9.21 16.72
N ALA B 221 48.67 -8.84 15.78
CA ALA B 221 48.21 -8.51 14.44
C ALA B 221 47.52 -9.69 13.80
N ASP B 222 48.14 -10.87 13.88
CA ASP B 222 47.50 -12.08 13.33
C ASP B 222 46.23 -12.42 14.10
N ASN B 223 46.27 -12.31 15.43
CA ASN B 223 45.08 -12.63 16.22
C ASN B 223 43.93 -11.69 15.89
N VAL B 224 44.21 -10.39 15.74
CA VAL B 224 43.16 -9.45 15.37
C VAL B 224 42.65 -9.74 13.97
N PHE B 225 43.56 -10.03 13.04
CA PHE B 225 43.14 -10.32 11.67
C PHE B 225 42.28 -11.57 11.60
N LYS B 226 42.51 -12.53 12.50
CA LYS B 226 41.70 -13.74 12.49
C LYS B 226 40.24 -13.42 12.73
N ILE B 227 39.95 -12.64 13.78
CA ILE B 227 38.56 -12.29 14.10
C ILE B 227 38.00 -11.33 13.06
N VAL B 228 38.78 -10.33 12.66
CA VAL B 228 38.32 -9.26 11.78
C VAL B 228 39.13 -9.31 10.50
N ASP B 229 38.44 -9.31 9.37
CA ASP B 229 39.08 -9.28 8.06
C ASP B 229 39.36 -7.83 7.64
N SER B 230 40.14 -7.69 6.58
CA SER B 230 40.42 -6.36 6.05
C SER B 230 39.12 -5.74 5.55
N PRO B 231 38.91 -4.44 5.75
CA PRO B 231 37.64 -3.84 5.33
C PRO B 231 37.38 -4.03 3.85
N HIS B 232 36.12 -4.31 3.52
CA HIS B 232 35.73 -4.51 2.13
C HIS B 232 36.02 -3.30 1.26
N PRO B 233 35.72 -2.06 1.68
CA PRO B 233 35.97 -0.91 0.80
C PRO B 233 37.42 -0.76 0.38
N LEU B 234 38.39 -1.03 1.27
CA LEU B 234 39.79 -0.89 0.88
C LEU B 234 40.19 -1.92 -0.16
N ILE B 235 39.73 -3.17 0.01
CA ILE B 235 40.01 -4.18 -1.00
C ILE B 235 39.40 -3.79 -2.33
N VAL B 236 38.18 -3.26 -2.30
CA VAL B 236 37.52 -2.84 -3.54
C VAL B 236 38.29 -1.70 -4.19
N LYS B 237 38.75 -0.74 -3.39
CA LYS B 237 39.52 0.38 -3.94
C LYS B 237 40.80 -0.12 -4.59
N LYS B 238 41.50 -1.06 -3.94
CA LYS B 238 42.69 -1.63 -4.55
C LYS B 238 42.36 -2.34 -5.86
N MET B 239 41.22 -3.05 -5.89
CA MET B 239 40.80 -3.71 -7.13
C MET B 239 40.55 -2.69 -8.24
N LEU B 240 39.87 -1.59 -7.92
CA LEU B 240 39.54 -0.60 -8.93
C LEU B 240 40.78 0.12 -9.43
N LEU B 241 41.62 0.59 -8.50
CA LEU B 241 42.87 1.28 -8.86
C LEU B 241 43.93 0.23 -9.12
N ALA B 242 44.04 -0.17 -10.38
CA ALA B 242 45.03 -1.15 -10.80
C ALA B 242 45.59 -0.75 -12.16
N SER B 243 46.83 -1.15 -12.42
CA SER B 243 47.48 -0.85 -13.69
C SER B 243 47.24 -1.96 -14.72
N ASN B 244 47.20 -3.21 -14.28
CA ASN B 244 46.99 -4.36 -15.15
C ASN B 244 45.66 -5.02 -14.82
N LEU B 245 44.92 -5.39 -15.86
CA LEU B 245 43.66 -6.09 -15.66
C LEU B 245 43.87 -7.42 -14.95
N GLU B 246 45.02 -8.06 -15.18
CA GLU B 246 45.31 -9.33 -14.52
C GLU B 246 45.36 -9.16 -13.01
N ASP B 247 45.98 -8.09 -12.53
CA ASP B 247 46.05 -7.87 -11.08
C ASP B 247 44.67 -7.63 -10.49
N SER B 248 43.83 -6.85 -11.18
CA SER B 248 42.47 -6.62 -10.69
C SER B 248 41.68 -7.91 -10.66
N ILE B 249 41.80 -8.73 -11.69
CA ILE B 249 41.11 -10.02 -11.71
C ILE B 249 41.59 -10.91 -10.57
N GLN B 250 42.90 -10.93 -10.33
CA GLN B 250 43.44 -11.74 -9.24
C GLN B 250 42.90 -11.27 -7.90
N ILE B 251 42.85 -9.95 -7.70
CA ILE B 251 42.31 -9.42 -6.45
C ILE B 251 40.85 -9.81 -6.30
N LEU B 252 40.06 -9.64 -7.36
CA LEU B 252 38.64 -9.97 -7.28
C LEU B 252 38.43 -11.44 -6.95
N ARG B 253 39.20 -12.32 -7.58
CA ARG B 253 39.04 -13.76 -7.34
C ARG B 253 39.49 -14.13 -5.93
N THR B 254 40.76 -13.88 -5.61
CA THR B 254 41.31 -14.38 -4.36
C THR B 254 40.70 -13.67 -3.14
N ASP B 255 40.66 -12.34 -3.17
CA ASP B 255 40.31 -11.58 -1.97
C ASP B 255 38.81 -11.35 -1.82
N LEU B 256 38.03 -11.43 -2.89
CA LEU B 256 36.60 -11.14 -2.82
C LEU B 256 35.73 -12.35 -3.15
N TRP B 257 35.93 -12.98 -4.29
CA TRP B 257 35.04 -14.07 -4.70
C TRP B 257 35.24 -15.30 -3.83
N LYS B 258 36.49 -15.70 -3.61
CA LYS B 258 36.77 -16.91 -2.85
C LYS B 258 36.53 -16.73 -1.35
N LYS B 259 36.41 -15.49 -0.87
CA LYS B 259 36.14 -15.24 0.54
C LYS B 259 34.67 -15.25 0.89
N GLY B 260 33.78 -15.32 -0.11
CA GLY B 260 32.35 -15.42 0.15
C GLY B 260 31.65 -14.08 0.14
N TYR B 261 31.97 -13.22 -0.82
CA TYR B 261 31.32 -11.94 -0.99
C TYR B 261 30.38 -12.00 -2.18
N SER B 262 29.14 -11.57 -1.97
CA SER B 262 28.15 -11.59 -3.04
C SER B 262 28.48 -10.54 -4.10
N SER B 263 28.05 -10.82 -5.34
CA SER B 263 28.33 -9.90 -6.44
C SER B 263 27.66 -8.55 -6.22
N ILE B 264 26.44 -8.56 -5.68
CA ILE B 264 25.72 -7.30 -5.46
C ILE B 264 26.47 -6.41 -4.47
N ASP B 265 26.98 -7.01 -3.39
CA ASP B 265 27.76 -6.23 -2.43
C ASP B 265 29.01 -5.65 -3.09
N ILE B 266 29.68 -6.45 -3.92
CA ILE B 266 30.89 -5.97 -4.59
C ILE B 266 30.57 -4.79 -5.49
N VAL B 267 29.48 -4.89 -6.26
CA VAL B 267 29.12 -3.80 -7.17
C VAL B 267 28.75 -2.54 -6.40
N THR B 268 27.96 -2.68 -5.32
CA THR B 268 27.58 -1.50 -4.55
C THR B 268 28.79 -0.83 -3.93
N THR B 269 29.71 -1.60 -3.36
CA THR B 269 30.90 -1.00 -2.77
C THR B 269 31.81 -0.40 -3.84
N SER B 270 31.85 -1.02 -5.03
CA SER B 270 32.62 -0.44 -6.12
C SER B 270 32.07 0.93 -6.51
N PHE B 271 30.74 1.04 -6.61
CA PHE B 271 30.13 2.34 -6.91
C PHE B 271 30.45 3.35 -5.82
N ARG B 272 30.33 2.94 -4.56
CA ARG B 272 30.60 3.87 -3.46
C ARG B 272 32.05 4.34 -3.48
N VAL B 273 32.98 3.43 -3.74
CA VAL B 273 34.40 3.81 -3.79
C VAL B 273 34.65 4.76 -4.96
N THR B 274 34.12 4.42 -6.14
CA THR B 274 34.32 5.27 -7.30
C THR B 274 33.75 6.67 -7.08
N LYS B 275 32.68 6.78 -6.29
CA LYS B 275 32.13 8.10 -6.00
C LYS B 275 33.15 8.99 -5.30
N ASN B 276 33.85 8.47 -4.31
CA ASN B 276 34.73 9.26 -3.46
C ASN B 276 36.19 9.22 -3.91
N LEU B 277 36.53 8.44 -4.93
CA LEU B 277 37.90 8.41 -5.41
C LEU B 277 38.24 9.73 -6.10
N ALA B 278 39.39 10.30 -5.74
CA ALA B 278 39.91 11.51 -6.40
C ALA B 278 41.36 11.24 -6.78
N GLN B 279 41.54 10.56 -7.91
CA GLN B 279 42.86 10.37 -8.50
C GLN B 279 42.89 10.54 -10.01
N VAL B 280 41.77 10.40 -10.71
CA VAL B 280 41.74 10.45 -12.17
C VAL B 280 40.84 11.59 -12.62
N LYS B 281 40.74 11.78 -13.94
CA LYS B 281 39.92 12.85 -14.47
C LYS B 281 38.43 12.53 -14.30
N GLU B 282 37.61 13.56 -14.48
CA GLU B 282 36.17 13.39 -14.31
C GLU B 282 35.60 12.41 -15.33
N SER B 283 36.09 12.46 -16.56
CA SER B 283 35.56 11.58 -17.61
C SER B 283 35.81 10.12 -17.28
N VAL B 284 37.00 9.79 -16.78
CA VAL B 284 37.32 8.40 -16.46
C VAL B 284 36.41 7.89 -15.35
N ARG B 285 36.26 8.68 -14.28
CA ARG B 285 35.37 8.27 -13.19
C ARG B 285 33.94 8.13 -13.69
N LEU B 286 33.52 9.01 -14.58
CA LEU B 286 32.16 8.94 -15.13
C LEU B 286 31.96 7.64 -15.89
N GLU B 287 32.91 7.27 -16.73
CA GLU B 287 32.80 6.03 -17.49
C GLU B 287 32.81 4.82 -16.56
N MET B 288 33.64 4.85 -15.51
CA MET B 288 33.62 3.76 -14.54
C MET B 288 32.26 3.64 -13.87
N ILE B 289 31.65 4.77 -13.49
CA ILE B 289 30.33 4.73 -12.89
C ILE B 289 29.32 4.17 -13.87
N LYS B 290 29.43 4.52 -15.14
CA LYS B 290 28.52 4.00 -16.16
C LYS B 290 28.62 2.48 -16.26
N GLU B 291 29.85 1.96 -16.34
CA GLU B 291 30.03 0.51 -16.43
C GLU B 291 29.54 -0.19 -15.17
N ILE B 292 29.79 0.42 -14.01
CA ILE B 292 29.32 -0.16 -12.75
C ILE B 292 27.79 -0.22 -12.74
N GLY B 293 27.13 0.82 -13.24
CA GLY B 293 25.68 0.79 -13.31
C GLY B 293 25.15 -0.27 -14.24
N LEU B 294 25.80 -0.43 -15.41
CA LEU B 294 25.38 -1.49 -16.31
C LEU B 294 25.53 -2.86 -15.66
N THR B 295 26.64 -3.09 -14.96
CA THR B 295 26.83 -4.36 -14.28
C THR B 295 25.80 -4.56 -13.16
N HIS B 296 25.48 -3.50 -12.42
CA HIS B 296 24.46 -3.59 -11.38
C HIS B 296 23.11 -3.97 -11.97
N MET B 297 22.76 -3.36 -13.10
CA MET B 297 21.53 -3.75 -13.80
C MET B 297 21.57 -5.23 -14.15
N ARG B 298 22.64 -5.68 -14.81
CA ARG B 298 22.70 -7.07 -15.22
C ARG B 298 22.69 -8.03 -14.05
N ILE B 299 23.11 -7.58 -12.86
CA ILE B 299 23.09 -8.46 -11.69
C ILE B 299 21.71 -8.50 -11.05
N LEU B 300 21.03 -7.35 -11.00
CA LEU B 300 19.71 -7.31 -10.36
C LEU B 300 18.70 -8.20 -11.06
N GLU B 301 18.89 -8.51 -12.33
CA GLU B 301 17.96 -9.34 -13.08
C GLU B 301 18.24 -10.82 -12.94
N GLY B 302 19.29 -11.21 -12.21
CA GLY B 302 19.52 -12.60 -11.91
C GLY B 302 20.92 -13.10 -12.27
N VAL B 303 21.61 -12.41 -13.15
CA VAL B 303 22.95 -12.85 -13.60
C VAL B 303 23.94 -12.22 -12.63
N GLY B 304 24.07 -12.83 -11.47
CA GLY B 304 25.06 -12.42 -10.47
C GLY B 304 26.32 -13.25 -10.53
N THR B 305 26.88 -13.44 -11.72
CA THR B 305 28.00 -14.34 -11.91
C THR B 305 29.32 -13.59 -11.85
N TYR B 306 30.39 -14.35 -11.62
CA TYR B 306 31.73 -13.78 -11.59
C TYR B 306 32.14 -13.21 -12.95
N LEU B 307 31.60 -13.77 -14.03
CA LEU B 307 31.93 -13.28 -15.36
C LEU B 307 31.47 -11.84 -15.54
N GLN B 308 30.32 -11.48 -14.95
CA GLN B 308 29.85 -10.10 -15.05
C GLN B 308 30.82 -9.15 -14.38
N LEU B 309 31.32 -9.49 -13.19
CA LEU B 309 32.29 -8.64 -12.52
C LEU B 309 33.60 -8.57 -13.30
N ALA B 310 34.02 -9.69 -13.89
CA ALA B 310 35.22 -9.67 -14.73
C ALA B 310 35.05 -8.73 -15.91
N SER B 311 33.88 -8.78 -16.56
CA SER B 311 33.62 -7.88 -17.68
C SER B 311 33.58 -6.42 -17.22
N MET B 312 33.01 -6.16 -16.05
CA MET B 312 33.03 -4.80 -15.52
C MET B 312 34.45 -4.31 -15.31
N LEU B 313 35.30 -5.16 -14.73
CA LEU B 313 36.69 -4.78 -14.52
C LEU B 313 37.40 -4.55 -15.85
N ALA B 314 37.13 -5.39 -16.84
CA ALA B 314 37.75 -5.22 -18.15
C ALA B 314 37.34 -3.90 -18.80
N LYS B 315 36.05 -3.56 -18.72
CA LYS B 315 35.60 -2.29 -19.28
C LYS B 315 36.22 -1.11 -18.54
N ILE B 316 36.31 -1.19 -17.22
CA ILE B 316 36.94 -0.11 -16.45
C ILE B 316 38.39 0.05 -16.86
N HIS B 317 39.12 -1.06 -17.00
CA HIS B 317 40.53 -0.98 -17.39
C HIS B 317 40.68 -0.41 -18.78
N LYS B 318 39.81 -0.81 -19.72
CA LYS B 318 39.86 -0.23 -21.05
C LYS B 318 39.60 1.26 -21.02
N LEU B 319 38.66 1.71 -20.18
CA LEU B 319 38.40 3.13 -20.05
C LEU B 319 39.61 3.87 -19.49
N ASN B 320 40.29 3.27 -18.52
CA ASN B 320 41.47 3.92 -17.95
C ASN B 320 42.54 4.15 -19.00
N ASN B 321 42.78 3.15 -19.86
CA ASN B 321 43.77 3.28 -20.92
C ASN B 321 43.23 4.13 -22.06
N SER C 9 9.43 -41.25 10.26
CA SER C 9 10.86 -41.37 10.56
C SER C 9 11.67 -40.37 9.75
N LYS C 10 12.97 -40.32 10.01
CA LYS C 10 13.85 -39.41 9.29
C LYS C 10 14.27 -39.95 7.92
N GLU C 11 14.06 -41.24 7.65
CA GLU C 11 14.40 -41.77 6.33
C GLU C 11 13.56 -41.12 5.24
N ASN C 12 12.35 -40.67 5.57
CA ASN C 12 11.51 -40.03 4.57
C ASN C 12 12.07 -38.67 4.15
N LEU C 13 12.75 -37.98 5.06
CA LEU C 13 13.22 -36.64 4.78
C LEU C 13 14.28 -36.64 3.67
N PRO C 14 14.36 -35.55 2.90
CA PRO C 14 15.46 -35.44 1.93
C PRO C 14 16.81 -35.36 2.63
N TRP C 15 17.85 -35.81 1.93
CA TRP C 15 19.18 -35.86 2.53
C TRP C 15 19.63 -34.47 3.00
N VAL C 16 19.17 -33.41 2.33
CA VAL C 16 19.52 -32.07 2.77
C VAL C 16 19.01 -31.77 4.16
N GLU C 17 17.98 -32.50 4.61
CA GLU C 17 17.44 -32.34 5.94
C GLU C 17 17.71 -33.51 6.87
N LYS C 18 17.78 -34.74 6.33
CA LYS C 18 18.13 -35.88 7.15
C LYS C 18 19.54 -35.74 7.71
N TYR C 19 20.46 -35.22 6.92
CA TYR C 19 21.85 -35.05 7.31
C TYR C 19 22.15 -33.65 7.83
N ARG C 20 21.15 -32.98 8.39
CA ARG C 20 21.38 -31.68 9.01
C ARG C 20 22.18 -31.88 10.30
N PRO C 21 23.29 -31.18 10.48
CA PRO C 21 24.08 -31.37 11.71
C PRO C 21 23.23 -31.15 12.96
N GLU C 22 23.39 -32.06 13.92
CA GLU C 22 22.71 -31.97 15.20
C GLU C 22 23.57 -31.32 16.27
N THR C 23 24.89 -31.43 16.16
CA THR C 23 25.82 -30.82 17.09
C THR C 23 26.92 -30.11 16.30
N LEU C 24 27.55 -29.14 16.96
CA LEU C 24 28.63 -28.39 16.31
C LEU C 24 29.77 -29.30 15.88
N ASP C 25 29.91 -30.46 16.54
CA ASP C 25 30.96 -31.40 16.15
C ASP C 25 30.81 -31.85 14.71
N GLU C 26 29.57 -31.94 14.22
CA GLU C 26 29.31 -32.36 12.85
C GLU C 26 29.48 -31.22 11.84
N VAL C 27 29.69 -30.00 12.30
CA VAL C 27 29.89 -28.86 11.40
C VAL C 27 31.34 -28.88 10.94
N TYR C 28 31.55 -28.87 9.62
CA TYR C 28 32.87 -28.93 9.03
C TYR C 28 33.12 -27.71 8.17
N GLY C 29 34.39 -27.31 8.09
CA GLY C 29 34.80 -26.21 7.25
C GLY C 29 34.79 -24.85 7.92
N GLN C 30 34.29 -24.75 9.15
CA GLN C 30 34.23 -23.47 9.85
C GLN C 30 34.99 -23.56 11.16
N ASN C 31 36.20 -24.13 11.11
CA ASN C 31 36.91 -24.46 12.34
C ASN C 31 37.19 -23.23 13.18
N GLU C 32 37.64 -22.14 12.55
CA GLU C 32 37.97 -20.94 13.32
C GLU C 32 36.72 -20.38 14.00
N VAL C 33 35.61 -20.27 13.27
CA VAL C 33 34.38 -19.76 13.85
C VAL C 33 33.88 -20.69 14.94
N ILE C 34 33.94 -22.01 14.69
CA ILE C 34 33.46 -22.97 15.67
C ILE C 34 34.26 -22.84 16.96
N THR C 35 35.60 -22.79 16.85
CA THR C 35 36.44 -22.67 18.05
C THR C 35 36.18 -21.36 18.78
N THR C 36 36.02 -20.26 18.04
CA THR C 36 35.75 -18.99 18.69
C THR C 36 34.43 -19.04 19.46
N VAL C 37 33.40 -19.66 18.87
CA VAL C 37 32.11 -19.74 19.56
C VAL C 37 32.20 -20.67 20.77
N ARG C 38 32.96 -21.77 20.64
CA ARG C 38 33.18 -22.64 21.80
C ARG C 38 33.80 -21.85 22.95
N LYS C 39 34.84 -21.07 22.65
CA LYS C 39 35.49 -20.29 23.70
C LYS C 39 34.53 -19.26 24.29
N PHE C 40 33.74 -18.60 23.43
CA PHE C 40 32.78 -17.63 23.92
C PHE C 40 31.80 -18.26 24.90
N VAL C 41 31.24 -19.41 24.54
CA VAL C 41 30.25 -20.04 25.42
C VAL C 41 30.91 -20.57 26.68
N ASP C 42 32.11 -21.13 26.56
CA ASP C 42 32.79 -21.69 27.73
C ASP C 42 33.11 -20.59 28.74
N GLU C 43 33.57 -19.42 28.26
CA GLU C 43 33.86 -18.30 29.12
C GLU C 43 32.65 -17.43 29.40
N GLY C 44 31.49 -17.75 28.82
CA GLY C 44 30.30 -16.95 29.04
C GLY C 44 30.45 -15.52 28.57
N LYS C 45 31.05 -15.32 27.40
CA LYS C 45 31.29 -13.99 26.84
C LYS C 45 30.91 -13.96 25.37
N LEU C 46 29.74 -14.51 25.05
CA LEU C 46 29.26 -14.54 23.68
C LEU C 46 28.72 -13.18 23.30
N PRO C 47 29.25 -12.52 22.27
CA PRO C 47 28.71 -11.23 21.85
C PRO C 47 27.66 -11.38 20.76
N HIS C 48 27.02 -10.26 20.42
CA HIS C 48 26.07 -10.25 19.31
C HIS C 48 26.76 -10.74 18.04
N LEU C 49 26.10 -11.66 17.34
CA LEU C 49 26.71 -12.37 16.23
C LEU C 49 26.06 -11.97 14.92
N LEU C 50 26.88 -11.87 13.86
CA LEU C 50 26.39 -11.60 12.51
C LEU C 50 27.11 -12.58 11.58
N PHE C 51 26.43 -13.67 11.25
CA PHE C 51 26.96 -14.68 10.33
C PHE C 51 26.66 -14.25 8.91
N TYR C 52 27.68 -13.82 8.19
CA TYR C 52 27.54 -13.37 6.81
C TYR C 52 28.21 -14.37 5.88
N GLY C 53 27.47 -14.84 4.88
CA GLY C 53 28.02 -15.80 3.95
C GLY C 53 27.06 -16.21 2.85
N PRO C 54 27.58 -16.93 1.86
CA PRO C 54 26.73 -17.37 0.74
C PRO C 54 25.83 -18.52 1.15
N PRO C 55 24.92 -18.94 0.26
CA PRO C 55 23.98 -20.00 0.62
C PRO C 55 24.67 -21.32 0.93
N GLY C 56 24.10 -22.05 1.88
CA GLY C 56 24.54 -23.40 2.18
C GLY C 56 25.95 -23.52 2.70
N THR C 57 26.33 -22.66 3.64
CA THR C 57 27.64 -22.72 4.28
C THR C 57 27.58 -23.17 5.72
N GLY C 58 26.40 -23.35 6.29
CA GLY C 58 26.24 -23.84 7.63
C GLY C 58 25.96 -22.78 8.68
N LYS C 59 25.33 -21.67 8.31
CA LYS C 59 25.02 -20.64 9.29
C LYS C 59 23.83 -21.03 10.16
N THR C 60 22.71 -21.40 9.52
CA THR C 60 21.55 -21.84 10.28
C THR C 60 21.87 -23.10 11.08
N SER C 61 22.56 -24.05 10.46
CA SER C 61 22.94 -25.27 11.18
C SER C 61 23.85 -24.94 12.37
N THR C 62 24.83 -24.06 12.16
CA THR C 62 25.76 -23.71 13.22
C THR C 62 25.04 -23.06 14.39
N ILE C 63 24.15 -22.10 14.10
CA ILE C 63 23.46 -21.40 15.17
C ILE C 63 22.49 -22.33 15.90
N VAL C 64 21.83 -23.22 15.16
CA VAL C 64 20.92 -24.17 15.81
C VAL C 64 21.70 -25.10 16.73
N ALA C 65 22.84 -25.60 16.26
CA ALA C 65 23.65 -26.49 17.09
C ALA C 65 24.19 -25.75 18.31
N LEU C 66 24.58 -24.48 18.14
CA LEU C 66 25.04 -23.69 19.27
C LEU C 66 23.93 -23.54 20.30
N ALA C 67 22.71 -23.23 19.85
CA ALA C 67 21.59 -23.10 20.78
C ALA C 67 21.31 -24.41 21.49
N ARG C 68 21.39 -25.53 20.77
CA ARG C 68 21.21 -26.83 21.41
C ARG C 68 22.25 -27.04 22.49
N GLU C 69 23.52 -26.73 22.18
CA GLU C 69 24.58 -26.94 23.16
C GLU C 69 24.39 -26.07 24.39
N ILE C 70 24.02 -24.80 24.20
CA ILE C 70 23.89 -23.89 25.33
C ILE C 70 22.77 -24.35 26.26
N TYR C 71 21.61 -24.70 25.70
CA TYR C 71 20.43 -25.04 26.48
C TYR C 71 20.19 -26.55 26.53
N GLY C 72 20.10 -27.20 25.37
CA GLY C 72 19.84 -28.62 25.32
C GLY C 72 18.42 -28.94 24.95
N LYS C 73 17.62 -29.39 25.93
CA LYS C 73 16.22 -29.73 25.70
C LYS C 73 15.29 -28.53 25.83
N ASN C 74 15.79 -27.39 26.30
CA ASN C 74 14.98 -26.19 26.47
C ASN C 74 15.00 -25.29 25.24
N TYR C 75 15.68 -25.71 24.17
CA TYR C 75 15.80 -24.87 22.98
C TYR C 75 14.48 -24.30 22.52
N SER C 76 13.36 -24.97 22.84
CA SER C 76 12.06 -24.49 22.37
C SER C 76 11.74 -23.11 22.94
N ASN C 77 11.85 -22.95 24.26
CA ASN C 77 11.46 -21.72 24.92
C ASN C 77 12.65 -20.82 25.30
N MET C 78 13.88 -21.23 24.97
CA MET C 78 15.05 -20.39 25.20
C MET C 78 15.45 -19.58 23.99
N VAL C 79 14.97 -19.93 22.81
CA VAL C 79 15.39 -19.31 21.56
C VAL C 79 14.16 -18.88 20.77
N LEU C 80 14.19 -17.67 20.22
CA LEU C 80 13.15 -17.16 19.35
C LEU C 80 13.73 -16.99 17.95
N GLU C 81 13.19 -17.73 16.99
CA GLU C 81 13.70 -17.73 15.62
C GLU C 81 12.68 -17.09 14.70
N LEU C 82 13.15 -16.13 13.90
CA LEU C 82 12.31 -15.47 12.90
C LEU C 82 13.05 -15.44 11.57
N ASN C 83 12.33 -15.78 10.50
CA ASN C 83 12.89 -15.84 9.16
C ASN C 83 12.02 -15.05 8.20
N ALA C 84 12.39 -15.09 6.91
CA ALA C 84 11.66 -14.34 5.90
C ALA C 84 10.23 -14.85 5.77
N SER C 85 10.04 -16.16 5.88
CA SER C 85 8.70 -16.73 5.71
C SER C 85 7.71 -16.13 6.70
N ASP C 86 8.18 -15.68 7.85
CA ASP C 86 7.33 -15.03 8.84
C ASP C 86 7.32 -13.52 8.63
N ASP C 87 6.30 -12.88 9.18
CA ASP C 87 6.21 -11.42 9.09
C ASP C 87 7.23 -10.79 10.02
N ARG C 88 8.03 -9.88 9.48
CA ARG C 88 9.11 -9.22 10.22
C ARG C 88 9.10 -7.73 9.94
N GLY C 89 7.92 -7.12 10.03
CA GLY C 89 7.79 -5.69 9.86
C GLY C 89 8.18 -4.94 11.11
N ILE C 90 8.06 -3.62 11.04
CA ILE C 90 8.40 -2.77 12.18
C ILE C 90 7.50 -3.09 13.36
N ASP C 91 6.22 -3.39 13.09
CA ASP C 91 5.30 -3.72 14.17
C ASP C 91 5.72 -5.00 14.89
N VAL C 92 6.12 -6.02 14.12
CA VAL C 92 6.57 -7.27 14.73
C VAL C 92 7.79 -7.03 15.60
N VAL C 93 8.76 -6.27 15.08
CA VAL C 93 9.96 -5.97 15.85
C VAL C 93 9.59 -5.22 17.13
N ARG C 94 8.62 -4.30 17.02
CA ARG C 94 8.28 -3.45 18.15
C ARG C 94 7.50 -4.19 19.23
N ASN C 95 6.77 -5.26 18.88
CA ASN C 95 5.98 -5.98 19.87
C ASN C 95 6.54 -7.35 20.22
N GLN C 96 6.69 -8.26 19.26
CA GLN C 96 7.03 -9.63 19.61
C GLN C 96 8.47 -9.72 20.13
N ILE C 97 9.42 -9.17 19.38
CA ILE C 97 10.82 -9.25 19.78
C ILE C 97 11.04 -8.47 21.06
N LYS C 98 10.42 -7.30 21.19
CA LYS C 98 10.59 -6.51 22.40
C LYS C 98 10.05 -7.25 23.62
N ASP C 99 8.89 -7.90 23.49
CA ASP C 99 8.34 -8.66 24.61
C ASP C 99 9.24 -9.84 24.96
N PHE C 100 9.76 -10.54 23.95
CA PHE C 100 10.62 -11.68 24.22
C PHE C 100 11.91 -11.26 24.92
N ALA C 101 12.51 -10.16 24.48
CA ALA C 101 13.80 -9.73 25.01
C ALA C 101 13.70 -9.00 26.34
N SER C 102 12.49 -8.60 26.75
CA SER C 102 12.30 -7.84 27.97
C SER C 102 11.72 -8.67 29.11
N THR C 103 11.77 -10.00 29.00
CA THR C 103 11.23 -10.89 30.02
C THR C 103 12.36 -11.70 30.66
N ARG C 104 12.13 -12.10 31.91
CA ARG C 104 13.12 -12.85 32.65
C ARG C 104 13.31 -14.25 32.07
N GLN C 105 14.19 -15.02 32.69
CA GLN C 105 14.58 -16.33 32.19
C GLN C 105 13.79 -17.44 32.86
N ILE C 106 13.55 -18.52 32.12
CA ILE C 106 12.81 -19.65 32.67
C ILE C 106 13.63 -20.35 33.75
N PHE C 107 14.91 -20.62 33.48
CA PHE C 107 15.78 -21.31 34.41
C PHE C 107 17.15 -20.66 34.52
N SER C 108 17.25 -19.37 34.22
CA SER C 108 18.52 -18.65 34.28
C SER C 108 19.59 -19.34 33.42
N LYS C 109 19.19 -19.79 32.24
CA LYS C 109 20.09 -20.48 31.33
C LYS C 109 20.96 -19.49 30.55
N GLY C 110 21.65 -18.61 31.27
CA GLY C 110 22.56 -17.68 30.64
C GLY C 110 21.89 -16.47 30.03
N PHE C 111 21.21 -16.68 28.90
CA PHE C 111 20.59 -15.58 28.17
C PHE C 111 19.59 -16.16 27.18
N LYS C 112 18.80 -15.27 26.59
CA LYS C 112 17.82 -15.62 25.57
C LYS C 112 18.36 -15.24 24.21
N LEU C 113 18.29 -16.19 23.26
CA LEU C 113 18.83 -16.00 21.92
C LEU C 113 17.72 -15.68 20.95
N ILE C 114 17.99 -14.76 20.03
CA ILE C 114 17.08 -14.39 18.96
C ILE C 114 17.81 -14.61 17.65
N ILE C 115 17.30 -15.52 16.83
CA ILE C 115 17.91 -15.89 15.57
C ILE C 115 17.10 -15.22 14.46
N LEU C 116 17.63 -14.11 13.93
CA LEU C 116 17.00 -13.40 12.83
C LEU C 116 17.54 -13.93 11.50
N ASP C 117 17.07 -15.12 11.14
CA ASP C 117 17.49 -15.76 9.90
C ASP C 117 17.05 -14.93 8.70
N GLU C 118 17.90 -14.86 7.69
CA GLU C 118 17.63 -14.09 6.48
C GLU C 118 17.24 -12.66 6.82
N ALA C 119 18.01 -12.05 7.73
CA ALA C 119 17.73 -10.68 8.14
C ALA C 119 17.98 -9.66 7.03
N ASP C 120 18.68 -10.05 5.97
CA ASP C 120 18.91 -9.14 4.86
C ASP C 120 17.65 -8.81 4.10
N ALA C 121 16.55 -9.54 4.34
CA ALA C 121 15.26 -9.24 3.74
C ALA C 121 14.40 -8.32 4.60
N MET C 122 14.87 -7.93 5.79
CA MET C 122 14.09 -7.06 6.65
C MET C 122 14.09 -5.63 6.11
N THR C 123 13.03 -4.90 6.45
CA THR C 123 12.90 -3.52 6.01
C THR C 123 13.83 -2.60 6.80
N ASN C 124 14.15 -1.45 6.21
CA ASN C 124 15.04 -0.51 6.87
C ASN C 124 14.45 0.00 8.17
N ALA C 125 13.14 0.27 8.19
CA ALA C 125 12.50 0.73 9.43
C ALA C 125 12.59 -0.35 10.51
N ALA C 126 12.39 -1.61 10.13
CA ALA C 126 12.50 -2.69 11.10
C ALA C 126 13.91 -2.77 11.69
N GLN C 127 14.93 -2.64 10.85
CA GLN C 127 16.30 -2.67 11.35
C GLN C 127 16.58 -1.48 12.26
N ASN C 128 16.08 -0.30 11.89
CA ASN C 128 16.28 0.88 12.73
C ASN C 128 15.64 0.69 14.10
N ALA C 129 14.43 0.13 14.12
CA ALA C 129 13.78 -0.13 15.40
C ALA C 129 14.51 -1.21 16.19
N LEU C 130 15.05 -2.22 15.50
CA LEU C 130 15.70 -3.34 16.17
C LEU C 130 17.06 -2.98 16.74
N ARG C 131 17.73 -1.97 16.18
CA ARG C 131 19.06 -1.60 16.68
C ARG C 131 19.01 -1.22 18.15
N ARG C 132 18.06 -0.36 18.52
CA ARG C 132 17.96 0.06 19.91
C ARG C 132 17.40 -1.01 20.82
N VAL C 133 16.59 -1.94 20.28
CA VAL C 133 16.20 -3.11 21.06
C VAL C 133 17.43 -3.94 21.39
N ILE C 134 18.30 -4.14 20.41
CA ILE C 134 19.54 -4.88 20.63
C ILE C 134 20.38 -4.20 21.71
N GLU C 135 20.54 -2.88 21.60
CA GLU C 135 21.37 -2.17 22.57
C GLU C 135 20.75 -2.21 23.98
N ARG C 136 19.44 -2.01 24.09
CA ARG C 136 18.83 -1.85 25.40
C ARG C 136 18.85 -3.15 26.20
N TYR C 137 18.48 -4.26 25.56
CA TYR C 137 18.37 -5.56 26.22
C TYR C 137 19.56 -6.42 25.78
N THR C 138 20.66 -6.31 26.53
CA THR C 138 21.84 -7.11 26.28
C THR C 138 22.35 -7.84 27.51
N LYS C 139 21.88 -7.49 28.71
CA LYS C 139 22.31 -8.20 29.91
C LYS C 139 21.88 -9.65 29.88
N ASN C 140 20.65 -9.93 29.45
CA ASN C 140 20.11 -11.28 29.43
C ASN C 140 19.39 -11.54 28.11
N THR C 141 19.98 -11.09 27.01
CA THR C 141 19.43 -11.34 25.68
C THR C 141 20.55 -11.23 24.67
N ARG C 142 20.51 -12.08 23.65
CA ARG C 142 21.55 -12.12 22.63
C ARG C 142 20.90 -12.17 21.26
N PHE C 143 21.59 -11.61 20.28
CA PHE C 143 21.08 -11.50 18.91
C PHE C 143 22.06 -12.16 17.93
N CYS C 144 21.52 -12.98 17.05
CA CYS C 144 22.27 -13.55 15.93
C CYS C 144 21.56 -13.17 14.64
N VAL C 145 22.31 -12.59 13.71
CA VAL C 145 21.78 -12.11 12.44
C VAL C 145 22.49 -12.87 11.32
N LEU C 146 21.72 -13.61 10.53
CA LEU C 146 22.25 -14.38 9.41
C LEU C 146 21.94 -13.64 8.12
N ALA C 147 22.95 -13.51 7.26
CA ALA C 147 22.78 -12.74 6.04
C ALA C 147 23.65 -13.29 4.92
N ASN C 148 23.19 -13.08 3.68
CA ASN C 148 23.98 -13.33 2.49
C ASN C 148 24.37 -12.06 1.75
N TYR C 149 23.71 -10.93 2.03
CA TYR C 149 23.99 -9.66 1.39
C TYR C 149 24.08 -8.60 2.48
N ALA C 150 25.28 -8.07 2.70
CA ALA C 150 25.50 -7.12 3.77
C ALA C 150 24.95 -5.73 3.42
N HIS C 151 24.97 -5.35 2.15
CA HIS C 151 24.57 -4.01 1.76
C HIS C 151 23.10 -3.73 2.08
N LYS C 152 22.28 -4.76 2.26
CA LYS C 152 20.91 -4.59 2.72
C LYS C 152 20.81 -4.31 4.21
N LEU C 153 21.91 -4.40 4.95
CA LEU C 153 21.91 -4.17 6.38
C LEU C 153 22.38 -2.75 6.68
N THR C 154 21.69 -2.10 7.61
CA THR C 154 22.03 -0.73 7.97
C THR C 154 23.42 -0.68 8.60
N PRO C 155 24.17 0.41 8.39
CA PRO C 155 25.52 0.48 8.98
C PRO C 155 25.54 0.34 10.48
N ALA C 156 24.55 0.89 11.18
CA ALA C 156 24.52 0.80 12.63
C ALA C 156 24.36 -0.64 13.09
N LEU C 157 23.47 -1.39 12.43
CA LEU C 157 23.29 -2.80 12.79
C LEU C 157 24.56 -3.58 12.54
N LEU C 158 25.25 -3.31 11.43
CA LEU C 158 26.53 -3.96 11.17
C LEU C 158 27.54 -3.63 12.25
N SER C 159 27.60 -2.37 12.68
CA SER C 159 28.57 -1.96 13.68
C SER C 159 28.28 -2.61 15.03
N ARG C 160 27.01 -2.79 15.37
CA ARG C 160 26.65 -3.28 16.70
C ARG C 160 26.71 -4.80 16.81
N CYS C 161 27.06 -5.52 15.74
CA CYS C 161 27.14 -6.97 15.75
C CYS C 161 28.54 -7.40 15.36
N THR C 162 29.11 -8.33 16.13
CA THR C 162 30.41 -8.89 15.77
C THR C 162 30.25 -9.80 14.55
N ARG C 163 31.04 -9.53 13.52
CA ARG C 163 30.87 -10.16 12.22
C ARG C 163 31.71 -11.43 12.12
N PHE C 164 31.08 -12.51 11.67
CA PHE C 164 31.76 -13.76 11.36
C PHE C 164 31.44 -14.12 9.91
N ARG C 165 32.48 -14.31 9.11
CA ARG C 165 32.34 -14.59 7.68
C ARG C 165 32.42 -16.10 7.47
N PHE C 166 31.38 -16.66 6.86
CA PHE C 166 31.32 -18.09 6.54
C PHE C 166 31.85 -18.27 5.13
N GLN C 167 33.12 -18.66 5.02
CA GLN C 167 33.74 -18.85 3.73
C GLN C 167 33.13 -20.07 3.03
N PRO C 168 33.28 -20.16 1.71
CA PRO C 168 32.85 -21.38 1.02
C PRO C 168 33.55 -22.59 1.60
N LEU C 169 32.81 -23.68 1.73
CA LEU C 169 33.31 -24.85 2.43
C LEU C 169 34.57 -25.37 1.73
N PRO C 170 35.67 -25.59 2.45
CA PRO C 170 36.87 -26.14 1.81
C PRO C 170 36.63 -27.57 1.34
N GLN C 171 37.56 -28.03 0.49
CA GLN C 171 37.43 -29.38 -0.08
C GLN C 171 37.46 -30.45 1.00
N GLU C 172 38.34 -30.29 2.00
CA GLU C 172 38.49 -31.33 3.02
C GLU C 172 37.20 -31.52 3.81
N ALA C 173 36.52 -30.43 4.16
CA ALA C 173 35.28 -30.56 4.91
C ALA C 173 34.21 -31.29 4.11
N ILE C 174 34.09 -30.96 2.82
CA ILE C 174 33.08 -31.60 1.99
C ILE C 174 33.41 -33.07 1.79
N GLU C 175 34.70 -33.40 1.63
CA GLU C 175 35.09 -34.81 1.53
C GLU C 175 34.74 -35.56 2.81
N ARG C 176 35.00 -34.94 3.96
CA ARG C 176 34.64 -35.59 5.23
C ARG C 176 33.15 -35.82 5.33
N ARG C 177 32.35 -34.83 4.94
CA ARG C 177 30.90 -34.98 5.06
C ARG C 177 30.38 -36.03 4.08
N ILE C 178 30.96 -36.09 2.88
CA ILE C 178 30.59 -37.13 1.92
C ILE C 178 30.93 -38.50 2.48
N ALA C 179 32.10 -38.62 3.10
CA ALA C 179 32.47 -39.91 3.71
C ALA C 179 31.48 -40.29 4.80
N ASN C 180 31.08 -39.33 5.64
CA ASN C 180 30.09 -39.62 6.68
C ASN C 180 28.76 -40.06 6.07
N VAL C 181 28.31 -39.38 5.02
CA VAL C 181 27.06 -39.75 4.37
C VAL C 181 27.15 -41.16 3.81
N LEU C 182 28.26 -41.48 3.14
CA LEU C 182 28.41 -42.81 2.56
C LEU C 182 28.44 -43.88 3.65
N VAL C 183 29.11 -43.60 4.77
CA VAL C 183 29.14 -44.58 5.87
C VAL C 183 27.75 -44.77 6.43
N HIS C 184 27.00 -43.68 6.61
CA HIS C 184 25.65 -43.79 7.19
C HIS C 184 24.75 -44.67 6.33
N GLU C 185 24.79 -44.46 5.01
CA GLU C 185 23.94 -45.18 4.08
C GLU C 185 24.83 -45.86 3.04
N LYS C 186 24.72 -47.19 2.94
CA LYS C 186 25.63 -47.97 2.11
C LYS C 186 25.66 -47.45 0.68
N LEU C 187 26.83 -46.97 0.27
CA LEU C 187 27.01 -46.43 -1.07
C LEU C 187 28.50 -46.22 -1.31
N LYS C 188 28.91 -46.35 -2.56
CA LYS C 188 30.31 -46.21 -2.95
C LYS C 188 30.44 -45.06 -3.95
N LEU C 189 31.44 -44.21 -3.74
CA LEU C 189 31.70 -43.05 -4.58
C LEU C 189 33.13 -43.12 -5.09
N SER C 190 33.30 -43.09 -6.41
CA SER C 190 34.63 -43.17 -6.99
C SER C 190 35.40 -41.88 -6.76
N PRO C 191 36.73 -41.94 -6.64
CA PRO C 191 37.50 -40.70 -6.44
C PRO C 191 37.27 -39.67 -7.53
N ASN C 192 37.20 -40.09 -8.78
CA ASN C 192 36.91 -39.16 -9.86
C ASN C 192 35.50 -38.57 -9.71
N ALA C 193 34.54 -39.40 -9.35
CA ALA C 193 33.19 -38.90 -9.09
C ALA C 193 33.19 -37.90 -7.96
N GLU C 194 33.94 -38.18 -6.89
CA GLU C 194 34.01 -37.25 -5.77
C GLU C 194 34.65 -35.92 -6.21
N LYS C 195 35.70 -35.98 -7.02
CA LYS C 195 36.34 -34.76 -7.49
C LYS C 195 35.40 -33.94 -8.36
N ALA C 196 34.66 -34.60 -9.26
CA ALA C 196 33.70 -33.89 -10.08
C ALA C 196 32.59 -33.27 -9.24
N LEU C 197 32.12 -34.01 -8.22
CA LEU C 197 31.10 -33.48 -7.33
C LEU C 197 31.61 -32.25 -6.60
N ILE C 198 32.84 -32.30 -6.10
CA ILE C 198 33.42 -31.15 -5.43
C ILE C 198 33.51 -29.97 -6.40
N GLU C 199 33.97 -30.22 -7.63
CA GLU C 199 34.12 -29.14 -8.59
C GLU C 199 32.79 -28.47 -8.90
N LEU C 200 31.74 -29.27 -9.09
CA LEU C 200 30.43 -28.70 -9.41
C LEU C 200 29.72 -28.11 -8.19
N SER C 201 30.14 -28.48 -6.99
CA SER C 201 29.48 -27.97 -5.79
C SER C 201 29.71 -26.47 -5.62
N ASN C 202 30.93 -26.00 -5.93
CA ASN C 202 31.29 -24.60 -5.75
C ASN C 202 31.09 -24.17 -4.29
N GLY C 203 31.46 -25.05 -3.36
CA GLY C 203 31.40 -24.72 -1.95
C GLY C 203 30.01 -24.74 -1.35
N ASP C 204 29.05 -25.43 -1.97
CA ASP C 204 27.69 -25.51 -1.47
C ASP C 204 27.40 -26.95 -1.06
N MET C 205 27.05 -27.14 0.22
CA MET C 205 26.76 -28.48 0.71
C MET C 205 25.37 -28.95 0.29
N ARG C 206 24.42 -28.04 0.14
CA ARG C 206 23.09 -28.42 -0.33
C ARG C 206 23.18 -29.07 -1.70
N ARG C 207 23.97 -28.48 -2.61
CA ARG C 207 24.16 -29.08 -3.92
C ARG C 207 24.80 -30.46 -3.79
N VAL C 208 25.78 -30.61 -2.88
CA VAL C 208 26.43 -31.90 -2.69
C VAL C 208 25.39 -32.96 -2.31
N LEU C 209 24.58 -32.66 -1.30
CA LEU C 209 23.61 -33.63 -0.82
C LEU C 209 22.55 -33.94 -1.87
N ASN C 210 22.04 -32.91 -2.56
CA ASN C 210 21.02 -33.14 -3.57
C ASN C 210 21.56 -33.99 -4.71
N VAL C 211 22.79 -33.70 -5.16
CA VAL C 211 23.37 -34.46 -6.25
C VAL C 211 23.63 -35.90 -5.82
N LEU C 212 24.08 -36.10 -4.57
CA LEU C 212 24.31 -37.46 -4.09
C LEU C 212 23.00 -38.25 -4.04
N GLN C 213 21.94 -37.63 -3.54
CA GLN C 213 20.65 -38.32 -3.48
C GLN C 213 20.16 -38.67 -4.88
N SER C 214 20.22 -37.70 -5.80
CA SER C 214 19.76 -37.97 -7.17
C SER C 214 20.64 -38.99 -7.87
N CYS C 215 21.92 -39.05 -7.53
CA CYS C 215 22.81 -40.02 -8.15
C CYS C 215 22.55 -41.42 -7.61
N LYS C 216 22.25 -41.54 -6.32
CA LYS C 216 21.79 -42.82 -5.79
C LYS C 216 20.52 -43.26 -6.49
N ALA C 217 19.58 -42.32 -6.67
CA ALA C 217 18.36 -42.65 -7.41
C ALA C 217 18.68 -43.06 -8.84
N THR C 218 19.74 -42.51 -9.42
CA THR C 218 20.11 -42.88 -10.79
C THR C 218 20.57 -44.33 -10.87
N LEU C 219 21.35 -44.79 -9.89
CA LEU C 219 21.86 -46.15 -9.91
C LEU C 219 20.71 -47.15 -9.81
N ASP C 220 20.80 -48.22 -10.60
CA ASP C 220 19.75 -49.22 -10.62
C ASP C 220 19.57 -49.85 -9.24
N ASN C 221 20.61 -50.52 -8.75
CA ASN C 221 20.58 -51.16 -7.43
C ASN C 221 21.63 -50.51 -6.55
N PRO C 222 21.25 -49.67 -5.55
CA PRO C 222 22.23 -48.99 -4.71
C PRO C 222 22.77 -49.87 -3.57
N ASP C 223 23.22 -51.07 -3.91
CA ASP C 223 23.81 -51.99 -2.95
C ASP C 223 25.25 -52.34 -3.30
N GLU C 224 25.52 -52.69 -4.56
CA GLU C 224 26.86 -53.02 -5.01
C GLU C 224 27.35 -52.13 -6.15
N ASP C 225 26.54 -51.19 -6.61
CA ASP C 225 26.93 -50.30 -7.70
C ASP C 225 27.67 -49.10 -7.13
N GLU C 226 28.79 -48.74 -7.75
CA GLU C 226 29.61 -47.62 -7.32
C GLU C 226 29.34 -46.40 -8.19
N ILE C 227 29.22 -45.24 -7.56
CA ILE C 227 28.97 -44.00 -8.28
C ILE C 227 30.23 -43.62 -9.06
N SER C 228 30.05 -43.34 -10.35
CA SER C 228 31.14 -42.95 -11.23
C SER C 228 30.92 -41.53 -11.73
N ASP C 229 31.96 -40.97 -12.34
CA ASP C 229 31.87 -39.60 -12.86
C ASP C 229 30.80 -39.51 -13.95
N ASP C 230 30.70 -40.54 -14.80
CA ASP C 230 29.67 -40.54 -15.83
C ASP C 230 28.28 -40.45 -15.21
N VAL C 231 28.04 -41.19 -14.14
CA VAL C 231 26.74 -41.14 -13.47
C VAL C 231 26.50 -39.74 -12.91
N ILE C 232 27.52 -39.13 -12.32
CA ILE C 232 27.37 -37.79 -11.76
C ILE C 232 26.97 -36.80 -12.85
N TYR C 233 27.68 -36.85 -13.99
CA TYR C 233 27.40 -35.91 -15.07
C TYR C 233 26.03 -36.16 -15.67
N GLU C 234 25.65 -37.43 -15.82
CA GLU C 234 24.33 -37.75 -16.36
C GLU C 234 23.22 -37.25 -15.44
N CYS C 235 23.39 -37.43 -14.13
CA CYS C 235 22.40 -36.96 -13.18
C CYS C 235 22.31 -35.44 -13.19
N CYS C 236 23.45 -34.75 -13.10
CA CYS C 236 23.46 -33.30 -13.09
C CYS C 236 23.24 -32.71 -14.47
N GLY C 237 23.50 -33.47 -15.53
CA GLY C 237 23.37 -32.96 -16.88
C GLY C 237 24.44 -31.99 -17.32
N ALA C 238 25.43 -31.72 -16.47
CA ALA C 238 26.49 -30.79 -16.81
C ALA C 238 27.49 -31.45 -17.76
N PRO C 239 28.22 -30.64 -18.54
CA PRO C 239 29.20 -31.22 -19.47
C PRO C 239 30.37 -31.84 -18.72
N ARG C 240 30.97 -32.86 -19.34
CA ARG C 240 32.20 -33.43 -18.81
C ARG C 240 33.38 -32.54 -19.21
N PRO C 241 34.48 -32.57 -18.44
CA PRO C 241 35.64 -31.76 -18.82
C PRO C 241 36.16 -32.06 -20.21
N SER C 242 36.10 -33.33 -20.65
CA SER C 242 36.60 -33.67 -21.97
C SER C 242 35.84 -32.93 -23.06
N ASP C 243 34.52 -32.81 -22.92
CA ASP C 243 33.74 -32.10 -23.92
C ASP C 243 34.16 -30.63 -23.98
N LEU C 244 34.35 -29.99 -22.83
CA LEU C 244 34.79 -28.61 -22.81
C LEU C 244 36.16 -28.45 -23.48
N LYS C 245 37.09 -29.34 -23.16
CA LYS C 245 38.41 -29.27 -23.79
C LYS C 245 38.30 -29.42 -25.29
N ALA C 246 37.52 -30.39 -25.75
CA ALA C 246 37.41 -30.65 -27.18
C ALA C 246 36.78 -29.46 -27.91
N VAL C 247 35.70 -28.90 -27.35
CA VAL C 247 35.05 -27.79 -28.01
C VAL C 247 35.95 -26.55 -28.02
N LEU C 248 36.66 -26.31 -26.92
CA LEU C 248 37.59 -25.18 -26.90
C LEU C 248 38.68 -25.35 -27.93
N LYS C 249 39.24 -26.56 -28.04
CA LYS C 249 40.29 -26.82 -29.01
C LYS C 249 39.76 -26.61 -30.43
N SER C 250 38.55 -27.10 -30.71
CA SER C 250 37.98 -26.92 -32.04
C SER C 250 37.76 -25.44 -32.34
N ILE C 251 37.25 -24.69 -31.38
CA ILE C 251 37.00 -23.27 -31.61
C ILE C 251 38.31 -22.54 -31.86
N LEU C 252 39.34 -22.81 -31.07
CA LEU C 252 40.59 -22.08 -31.16
C LEU C 252 41.49 -22.55 -32.29
N GLU C 253 41.24 -23.72 -32.87
CA GLU C 253 42.12 -24.25 -33.92
C GLU C 253 41.39 -24.56 -35.21
N ASP C 254 40.18 -25.11 -35.14
CA ASP C 254 39.49 -25.54 -36.35
C ASP C 254 38.78 -24.38 -37.02
N ASP C 255 38.28 -24.64 -38.23
CA ASP C 255 37.61 -23.62 -39.03
C ASP C 255 36.21 -23.38 -38.50
N TRP C 256 35.49 -22.46 -39.15
CA TRP C 256 34.15 -22.11 -38.71
C TRP C 256 33.18 -23.29 -38.84
N GLY C 257 33.20 -23.94 -40.01
CA GLY C 257 32.31 -25.07 -40.20
C GLY C 257 32.61 -26.22 -39.25
N THR C 258 33.89 -26.54 -39.09
CA THR C 258 34.28 -27.60 -38.17
C THR C 258 33.90 -27.26 -36.73
N ALA C 259 34.13 -26.00 -36.33
CA ALA C 259 33.77 -25.59 -34.97
C ALA C 259 32.27 -25.67 -34.75
N HIS C 260 31.47 -25.23 -35.73
CA HIS C 260 30.03 -25.31 -35.61
C HIS C 260 29.57 -26.76 -35.50
N TYR C 261 30.11 -27.63 -36.34
CA TYR C 261 29.75 -29.04 -36.27
C TYR C 261 30.13 -29.65 -34.92
N THR C 262 31.32 -29.32 -34.43
CA THR C 262 31.76 -29.87 -33.15
C THR C 262 30.86 -29.41 -32.01
N LEU C 263 30.52 -28.12 -31.98
CA LEU C 263 29.64 -27.61 -30.93
C LEU C 263 28.27 -28.27 -31.01
N ASN C 264 27.71 -28.39 -32.22
CA ASN C 264 26.41 -29.00 -32.37
C ASN C 264 26.43 -30.45 -31.91
N LYS C 265 27.45 -31.21 -32.30
CA LYS C 265 27.55 -32.60 -31.88
C LYS C 265 27.69 -32.71 -30.36
N VAL C 266 28.52 -31.86 -29.77
CA VAL C 266 28.76 -31.93 -28.32
C VAL C 266 27.48 -31.63 -27.56
N ARG C 267 26.74 -30.60 -27.99
CA ARG C 267 25.54 -30.21 -27.26
C ARG C 267 24.30 -31.00 -27.65
N SER C 268 24.37 -31.83 -28.71
CA SER C 268 23.25 -32.68 -29.09
C SER C 268 23.42 -34.12 -28.63
N ALA C 269 24.65 -34.59 -28.44
CA ALA C 269 24.85 -35.96 -27.98
C ALA C 269 24.24 -36.18 -26.60
N LYS C 270 24.43 -35.22 -25.69
CA LYS C 270 23.88 -35.29 -24.34
C LYS C 270 22.86 -34.21 -24.07
N GLY C 271 22.46 -33.45 -25.08
CA GLY C 271 21.51 -32.37 -24.87
C GLY C 271 21.99 -31.33 -23.88
N LEU C 272 23.27 -30.96 -23.97
CA LEU C 272 23.83 -30.01 -23.03
C LEU C 272 23.31 -28.60 -23.29
N ALA C 273 23.30 -27.79 -22.23
CA ALA C 273 22.92 -26.39 -22.34
C ALA C 273 24.13 -25.53 -22.67
N LEU C 274 23.88 -24.44 -23.39
CA LEU C 274 24.97 -23.56 -23.80
C LEU C 274 25.50 -22.74 -22.63
N ILE C 275 24.66 -22.46 -21.63
CA ILE C 275 25.10 -21.69 -20.48
C ILE C 275 26.21 -22.43 -19.74
N ASP C 276 26.02 -23.73 -19.52
CA ASP C 276 27.04 -24.53 -18.83
C ASP C 276 28.33 -24.58 -19.64
N LEU C 277 28.21 -24.76 -20.96
CA LEU C 277 29.41 -24.79 -21.80
C LEU C 277 30.16 -23.46 -21.73
N ILE C 278 29.44 -22.35 -21.79
CA ILE C 278 30.10 -21.05 -21.74
C ILE C 278 30.80 -20.87 -20.41
N GLU C 279 30.14 -21.24 -19.31
CA GLU C 279 30.77 -21.13 -18.00
C GLU C 279 32.04 -21.97 -17.91
N GLY C 280 31.98 -23.21 -18.43
CA GLY C 280 33.16 -24.05 -18.42
C GLY C 280 34.30 -23.48 -19.24
N ILE C 281 33.98 -22.96 -20.43
CA ILE C 281 35.01 -22.35 -21.27
C ILE C 281 35.61 -21.12 -20.59
N VAL C 282 34.78 -20.34 -19.91
CA VAL C 282 35.28 -19.17 -19.19
C VAL C 282 36.25 -19.60 -18.10
N LYS C 283 35.86 -20.63 -17.34
CA LYS C 283 36.74 -21.12 -16.28
C LYS C 283 38.06 -21.63 -16.85
N ILE C 284 38.01 -22.35 -17.96
CA ILE C 284 39.23 -22.86 -18.58
C ILE C 284 40.11 -21.71 -19.06
N LEU C 285 39.50 -20.72 -19.73
CA LEU C 285 40.27 -19.61 -20.29
C LEU C 285 40.87 -18.74 -19.20
N GLU C 286 40.22 -18.69 -18.02
CA GLU C 286 40.72 -17.83 -16.95
C GLU C 286 42.12 -18.23 -16.49
N ASP C 287 42.57 -19.44 -16.80
CA ASP C 287 43.88 -19.94 -16.40
C ASP C 287 44.74 -20.28 -17.61
N TYR C 288 44.74 -19.40 -18.61
CA TYR C 288 45.56 -19.54 -19.80
C TYR C 288 46.55 -18.38 -19.88
N GLU C 289 47.55 -18.54 -20.76
CA GLU C 289 48.59 -17.54 -20.95
C GLU C 289 48.15 -16.59 -22.07
N LEU C 290 47.99 -15.32 -21.72
CA LEU C 290 47.61 -14.28 -22.68
C LEU C 290 48.71 -13.21 -22.71
N GLN C 291 49.13 -12.84 -23.91
CA GLN C 291 50.19 -11.87 -24.09
C GLN C 291 49.67 -10.44 -24.29
N ASN C 292 48.37 -10.23 -24.19
CA ASN C 292 47.79 -8.91 -24.43
C ASN C 292 46.50 -8.78 -23.63
N GLU C 293 46.29 -7.58 -23.07
CA GLU C 293 45.12 -7.35 -22.24
C GLU C 293 43.84 -7.16 -23.05
N GLU C 294 43.96 -6.61 -24.27
CA GLU C 294 42.77 -6.41 -25.09
C GLU C 294 42.08 -7.73 -25.41
N THR C 295 42.86 -8.81 -25.54
CA THR C 295 42.25 -10.12 -25.76
C THR C 295 41.36 -10.51 -24.59
N ARG C 296 41.87 -10.34 -23.37
CA ARG C 296 41.07 -10.64 -22.19
C ARG C 296 39.83 -9.74 -22.12
N VAL C 297 40.01 -8.46 -22.44
CA VAL C 297 38.88 -7.52 -22.38
C VAL C 297 37.79 -7.96 -23.35
N HIS C 298 38.18 -8.27 -24.59
CA HIS C 298 37.22 -8.72 -25.59
C HIS C 298 36.51 -9.99 -25.14
N LEU C 299 37.28 -10.99 -24.70
CA LEU C 299 36.68 -12.24 -24.25
C LEU C 299 35.65 -11.98 -23.16
N LEU C 300 36.05 -11.25 -22.12
CA LEU C 300 35.17 -11.04 -20.97
C LEU C 300 33.91 -10.29 -21.38
N THR C 301 34.07 -9.18 -22.10
CA THR C 301 32.92 -8.36 -22.46
C THR C 301 31.95 -9.13 -23.34
N LYS C 302 32.46 -9.77 -24.40
CA LYS C 302 31.58 -10.47 -25.33
C LYS C 302 30.89 -11.66 -24.66
N LEU C 303 31.63 -12.42 -23.84
CA LEU C 303 31.02 -13.56 -23.18
C LEU C 303 29.97 -13.12 -22.16
N ALA C 304 30.25 -12.04 -21.42
CA ALA C 304 29.25 -11.54 -20.48
C ALA C 304 28.00 -11.09 -21.21
N ASP C 305 28.17 -10.40 -22.34
CA ASP C 305 27.00 -9.99 -23.12
C ASP C 305 26.21 -11.18 -23.62
N ILE C 306 26.92 -12.24 -24.05
CA ILE C 306 26.22 -13.42 -24.57
C ILE C 306 25.45 -14.12 -23.44
N GLU C 307 26.05 -14.23 -22.25
CA GLU C 307 25.31 -14.79 -21.12
C GLU C 307 24.10 -13.94 -20.77
N TYR C 308 24.24 -12.62 -20.80
CA TYR C 308 23.09 -11.76 -20.52
C TYR C 308 21.97 -11.99 -21.52
N SER C 309 22.34 -12.12 -22.80
CA SER C 309 21.33 -12.41 -23.83
C SER C 309 20.67 -13.76 -23.59
N ILE C 310 21.48 -14.77 -23.22
CA ILE C 310 20.94 -16.11 -22.97
C ILE C 310 19.95 -16.07 -21.81
N SER C 311 20.25 -15.27 -20.78
CA SER C 311 19.39 -15.23 -19.60
C SER C 311 17.97 -14.82 -19.96
N LYS C 312 17.80 -13.96 -20.97
CA LYS C 312 16.48 -13.51 -21.38
C LYS C 312 15.79 -14.45 -22.36
N GLY C 313 16.51 -15.41 -22.93
CA GLY C 313 15.92 -16.32 -23.89
C GLY C 313 15.95 -15.76 -25.31
N GLY C 314 16.48 -16.54 -26.23
CA GLY C 314 16.58 -16.11 -27.61
C GLY C 314 16.81 -17.31 -28.51
N ASN C 315 17.46 -17.06 -29.65
CA ASN C 315 17.77 -18.12 -30.59
C ASN C 315 19.05 -18.83 -30.16
N ASP C 316 18.94 -20.14 -29.91
CA ASP C 316 20.08 -20.90 -29.39
C ASP C 316 21.24 -20.91 -30.39
N GLN C 317 20.93 -21.15 -31.66
CA GLN C 317 21.99 -21.21 -32.68
C GLN C 317 22.70 -19.88 -32.81
N ILE C 318 21.94 -18.77 -32.76
CA ILE C 318 22.55 -17.45 -32.86
C ILE C 318 23.52 -17.24 -31.71
N GLN C 319 23.12 -17.60 -30.48
CA GLN C 319 23.99 -17.41 -29.33
C GLN C 319 25.23 -18.29 -29.41
N GLY C 320 25.09 -19.54 -29.87
CA GLY C 320 26.26 -20.39 -30.03
C GLY C 320 27.24 -19.84 -31.04
N SER C 321 26.74 -19.42 -32.20
CA SER C 321 27.60 -18.80 -33.20
C SER C 321 28.23 -17.53 -32.66
N ALA C 322 27.50 -16.78 -31.83
CA ALA C 322 28.05 -15.59 -31.22
C ALA C 322 29.21 -15.93 -30.30
N VAL C 323 29.08 -16.98 -29.50
CA VAL C 323 30.18 -17.40 -28.63
C VAL C 323 31.39 -17.76 -29.46
N ILE C 324 31.17 -18.56 -30.52
CA ILE C 324 32.30 -18.98 -31.35
C ILE C 324 33.00 -17.78 -31.97
N GLY C 325 32.21 -16.85 -32.53
CA GLY C 325 32.79 -15.69 -33.17
C GLY C 325 33.50 -14.77 -32.19
N ALA C 326 32.93 -14.59 -31.00
CA ALA C 326 33.57 -13.76 -29.99
C ALA C 326 34.91 -14.34 -29.58
N ILE C 327 34.96 -15.65 -29.34
CA ILE C 327 36.22 -16.28 -28.97
C ILE C 327 37.25 -16.13 -30.09
N LYS C 328 36.83 -16.40 -31.33
CA LYS C 328 37.76 -16.33 -32.45
C LYS C 328 38.29 -14.91 -32.64
N ALA C 329 37.41 -13.91 -32.53
CA ALA C 329 37.83 -12.53 -32.72
C ALA C 329 38.76 -12.07 -31.60
N SER C 330 38.42 -12.41 -30.35
CA SER C 330 39.27 -12.00 -29.23
C SER C 330 40.65 -12.64 -29.33
N PHE C 331 40.71 -13.93 -29.68
CA PHE C 331 42.00 -14.60 -29.77
C PHE C 331 42.81 -14.17 -30.98
N GLU C 332 42.20 -13.43 -31.92
CA GLU C 332 42.96 -12.91 -33.06
C GLU C 332 43.91 -11.78 -32.65
N ASN C 333 43.66 -11.14 -31.50
CA ASN C 333 44.53 -10.06 -31.06
C ASN C 333 45.94 -10.57 -30.77
N GLU C 334 46.04 -11.77 -30.19
CA GLU C 334 47.34 -12.32 -29.85
C GLU C 334 48.22 -12.42 -31.08
N THR C 335 49.48 -12.01 -30.95
CA THR C 335 50.43 -12.04 -32.04
C THR C 335 49.90 -11.29 -33.25
N SER D 21 -13.89 -35.81 -25.48
CA SER D 21 -12.59 -35.15 -25.56
C SER D 21 -11.73 -35.81 -26.64
N LEU D 22 -12.14 -36.99 -27.10
CA LEU D 22 -11.37 -37.68 -28.13
C LEU D 22 -11.30 -36.86 -29.41
N ALA D 23 -12.42 -36.25 -29.82
CA ALA D 23 -12.48 -35.43 -31.01
C ALA D 23 -12.87 -33.99 -30.71
N GLN D 24 -12.84 -33.58 -29.44
CA GLN D 24 -13.25 -32.23 -29.05
C GLN D 24 -12.16 -31.50 -28.28
N GLN D 25 -10.90 -31.92 -28.41
CA GLN D 25 -9.78 -31.28 -27.75
C GLN D 25 -8.63 -31.11 -28.74
N PRO D 26 -7.80 -30.08 -28.56
CA PRO D 26 -6.60 -29.95 -29.39
C PRO D 26 -5.67 -31.14 -29.18
N TRP D 27 -4.92 -31.46 -30.23
CA TRP D 27 -4.04 -32.63 -30.17
C TRP D 27 -3.05 -32.52 -29.03
N VAL D 28 -2.55 -31.30 -28.76
CA VAL D 28 -1.61 -31.13 -27.66
C VAL D 28 -2.28 -31.47 -26.32
N GLU D 29 -3.52 -31.02 -26.14
CA GLU D 29 -4.22 -31.29 -24.89
C GLU D 29 -4.72 -32.73 -24.80
N LYS D 30 -5.04 -33.36 -25.94
CA LYS D 30 -5.54 -34.73 -25.93
C LYS D 30 -4.43 -35.76 -25.76
N TYR D 31 -3.18 -35.43 -26.08
CA TYR D 31 -2.07 -36.36 -25.97
C TYR D 31 -1.12 -36.00 -24.83
N ARG D 32 -1.61 -35.27 -23.83
CA ARG D 32 -0.76 -34.94 -22.69
C ARG D 32 -0.40 -36.21 -21.93
N PRO D 33 0.88 -36.49 -21.71
CA PRO D 33 1.25 -37.68 -20.93
C PRO D 33 0.43 -37.82 -19.66
N LYS D 34 -0.14 -39.00 -19.46
CA LYS D 34 -0.89 -39.31 -18.25
C LYS D 34 -0.03 -39.95 -17.18
N ASN D 35 0.99 -40.71 -17.57
CA ASN D 35 1.90 -41.35 -16.63
C ASN D 35 3.34 -41.09 -17.07
N LEU D 36 4.26 -41.29 -16.13
CA LEU D 36 5.67 -41.04 -16.41
C LEU D 36 6.23 -41.99 -17.46
N ASP D 37 5.55 -43.12 -17.72
CA ASP D 37 6.10 -44.11 -18.63
C ASP D 37 6.17 -43.59 -20.06
N GLU D 38 5.33 -42.63 -20.43
CA GLU D 38 5.22 -42.16 -21.80
C GLU D 38 5.91 -40.82 -22.03
N VAL D 39 6.66 -40.32 -21.05
CA VAL D 39 7.50 -39.15 -21.28
C VAL D 39 8.68 -39.56 -22.16
N THR D 40 8.93 -38.78 -23.21
CA THR D 40 9.77 -39.27 -24.29
C THR D 40 11.27 -39.08 -24.02
N ALA D 41 11.70 -37.85 -23.77
CA ALA D 41 13.12 -37.50 -23.80
C ALA D 41 13.53 -36.76 -22.53
N GLN D 42 13.13 -37.28 -21.38
CA GLN D 42 13.55 -36.74 -20.09
C GLN D 42 13.93 -37.87 -19.16
N ASP D 43 14.63 -38.88 -19.68
CA ASP D 43 14.97 -40.05 -18.88
C ASP D 43 15.88 -39.68 -17.72
N HIS D 44 16.80 -38.74 -17.93
CA HIS D 44 17.75 -38.39 -16.89
C HIS D 44 17.06 -38.00 -15.59
N ALA D 45 15.87 -37.39 -15.68
CA ALA D 45 15.08 -37.04 -14.51
C ALA D 45 13.88 -37.96 -14.30
N VAL D 46 13.34 -38.53 -15.38
CA VAL D 46 12.20 -39.43 -15.24
C VAL D 46 12.60 -40.68 -14.47
N THR D 47 13.82 -41.17 -14.66
CA THR D 47 14.27 -42.34 -13.90
C THR D 47 14.33 -42.02 -12.41
N VAL D 48 14.85 -40.85 -12.06
CA VAL D 48 14.91 -40.45 -10.65
C VAL D 48 13.51 -40.32 -10.08
N LEU D 49 12.59 -39.72 -10.84
CA LEU D 49 11.23 -39.56 -10.37
C LEU D 49 10.51 -40.91 -10.23
N LYS D 50 10.86 -41.88 -11.08
CA LYS D 50 10.23 -43.19 -11.00
C LYS D 50 10.76 -44.01 -9.82
N LYS D 51 12.08 -43.99 -9.60
CA LYS D 51 12.63 -44.82 -8.54
C LYS D 51 12.17 -44.40 -7.16
N THR D 52 11.72 -43.16 -6.99
CA THR D 52 11.15 -42.71 -5.74
C THR D 52 9.66 -43.03 -5.62
N LEU D 53 9.10 -43.77 -6.59
CA LEU D 53 7.71 -44.21 -6.47
C LEU D 53 7.49 -44.93 -5.15
N LYS D 54 8.39 -45.85 -4.79
CA LYS D 54 8.42 -46.43 -3.46
C LYS D 54 9.75 -46.07 -2.83
N SER D 55 9.84 -44.82 -2.34
CA SER D 55 10.93 -44.41 -1.47
C SER D 55 10.49 -43.51 -0.33
N ALA D 56 9.36 -42.81 -0.45
CA ALA D 56 8.94 -41.82 0.54
C ALA D 56 10.03 -40.78 0.78
N ASN D 57 10.85 -40.53 -0.24
CA ASN D 57 12.03 -39.68 -0.11
C ASN D 57 12.12 -38.73 -1.29
N LEU D 58 10.99 -38.14 -1.69
CA LEU D 58 10.99 -37.17 -2.78
C LEU D 58 11.52 -35.83 -2.28
N PRO D 59 12.55 -35.27 -2.89
CA PRO D 59 13.06 -33.97 -2.45
C PRO D 59 12.34 -32.82 -3.15
N HIS D 60 12.72 -31.60 -2.75
CA HIS D 60 12.22 -30.42 -3.45
C HIS D 60 12.82 -30.34 -4.84
N MET D 61 11.99 -30.02 -5.82
CA MET D 61 12.35 -30.11 -7.23
C MET D 61 12.25 -28.76 -7.91
N LEU D 62 13.21 -28.48 -8.78
CA LEU D 62 13.21 -27.28 -9.62
C LEU D 62 13.43 -27.74 -11.06
N PHE D 63 12.34 -27.83 -11.81
CA PHE D 63 12.40 -28.13 -13.24
C PHE D 63 12.61 -26.83 -14.00
N TYR D 64 13.65 -26.78 -14.82
CA TYR D 64 13.88 -25.61 -15.67
C TYR D 64 14.17 -26.06 -17.09
N GLY D 65 13.60 -25.34 -18.05
CA GLY D 65 13.81 -25.66 -19.45
C GLY D 65 13.03 -24.78 -20.41
N PRO D 66 13.34 -24.89 -21.70
CA PRO D 66 12.68 -24.05 -22.70
C PRO D 66 11.22 -24.44 -22.87
N PRO D 67 10.43 -23.63 -23.58
CA PRO D 67 8.99 -23.89 -23.66
C PRO D 67 8.65 -25.23 -24.27
N GLY D 68 7.58 -25.83 -23.76
CA GLY D 68 7.06 -27.06 -24.34
C GLY D 68 8.02 -28.23 -24.29
N THR D 69 8.71 -28.41 -23.17
CA THR D 69 9.64 -29.52 -23.01
C THR D 69 9.06 -30.65 -22.15
N GLY D 70 7.86 -30.49 -21.62
CA GLY D 70 7.21 -31.54 -20.86
C GLY D 70 7.45 -31.42 -19.37
N LYS D 71 7.32 -30.20 -18.83
CA LYS D 71 7.54 -29.98 -17.41
C LYS D 71 6.26 -30.11 -16.60
N THR D 72 5.20 -29.39 -17.00
CA THR D 72 3.92 -29.51 -16.30
C THR D 72 3.36 -30.92 -16.42
N SER D 73 3.47 -31.52 -17.61
CA SER D 73 2.97 -32.88 -17.81
C SER D 73 3.67 -33.84 -16.88
N THR D 74 5.00 -33.70 -16.74
CA THR D 74 5.76 -34.62 -15.89
C THR D 74 5.27 -34.55 -14.44
N ILE D 75 5.12 -33.34 -13.91
CA ILE D 75 4.72 -33.20 -12.51
C ILE D 75 3.30 -33.68 -12.31
N LEU D 76 2.40 -33.39 -13.26
CA LEU D 76 1.03 -33.87 -13.14
C LEU D 76 0.98 -35.39 -13.16
N ALA D 77 1.74 -36.03 -14.06
CA ALA D 77 1.78 -37.49 -14.10
C ALA D 77 2.36 -38.06 -12.81
N LEU D 78 3.40 -37.42 -12.27
CA LEU D 78 3.98 -37.88 -11.02
C LEU D 78 2.97 -37.82 -9.89
N THR D 79 2.23 -36.71 -9.79
CA THR D 79 1.23 -36.60 -8.74
C THR D 79 0.14 -37.66 -8.90
N LYS D 80 -0.31 -37.87 -10.14
CA LYS D 80 -1.32 -38.90 -10.37
C LYS D 80 -0.80 -40.28 -9.98
N GLU D 81 0.45 -40.59 -10.32
CA GLU D 81 1.00 -41.90 -10.01
C GLU D 81 1.13 -42.12 -8.50
N LEU D 82 1.62 -41.10 -7.78
CA LEU D 82 1.85 -41.28 -6.35
C LEU D 82 0.56 -41.26 -5.55
N TYR D 83 -0.39 -40.39 -5.90
CA TYR D 83 -1.60 -40.23 -5.10
C TYR D 83 -2.85 -40.82 -5.72
N GLY D 84 -3.02 -40.70 -7.04
CA GLY D 84 -4.18 -41.24 -7.71
C GLY D 84 -5.31 -40.24 -7.77
N PRO D 85 -6.32 -40.53 -8.60
CA PRO D 85 -7.38 -39.52 -8.83
C PRO D 85 -8.08 -39.07 -7.56
N ASP D 86 -8.36 -39.98 -6.64
CA ASP D 86 -9.11 -39.60 -5.44
C ASP D 86 -8.25 -38.81 -4.47
N LEU D 87 -7.01 -39.27 -4.23
CA LEU D 87 -6.13 -38.61 -3.27
C LEU D 87 -5.37 -37.44 -3.87
N MET D 88 -5.36 -37.29 -5.20
CA MET D 88 -4.64 -36.18 -5.81
C MET D 88 -5.28 -34.85 -5.43
N LYS D 89 -6.61 -34.80 -5.37
CA LYS D 89 -7.30 -33.54 -5.10
C LYS D 89 -7.01 -33.00 -3.70
N SER D 90 -6.46 -33.83 -2.80
CA SER D 90 -6.18 -33.41 -1.44
C SER D 90 -4.71 -33.23 -1.14
N ARG D 91 -3.82 -33.90 -1.88
CA ARG D 91 -2.39 -33.84 -1.63
C ARG D 91 -1.65 -32.89 -2.55
N ILE D 92 -2.35 -32.17 -3.43
CA ILE D 92 -1.73 -31.32 -4.44
C ILE D 92 -2.28 -29.91 -4.30
N LEU D 93 -1.39 -28.93 -4.26
CA LEU D 93 -1.76 -27.51 -4.32
C LEU D 93 -0.97 -26.87 -5.46
N GLU D 94 -1.68 -26.44 -6.51
CA GLU D 94 -1.05 -25.94 -7.72
C GLU D 94 -1.32 -24.45 -7.86
N LEU D 95 -0.25 -23.67 -8.06
CA LEU D 95 -0.34 -22.24 -8.31
C LEU D 95 0.51 -21.90 -9.52
N ASN D 96 0.05 -20.93 -10.30
CA ASN D 96 0.72 -20.54 -11.53
C ASN D 96 0.63 -19.03 -11.69
N ALA D 97 1.11 -18.55 -12.84
CA ALA D 97 1.14 -17.11 -13.09
C ALA D 97 -0.27 -16.52 -13.10
N SER D 98 -1.23 -17.24 -13.68
CA SER D 98 -2.61 -16.75 -13.72
C SER D 98 -3.16 -16.50 -12.32
N ASP D 99 -2.64 -17.18 -11.31
CA ASP D 99 -3.02 -16.92 -9.93
C ASP D 99 -2.13 -15.83 -9.34
N GLU D 100 -2.69 -15.10 -8.38
CA GLU D 100 -1.98 -13.98 -7.76
C GLU D 100 -1.06 -14.52 -6.68
N ARG D 101 0.25 -14.34 -6.85
CA ARG D 101 1.24 -14.98 -5.99
C ARG D 101 2.11 -13.95 -5.28
N GLY D 102 1.47 -12.94 -4.68
CA GLY D 102 2.21 -11.93 -3.95
C GLY D 102 2.87 -12.51 -2.71
N ILE D 103 3.71 -11.67 -2.09
CA ILE D 103 4.46 -12.10 -0.91
C ILE D 103 3.50 -12.49 0.20
N SER D 104 2.39 -11.77 0.34
CA SER D 104 1.40 -12.12 1.36
C SER D 104 0.83 -13.51 1.11
N ILE D 105 0.55 -13.85 -0.16
CA ILE D 105 0.05 -15.18 -0.47
C ILE D 105 1.06 -16.24 -0.07
N VAL D 106 2.33 -16.02 -0.43
CA VAL D 106 3.37 -16.99 -0.07
C VAL D 106 3.44 -17.15 1.44
N ARG D 107 3.36 -16.04 2.17
CA ARG D 107 3.45 -16.12 3.63
C ARG D 107 2.27 -16.87 4.23
N GLU D 108 1.06 -16.63 3.72
CA GLU D 108 -0.13 -17.16 4.37
C GLU D 108 -0.58 -18.51 3.78
N LYS D 109 -0.96 -18.53 2.51
CA LYS D 109 -1.60 -19.71 1.94
C LYS D 109 -0.61 -20.85 1.80
N VAL D 110 0.56 -20.58 1.22
CA VAL D 110 1.55 -21.63 1.02
C VAL D 110 2.02 -22.18 2.35
N LYS D 111 2.29 -21.30 3.32
CA LYS D 111 2.73 -21.76 4.63
C LYS D 111 1.66 -22.60 5.32
N ASN D 112 0.40 -22.15 5.25
CA ASN D 112 -0.67 -22.91 5.89
C ASN D 112 -0.82 -24.29 5.25
N PHE D 113 -0.76 -24.36 3.92
CA PHE D 113 -0.87 -25.67 3.26
C PHE D 113 0.31 -26.56 3.61
N ALA D 114 1.53 -26.00 3.64
CA ALA D 114 2.71 -26.80 3.96
C ALA D 114 2.64 -27.34 5.37
N ARG D 115 2.16 -26.54 6.32
CA ARG D 115 2.07 -26.97 7.71
C ARG D 115 0.93 -27.95 7.96
N LEU D 116 0.02 -28.13 7.00
CA LEU D 116 -1.12 -29.03 7.20
C LEU D 116 -0.65 -30.48 7.28
N THR D 117 -1.40 -31.28 8.04
CA THR D 117 -1.15 -32.71 8.09
C THR D 117 -1.73 -33.39 6.86
N VAL D 118 -1.01 -34.38 6.36
CA VAL D 118 -1.47 -35.11 5.18
C VAL D 118 -2.77 -35.83 5.51
N SER D 119 -3.74 -35.71 4.61
CA SER D 119 -5.04 -36.33 4.83
C SER D 119 -4.88 -37.85 4.89
N LYS D 120 -5.72 -38.47 5.71
CA LYS D 120 -5.66 -39.92 5.90
C LYS D 120 -6.11 -40.63 4.63
N PRO D 121 -5.27 -41.47 4.02
CA PRO D 121 -5.72 -42.21 2.84
C PRO D 121 -6.71 -43.30 3.20
N SER D 122 -7.56 -43.64 2.24
CA SER D 122 -8.58 -44.66 2.44
C SER D 122 -7.93 -46.04 2.31
N LYS D 123 -8.76 -47.09 2.29
CA LYS D 123 -8.24 -48.44 2.09
C LYS D 123 -7.86 -48.69 0.63
N HIS D 124 -8.69 -48.21 -0.31
CA HIS D 124 -8.46 -48.49 -1.72
C HIS D 124 -7.17 -47.87 -2.21
N ASP D 125 -6.97 -46.57 -1.92
CA ASP D 125 -5.77 -45.89 -2.40
C ASP D 125 -4.51 -46.50 -1.80
N LEU D 126 -4.55 -46.86 -0.51
CA LEU D 126 -3.42 -47.54 0.10
C LEU D 126 -3.14 -48.87 -0.58
N GLU D 127 -4.21 -49.62 -0.89
CA GLU D 127 -4.04 -50.92 -1.54
C GLU D 127 -3.41 -50.76 -2.93
N ASN D 128 -3.81 -49.72 -3.66
CA ASN D 128 -3.42 -49.58 -5.06
C ASN D 128 -2.40 -48.48 -5.32
N TYR D 129 -2.18 -47.57 -4.38
CA TYR D 129 -1.27 -46.46 -4.60
C TYR D 129 -0.30 -46.30 -3.45
N PRO D 130 0.91 -45.81 -3.71
CA PRO D 130 1.89 -45.69 -2.61
C PRO D 130 1.42 -44.80 -1.47
N CYS D 131 0.73 -43.69 -1.79
CA CYS D 131 0.26 -42.76 -0.78
C CYS D 131 1.41 -42.34 0.15
N PRO D 132 2.36 -41.55 -0.34
CA PRO D 132 3.47 -41.12 0.52
C PRO D 132 2.99 -40.24 1.65
N PRO D 133 3.76 -40.12 2.73
CA PRO D 133 3.32 -39.30 3.88
C PRO D 133 3.44 -37.80 3.70
N TYR D 134 3.63 -37.30 2.47
CA TYR D 134 3.79 -35.87 2.22
C TYR D 134 2.91 -35.44 1.06
N LYS D 135 2.55 -34.15 1.07
CA LYS D 135 1.81 -33.54 -0.01
C LYS D 135 2.77 -32.81 -0.95
N ILE D 136 2.22 -32.16 -1.97
CA ILE D 136 3.00 -31.49 -3.00
C ILE D 136 2.43 -30.09 -3.24
N ILE D 137 3.32 -29.12 -3.36
CA ILE D 137 2.98 -27.76 -3.80
C ILE D 137 3.73 -27.52 -5.11
N ILE D 138 2.98 -27.23 -6.17
CA ILE D 138 3.53 -27.03 -7.50
C ILE D 138 3.38 -25.55 -7.85
N LEU D 139 4.49 -24.82 -7.78
CA LEU D 139 4.52 -23.41 -8.17
C LEU D 139 5.01 -23.33 -9.62
N ASP D 140 4.08 -23.58 -10.54
CA ASP D 140 4.39 -23.50 -11.95
C ASP D 140 4.69 -22.06 -12.34
N GLU D 141 5.63 -21.90 -13.28
CA GLU D 141 6.01 -20.59 -13.80
C GLU D 141 6.55 -19.70 -12.68
N ALA D 142 7.42 -20.30 -11.85
CA ALA D 142 7.96 -19.58 -10.70
C ALA D 142 8.86 -18.42 -11.10
N ASP D 143 9.34 -18.40 -12.34
CA ASP D 143 10.21 -17.32 -12.79
C ASP D 143 9.50 -15.97 -12.85
N SER D 144 8.17 -15.96 -12.76
CA SER D 144 7.42 -14.72 -12.75
C SER D 144 7.21 -14.16 -11.34
N MET D 145 7.76 -14.81 -10.32
CA MET D 145 7.62 -14.37 -8.94
C MET D 145 8.70 -13.36 -8.59
N THR D 146 8.34 -12.40 -7.73
CA THR D 146 9.29 -11.39 -7.32
C THR D 146 10.36 -11.98 -6.39
N ALA D 147 11.46 -11.25 -6.26
CA ALA D 147 12.57 -11.74 -5.45
C ALA D 147 12.17 -11.90 -3.99
N ASP D 148 11.42 -10.94 -3.46
CA ASP D 148 11.00 -11.02 -2.06
C ASP D 148 10.10 -12.22 -1.82
N ALA D 149 9.17 -12.48 -2.74
CA ALA D 149 8.29 -13.64 -2.61
C ALA D 149 9.09 -14.94 -2.64
N GLN D 150 10.09 -15.01 -3.51
CA GLN D 150 10.97 -16.17 -3.53
C GLN D 150 11.71 -16.32 -2.21
N SER D 151 12.17 -15.20 -1.64
CA SER D 151 12.86 -15.25 -0.36
C SER D 151 11.95 -15.78 0.73
N ALA D 152 10.68 -15.39 0.71
CA ALA D 152 9.75 -15.86 1.73
C ALA D 152 9.52 -17.37 1.67
N LEU D 153 9.88 -18.01 0.57
CA LEU D 153 9.71 -19.45 0.41
C LEU D 153 10.90 -20.27 0.90
N ARG D 154 11.95 -19.62 1.40
CA ARG D 154 13.18 -20.33 1.70
C ARG D 154 13.02 -21.25 2.91
N ARG D 155 12.71 -20.67 4.07
CA ARG D 155 12.65 -21.47 5.29
C ARG D 155 11.40 -22.32 5.37
N THR D 156 10.31 -21.88 4.74
CA THR D 156 9.11 -22.71 4.68
C THR D 156 9.40 -24.02 3.97
N MET D 157 10.18 -23.96 2.88
CA MET D 157 10.56 -25.15 2.15
C MET D 157 11.35 -26.13 3.02
N GLU D 158 11.98 -25.64 4.09
CA GLU D 158 12.83 -26.47 4.95
C GLU D 158 12.14 -26.88 6.24
N THR D 159 11.40 -25.98 6.88
CA THR D 159 10.79 -26.29 8.17
C THR D 159 9.80 -27.44 8.06
N TYR D 160 8.97 -27.43 7.01
CA TYR D 160 7.91 -28.42 6.85
C TYR D 160 8.24 -29.42 5.75
N SER D 161 9.52 -29.78 5.62
CA SER D 161 9.92 -30.75 4.62
C SER D 161 9.47 -32.17 4.96
N GLY D 162 9.11 -32.42 6.23
CA GLY D 162 8.69 -33.75 6.62
C GLY D 162 7.28 -34.10 6.20
N VAL D 163 6.47 -33.12 5.82
CA VAL D 163 5.10 -33.35 5.39
C VAL D 163 4.77 -32.65 4.08
N THR D 164 5.70 -31.90 3.50
CA THR D 164 5.44 -31.14 2.29
C THR D 164 6.66 -31.20 1.37
N ARG D 165 6.38 -31.18 0.06
CA ARG D 165 7.42 -31.12 -0.96
C ARG D 165 7.05 -30.03 -1.97
N PHE D 166 8.07 -29.33 -2.46
CA PHE D 166 7.88 -28.19 -3.35
C PHE D 166 8.35 -28.54 -4.75
N CYS D 167 7.65 -28.00 -5.75
CA CYS D 167 8.04 -28.15 -7.14
C CYS D 167 7.93 -26.80 -7.82
N LEU D 168 9.05 -26.29 -8.33
CA LEU D 168 9.09 -25.02 -9.04
C LEU D 168 9.47 -25.29 -10.50
N ILE D 169 8.65 -24.79 -11.42
CA ILE D 169 8.84 -24.99 -12.85
C ILE D 169 9.12 -23.64 -13.48
N CYS D 170 10.12 -23.58 -14.36
CA CYS D 170 10.53 -22.30 -14.94
C CYS D 170 11.20 -22.51 -16.29
N ASN D 171 11.28 -21.41 -17.04
CA ASN D 171 12.04 -21.36 -18.28
C ASN D 171 13.37 -20.63 -18.13
N TYR D 172 13.45 -19.67 -17.21
CA TYR D 172 14.67 -18.90 -16.95
C TYR D 172 15.15 -19.24 -15.55
N VAL D 173 16.16 -20.10 -15.48
CA VAL D 173 16.68 -20.53 -14.18
C VAL D 173 17.31 -19.35 -13.44
N THR D 174 17.96 -18.43 -14.17
CA THR D 174 18.57 -17.28 -13.53
C THR D 174 17.57 -16.42 -12.79
N ARG D 175 16.29 -16.47 -13.17
CA ARG D 175 15.27 -15.69 -12.48
C ARG D 175 14.97 -16.23 -11.09
N ILE D 176 15.46 -17.41 -10.74
CA ILE D 176 15.27 -17.99 -9.41
C ILE D 176 16.46 -17.59 -8.54
N ILE D 177 16.16 -17.07 -7.34
CA ILE D 177 17.23 -16.62 -6.46
C ILE D 177 18.12 -17.80 -6.08
N ASP D 178 19.39 -17.51 -5.81
CA ASP D 178 20.35 -18.57 -5.51
C ASP D 178 19.94 -19.43 -4.33
N PRO D 179 19.45 -18.89 -3.21
CA PRO D 179 19.06 -19.76 -2.09
C PRO D 179 18.04 -20.82 -2.48
N LEU D 180 17.04 -20.48 -3.29
CA LEU D 180 16.04 -21.47 -3.68
C LEU D 180 16.64 -22.51 -4.60
N ALA D 181 17.48 -22.10 -5.55
CA ALA D 181 18.15 -23.06 -6.41
C ALA D 181 19.03 -24.00 -5.60
N SER D 182 19.59 -23.52 -4.49
CA SER D 182 20.37 -24.38 -3.61
C SER D 182 19.46 -25.33 -2.83
N ARG D 183 18.29 -24.85 -2.41
CA ARG D 183 17.38 -25.67 -1.62
C ARG D 183 16.67 -26.74 -2.43
N CYS D 184 16.69 -26.66 -3.76
CA CYS D 184 15.93 -27.55 -4.62
C CYS D 184 16.86 -28.38 -5.49
N SER D 185 16.53 -29.66 -5.66
CA SER D 185 17.23 -30.47 -6.63
C SER D 185 16.84 -30.03 -8.03
N LYS D 186 17.84 -29.72 -8.86
CA LYS D 186 17.63 -29.09 -10.15
C LYS D 186 17.56 -30.14 -11.25
N PHE D 187 16.52 -30.06 -12.08
CA PHE D 187 16.36 -30.92 -13.24
C PHE D 187 16.22 -30.04 -14.48
N ARG D 188 17.08 -30.26 -15.46
CA ARG D 188 17.07 -29.52 -16.72
C ARG D 188 16.32 -30.34 -17.76
N PHE D 189 15.28 -29.75 -18.33
CA PHE D 189 14.50 -30.40 -19.38
C PHE D 189 15.11 -30.03 -20.73
N LYS D 190 15.70 -31.02 -21.38
CA LYS D 190 16.42 -30.79 -22.63
C LYS D 190 15.45 -30.50 -23.77
N ALA D 191 15.96 -29.83 -24.79
CA ALA D 191 15.16 -29.55 -25.98
C ALA D 191 14.88 -30.85 -26.74
N LEU D 192 13.71 -30.91 -27.36
CA LEU D 192 13.27 -32.08 -28.09
C LEU D 192 13.44 -31.85 -29.58
N ASP D 193 14.22 -32.71 -30.23
CA ASP D 193 14.49 -32.59 -31.65
C ASP D 193 14.17 -33.88 -32.37
N ALA D 194 14.56 -33.98 -33.64
CA ALA D 194 14.26 -35.18 -34.42
C ALA D 194 14.93 -36.42 -33.85
N SER D 195 15.92 -36.27 -32.97
CA SER D 195 16.63 -37.40 -32.39
C SER D 195 16.18 -37.71 -30.96
N ASN D 196 15.15 -37.02 -30.46
CA ASN D 196 14.70 -37.23 -29.09
C ASN D 196 13.20 -37.42 -28.99
N ALA D 197 12.43 -36.84 -29.92
CA ALA D 197 10.98 -36.85 -29.83
C ALA D 197 10.32 -37.29 -31.15
N ILE D 198 11.08 -37.90 -32.06
CA ILE D 198 10.48 -38.38 -33.30
C ILE D 198 9.50 -39.50 -33.01
N ASP D 199 9.80 -40.35 -32.03
CA ASP D 199 8.93 -41.48 -31.73
C ASP D 199 7.56 -41.01 -31.25
N ARG D 200 7.52 -40.01 -30.37
CA ARG D 200 6.24 -39.54 -29.86
C ARG D 200 5.38 -38.92 -30.97
N LEU D 201 5.99 -38.10 -31.82
CA LEU D 201 5.24 -37.51 -32.93
C LEU D 201 4.77 -38.57 -33.90
N ARG D 202 5.61 -39.58 -34.17
CA ARG D 202 5.20 -40.65 -35.05
C ARG D 202 4.02 -41.43 -34.46
N PHE D 203 4.06 -41.68 -33.15
CA PHE D 203 2.94 -42.36 -32.49
C PHE D 203 1.67 -41.53 -32.59
N ILE D 204 1.77 -40.22 -32.36
CA ILE D 204 0.59 -39.36 -32.45
C ILE D 204 0.03 -39.39 -33.87
N SER D 205 0.90 -39.29 -34.87
CA SER D 205 0.46 -39.31 -36.26
C SER D 205 -0.20 -40.65 -36.59
N GLU D 206 0.39 -41.76 -36.14
CA GLU D 206 -0.19 -43.07 -36.42
C GLU D 206 -1.56 -43.20 -35.80
N GLN D 207 -1.74 -42.74 -34.55
CA GLN D 207 -3.06 -42.81 -33.93
C GLN D 207 -4.04 -41.86 -34.59
N GLU D 208 -3.55 -40.77 -35.19
CA GLU D 208 -4.41 -39.84 -35.91
C GLU D 208 -4.50 -40.16 -37.40
N ASN D 209 -3.85 -41.22 -37.87
CA ASN D 209 -3.91 -41.62 -39.27
C ASN D 209 -3.46 -40.48 -40.19
N VAL D 210 -2.41 -39.77 -39.78
CA VAL D 210 -1.87 -38.67 -40.55
C VAL D 210 -0.82 -39.23 -41.51
N LYS D 211 -0.94 -38.88 -42.79
CA LYS D 211 -0.02 -39.32 -43.82
C LYS D 211 0.93 -38.21 -44.20
N CYS D 212 2.20 -38.56 -44.39
CA CYS D 212 3.22 -37.57 -44.74
C CYS D 212 4.37 -38.27 -45.45
N ASP D 213 5.17 -37.48 -46.15
CA ASP D 213 6.34 -38.01 -46.83
C ASP D 213 7.45 -38.33 -45.83
N ASP D 214 8.44 -39.08 -46.30
CA ASP D 214 9.58 -39.42 -45.45
C ASP D 214 10.37 -38.16 -45.11
N GLY D 215 10.68 -38.00 -43.83
CA GLY D 215 11.41 -36.85 -43.36
C GLY D 215 10.56 -35.64 -43.01
N VAL D 216 9.25 -35.70 -43.28
CA VAL D 216 8.38 -34.57 -42.94
C VAL D 216 8.37 -34.36 -41.43
N LEU D 217 8.27 -35.44 -40.66
CA LEU D 217 8.26 -35.31 -39.21
C LEU D 217 9.58 -34.72 -38.71
N GLU D 218 10.70 -35.14 -39.29
CA GLU D 218 11.99 -34.56 -38.91
C GLU D 218 12.03 -33.07 -39.21
N ARG D 219 11.48 -32.67 -40.37
CA ARG D 219 11.43 -31.25 -40.70
C ARG D 219 10.57 -30.48 -39.72
N ILE D 220 9.44 -31.06 -39.31
CA ILE D 220 8.57 -30.40 -38.34
C ILE D 220 9.28 -30.24 -37.00
N LEU D 221 9.98 -31.28 -36.55
CA LEU D 221 10.74 -31.17 -35.30
C LEU D 221 11.81 -30.10 -35.41
N ASP D 222 12.52 -30.04 -36.54
CA ASP D 222 13.56 -29.04 -36.70
C ASP D 222 12.96 -27.63 -36.68
N ILE D 223 11.82 -27.44 -37.34
CA ILE D 223 11.17 -26.13 -37.32
C ILE D 223 10.76 -25.77 -35.90
N SER D 224 10.27 -26.75 -35.14
CA SER D 224 9.84 -26.47 -33.77
C SER D 224 10.97 -25.90 -32.94
N ALA D 225 12.22 -26.23 -33.26
CA ALA D 225 13.38 -25.71 -32.56
C ALA D 225 13.34 -26.05 -31.07
N GLY D 226 12.95 -27.28 -30.76
CA GLY D 226 12.97 -27.75 -29.38
C GLY D 226 11.68 -27.49 -28.64
N ASP D 227 10.54 -27.75 -29.29
CA ASP D 227 9.23 -27.53 -28.68
C ASP D 227 8.26 -28.53 -29.31
N LEU D 228 8.00 -29.62 -28.60
CA LEU D 228 7.10 -30.64 -29.15
C LEU D 228 5.67 -30.13 -29.27
N ARG D 229 5.29 -29.14 -28.47
CA ARG D 229 3.96 -28.56 -28.59
C ARG D 229 3.77 -27.91 -29.96
N ARG D 230 4.76 -27.15 -30.41
CA ARG D 230 4.68 -26.54 -31.73
C ARG D 230 4.64 -27.60 -32.83
N GLY D 231 5.43 -28.66 -32.68
CA GLY D 231 5.39 -29.74 -33.66
C GLY D 231 4.03 -30.40 -33.75
N ILE D 232 3.41 -30.66 -32.59
CA ILE D 232 2.10 -31.29 -32.57
C ILE D 232 1.05 -30.36 -33.19
N THR D 233 1.11 -29.07 -32.86
CA THR D 233 0.16 -28.13 -33.46
C THR D 233 0.33 -28.04 -34.96
N LEU D 234 1.58 -28.02 -35.44
CA LEU D 234 1.83 -27.98 -36.87
C LEU D 234 1.33 -29.26 -37.55
N LEU D 235 1.53 -30.41 -36.91
CA LEU D 235 1.02 -31.66 -37.46
C LEU D 235 -0.51 -31.64 -37.53
N GLN D 236 -1.16 -31.10 -36.51
CA GLN D 236 -2.62 -31.00 -36.54
C GLN D 236 -3.07 -30.09 -37.69
N SER D 237 -2.39 -28.96 -37.88
CA SER D 237 -2.75 -28.07 -38.98
C SER D 237 -2.55 -28.74 -40.32
N ALA D 238 -1.44 -29.46 -40.48
CA ALA D 238 -1.18 -30.17 -41.74
C ALA D 238 -2.24 -31.23 -41.99
N SER D 239 -2.63 -31.96 -40.95
CA SER D 239 -3.67 -32.97 -41.10
C SER D 239 -5.00 -32.33 -41.49
N LYS D 240 -5.34 -31.19 -40.88
CA LYS D 240 -6.56 -30.49 -41.25
C LYS D 240 -6.52 -30.07 -42.71
N GLY D 241 -5.39 -29.52 -43.15
CA GLY D 241 -5.28 -29.12 -44.56
C GLY D 241 -5.41 -30.30 -45.50
N ALA D 242 -4.75 -31.42 -45.18
CA ALA D 242 -4.85 -32.61 -46.02
C ALA D 242 -6.28 -33.13 -46.08
N GLN D 243 -6.97 -33.15 -44.94
CA GLN D 243 -8.35 -33.62 -44.91
C GLN D 243 -9.24 -32.71 -45.76
N TYR D 244 -9.05 -31.39 -45.64
CA TYR D 244 -9.85 -30.47 -46.45
C TYR D 244 -9.58 -30.67 -47.93
N LEU D 245 -8.32 -30.88 -48.31
CA LEU D 245 -8.00 -31.12 -49.71
C LEU D 245 -8.69 -32.38 -50.22
N GLY D 246 -8.68 -33.44 -49.42
CA GLY D 246 -9.36 -34.67 -49.81
C GLY D 246 -8.81 -35.29 -51.08
N ASP D 247 -7.49 -35.28 -51.24
CA ASP D 247 -6.84 -35.86 -52.40
C ASP D 247 -6.18 -37.19 -52.13
N GLY D 248 -6.12 -37.63 -50.87
CA GLY D 248 -5.46 -38.89 -50.55
C GLY D 248 -4.00 -38.91 -50.92
N LYS D 249 -3.30 -37.80 -50.66
CA LYS D 249 -1.88 -37.67 -51.00
C LYS D 249 -1.10 -37.32 -49.74
N ASN D 250 0.09 -37.91 -49.62
CA ASN D 250 0.92 -37.67 -48.44
C ASN D 250 1.32 -36.20 -48.36
N ILE D 251 1.37 -35.68 -47.13
CA ILE D 251 1.75 -34.28 -46.92
C ILE D 251 3.24 -34.13 -47.18
N THR D 252 3.59 -33.11 -47.95
CA THR D 252 4.98 -32.84 -48.31
C THR D 252 5.58 -31.75 -47.43
N SER D 253 6.88 -31.54 -47.61
CA SER D 253 7.58 -30.54 -46.79
C SER D 253 7.14 -29.12 -47.13
N THR D 254 6.71 -28.88 -48.37
CA THR D 254 6.33 -27.53 -48.76
C THR D 254 5.15 -27.03 -47.92
N GLN D 255 4.16 -27.90 -47.70
CA GLN D 255 2.98 -27.47 -46.94
C GLN D 255 3.34 -27.14 -45.50
N VAL D 256 4.15 -27.99 -44.86
CA VAL D 256 4.52 -27.73 -43.48
C VAL D 256 5.35 -26.45 -43.38
N GLU D 257 6.24 -26.21 -44.34
CA GLU D 257 7.00 -24.96 -44.34
C GLU D 257 6.08 -23.75 -44.51
N GLU D 258 5.11 -23.83 -45.42
CA GLU D 258 4.22 -22.70 -45.65
C GLU D 258 3.37 -22.41 -44.42
N LEU D 259 2.83 -23.45 -43.78
CA LEU D 259 2.02 -23.24 -42.58
C LEU D 259 2.87 -22.85 -41.36
N ALA D 260 4.15 -23.19 -41.36
CA ALA D 260 5.00 -22.83 -40.23
C ALA D 260 5.36 -21.34 -40.24
N GLY D 261 5.37 -20.72 -41.41
CA GLY D 261 5.78 -19.34 -41.53
C GLY D 261 7.22 -19.14 -41.96
N VAL D 262 7.90 -20.20 -42.40
CA VAL D 262 9.28 -20.08 -42.83
C VAL D 262 9.33 -19.34 -44.17
N VAL D 263 10.22 -18.36 -44.27
CA VAL D 263 10.35 -17.61 -45.52
C VAL D 263 10.84 -18.54 -46.62
N PRO D 264 10.28 -18.50 -47.83
CA PRO D 264 10.76 -19.39 -48.89
C PRO D 264 12.21 -19.12 -49.24
N HIS D 265 12.90 -20.16 -49.69
CA HIS D 265 14.31 -20.05 -50.04
C HIS D 265 14.53 -19.02 -51.15
N ASP D 266 13.56 -18.86 -52.05
CA ASP D 266 13.72 -17.89 -53.14
C ASP D 266 13.82 -16.48 -52.59
N ILE D 267 12.98 -16.13 -51.62
CA ILE D 267 13.04 -14.80 -51.02
C ILE D 267 14.38 -14.60 -50.32
N LEU D 268 14.88 -15.64 -49.65
CA LEU D 268 16.18 -15.54 -49.00
C LEU D 268 17.29 -15.31 -50.02
N ILE D 269 17.24 -16.01 -51.15
CA ILE D 269 18.23 -15.83 -52.20
C ILE D 269 18.18 -14.40 -52.74
N GLU D 270 16.97 -13.89 -52.95
CA GLU D 270 16.83 -12.52 -53.45
C GLU D 270 17.38 -11.51 -52.44
N ILE D 271 17.11 -11.73 -51.16
CA ILE D 271 17.64 -10.83 -50.12
C ILE D 271 19.15 -10.88 -50.12
N VAL D 272 19.74 -12.08 -50.23
CA VAL D 272 21.19 -12.20 -50.25
C VAL D 272 21.76 -11.48 -51.45
N GLU D 273 21.12 -11.62 -52.62
CA GLU D 273 21.59 -10.94 -53.82
C GLU D 273 21.54 -9.43 -53.65
N LYS D 274 20.46 -8.91 -53.05
CA LYS D 274 20.36 -7.48 -52.80
C LYS D 274 21.45 -7.01 -51.85
N VAL D 275 21.71 -7.78 -50.79
CA VAL D 275 22.74 -7.40 -49.82
C VAL D 275 24.11 -7.39 -50.48
N LYS D 276 24.41 -8.39 -51.31
CA LYS D 276 25.73 -8.46 -51.93
C LYS D 276 25.98 -7.24 -52.81
N SER D 277 24.99 -6.83 -53.59
CA SER D 277 25.10 -5.63 -54.41
C SER D 277 24.75 -4.43 -53.54
N GLY D 278 25.75 -3.90 -52.85
CA GLY D 278 25.54 -2.82 -51.91
C GLY D 278 24.89 -1.60 -52.53
N ASP D 279 23.65 -1.34 -52.17
CA ASP D 279 22.92 -0.17 -52.65
C ASP D 279 21.81 0.14 -51.66
N PHE D 280 21.90 1.28 -50.99
CA PHE D 280 20.92 1.61 -49.96
C PHE D 280 19.52 1.74 -50.53
N ASP D 281 19.38 2.39 -51.68
CA ASP D 281 18.06 2.59 -52.27
C ASP D 281 17.41 1.26 -52.64
N GLU D 282 18.13 0.44 -53.40
CA GLU D 282 17.58 -0.85 -53.81
C GLU D 282 17.30 -1.74 -52.60
N ILE D 283 18.22 -1.76 -51.63
CA ILE D 283 18.05 -2.61 -50.46
C ILE D 283 16.81 -2.18 -49.68
N LYS D 284 16.66 -0.87 -49.45
CA LYS D 284 15.52 -0.39 -48.67
C LYS D 284 14.21 -0.62 -49.42
N LYS D 285 14.19 -0.43 -50.74
CA LYS D 285 12.98 -0.70 -51.50
C LYS D 285 12.59 -2.17 -51.39
N TYR D 286 13.55 -3.07 -51.58
CA TYR D 286 13.24 -4.50 -51.50
C TYR D 286 12.81 -4.88 -50.08
N VAL D 287 13.43 -4.27 -49.07
CA VAL D 287 13.05 -4.57 -47.70
C VAL D 287 11.63 -4.11 -47.42
N ASN D 288 11.26 -2.93 -47.92
CA ASN D 288 9.89 -2.46 -47.76
C ASN D 288 8.90 -3.42 -48.42
N THR D 289 9.21 -3.84 -49.65
CA THR D 289 8.32 -4.77 -50.35
C THR D 289 8.21 -6.09 -49.59
N PHE D 290 9.32 -6.60 -49.08
CA PHE D 290 9.31 -7.87 -48.35
C PHE D 290 8.52 -7.75 -47.06
N MET D 291 8.73 -6.67 -46.30
CA MET D 291 8.05 -6.50 -45.02
C MET D 291 6.58 -6.16 -45.20
N LYS D 292 6.16 -5.73 -46.39
CA LYS D 292 4.75 -5.58 -46.69
C LYS D 292 4.08 -6.92 -47.01
N SER D 293 4.75 -8.05 -46.72
CA SER D 293 4.18 -9.37 -46.92
C SER D 293 3.84 -10.08 -45.61
N GLY D 294 4.25 -9.54 -44.47
CA GLY D 294 3.88 -10.09 -43.18
C GLY D 294 4.84 -11.09 -42.59
N TRP D 295 6.00 -11.31 -43.21
CA TRP D 295 6.96 -12.26 -42.68
C TRP D 295 7.50 -11.79 -41.33
N SER D 296 7.87 -12.76 -40.50
CA SER D 296 8.43 -12.47 -39.19
C SER D 296 9.94 -12.27 -39.29
N ALA D 297 10.46 -11.29 -38.55
CA ALA D 297 11.89 -11.00 -38.60
C ALA D 297 12.72 -12.12 -37.99
N ALA D 298 12.20 -12.78 -36.96
CA ALA D 298 12.96 -13.85 -36.32
C ALA D 298 13.25 -14.99 -37.28
N SER D 299 12.25 -15.39 -38.06
CA SER D 299 12.44 -16.50 -38.99
C SER D 299 13.47 -16.17 -40.07
N VAL D 300 13.37 -14.97 -40.64
CA VAL D 300 14.31 -14.59 -41.69
C VAL D 300 15.70 -14.42 -41.12
N VAL D 301 15.81 -13.90 -39.90
CA VAL D 301 17.12 -13.76 -39.26
C VAL D 301 17.74 -15.14 -39.03
N ASN D 302 16.95 -16.10 -38.55
CA ASN D 302 17.46 -17.44 -38.35
C ASN D 302 17.90 -18.07 -39.67
N GLN D 303 17.10 -17.89 -40.72
CA GLN D 303 17.46 -18.44 -42.02
C GLN D 303 18.75 -17.80 -42.55
N LEU D 304 18.88 -16.48 -42.39
CA LEU D 304 20.11 -15.81 -42.82
C LEU D 304 21.31 -16.31 -42.04
N HIS D 305 21.16 -16.48 -40.72
CA HIS D 305 22.26 -17.01 -39.93
C HIS D 305 22.67 -18.39 -40.42
N GLU D 306 21.69 -19.27 -40.63
CA GLU D 306 22.00 -20.60 -41.14
C GLU D 306 22.74 -20.52 -42.47
N TYR D 307 22.20 -19.74 -43.42
CA TYR D 307 22.79 -19.67 -44.74
C TYR D 307 24.21 -19.13 -44.69
N TYR D 308 24.45 -18.08 -43.90
CA TYR D 308 25.77 -17.46 -43.88
C TYR D 308 26.79 -18.33 -43.15
N ILE D 309 26.41 -18.88 -41.99
CA ILE D 309 27.36 -19.67 -41.21
C ILE D 309 27.69 -20.97 -41.92
N THR D 310 26.68 -21.65 -42.48
CA THR D 310 26.93 -22.94 -43.10
C THR D 310 27.62 -22.83 -44.46
N ASN D 311 27.63 -21.64 -45.07
CA ASN D 311 28.29 -21.46 -46.35
C ASN D 311 29.81 -21.39 -46.16
N ASP D 312 30.54 -22.02 -47.08
CA ASP D 312 31.99 -22.06 -47.06
C ASP D 312 32.61 -21.09 -48.06
N ASN D 313 31.82 -20.19 -48.63
CA ASN D 313 32.30 -19.24 -49.64
C ASN D 313 32.73 -17.91 -49.04
N PHE D 314 32.79 -17.80 -47.72
CA PHE D 314 33.09 -16.54 -47.05
C PHE D 314 34.29 -16.72 -46.13
N ASP D 315 34.98 -15.61 -45.88
CA ASP D 315 36.20 -15.62 -45.10
C ASP D 315 35.88 -15.68 -43.60
N THR D 316 36.91 -15.95 -42.81
CA THR D 316 36.73 -16.08 -41.36
C THR D 316 36.36 -14.75 -40.72
N ASN D 317 36.98 -13.65 -41.15
CA ASN D 317 36.68 -12.35 -40.56
C ASN D 317 35.23 -11.95 -40.81
N PHE D 318 34.74 -12.20 -42.02
CA PHE D 318 33.34 -11.88 -42.33
C PHE D 318 32.40 -12.66 -41.42
N LYS D 319 32.67 -13.95 -41.21
CA LYS D 319 31.84 -14.75 -40.32
C LYS D 319 31.92 -14.23 -38.88
N ASN D 320 33.13 -13.85 -38.44
CA ASN D 320 33.29 -13.32 -37.10
C ASN D 320 32.43 -12.07 -36.90
N GLN D 321 32.43 -11.18 -37.88
CA GLN D 321 31.63 -9.96 -37.76
C GLN D 321 30.14 -10.24 -37.88
N ILE D 322 29.75 -11.13 -38.80
CA ILE D 322 28.34 -11.39 -39.04
C ILE D 322 27.72 -12.12 -37.86
N SER D 323 28.50 -12.95 -37.15
CA SER D 323 27.95 -13.61 -35.97
C SER D 323 27.54 -12.59 -34.93
N TRP D 324 28.40 -11.61 -34.66
CA TRP D 324 28.06 -10.57 -33.69
C TRP D 324 26.91 -9.70 -34.21
N LEU D 325 26.88 -9.42 -35.50
CA LEU D 325 25.78 -8.63 -36.06
C LEU D 325 24.45 -9.34 -35.85
N LEU D 326 24.40 -10.63 -36.20
CA LEU D 326 23.18 -11.41 -36.05
C LEU D 326 22.78 -11.52 -34.58
N PHE D 327 23.76 -11.72 -33.70
CA PHE D 327 23.46 -11.79 -32.28
C PHE D 327 22.85 -10.49 -31.78
N THR D 328 23.44 -9.36 -32.17
CA THR D 328 22.92 -8.07 -31.74
C THR D 328 21.50 -7.83 -32.25
N THR D 329 21.26 -8.17 -33.53
CA THR D 329 19.93 -7.95 -34.08
C THR D 329 18.91 -8.87 -33.42
N ASP D 330 19.27 -10.12 -33.16
CA ASP D 330 18.35 -11.02 -32.48
C ASP D 330 18.04 -10.54 -31.06
N SER D 331 19.07 -10.06 -30.35
CA SER D 331 18.84 -9.50 -29.02
C SER D 331 17.91 -8.31 -29.09
N ARG D 332 18.10 -7.45 -30.10
CA ARG D 332 17.19 -6.31 -30.26
C ARG D 332 15.77 -6.77 -30.52
N LEU D 333 15.60 -7.77 -31.39
CA LEU D 333 14.27 -8.26 -31.71
C LEU D 333 13.58 -8.84 -30.48
N ASN D 334 14.33 -9.59 -29.66
CA ASN D 334 13.73 -10.17 -28.46
C ASN D 334 13.23 -9.09 -27.49
N ASN D 335 13.70 -7.85 -27.64
CA ASN D 335 13.25 -6.77 -26.79
C ASN D 335 11.93 -6.15 -27.25
N GLY D 336 11.41 -6.54 -28.42
CA GLY D 336 10.16 -6.01 -28.92
C GLY D 336 10.36 -4.76 -29.76
N THR D 337 11.31 -4.80 -30.66
CA THR D 337 11.64 -3.65 -31.51
C THR D 337 10.95 -3.77 -32.87
N ASN D 338 10.92 -2.66 -33.59
CA ASN D 338 10.31 -2.63 -34.91
C ASN D 338 11.07 -3.56 -35.85
N GLU D 339 10.36 -4.55 -36.39
CA GLU D 339 11.01 -5.55 -37.24
C GLU D 339 11.57 -4.92 -38.51
N HIS D 340 10.83 -3.97 -39.09
CA HIS D 340 11.25 -3.35 -40.34
C HIS D 340 12.61 -2.66 -40.20
N ILE D 341 12.73 -1.80 -39.17
CA ILE D 341 13.96 -1.05 -38.97
C ILE D 341 15.13 -1.99 -38.70
N GLN D 342 14.91 -2.97 -37.81
CA GLN D 342 15.98 -3.88 -37.45
C GLN D 342 16.45 -4.69 -38.64
N LEU D 343 15.50 -5.20 -39.45
CA LEU D 343 15.88 -5.96 -40.63
C LEU D 343 16.65 -5.10 -41.63
N LEU D 344 16.21 -3.87 -41.84
CA LEU D 344 16.91 -2.99 -42.77
C LEU D 344 18.33 -2.71 -42.28
N ASN D 345 18.49 -2.44 -40.99
CA ASN D 345 19.82 -2.19 -40.45
C ASN D 345 20.71 -3.41 -40.58
N LEU D 346 20.18 -4.61 -40.28
CA LEU D 346 20.96 -5.82 -40.43
C LEU D 346 21.42 -6.01 -41.86
N LEU D 347 20.51 -5.85 -42.82
CA LEU D 347 20.87 -6.05 -44.21
C LEU D 347 21.93 -5.03 -44.65
N VAL D 348 21.77 -3.77 -44.25
CA VAL D 348 22.74 -2.75 -44.62
C VAL D 348 24.10 -3.07 -44.00
N LYS D 349 24.12 -3.47 -42.73
CA LYS D 349 25.38 -3.76 -42.07
C LYS D 349 26.10 -4.93 -42.73
N ILE D 350 25.36 -5.99 -43.09
CA ILE D 350 26.01 -7.09 -43.79
C ILE D 350 26.49 -6.64 -45.16
N SER D 351 25.75 -5.75 -45.81
CA SER D 351 26.18 -5.23 -47.09
C SER D 351 27.50 -4.49 -46.97
N GLN D 352 27.67 -3.71 -45.90
CA GLN D 352 28.91 -2.98 -45.70
C GLN D 352 30.10 -3.92 -45.57
N LEU D 353 29.95 -5.00 -44.81
CA LEU D 353 31.04 -5.95 -44.60
C LEU D 353 31.53 -6.52 -45.93
N SER E 2 -22.72 5.99 -44.50
CA SER E 2 -21.76 5.31 -43.67
C SER E 2 -20.38 5.28 -44.32
N LEU E 3 -19.33 5.14 -43.52
CA LEU E 3 -17.99 5.08 -44.05
C LEU E 3 -17.84 3.88 -44.98
N TRP E 4 -17.25 4.11 -46.15
CA TRP E 4 -17.13 3.05 -47.14
C TRP E 4 -16.22 1.91 -46.66
N VAL E 5 -15.38 2.16 -45.66
CA VAL E 5 -14.53 1.10 -45.13
C VAL E 5 -15.39 0.01 -44.48
N ASP E 6 -16.41 0.41 -43.72
CA ASP E 6 -17.23 -0.55 -42.98
C ASP E 6 -18.41 -1.05 -43.79
N LYS E 7 -19.03 -0.18 -44.61
CA LYS E 7 -20.22 -0.58 -45.34
C LYS E 7 -19.93 -1.59 -46.44
N TYR E 8 -18.66 -1.79 -46.79
CA TYR E 8 -18.24 -2.83 -47.72
C TYR E 8 -17.55 -3.99 -47.03
N ARG E 9 -17.60 -4.07 -45.71
CA ARG E 9 -16.88 -5.12 -45.00
C ARG E 9 -17.47 -6.48 -45.37
N PRO E 10 -16.70 -7.40 -45.93
CA PRO E 10 -17.25 -8.72 -46.22
C PRO E 10 -17.75 -9.41 -44.95
N LYS E 11 -18.88 -10.10 -45.07
CA LYS E 11 -19.49 -10.80 -43.95
C LYS E 11 -19.44 -12.32 -44.10
N SER E 12 -18.62 -12.82 -45.03
CA SER E 12 -18.47 -14.25 -45.21
C SER E 12 -17.09 -14.53 -45.80
N LEU E 13 -16.60 -15.74 -45.56
CA LEU E 13 -15.28 -16.11 -46.07
C LEU E 13 -15.27 -16.11 -47.60
N ASN E 14 -16.34 -16.59 -48.23
CA ASN E 14 -16.39 -16.63 -49.69
C ASN E 14 -16.31 -15.25 -50.30
N ALA E 15 -16.80 -14.22 -49.60
CA ALA E 15 -16.79 -12.87 -50.12
C ALA E 15 -15.37 -12.33 -50.32
N LEU E 16 -14.39 -12.86 -49.60
CA LEU E 16 -13.03 -12.38 -49.73
C LEU E 16 -12.53 -12.56 -51.16
N SER E 17 -11.81 -11.56 -51.67
CA SER E 17 -11.33 -11.56 -53.04
C SER E 17 -9.82 -11.40 -53.15
N HIS E 18 -9.08 -11.36 -52.04
CA HIS E 18 -7.63 -11.30 -52.09
C HIS E 18 -7.05 -12.25 -51.06
N ASN E 19 -5.83 -12.71 -51.32
CA ASN E 19 -5.16 -13.70 -50.48
C ASN E 19 -5.99 -14.98 -50.39
N GLU E 20 -6.16 -15.62 -51.55
CA GLU E 20 -6.98 -16.82 -51.62
C GLU E 20 -6.39 -17.96 -50.81
N GLU E 21 -5.07 -18.01 -50.66
CA GLU E 21 -4.46 -19.07 -49.87
C GLU E 21 -4.91 -19.00 -48.41
N LEU E 22 -4.93 -17.81 -47.84
CA LEU E 22 -5.41 -17.65 -46.47
C LEU E 22 -6.88 -18.00 -46.36
N THR E 23 -7.68 -17.66 -47.38
CA THR E 23 -9.09 -18.04 -47.37
C THR E 23 -9.24 -19.56 -47.38
N ASN E 24 -8.46 -20.25 -48.20
CA ASN E 24 -8.52 -21.71 -48.22
C ASN E 24 -8.10 -22.30 -46.89
N PHE E 25 -7.06 -21.74 -46.28
CA PHE E 25 -6.63 -22.22 -44.96
C PHE E 25 -7.72 -22.02 -43.92
N LEU E 26 -8.42 -20.89 -43.97
CA LEU E 26 -9.53 -20.65 -43.05
C LEU E 26 -10.67 -21.64 -43.31
N LYS E 27 -10.96 -21.92 -44.57
CA LYS E 27 -11.97 -22.94 -44.88
C LYS E 27 -11.58 -24.28 -44.29
N SER E 28 -10.31 -24.66 -44.44
CA SER E 28 -9.85 -25.93 -43.87
C SER E 28 -9.99 -25.94 -42.35
N LEU E 29 -9.64 -24.83 -41.71
CA LEU E 29 -9.78 -24.75 -40.26
C LEU E 29 -11.23 -24.89 -39.83
N SER E 30 -12.15 -24.26 -40.56
CA SER E 30 -13.57 -24.32 -40.22
C SER E 30 -14.23 -25.61 -40.68
N ASP E 31 -13.53 -26.48 -41.40
CA ASP E 31 -14.15 -27.71 -41.88
C ASP E 31 -14.60 -28.59 -40.72
N GLN E 32 -13.78 -28.70 -39.68
CA GLN E 32 -14.08 -29.51 -38.50
C GLN E 32 -13.93 -28.63 -37.27
N PRO E 33 -14.94 -27.79 -36.98
CA PRO E 33 -14.84 -26.81 -35.88
C PRO E 33 -15.06 -27.42 -34.50
N ARG E 34 -14.27 -28.46 -34.18
CA ARG E 34 -14.35 -29.09 -32.87
C ARG E 34 -12.96 -29.14 -32.22
N ASP E 35 -11.93 -29.35 -33.02
CA ASP E 35 -10.56 -29.43 -32.54
C ASP E 35 -9.72 -28.27 -33.09
N LEU E 36 -10.32 -27.10 -33.16
CA LEU E 36 -9.60 -25.92 -33.63
C LEU E 36 -8.68 -25.40 -32.53
N PRO E 37 -7.36 -25.36 -32.75
CA PRO E 37 -6.46 -24.85 -31.71
C PRO E 37 -6.55 -23.33 -31.61
N HIS E 38 -5.85 -22.80 -30.60
CA HIS E 38 -5.74 -21.36 -30.47
C HIS E 38 -5.04 -20.77 -31.68
N LEU E 39 -5.52 -19.62 -32.13
CA LEU E 39 -5.02 -18.99 -33.35
C LEU E 39 -4.39 -17.65 -33.04
N LEU E 40 -3.28 -17.35 -33.71
CA LEU E 40 -2.61 -16.06 -33.61
C LEU E 40 -2.34 -15.57 -35.03
N LEU E 41 -3.12 -14.59 -35.47
CA LEU E 41 -2.99 -14.02 -36.81
C LEU E 41 -2.05 -12.81 -36.74
N TYR E 42 -0.91 -12.91 -37.41
CA TYR E 42 0.05 -11.82 -37.48
C TYR E 42 0.15 -11.31 -38.90
N GLY E 43 0.10 -9.99 -39.06
CA GLY E 43 0.23 -9.40 -40.37
C GLY E 43 0.19 -7.88 -40.36
N PRO E 44 0.61 -7.26 -41.46
CA PRO E 44 0.65 -5.79 -41.50
C PRO E 44 -0.73 -5.18 -41.28
N ASN E 45 -0.73 -4.01 -40.65
CA ASN E 45 -1.99 -3.33 -40.32
C ASN E 45 -2.74 -2.98 -41.60
N GLY E 46 -4.07 -3.11 -41.55
CA GLY E 46 -4.92 -2.83 -42.68
C GLY E 46 -5.10 -3.97 -43.65
N THR E 47 -4.47 -5.11 -43.41
CA THR E 47 -4.61 -6.24 -44.32
C THR E 47 -6.04 -6.77 -44.34
N GLY E 48 -6.67 -6.84 -43.16
CA GLY E 48 -8.02 -7.40 -43.05
C GLY E 48 -8.08 -8.57 -42.10
N LYS E 49 -7.16 -8.61 -41.14
CA LYS E 49 -7.10 -9.75 -40.21
C LYS E 49 -8.38 -9.85 -39.39
N LYS E 50 -8.86 -8.72 -38.87
CA LYS E 50 -10.10 -8.73 -38.09
C LYS E 50 -11.27 -9.18 -38.95
N THR E 51 -11.32 -8.72 -40.20
CA THR E 51 -12.37 -9.16 -41.10
C THR E 51 -12.33 -10.67 -41.31
N ARG E 52 -11.13 -11.23 -41.49
CA ARG E 52 -11.00 -12.67 -41.66
C ARG E 52 -11.43 -13.42 -40.41
N CYS E 53 -11.06 -12.91 -39.23
CA CYS E 53 -11.50 -13.56 -37.99
C CYS E 53 -13.01 -13.55 -37.89
N MET E 54 -13.65 -12.42 -38.21
CA MET E 54 -15.11 -12.35 -38.15
C MET E 54 -15.74 -13.29 -39.17
N ALA E 55 -15.16 -13.38 -40.36
CA ALA E 55 -15.69 -14.29 -41.37
C ALA E 55 -15.59 -15.74 -40.91
N LEU E 56 -14.47 -16.12 -40.30
CA LEU E 56 -14.34 -17.47 -39.76
C LEU E 56 -15.36 -17.73 -38.66
N LEU E 57 -15.53 -16.76 -37.75
CA LEU E 57 -16.51 -16.93 -36.69
C LEU E 57 -17.91 -17.08 -37.24
N GLU E 58 -18.23 -16.32 -38.29
CA GLU E 58 -19.54 -16.47 -38.92
C GLU E 58 -19.69 -17.85 -39.56
N SER E 59 -18.66 -18.30 -40.27
CA SER E 59 -18.73 -19.61 -40.93
C SER E 59 -18.87 -20.73 -39.93
N ILE E 60 -18.39 -20.54 -38.70
CA ILE E 60 -18.43 -21.60 -37.70
C ILE E 60 -19.74 -21.53 -36.92
N PHE E 61 -20.03 -20.38 -36.31
CA PHE E 61 -21.13 -20.25 -35.36
C PHE E 61 -22.35 -19.54 -35.94
N GLY E 62 -22.43 -19.39 -37.26
CA GLY E 62 -23.58 -18.78 -37.88
C GLY E 62 -23.48 -17.26 -37.89
N PRO E 63 -24.59 -16.59 -38.13
CA PRO E 63 -24.59 -15.13 -38.27
C PRO E 63 -24.91 -14.30 -37.02
N GLY E 64 -24.96 -14.89 -35.83
CA GLY E 64 -25.13 -14.09 -34.63
C GLY E 64 -23.89 -13.33 -34.21
N VAL E 65 -22.71 -13.75 -34.67
CA VAL E 65 -21.47 -13.07 -34.29
C VAL E 65 -21.47 -11.63 -34.79
N TYR E 66 -21.93 -11.41 -36.02
CA TYR E 66 -21.97 -10.07 -36.58
C TYR E 66 -22.98 -9.17 -35.89
N ARG E 67 -23.87 -9.72 -35.07
CA ARG E 67 -24.78 -8.93 -34.24
C ARG E 67 -24.06 -8.61 -32.95
N LEU E 68 -23.29 -7.52 -32.95
CA LEU E 68 -22.46 -7.15 -31.82
C LEU E 68 -23.26 -6.43 -30.74
N LYS E 69 -22.83 -6.62 -29.50
CA LYS E 69 -23.38 -5.93 -28.34
C LYS E 69 -22.23 -5.39 -27.51
N ILE E 70 -22.48 -4.29 -26.80
CA ILE E 70 -21.47 -3.64 -25.98
C ILE E 70 -21.96 -3.55 -24.55
N ASP E 71 -21.05 -3.77 -23.60
CA ASP E 71 -21.35 -3.69 -22.19
C ASP E 71 -20.16 -3.07 -21.47
N VAL E 72 -20.40 -2.64 -20.23
CA VAL E 72 -19.38 -2.03 -19.40
C VAL E 72 -19.06 -2.99 -18.25
N ARG E 73 -17.83 -3.46 -18.20
CA ARG E 73 -17.36 -4.35 -17.15
C ARG E 73 -16.34 -3.59 -16.30
N GLN E 74 -16.63 -3.47 -15.00
CA GLN E 74 -15.77 -2.74 -14.09
C GLN E 74 -14.73 -3.67 -13.46
N PHE E 75 -13.54 -3.12 -13.23
CA PHE E 75 -12.43 -3.87 -12.66
C PHE E 75 -11.86 -3.10 -11.48
N VAL E 76 -11.52 -3.83 -10.42
CA VAL E 76 -10.91 -3.26 -9.23
C VAL E 76 -9.50 -3.82 -9.12
N THR E 77 -8.51 -2.95 -9.06
CA THR E 77 -7.12 -3.35 -8.99
C THR E 77 -6.72 -3.58 -7.53
N ALA E 78 -5.42 -3.84 -7.32
CA ALA E 78 -4.94 -4.06 -5.96
C ALA E 78 -5.10 -2.82 -5.10
N SER E 79 -4.87 -1.64 -5.69
CA SER E 79 -4.98 -0.38 -4.96
C SER E 79 -6.38 0.20 -5.00
N ASN E 80 -7.40 -0.63 -5.19
CA ASN E 80 -8.79 -0.17 -5.24
C ASN E 80 -8.99 0.89 -6.31
N ARG E 81 -8.37 0.69 -7.46
CA ARG E 81 -8.46 1.62 -8.58
C ARG E 81 -9.49 1.11 -9.59
N LYS E 82 -10.35 2.03 -10.04
CA LYS E 82 -11.39 1.69 -11.01
C LYS E 82 -10.78 1.54 -12.40
N LEU E 83 -11.23 0.52 -13.12
CA LEU E 83 -10.84 0.32 -14.51
C LEU E 83 -12.08 -0.02 -15.32
N GLU E 84 -12.21 0.58 -16.50
CA GLU E 84 -13.34 0.38 -17.37
C GLU E 84 -12.85 -0.12 -18.71
N LEU E 85 -13.35 -1.28 -19.13
CA LEU E 85 -13.03 -1.87 -20.43
C LEU E 85 -14.33 -2.18 -21.15
N ASN E 86 -14.54 -1.52 -22.29
CA ASN E 86 -15.77 -1.73 -23.07
C ASN E 86 -15.75 -3.15 -23.62
N VAL E 87 -16.56 -4.03 -23.05
CA VAL E 87 -16.59 -5.43 -23.44
C VAL E 87 -17.54 -5.57 -24.63
N VAL E 88 -16.99 -5.95 -25.77
CA VAL E 88 -17.78 -6.22 -26.96
C VAL E 88 -18.06 -7.71 -27.01
N SER E 89 -19.33 -8.08 -26.83
CA SER E 89 -19.74 -9.46 -26.73
C SER E 89 -20.84 -9.76 -27.73
N SER E 90 -20.91 -11.01 -28.15
CA SER E 90 -21.93 -11.53 -29.03
C SER E 90 -22.45 -12.84 -28.45
N PRO E 91 -23.65 -13.27 -28.85
CA PRO E 91 -24.18 -14.53 -28.32
C PRO E 91 -23.32 -15.74 -28.65
N TYR E 92 -22.38 -15.63 -29.59
CA TYR E 92 -21.53 -16.75 -29.99
C TYR E 92 -20.04 -16.48 -29.81
N HIS E 93 -19.64 -15.27 -29.45
CA HIS E 93 -18.22 -14.97 -29.31
C HIS E 93 -18.06 -13.74 -28.42
N LEU E 94 -16.80 -13.41 -28.12
CA LEU E 94 -16.46 -12.29 -27.27
C LEU E 94 -15.22 -11.60 -27.81
N GLU E 95 -15.12 -10.29 -27.57
CA GLU E 95 -13.99 -9.50 -28.03
C GLU E 95 -13.49 -8.61 -26.91
N ILE E 96 -12.17 -8.41 -26.84
CA ILE E 96 -11.55 -7.60 -25.80
C ILE E 96 -10.27 -7.01 -26.35
N THR E 97 -9.91 -5.83 -25.83
CA THR E 97 -8.66 -5.15 -26.18
C THR E 97 -7.96 -4.75 -24.88
N PRO E 98 -7.25 -5.68 -24.24
CA PRO E 98 -6.59 -5.36 -22.97
C PRO E 98 -5.53 -4.28 -23.09
N SER E 99 -5.03 -4.00 -24.30
CA SER E 99 -4.03 -2.94 -24.46
C SER E 99 -4.56 -1.61 -23.95
N ASP E 100 -5.86 -1.38 -24.03
CA ASP E 100 -6.45 -0.14 -23.54
C ASP E 100 -6.21 0.06 -22.06
N MET E 101 -5.92 -1.00 -21.32
CA MET E 101 -5.63 -0.92 -19.89
C MET E 101 -4.15 -0.78 -19.59
N GLY E 102 -3.32 -0.60 -20.63
CA GLY E 102 -1.91 -0.40 -20.39
C GLY E 102 -1.30 -1.58 -19.65
N ASN E 103 -0.65 -1.29 -18.52
CA ASN E 103 0.02 -2.31 -17.73
C ASN E 103 -0.95 -3.08 -16.83
N ASN E 104 -2.22 -2.70 -16.79
CA ASN E 104 -3.22 -3.41 -15.99
C ASN E 104 -3.87 -4.55 -16.77
N ASP E 105 -3.48 -4.76 -18.03
CA ASP E 105 -4.12 -5.79 -18.84
C ASP E 105 -4.07 -7.16 -18.17
N ARG E 106 -3.03 -7.41 -17.36
CA ARG E 106 -2.92 -8.70 -16.68
C ARG E 106 -4.18 -9.02 -15.89
N ILE E 107 -4.77 -8.01 -15.24
CA ILE E 107 -5.98 -8.25 -14.45
C ILE E 107 -7.08 -8.80 -15.35
N VAL E 108 -7.23 -8.22 -16.54
CA VAL E 108 -8.25 -8.72 -17.47
C VAL E 108 -8.02 -10.19 -17.77
N ILE E 109 -6.74 -10.59 -17.89
CA ILE E 109 -6.44 -11.98 -18.16
C ILE E 109 -6.83 -12.86 -16.97
N GLN E 110 -6.70 -12.35 -15.75
CA GLN E 110 -6.94 -13.14 -14.56
C GLN E 110 -8.40 -13.14 -14.11
N GLU E 111 -9.13 -12.04 -14.34
CA GLU E 111 -10.47 -11.90 -13.82
C GLU E 111 -11.57 -12.09 -14.86
N LEU E 112 -11.29 -11.77 -16.13
CA LEU E 112 -12.30 -11.92 -17.18
C LEU E 112 -12.18 -13.27 -17.89
N LEU E 113 -11.02 -13.54 -18.49
CA LEU E 113 -10.86 -14.75 -19.28
C LEU E 113 -11.03 -16.00 -18.42
N LYS E 114 -10.44 -16.00 -17.22
CA LYS E 114 -10.52 -17.18 -16.38
C LYS E 114 -11.96 -17.47 -15.94
N GLU E 115 -12.69 -16.43 -15.54
CA GLU E 115 -14.06 -16.63 -15.06
C GLU E 115 -14.96 -17.19 -16.16
N VAL E 116 -14.86 -16.63 -17.36
CA VAL E 116 -15.69 -17.12 -18.46
C VAL E 116 -15.23 -18.51 -18.89
N ALA E 117 -13.93 -18.78 -18.85
CA ALA E 117 -13.42 -20.11 -19.21
C ALA E 117 -13.95 -21.16 -18.25
N GLN E 118 -14.02 -20.83 -16.95
CA GLN E 118 -14.56 -21.77 -15.99
C GLN E 118 -16.01 -22.12 -16.32
N MET E 119 -16.80 -21.11 -16.71
CA MET E 119 -18.18 -21.36 -17.10
C MET E 119 -18.23 -22.28 -18.31
N GLU E 120 -19.17 -23.22 -18.29
CA GLU E 120 -19.31 -24.21 -19.36
C GLU E 120 -20.48 -23.83 -20.26
N GLN E 121 -20.26 -23.83 -21.56
CA GLN E 121 -21.29 -23.48 -22.53
C GLN E 121 -22.17 -24.68 -22.84
N HIS E 133 -22.29 -29.91 -26.44
CA HIS E 133 -21.43 -28.91 -25.82
C HIS E 133 -20.41 -28.37 -26.82
N ARG E 134 -20.35 -27.05 -26.93
CA ARG E 134 -19.42 -26.37 -27.82
C ARG E 134 -18.56 -25.41 -27.01
N TYR E 135 -17.68 -24.69 -27.70
CA TYR E 135 -16.76 -23.76 -27.06
C TYR E 135 -17.06 -22.33 -27.53
N LYS E 136 -16.60 -21.37 -26.74
CA LYS E 136 -16.71 -19.96 -27.09
C LYS E 136 -15.38 -19.47 -27.67
N CYS E 137 -15.46 -18.46 -28.52
CA CYS E 137 -14.30 -17.86 -29.17
C CYS E 137 -14.09 -16.45 -28.65
N VAL E 138 -12.88 -16.16 -28.18
CA VAL E 138 -12.51 -14.87 -27.63
C VAL E 138 -11.44 -14.26 -28.51
N ILE E 139 -11.65 -13.01 -28.92
CA ILE E 139 -10.73 -12.28 -29.78
C ILE E 139 -10.02 -11.23 -28.93
N ILE E 140 -8.71 -11.13 -29.08
CA ILE E 140 -7.89 -10.13 -28.42
C ILE E 140 -7.25 -9.27 -29.49
N ASN E 141 -7.63 -8.01 -29.55
CA ASN E 141 -7.09 -7.08 -30.54
C ASN E 141 -5.76 -6.51 -30.03
N GLU E 142 -4.82 -6.32 -30.96
CA GLU E 142 -3.51 -5.79 -30.64
C GLU E 142 -2.82 -6.66 -29.57
N ALA E 143 -2.61 -7.92 -29.93
CA ALA E 143 -2.00 -8.86 -28.99
C ALA E 143 -0.57 -8.45 -28.64
N ASN E 144 0.17 -7.93 -29.62
CA ASN E 144 1.57 -7.57 -29.40
C ASN E 144 1.73 -6.43 -28.39
N SER E 145 0.65 -5.72 -28.06
CA SER E 145 0.69 -4.66 -27.07
C SER E 145 0.52 -5.18 -25.65
N LEU E 146 0.32 -6.49 -25.47
CA LEU E 146 0.16 -7.05 -24.14
C LEU E 146 1.49 -7.05 -23.39
N THR E 147 1.42 -6.77 -22.09
CA THR E 147 2.61 -6.83 -21.26
C THR E 147 3.02 -8.29 -21.03
N LYS E 148 4.29 -8.48 -20.70
CA LYS E 148 4.81 -9.83 -20.53
C LYS E 148 4.09 -10.58 -19.43
N ASP E 149 3.70 -9.88 -18.37
CA ASP E 149 2.99 -10.53 -17.27
C ASP E 149 1.65 -11.08 -17.74
N ALA E 150 0.91 -10.31 -18.55
CA ALA E 150 -0.37 -10.79 -19.07
C ALA E 150 -0.16 -12.01 -19.95
N GLN E 151 0.86 -11.99 -20.81
CA GLN E 151 1.14 -13.14 -21.65
C GLN E 151 1.46 -14.37 -20.82
N ALA E 152 2.26 -14.19 -19.76
CA ALA E 152 2.57 -15.31 -18.88
C ALA E 152 1.31 -15.86 -18.21
N ALA E 153 0.43 -14.97 -17.74
CA ALA E 153 -0.81 -15.41 -17.12
C ALA E 153 -1.70 -16.14 -18.11
N LEU E 154 -1.62 -15.80 -19.39
CA LEU E 154 -2.47 -16.43 -20.40
C LEU E 154 -2.13 -17.91 -20.60
N ARG E 155 -0.93 -18.34 -20.26
CA ARG E 155 -0.46 -19.68 -20.63
C ARG E 155 -1.35 -20.76 -20.03
N ARG E 156 -1.38 -20.86 -18.70
CA ARG E 156 -2.14 -21.92 -18.07
C ARG E 156 -3.64 -21.70 -18.20
N THR E 157 -4.07 -20.44 -18.34
CA THR E 157 -5.48 -20.18 -18.61
C THR E 157 -5.91 -20.83 -19.93
N MET E 158 -5.07 -20.70 -20.96
CA MET E 158 -5.38 -21.35 -22.23
C MET E 158 -5.27 -22.87 -22.12
N GLU E 159 -4.19 -23.35 -21.51
CA GLU E 159 -3.94 -24.79 -21.49
C GLU E 159 -5.00 -25.54 -20.71
N LYS E 160 -5.40 -25.01 -19.55
CA LYS E 160 -6.29 -25.76 -18.65
C LYS E 160 -7.72 -25.81 -19.17
N TYR E 161 -8.20 -24.70 -19.75
CA TYR E 161 -9.61 -24.56 -20.13
C TYR E 161 -9.79 -24.56 -21.65
N SER E 162 -9.00 -25.37 -22.36
CA SER E 162 -9.18 -25.48 -23.80
C SER E 162 -10.50 -26.13 -24.16
N LYS E 163 -11.11 -26.89 -23.25
CA LYS E 163 -12.40 -27.50 -23.51
C LYS E 163 -13.48 -26.44 -23.71
N ASN E 164 -13.45 -25.39 -22.89
CA ASN E 164 -14.53 -24.41 -22.86
C ASN E 164 -14.34 -23.28 -23.88
N ILE E 165 -13.13 -22.77 -24.03
CA ILE E 165 -12.88 -21.60 -24.85
C ILE E 165 -11.67 -21.84 -25.75
N ARG E 166 -11.74 -21.34 -26.98
CA ARG E 166 -10.62 -21.32 -27.90
C ARG E 166 -10.29 -19.85 -28.20
N LEU E 167 -9.01 -19.52 -28.13
CA LEU E 167 -8.55 -18.14 -28.14
C LEU E 167 -8.08 -17.74 -29.54
N ILE E 168 -8.46 -16.53 -29.95
CA ILE E 168 -8.01 -15.93 -31.20
C ILE E 168 -7.34 -14.60 -30.86
N MET E 169 -6.13 -14.41 -31.38
CA MET E 169 -5.35 -13.21 -31.12
C MET E 169 -4.89 -12.62 -32.44
N VAL E 170 -4.76 -11.29 -32.48
CA VAL E 170 -4.40 -10.57 -33.70
C VAL E 170 -3.27 -9.61 -33.39
N CYS E 171 -2.28 -9.55 -34.28
CA CYS E 171 -1.14 -8.68 -34.06
C CYS E 171 -0.52 -8.27 -35.40
N ASP E 172 0.22 -7.17 -35.36
CA ASP E 172 0.99 -6.70 -36.50
C ASP E 172 2.47 -7.09 -36.41
N SER E 173 2.95 -7.49 -35.23
CA SER E 173 4.34 -7.88 -35.05
C SER E 173 4.41 -8.92 -33.95
N MET E 174 5.07 -10.04 -34.24
CA MET E 174 5.23 -11.12 -33.28
C MET E 174 6.45 -10.93 -32.38
N SER E 175 7.25 -9.90 -32.60
CA SER E 175 8.44 -9.69 -31.78
C SER E 175 8.10 -9.50 -30.30
N PRO E 176 7.10 -8.69 -29.92
CA PRO E 176 6.79 -8.52 -28.50
C PRO E 176 5.99 -9.66 -27.88
N ILE E 177 5.85 -10.79 -28.55
CA ILE E 177 5.12 -11.94 -28.03
C ILE E 177 6.12 -12.91 -27.42
N ILE E 178 5.86 -13.31 -26.17
CA ILE E 178 6.77 -14.21 -25.48
C ILE E 178 6.73 -15.59 -26.13
N ALA E 179 7.82 -16.34 -25.99
CA ALA E 179 7.91 -17.65 -26.61
C ALA E 179 6.80 -18.60 -26.17
N PRO E 180 6.42 -18.69 -24.89
CA PRO E 180 5.35 -19.62 -24.51
C PRO E 180 4.05 -19.39 -25.25
N ILE E 181 3.67 -18.12 -25.48
CA ILE E 181 2.41 -17.85 -26.16
C ILE E 181 2.49 -18.30 -27.61
N LYS E 182 3.59 -17.98 -28.29
CA LYS E 182 3.74 -18.45 -29.67
C LYS E 182 3.74 -19.98 -29.73
N SER E 183 4.30 -20.64 -28.71
CA SER E 183 4.24 -22.10 -28.67
C SER E 183 2.80 -22.58 -28.51
N ARG E 184 2.01 -21.89 -27.68
CA ARG E 184 0.66 -22.34 -27.36
C ARG E 184 -0.37 -21.98 -28.43
N CYS E 185 0.00 -21.21 -29.44
CA CYS E 185 -0.93 -20.76 -30.46
C CYS E 185 -0.50 -21.24 -31.83
N LEU E 186 -1.47 -21.39 -32.73
CA LEU E 186 -1.21 -21.71 -34.13
C LEU E 186 -1.02 -20.42 -34.90
N LEU E 187 0.16 -20.25 -35.50
CA LEU E 187 0.51 -19.00 -36.16
C LEU E 187 -0.09 -18.95 -37.55
N ILE E 188 -0.68 -17.81 -37.91
CA ILE E 188 -1.27 -17.59 -39.22
C ILE E 188 -0.74 -16.27 -39.76
N ARG E 189 -0.02 -16.33 -40.88
CA ARG E 189 0.50 -15.15 -41.53
C ARG E 189 -0.56 -14.55 -42.45
N CYS E 190 -0.73 -13.23 -42.37
CA CYS E 190 -1.73 -12.51 -43.16
C CYS E 190 -1.02 -11.53 -44.08
N PRO E 191 -0.71 -11.93 -45.31
CA PRO E 191 -0.05 -10.99 -46.24
C PRO E 191 -0.95 -9.81 -46.58
N ALA E 192 -0.33 -8.65 -46.74
CA ALA E 192 -1.09 -7.45 -47.10
C ALA E 192 -1.51 -7.52 -48.56
N PRO E 193 -2.63 -6.89 -48.91
CA PRO E 193 -3.07 -6.90 -50.31
C PRO E 193 -2.09 -6.15 -51.21
N SER E 194 -1.98 -6.64 -52.45
CA SER E 194 -1.10 -6.03 -53.42
C SER E 194 -1.76 -4.81 -54.05
N ASP E 195 -1.03 -4.12 -54.91
CA ASP E 195 -1.57 -2.94 -55.57
C ASP E 195 -2.76 -3.31 -56.45
N SER E 196 -2.66 -4.42 -57.18
CA SER E 196 -3.73 -4.80 -58.10
C SER E 196 -5.04 -5.07 -57.36
N GLU E 197 -4.97 -5.81 -56.24
CA GLU E 197 -6.19 -6.14 -55.51
C GLU E 197 -6.82 -4.90 -54.90
N ILE E 198 -6.00 -3.99 -54.35
CA ILE E 198 -6.53 -2.73 -53.84
C ILE E 198 -7.18 -1.94 -54.97
N SER E 199 -6.56 -1.94 -56.14
CA SER E 199 -7.13 -1.22 -57.28
C SER E 199 -8.48 -1.80 -57.66
N THR E 200 -8.60 -3.13 -57.68
CA THR E 200 -9.88 -3.75 -58.03
C THR E 200 -10.94 -3.43 -56.99
N ILE E 201 -10.58 -3.48 -55.69
CA ILE E 201 -11.55 -3.17 -54.65
C ILE E 201 -12.03 -1.72 -54.80
N LEU E 202 -11.09 -0.80 -55.01
CA LEU E 202 -11.46 0.60 -55.18
C LEU E 202 -12.31 0.81 -56.43
N SER E 203 -12.00 0.07 -57.50
CA SER E 203 -12.79 0.17 -58.72
C SER E 203 -14.22 -0.28 -58.48
N ASP E 204 -14.40 -1.38 -57.75
CA ASP E 204 -15.75 -1.83 -57.42
C ASP E 204 -16.46 -0.78 -56.58
N VAL E 205 -15.77 -0.21 -55.58
CA VAL E 205 -16.40 0.77 -54.70
C VAL E 205 -16.85 1.99 -55.49
N VAL E 206 -15.97 2.48 -56.38
CA VAL E 206 -16.30 3.68 -57.15
C VAL E 206 -17.42 3.38 -58.15
N THR E 207 -17.41 2.19 -58.75
CA THR E 207 -18.47 1.84 -59.69
C THR E 207 -19.81 1.77 -59.00
N ASN E 208 -19.87 1.19 -57.80
CA ASN E 208 -21.15 1.05 -57.11
C ASN E 208 -21.64 2.38 -56.56
N GLU E 209 -20.74 3.32 -56.31
CA GLU E 209 -21.11 4.60 -55.72
C GLU E 209 -21.52 5.63 -56.76
N ARG E 210 -21.52 5.27 -58.05
CA ARG E 210 -21.91 6.17 -59.12
C ARG E 210 -21.01 7.42 -59.13
N ILE E 211 -19.73 7.21 -58.87
CA ILE E 211 -18.73 8.27 -58.88
C ILE E 211 -18.00 8.24 -60.21
N GLN E 212 -17.63 9.41 -60.71
CA GLN E 212 -17.01 9.53 -62.02
C GLN E 212 -15.50 9.39 -61.93
N LEU E 213 -14.92 8.68 -62.88
CA LEU E 213 -13.48 8.50 -62.99
C LEU E 213 -13.04 8.76 -64.42
N GLU E 214 -11.78 9.20 -64.57
CA GLU E 214 -11.21 9.49 -65.88
C GLU E 214 -10.34 8.34 -66.36
N THR E 215 -9.33 7.95 -65.58
CA THR E 215 -8.44 6.87 -65.93
C THR E 215 -8.19 6.01 -64.70
N LYS E 216 -7.96 4.71 -64.94
CA LYS E 216 -7.69 3.80 -63.84
C LYS E 216 -6.38 4.10 -63.13
N ASP E 217 -5.46 4.82 -63.79
CA ASP E 217 -4.17 5.12 -63.19
C ASP E 217 -4.34 5.80 -61.84
N ILE E 218 -5.37 6.63 -61.68
CA ILE E 218 -5.59 7.31 -60.41
C ILE E 218 -5.68 6.28 -59.29
N LEU E 219 -6.45 5.22 -59.50
CA LEU E 219 -6.56 4.18 -58.49
C LEU E 219 -5.20 3.64 -58.12
N LYS E 220 -4.33 3.40 -59.11
CA LYS E 220 -2.99 2.93 -58.81
C LYS E 220 -2.27 3.89 -57.87
N ARG E 221 -2.39 5.19 -58.13
CA ARG E 221 -1.79 6.17 -57.22
C ARG E 221 -2.39 6.03 -55.82
N ILE E 222 -3.70 5.84 -55.73
CA ILE E 222 -4.33 5.59 -54.45
C ILE E 222 -3.73 4.34 -53.81
N ALA E 223 -3.44 3.33 -54.63
CA ALA E 223 -2.78 2.14 -54.11
C ALA E 223 -1.35 2.46 -53.66
N GLN E 224 -0.67 3.35 -54.38
CA GLN E 224 0.72 3.64 -54.04
C GLN E 224 0.82 4.50 -52.79
N ALA E 225 -0.05 5.51 -52.66
CA ALA E 225 0.01 6.39 -51.50
C ALA E 225 -0.26 5.64 -50.21
N SER E 226 -1.01 4.54 -50.27
CA SER E 226 -1.24 3.70 -49.10
C SER E 226 -0.20 2.60 -48.98
N ASN E 227 0.05 1.88 -50.09
CA ASN E 227 1.12 0.89 -50.16
C ASN E 227 0.85 -0.28 -49.22
N GLY E 228 -0.38 -0.78 -49.24
CA GLY E 228 -0.71 -1.99 -48.50
C GLY E 228 -1.92 -1.84 -47.59
N ASN E 229 -2.08 -0.67 -46.99
CA ASN E 229 -3.18 -0.43 -46.06
C ASN E 229 -4.45 -0.12 -46.86
N LEU E 230 -5.41 -1.04 -46.81
CA LEU E 230 -6.66 -0.85 -47.55
C LEU E 230 -7.59 0.13 -46.84
N ARG E 231 -7.54 0.19 -45.52
CA ARG E 231 -8.41 1.10 -44.77
C ARG E 231 -8.14 2.55 -45.17
N VAL E 232 -6.88 2.96 -45.11
CA VAL E 232 -6.54 4.33 -45.51
C VAL E 232 -6.79 4.51 -47.00
N SER E 233 -6.58 3.47 -47.81
CA SER E 233 -6.88 3.58 -49.23
C SER E 233 -8.32 3.99 -49.45
N LEU E 234 -9.26 3.26 -48.84
CA LEU E 234 -10.67 3.59 -49.00
C LEU E 234 -11.00 4.94 -48.39
N LEU E 235 -10.44 5.25 -47.23
CA LEU E 235 -10.74 6.53 -46.58
C LEU E 235 -10.32 7.70 -47.47
N MET E 236 -9.11 7.63 -48.03
CA MET E 236 -8.63 8.73 -48.86
C MET E 236 -9.29 8.73 -50.23
N LEU E 237 -9.71 7.57 -50.75
CA LEU E 237 -10.51 7.58 -51.96
C LEU E 237 -11.83 8.32 -51.74
N GLU E 238 -12.49 8.05 -50.61
CA GLU E 238 -13.72 8.76 -50.29
C GLU E 238 -13.46 10.25 -50.11
N SER E 239 -12.37 10.60 -49.43
CA SER E 239 -12.05 12.01 -49.23
C SER E 239 -11.84 12.72 -50.56
N MET E 240 -11.07 12.09 -51.46
CA MET E 240 -10.84 12.69 -52.78
C MET E 240 -12.15 12.82 -53.56
N ALA E 241 -12.98 11.78 -53.53
CA ALA E 241 -14.24 11.81 -54.28
C ALA E 241 -15.13 12.94 -53.78
N LEU E 242 -15.23 13.10 -52.46
CA LEU E 242 -16.09 14.14 -51.90
C LEU E 242 -15.51 15.53 -52.16
N ASN E 243 -14.19 15.67 -52.04
CA ASN E 243 -13.57 16.98 -52.23
C ASN E 243 -13.74 17.47 -53.67
N ASN E 244 -13.61 16.57 -54.64
CA ASN E 244 -13.70 16.92 -56.05
C ASN E 244 -15.15 16.92 -56.57
N GLU E 245 -16.13 17.08 -55.68
CA GLU E 245 -17.53 17.10 -56.08
C GLU E 245 -17.92 15.81 -56.80
N LEU E 246 -17.46 14.67 -56.25
CA LEU E 246 -17.76 13.36 -56.82
C LEU E 246 -17.28 13.26 -58.27
N ALA E 247 -16.11 13.81 -58.54
CA ALA E 247 -15.52 13.77 -59.89
C ALA E 247 -14.01 13.63 -59.72
N LEU E 248 -13.52 12.39 -59.81
CA LEU E 248 -12.09 12.13 -59.64
C LEU E 248 -11.39 12.32 -60.98
N LYS E 249 -10.49 13.29 -61.04
CA LYS E 249 -9.72 13.60 -62.25
C LYS E 249 -8.30 13.07 -62.13
N SER E 250 -7.60 13.06 -63.26
CA SER E 250 -6.22 12.58 -63.26
C SER E 250 -5.30 13.50 -62.47
N SER E 251 -5.57 14.80 -62.47
CA SER E 251 -4.73 15.77 -61.77
C SER E 251 -5.18 16.03 -60.35
N SER E 252 -6.19 15.32 -59.86
CA SER E 252 -6.67 15.55 -58.50
C SER E 252 -5.56 15.22 -57.51
N PRO E 253 -5.25 16.12 -56.58
CA PRO E 253 -4.17 15.84 -55.63
C PRO E 253 -4.53 14.71 -54.67
N ILE E 254 -3.50 14.01 -54.20
CA ILE E 254 -3.67 12.92 -53.25
C ILE E 254 -3.64 13.49 -51.84
N ILE E 255 -4.63 13.11 -51.03
CA ILE E 255 -4.72 13.57 -49.65
C ILE E 255 -4.07 12.54 -48.74
N LYS E 256 -3.09 12.98 -47.95
CA LYS E 256 -2.36 12.15 -47.02
C LYS E 256 -2.72 12.52 -45.59
N PRO E 257 -2.47 11.62 -44.63
CA PRO E 257 -2.70 11.99 -43.23
C PRO E 257 -1.85 13.18 -42.83
N ASP E 258 -2.41 14.04 -41.97
CA ASP E 258 -1.73 15.28 -41.63
C ASP E 258 -0.39 15.02 -40.97
N TRP E 259 -0.32 14.04 -40.06
CA TRP E 259 0.94 13.77 -39.37
C TRP E 259 2.02 13.31 -40.34
N ILE E 260 1.63 12.64 -41.43
CA ILE E 260 2.61 12.26 -42.45
C ILE E 260 3.26 13.50 -43.06
N ILE E 261 2.43 14.47 -43.45
CA ILE E 261 2.96 15.70 -44.03
C ILE E 261 3.82 16.44 -43.02
N VAL E 262 3.40 16.43 -41.76
CA VAL E 262 4.19 17.09 -40.71
C VAL E 262 5.56 16.43 -40.58
N ILE E 263 5.59 15.09 -40.62
CA ILE E 263 6.86 14.38 -40.49
C ILE E 263 7.77 14.69 -41.68
N HIS E 264 7.20 14.72 -42.90
CA HIS E 264 8.02 15.05 -44.06
C HIS E 264 8.56 16.47 -43.98
N LYS E 265 7.75 17.43 -43.52
CA LYS E 265 8.25 18.79 -43.35
C LYS E 265 9.35 18.84 -42.30
N LEU E 266 9.19 18.08 -41.21
CA LEU E 266 10.24 18.02 -40.19
C LEU E 266 11.52 17.44 -40.78
N THR E 267 11.41 16.42 -41.62
CA THR E 267 12.59 15.84 -42.26
C THR E 267 13.29 16.88 -43.14
N ARG E 268 12.50 17.63 -43.92
CA ARG E 268 13.08 18.68 -44.74
C ARG E 268 13.79 19.72 -43.88
N LYS E 269 13.17 20.10 -42.77
CA LYS E 269 13.78 21.06 -41.85
C LYS E 269 15.09 20.53 -41.30
N ILE E 270 15.12 19.26 -40.91
CA ILE E 270 16.35 18.66 -40.38
C ILE E 270 17.44 18.69 -41.44
N VAL E 271 17.09 18.33 -42.67
CA VAL E 271 18.08 18.32 -43.75
C VAL E 271 18.61 19.73 -43.98
N LYS E 272 17.72 20.72 -43.98
CA LYS E 272 18.15 22.08 -44.31
C LYS E 272 19.02 22.69 -43.21
N GLU E 273 18.61 22.56 -41.95
CA GLU E 273 19.26 23.22 -40.83
C GLU E 273 19.80 22.18 -39.86
N ARG E 274 21.12 21.98 -39.85
CA ARG E 274 21.79 21.11 -38.89
C ARG E 274 22.41 21.99 -37.80
N SER E 275 21.58 22.42 -36.87
CA SER E 275 22.01 23.32 -35.81
C SER E 275 21.25 23.00 -34.54
N VAL E 276 21.78 23.50 -33.41
CA VAL E 276 21.12 23.28 -32.13
C VAL E 276 19.73 23.90 -32.13
N ASN E 277 19.62 25.13 -32.61
CA ASN E 277 18.31 25.79 -32.66
C ASN E 277 17.33 24.99 -33.52
N SER E 278 17.83 24.36 -34.58
CA SER E 278 16.97 23.50 -35.38
C SER E 278 16.45 22.33 -34.55
N LEU E 279 17.31 21.74 -33.72
CA LEU E 279 16.86 20.67 -32.83
C LEU E 279 15.80 21.18 -31.86
N ILE E 280 16.00 22.38 -31.31
CA ILE E 280 15.03 22.93 -30.38
C ILE E 280 13.69 23.12 -31.08
N GLU E 281 13.71 23.64 -32.30
CA GLU E 281 12.47 23.84 -33.04
C GLU E 281 11.78 22.51 -33.35
N CYS E 282 12.56 21.50 -33.75
CA CYS E 282 11.98 20.19 -34.02
C CYS E 282 11.41 19.55 -32.75
N ARG E 283 11.91 19.92 -31.58
CA ARG E 283 11.37 19.37 -30.35
C ARG E 283 9.90 19.71 -30.20
N ALA E 284 9.50 20.93 -30.58
CA ALA E 284 8.11 21.33 -30.48
C ALA E 284 7.23 20.50 -31.39
N VAL E 285 7.69 20.21 -32.61
CA VAL E 285 6.92 19.38 -33.52
C VAL E 285 6.79 17.97 -32.96
N LEU E 286 7.87 17.45 -32.37
CA LEU E 286 7.79 16.14 -31.74
C LEU E 286 6.78 16.13 -30.61
N TYR E 287 6.77 17.17 -29.77
CA TYR E 287 5.78 17.27 -28.71
C TYR E 287 4.36 17.31 -29.28
N ASP E 288 4.14 18.07 -30.35
CA ASP E 288 2.80 18.13 -30.92
C ASP E 288 2.37 16.76 -31.44
N LEU E 289 3.26 16.07 -32.16
CA LEU E 289 2.93 14.75 -32.67
C LEU E 289 2.61 13.78 -31.54
N LEU E 290 3.40 13.82 -30.46
CA LEU E 290 3.11 12.95 -29.32
C LEU E 290 1.80 13.34 -28.65
N ALA E 291 1.51 14.64 -28.57
CA ALA E 291 0.26 15.11 -27.99
C ALA E 291 -0.93 14.66 -28.81
N HIS E 292 -0.75 14.39 -30.09
CA HIS E 292 -1.80 13.77 -30.89
C HIS E 292 -1.89 12.25 -30.68
N CYS E 293 -1.28 11.74 -29.61
CA CYS E 293 -1.35 10.33 -29.24
C CYS E 293 -0.76 9.43 -30.32
N ILE E 294 0.13 9.96 -31.13
CA ILE E 294 0.83 9.14 -32.13
C ILE E 294 1.91 8.33 -31.43
N PRO E 295 1.97 7.01 -31.63
CA PRO E 295 2.98 6.21 -30.92
C PRO E 295 4.39 6.69 -31.22
N ALA E 296 5.25 6.60 -30.20
CA ALA E 296 6.64 7.02 -30.38
C ALA E 296 7.35 6.16 -31.41
N ASN E 297 7.09 4.85 -31.39
CA ASN E 297 7.78 3.95 -32.32
C ASN E 297 7.41 4.25 -33.76
N ILE E 298 6.13 4.49 -34.04
CA ILE E 298 5.72 4.80 -35.40
C ILE E 298 6.27 6.16 -35.82
N ILE E 299 6.32 7.11 -34.89
CA ILE E 299 6.94 8.40 -35.18
C ILE E 299 8.39 8.19 -35.61
N LEU E 300 9.14 7.39 -34.84
CA LEU E 300 10.54 7.15 -35.17
C LEU E 300 10.68 6.48 -36.53
N LYS E 301 9.84 5.48 -36.80
CA LYS E 301 9.94 4.75 -38.06
C LYS E 301 9.64 5.66 -39.24
N GLU E 302 8.57 6.46 -39.14
CA GLU E 302 8.20 7.34 -40.23
C GLU E 302 9.24 8.42 -40.45
N LEU E 303 9.78 9.00 -39.37
CA LEU E 303 10.83 9.99 -39.52
C LEU E 303 12.06 9.38 -40.18
N THR E 304 12.45 8.17 -39.75
CA THR E 304 13.61 7.52 -40.30
C THR E 304 13.45 7.28 -41.80
N PHE E 305 12.29 6.76 -42.20
CA PHE E 305 12.10 6.41 -43.60
C PHE E 305 11.74 7.60 -44.47
N SER E 306 11.34 8.73 -43.87
CA SER E 306 11.27 9.97 -44.63
C SER E 306 12.66 10.57 -44.84
N LEU E 307 13.52 10.49 -43.81
CA LEU E 307 14.89 10.96 -43.96
C LEU E 307 15.65 10.12 -44.98
N LEU E 308 15.43 8.81 -44.99
CA LEU E 308 16.12 7.93 -45.93
C LEU E 308 15.71 8.16 -47.38
N ASP E 309 14.62 8.89 -47.62
CA ASP E 309 14.16 9.18 -48.97
C ASP E 309 14.74 10.46 -49.54
N VAL E 310 15.53 11.20 -48.75
CA VAL E 310 16.11 12.44 -49.22
C VAL E 310 17.20 12.14 -50.24
N GLU E 311 17.14 12.82 -51.40
CA GLU E 311 18.10 12.57 -52.46
C GLU E 311 19.46 13.18 -52.17
N THR E 312 19.50 14.27 -51.40
CA THR E 312 20.78 14.94 -51.13
C THR E 312 21.73 14.03 -50.36
N LEU E 313 21.21 13.29 -49.39
CA LEU E 313 22.05 12.45 -48.55
C LEU E 313 22.70 11.34 -49.37
N ASN E 314 23.88 10.92 -48.93
CA ASN E 314 24.63 9.86 -49.58
C ASN E 314 24.49 8.54 -48.81
N THR E 315 25.20 7.52 -49.27
CA THR E 315 25.07 6.20 -48.67
C THR E 315 25.49 6.19 -47.21
N THR E 316 26.60 6.86 -46.89
CA THR E 316 27.09 6.86 -45.52
C THR E 316 26.09 7.51 -44.58
N ASN E 317 25.51 8.64 -44.99
CA ASN E 317 24.53 9.32 -44.16
C ASN E 317 23.32 8.43 -43.90
N LYS E 318 22.83 7.75 -44.94
CA LYS E 318 21.67 6.88 -44.78
C LYS E 318 21.99 5.69 -43.87
N SER E 319 23.19 5.11 -44.02
CA SER E 319 23.58 4.00 -43.16
C SER E 319 23.64 4.44 -41.71
N SER E 320 24.25 5.59 -41.44
CA SER E 320 24.29 6.10 -40.08
C SER E 320 22.88 6.38 -39.56
N ILE E 321 22.01 6.91 -40.41
CA ILE E 321 20.65 7.21 -39.99
C ILE E 321 19.94 5.94 -39.57
N ILE E 322 20.06 4.87 -40.37
CA ILE E 322 19.36 3.63 -40.03
C ILE E 322 19.97 3.00 -38.78
N GLU E 323 21.29 3.08 -38.62
CA GLU E 323 21.92 2.55 -37.42
C GLU E 323 21.40 3.27 -36.17
N TYR E 324 21.37 4.60 -36.21
CA TYR E 324 20.87 5.37 -35.08
C TYR E 324 19.39 5.06 -34.84
N SER E 325 18.62 4.91 -35.92
CA SER E 325 17.20 4.60 -35.76
C SER E 325 16.99 3.28 -35.06
N SER E 326 17.75 2.26 -35.43
CA SER E 326 17.61 0.96 -34.77
C SER E 326 18.03 1.04 -33.31
N VAL E 327 19.14 1.72 -33.03
CA VAL E 327 19.61 1.84 -31.65
C VAL E 327 18.55 2.53 -30.80
N PHE E 328 18.01 3.64 -31.30
CA PHE E 328 17.05 4.40 -30.51
C PHE E 328 15.68 3.72 -30.48
N ASP E 329 15.37 2.89 -31.46
CA ASP E 329 14.17 2.06 -31.37
C ASP E 329 14.30 1.04 -30.25
N GLU E 330 15.47 0.41 -30.13
CA GLU E 330 15.70 -0.48 -29.00
C GLU E 330 15.61 0.28 -27.68
N ARG E 331 16.18 1.49 -27.64
CA ARG E 331 16.11 2.29 -26.41
C ARG E 331 14.67 2.66 -26.06
N LEU E 332 13.86 2.99 -27.07
CA LEU E 332 12.44 3.24 -26.83
C LEU E 332 11.75 2.00 -26.29
N SER E 333 12.07 0.83 -26.86
CA SER E 333 11.46 -0.41 -26.37
C SER E 333 11.82 -0.64 -24.90
N LEU E 334 13.08 -0.41 -24.53
CA LEU E 334 13.52 -0.63 -23.16
C LEU E 334 13.35 0.59 -22.27
N GLY E 335 12.98 1.75 -22.82
CA GLY E 335 12.89 2.96 -22.05
C GLY E 335 11.47 3.29 -21.60
N ASN E 336 11.38 4.25 -20.69
CA ASN E 336 10.09 4.73 -20.19
C ASN E 336 9.60 5.95 -20.96
N LYS E 337 10.37 7.03 -20.93
CA LYS E 337 10.03 8.24 -21.66
C LYS E 337 10.53 8.15 -23.09
N ALA E 338 9.76 8.72 -24.02
CA ALA E 338 10.06 8.61 -25.44
C ALA E 338 10.77 9.82 -26.01
N ILE E 339 10.64 10.99 -25.38
CA ILE E 339 11.24 12.21 -25.94
C ILE E 339 12.75 12.07 -26.01
N PHE E 340 13.36 11.50 -24.96
CA PHE E 340 14.82 11.40 -24.92
C PHE E 340 15.36 10.74 -26.18
N HIS E 341 14.78 9.59 -26.56
CA HIS E 341 15.34 8.79 -27.64
C HIS E 341 15.08 9.42 -29.00
N LEU E 342 13.88 9.97 -29.22
CA LEU E 342 13.61 10.65 -30.48
C LEU E 342 14.53 11.85 -30.65
N GLU E 343 14.69 12.66 -29.60
CA GLU E 343 15.58 13.81 -29.68
C GLU E 343 17.02 13.39 -29.91
N GLY E 344 17.45 12.32 -29.23
CA GLY E 344 18.80 11.82 -29.45
C GLY E 344 19.02 11.35 -30.87
N PHE E 345 18.05 10.63 -31.43
CA PHE E 345 18.16 10.19 -32.82
C PHE E 345 18.28 11.38 -33.76
N ILE E 346 17.42 12.39 -33.57
CA ILE E 346 17.47 13.56 -34.44
C ILE E 346 18.81 14.28 -34.30
N ALA E 347 19.27 14.45 -33.07
CA ALA E 347 20.53 15.16 -32.84
C ALA E 347 21.71 14.42 -33.45
N LYS E 348 21.75 13.09 -33.30
CA LYS E 348 22.84 12.32 -33.88
C LYS E 348 22.80 12.38 -35.40
N VAL E 349 21.61 12.28 -35.98
CA VAL E 349 21.49 12.38 -37.44
C VAL E 349 21.99 13.73 -37.93
N MET E 350 21.58 14.80 -37.23
CA MET E 350 22.03 16.14 -37.63
C MET E 350 23.53 16.28 -37.49
N CYS E 351 24.11 15.73 -36.41
CA CYS E 351 25.56 15.79 -36.24
C CYS E 351 26.27 15.09 -37.38
N CYS E 352 25.78 13.91 -37.76
CA CYS E 352 26.43 13.18 -38.85
C CYS E 352 26.29 13.93 -40.16
N LEU E 353 25.12 14.50 -40.43
CA LEU E 353 24.91 15.21 -41.69
C LEU E 353 25.85 16.40 -41.82
N ASP E 354 26.02 17.15 -40.74
CA ASP E 354 26.89 18.33 -40.75
C ASP E 354 28.32 17.94 -41.12
N LEU F 7 -19.05 -44.80 19.34
CA LEU F 7 -19.07 -44.78 17.88
C LEU F 7 -17.83 -45.47 17.32
N ALA F 8 -17.80 -45.62 16.00
CA ALA F 8 -16.66 -46.27 15.32
C ALA F 8 -15.56 -45.26 15.03
N ASN F 9 -15.07 -44.63 16.10
CA ASN F 9 -14.00 -43.65 16.01
C ASN F 9 -13.08 -43.81 17.21
N LYS F 10 -11.84 -43.35 17.03
CA LYS F 10 -10.86 -43.44 18.11
C LYS F 10 -11.31 -42.59 19.31
N PHE F 11 -11.80 -41.38 19.06
CA PHE F 11 -12.32 -40.51 20.10
C PHE F 11 -13.69 -40.00 19.68
N SER F 12 -14.67 -40.17 20.56
CA SER F 12 -16.02 -39.70 20.30
C SER F 12 -16.68 -39.32 21.62
N ALA F 13 -17.06 -38.06 21.75
CA ALA F 13 -17.74 -37.57 22.94
C ALA F 13 -19.05 -36.91 22.54
N SER F 14 -20.02 -36.95 23.44
CA SER F 14 -21.31 -36.31 23.20
C SER F 14 -21.85 -35.79 24.53
N THR F 15 -22.51 -34.64 24.48
CA THR F 15 -23.01 -34.00 25.68
C THR F 15 -24.19 -33.10 25.32
N VAL F 16 -24.90 -32.66 26.35
CA VAL F 16 -26.02 -31.73 26.19
C VAL F 16 -25.74 -30.39 26.86
N HIS F 17 -24.78 -30.31 27.79
CA HIS F 17 -24.47 -29.05 28.47
C HIS F 17 -23.51 -28.25 27.59
N LEU F 18 -24.02 -27.84 26.43
CA LEU F 18 -23.21 -27.06 25.49
C LEU F 18 -22.88 -25.69 26.05
N GLU F 19 -23.72 -25.15 26.94
CA GLU F 19 -23.46 -23.82 27.49
C GLU F 19 -22.16 -23.79 28.27
N HIS F 20 -21.91 -24.82 29.09
CA HIS F 20 -20.67 -24.85 29.87
C HIS F 20 -19.46 -24.92 28.97
N ILE F 21 -19.51 -25.77 27.94
CA ILE F 21 -18.37 -25.90 27.02
C ILE F 21 -18.12 -24.58 26.29
N THR F 22 -19.20 -23.94 25.83
CA THR F 22 -19.04 -22.66 25.13
C THR F 22 -18.43 -21.61 26.06
N THR F 23 -18.92 -21.54 27.30
CA THR F 23 -18.38 -20.57 28.24
C THR F 23 -16.91 -20.81 28.51
N ALA F 24 -16.53 -22.08 28.71
CA ALA F 24 -15.13 -22.40 28.98
C ALA F 24 -14.26 -22.07 27.76
N LEU F 25 -14.74 -22.40 26.56
CA LEU F 25 -13.95 -22.16 25.36
C LEU F 25 -13.85 -20.68 25.05
N SER F 26 -14.81 -19.88 25.53
CA SER F 26 -14.74 -18.44 25.33
C SER F 26 -13.58 -17.79 26.09
N CYS F 27 -12.94 -18.52 26.99
CA CYS F 27 -11.78 -18.01 27.70
C CYS F 27 -10.52 -17.99 26.85
N LEU F 28 -10.54 -18.61 25.67
CA LEU F 28 -9.37 -18.67 24.81
C LEU F 28 -9.33 -17.55 23.77
N THR F 29 -10.31 -16.65 23.76
CA THR F 29 -10.32 -15.56 22.80
C THR F 29 -9.12 -14.63 22.95
N PRO F 30 -8.76 -14.17 24.16
CA PRO F 30 -7.75 -13.09 24.25
C PRO F 30 -6.37 -13.49 23.77
N PHE F 31 -6.12 -14.77 23.49
CA PHE F 31 -4.81 -15.21 23.04
C PHE F 31 -4.62 -15.04 21.53
N GLY F 32 -5.42 -14.21 20.89
CA GLY F 32 -5.21 -13.87 19.48
C GLY F 32 -5.98 -14.77 18.54
N SER F 33 -5.82 -14.45 17.25
CA SER F 33 -6.48 -15.20 16.19
C SER F 33 -5.52 -15.74 15.13
N LYS F 34 -4.25 -15.34 15.15
CA LYS F 34 -3.25 -15.90 14.25
C LYS F 34 -2.43 -17.01 14.89
N ASP F 35 -2.75 -17.39 16.12
CA ASP F 35 -2.02 -18.42 16.84
C ASP F 35 -2.69 -19.78 16.60
N ASP F 36 -2.28 -20.78 17.37
CA ASP F 36 -2.80 -22.13 17.25
C ASP F 36 -3.17 -22.67 18.63
N VAL F 37 -4.05 -23.66 18.64
CA VAL F 37 -4.54 -24.29 19.86
C VAL F 37 -4.17 -25.77 19.81
N LEU F 38 -3.55 -26.25 20.88
CA LEU F 38 -3.22 -27.67 21.00
C LEU F 38 -4.31 -28.36 21.81
N ILE F 39 -4.79 -29.48 21.29
CA ILE F 39 -5.82 -30.28 21.94
C ILE F 39 -5.19 -31.61 22.34
N PHE F 40 -5.27 -31.93 23.63
CA PHE F 40 -4.83 -33.20 24.18
C PHE F 40 -6.07 -34.02 24.51
N ILE F 41 -6.15 -35.21 23.93
CA ILE F 41 -7.25 -36.14 24.13
C ILE F 41 -6.78 -37.26 25.03
N ASP F 42 -7.53 -37.54 26.10
CA ASP F 42 -7.16 -38.61 27.01
C ASP F 42 -8.41 -39.09 27.74
N ALA F 43 -8.28 -40.27 28.37
CA ALA F 43 -9.40 -40.84 29.10
C ALA F 43 -9.87 -39.92 30.21
N ASP F 44 -8.96 -39.16 30.82
CA ASP F 44 -9.35 -38.24 31.89
C ASP F 44 -10.28 -37.16 31.36
N GLY F 45 -10.00 -36.65 30.15
CA GLY F 45 -10.83 -35.62 29.56
C GLY F 45 -10.17 -34.91 28.40
N LEU F 46 -10.39 -33.60 28.30
CA LEU F 46 -9.86 -32.78 27.23
C LEU F 46 -8.97 -31.69 27.80
N SER F 47 -7.86 -31.40 27.14
CA SER F 47 -7.02 -30.28 27.55
C SER F 47 -6.77 -29.36 26.35
N PHE F 48 -6.99 -28.07 26.56
CA PHE F 48 -6.79 -27.05 25.54
C PHE F 48 -5.63 -26.17 25.97
N VAL F 49 -4.59 -26.08 25.14
CA VAL F 49 -3.36 -25.38 25.47
C VAL F 49 -3.10 -24.31 24.42
N ARG F 50 -2.77 -23.11 24.89
CA ARG F 50 -2.35 -22.02 24.02
C ARG F 50 -1.11 -21.38 24.60
N GLU F 51 -0.18 -21.00 23.73
CA GLU F 51 1.05 -20.31 24.12
C GLU F 51 1.24 -19.10 23.22
N ASN F 52 1.55 -17.96 23.84
CA ASN F 52 1.70 -16.70 23.12
C ASN F 52 3.04 -16.06 23.48
N ASN F 53 3.78 -15.65 22.45
CA ASN F 53 5.04 -14.92 22.56
C ASN F 53 6.09 -15.67 23.38
N HIS F 54 5.90 -16.97 23.58
CA HIS F 54 6.78 -17.77 24.43
C HIS F 54 6.87 -17.21 25.84
N VAL F 55 5.96 -16.32 26.21
CA VAL F 55 5.98 -15.70 27.53
C VAL F 55 4.69 -15.94 28.32
N ILE F 56 3.59 -16.30 27.67
CA ILE F 56 2.37 -16.62 28.40
C ILE F 56 1.78 -17.91 27.86
N LYS F 57 1.16 -18.69 28.74
CA LYS F 57 0.48 -19.91 28.31
C LYS F 57 -0.77 -20.11 29.16
N ILE F 58 -1.79 -20.69 28.54
CA ILE F 58 -3.05 -21.01 29.19
C ILE F 58 -3.38 -22.47 28.89
N GLN F 59 -3.91 -23.17 29.91
CA GLN F 59 -4.28 -24.57 29.79
C GLN F 59 -5.63 -24.76 30.48
N LEU F 60 -6.65 -25.10 29.70
CA LEU F 60 -8.01 -25.31 30.20
C LEU F 60 -8.30 -26.80 30.21
N LEU F 61 -8.86 -27.29 31.32
CA LEU F 61 -9.15 -28.71 31.47
C LEU F 61 -10.66 -28.93 31.50
N LEU F 62 -11.14 -29.85 30.67
CA LEU F 62 -12.53 -30.29 30.68
C LEU F 62 -12.57 -31.73 31.17
N SER F 63 -13.32 -31.98 32.24
CA SER F 63 -13.32 -33.28 32.88
C SER F 63 -14.26 -34.25 32.17
N ARG F 64 -14.05 -35.54 32.44
CA ARG F 64 -14.89 -36.57 31.83
C ARG F 64 -16.34 -36.44 32.27
N GLU F 65 -16.57 -36.13 33.55
CA GLU F 65 -17.94 -36.10 34.06
C GLU F 65 -18.81 -35.09 33.32
N LEU F 66 -18.20 -34.04 32.78
CA LEU F 66 -18.98 -33.04 32.05
C LEU F 66 -19.65 -33.64 30.83
N PHE F 67 -18.95 -34.50 30.09
CA PHE F 67 -19.49 -35.11 28.90
C PHE F 67 -20.47 -36.23 29.28
N MET F 68 -21.65 -36.23 28.64
CA MET F 68 -22.63 -37.26 28.91
C MET F 68 -22.12 -38.64 28.51
N SER F 69 -21.50 -38.74 27.34
CA SER F 69 -20.94 -40.00 26.86
C SER F 69 -19.53 -39.73 26.32
N TYR F 70 -18.60 -40.59 26.67
CA TYR F 70 -17.20 -40.45 26.31
C TYR F 70 -16.67 -41.80 25.87
N SER F 71 -15.98 -41.83 24.72
CA SER F 71 -15.39 -43.05 24.21
C SER F 71 -13.99 -42.74 23.67
N TYR F 72 -12.99 -43.40 24.25
CA TYR F 72 -11.58 -43.24 23.86
C TYR F 72 -11.05 -44.63 23.56
N ARG F 73 -11.09 -45.03 22.29
CA ARG F 73 -10.75 -46.37 21.87
C ARG F 73 -9.33 -46.49 21.34
N ASN F 74 -8.51 -45.44 21.47
CA ASN F 74 -7.13 -45.48 21.01
C ASN F 74 -6.26 -46.04 22.12
N GLU F 75 -6.30 -47.37 22.25
CA GLU F 75 -5.54 -48.05 23.28
C GLU F 75 -4.04 -48.02 23.02
N THR F 76 -3.62 -47.76 21.78
CA THR F 76 -2.20 -47.77 21.45
C THR F 76 -1.46 -46.68 22.23
N GLU F 77 -2.03 -45.49 22.33
CA GLU F 77 -1.43 -44.38 23.03
C GLU F 77 -2.39 -43.88 24.11
N ASP F 78 -1.84 -43.55 25.28
CA ASP F 78 -2.67 -43.07 26.38
C ASP F 78 -3.23 -41.67 26.13
N HIS F 79 -2.69 -40.95 25.14
CA HIS F 79 -3.19 -39.61 24.83
C HIS F 79 -2.89 -39.30 23.37
N MET F 80 -3.63 -38.34 22.82
CA MET F 80 -3.44 -37.89 21.44
C MET F 80 -3.23 -36.40 21.42
N LYS F 81 -2.27 -35.94 20.62
CA LYS F 81 -1.99 -34.52 20.45
C LYS F 81 -2.45 -34.09 19.07
N LEU F 82 -3.13 -32.94 19.00
CA LEU F 82 -3.48 -32.38 17.70
C LEU F 82 -3.44 -30.86 17.79
N CYS F 83 -3.32 -30.21 16.64
CA CYS F 83 -3.20 -28.76 16.56
C CYS F 83 -4.25 -28.21 15.61
N VAL F 84 -4.87 -27.09 15.99
CA VAL F 84 -5.93 -26.47 15.21
C VAL F 84 -5.69 -24.97 15.14
N LYS F 85 -5.94 -24.39 13.97
CA LYS F 85 -5.76 -22.96 13.79
C LYS F 85 -6.99 -22.21 14.29
N ILE F 86 -6.76 -21.17 15.09
CA ILE F 86 -7.86 -20.40 15.68
C ILE F 86 -8.15 -19.26 14.72
N ASN F 87 -8.97 -19.56 13.70
CA ASN F 87 -9.46 -18.49 12.82
C ASN F 87 -10.70 -17.84 13.43
N HIS F 88 -11.78 -18.62 13.56
CA HIS F 88 -12.98 -18.18 14.28
C HIS F 88 -13.63 -19.33 15.03
N ILE F 89 -12.83 -20.30 15.48
CA ILE F 89 -13.37 -21.46 16.18
C ILE F 89 -14.07 -21.04 17.48
N LEU F 90 -13.71 -19.89 18.04
CA LEU F 90 -14.34 -19.42 19.27
C LEU F 90 -15.84 -19.20 19.05
N ASP F 91 -16.21 -18.60 17.92
CA ASP F 91 -17.62 -18.35 17.64
C ASP F 91 -18.36 -19.61 17.22
N SER F 92 -17.66 -20.57 16.61
CA SER F 92 -18.33 -21.76 16.10
C SER F 92 -19.04 -22.51 17.21
N VAL F 93 -18.33 -22.80 18.31
CA VAL F 93 -18.96 -23.43 19.48
C VAL F 93 -19.40 -22.28 20.39
N SER F 94 -20.58 -21.75 20.10
CA SER F 94 -21.16 -20.64 20.86
C SER F 94 -22.58 -20.91 21.33
N VAL F 95 -23.38 -21.58 20.51
CA VAL F 95 -24.77 -21.87 20.88
C VAL F 95 -24.81 -23.06 21.83
N SER F 100 -33.20 -23.16 19.83
CA SER F 100 -33.10 -22.36 21.04
C SER F 100 -33.79 -23.05 22.21
N ASP F 101 -35.12 -23.08 22.19
CA ASP F 101 -35.86 -23.72 23.27
C ASP F 101 -35.54 -25.20 23.35
N ASP F 102 -35.49 -25.87 22.20
CA ASP F 102 -35.17 -27.29 22.18
C ASP F 102 -33.70 -27.52 22.56
N ILE F 103 -33.45 -28.64 23.24
CA ILE F 103 -32.09 -28.97 23.66
C ILE F 103 -31.22 -29.20 22.43
N VAL F 104 -29.95 -28.85 22.54
CA VAL F 104 -28.96 -29.02 21.48
C VAL F 104 -27.90 -29.99 21.96
N GLU F 105 -27.63 -31.02 21.17
CA GLU F 105 -26.65 -32.04 21.52
C GLU F 105 -25.35 -31.76 20.76
N CYS F 106 -24.26 -31.61 21.50
CA CYS F 106 -22.94 -31.34 20.93
C CYS F 106 -22.09 -32.59 21.00
N THR F 107 -21.56 -33.01 19.84
CA THR F 107 -20.70 -34.19 19.80
C THR F 107 -19.41 -33.87 19.06
N LEU F 108 -18.31 -34.36 19.62
CA LEU F 108 -16.97 -34.18 19.06
C LEU F 108 -16.45 -35.54 18.60
N SER F 109 -15.89 -35.57 17.39
CA SER F 109 -15.39 -36.80 16.79
C SER F 109 -13.98 -36.57 16.26
N TYR F 110 -13.13 -37.58 16.44
CA TYR F 110 -11.77 -37.54 15.95
C TYR F 110 -11.29 -38.97 15.75
N ASP F 111 -10.76 -39.26 14.57
CA ASP F 111 -10.30 -40.61 14.22
C ASP F 111 -8.83 -40.53 13.82
N GLY F 112 -7.95 -40.59 14.81
CA GLY F 112 -6.52 -40.66 14.56
C GLY F 112 -5.97 -39.44 13.84
N HIS F 113 -4.66 -39.38 13.70
CA HIS F 113 -4.03 -38.28 12.97
C HIS F 113 -4.37 -38.37 11.49
N GLY F 114 -4.43 -37.21 10.84
CA GLY F 114 -4.75 -37.13 9.43
C GLY F 114 -6.22 -36.97 9.12
N SER F 115 -7.09 -37.04 10.13
CA SER F 115 -8.53 -36.87 9.94
C SER F 115 -8.99 -35.57 10.61
N PRO F 116 -10.00 -34.91 10.06
CA PRO F 116 -10.45 -33.64 10.63
C PRO F 116 -11.10 -33.83 11.99
N PHE F 117 -10.95 -32.81 12.83
CA PHE F 117 -11.68 -32.72 14.09
C PHE F 117 -13.09 -32.26 13.78
N VAL F 118 -14.10 -33.08 14.07
CA VAL F 118 -15.47 -32.83 13.66
C VAL F 118 -16.29 -32.45 14.88
N LEU F 119 -17.03 -31.35 14.78
CA LEU F 119 -17.98 -30.95 15.80
C LEU F 119 -19.37 -30.89 15.17
N ILE F 120 -20.31 -31.63 15.74
CA ILE F 120 -21.66 -31.74 15.20
C ILE F 120 -22.66 -31.30 16.26
N PHE F 121 -23.54 -30.39 15.89
CA PHE F 121 -24.64 -29.92 16.73
C PHE F 121 -25.93 -30.50 16.18
N GLU F 122 -26.70 -31.17 17.04
CA GLU F 122 -27.97 -31.76 16.66
C GLU F 122 -29.09 -31.05 17.40
N ASP F 123 -30.06 -30.54 16.64
CA ASP F 123 -31.23 -29.86 17.16
C ASP F 123 -32.48 -30.60 16.72
N SER F 124 -33.65 -30.01 17.00
CA SER F 124 -34.91 -30.63 16.61
C SER F 124 -35.01 -30.74 15.10
N PHE F 125 -34.60 -29.69 14.37
CA PHE F 125 -34.70 -29.70 12.92
C PHE F 125 -33.47 -29.11 12.23
N ILE F 126 -32.41 -28.76 12.96
CA ILE F 126 -31.21 -28.18 12.39
C ILE F 126 -30.02 -29.08 12.74
N SER F 127 -29.21 -29.40 11.74
CA SER F 127 -28.03 -30.24 11.90
C SER F 127 -26.82 -29.45 11.42
N GLU F 128 -25.86 -29.23 12.31
CA GLU F 128 -24.63 -28.51 12.01
C GLU F 128 -23.43 -29.47 12.10
N ARG F 129 -22.52 -29.35 11.15
CA ARG F 129 -21.26 -30.09 11.19
C ARG F 129 -20.15 -29.17 10.73
N VAL F 130 -19.06 -29.12 11.51
CA VAL F 130 -17.89 -28.32 11.19
C VAL F 130 -16.66 -29.19 11.30
N GLU F 131 -15.77 -29.11 10.31
CA GLU F 131 -14.55 -29.88 10.26
C GLU F 131 -13.35 -28.94 10.35
N TYR F 132 -12.39 -29.30 11.19
CA TYR F 132 -11.16 -28.53 11.37
C TYR F 132 -9.98 -29.40 10.97
N SER F 133 -9.13 -28.87 10.08
CA SER F 133 -7.93 -29.59 9.68
C SER F 133 -6.85 -29.47 10.74
N THR F 134 -6.03 -30.51 10.85
CA THR F 134 -4.94 -30.55 11.81
C THR F 134 -3.63 -30.10 11.16
N TYR F 135 -2.65 -29.79 12.01
CA TYR F 135 -1.36 -29.28 11.56
C TYR F 135 -0.23 -29.99 12.27
N LEU F 136 0.95 -29.97 11.64
CA LEU F 136 2.13 -30.55 12.24
C LEU F 136 2.41 -29.90 13.59
N ILE F 137 2.67 -30.73 14.60
CA ILE F 137 2.86 -30.23 15.96
C ILE F 137 4.16 -29.44 16.00
N LYS F 138 4.06 -28.17 16.42
CA LYS F 138 5.23 -27.30 16.46
C LYS F 138 6.33 -27.93 17.32
N ASP F 139 7.56 -27.84 16.84
CA ASP F 139 8.69 -28.34 17.61
C ASP F 139 8.76 -27.66 18.97
N PHE F 140 8.25 -26.44 19.08
CA PHE F 140 8.20 -25.75 20.36
C PHE F 140 7.34 -26.55 21.34
N ASP F 141 7.86 -26.75 22.55
CA ASP F 141 7.14 -27.47 23.60
C ASP F 141 6.36 -26.46 24.43
N THR F 142 5.03 -26.56 24.37
CA THR F 142 4.18 -25.66 25.16
C THR F 142 4.28 -25.92 26.65
N ASN F 143 4.89 -27.03 27.06
CA ASN F 143 5.06 -27.36 28.47
C ASN F 143 6.35 -26.81 29.06
N GLY F 144 7.12 -26.05 28.29
CA GLY F 144 8.38 -25.50 28.79
C GLY F 144 8.21 -24.47 29.88
N LEU F 145 7.06 -23.80 29.93
CA LEU F 145 6.78 -22.78 30.93
C LEU F 145 5.96 -23.41 32.05
N GLU F 146 6.55 -23.50 33.24
CA GLU F 146 5.87 -24.08 34.39
C GLU F 146 6.43 -23.43 35.65
N LEU F 147 5.69 -23.60 36.75
CA LEU F 147 6.05 -23.05 38.04
C LEU F 147 6.77 -24.11 38.86
N ASP F 148 7.89 -23.71 39.48
CA ASP F 148 8.62 -24.60 40.38
C ASP F 148 7.98 -24.55 41.76
N ARG F 149 7.46 -25.68 42.22
CA ARG F 149 6.75 -25.72 43.49
C ARG F 149 7.68 -25.67 44.69
N GLU F 150 8.96 -26.03 44.52
CA GLU F 150 9.88 -26.06 45.66
C GLU F 150 10.06 -24.67 46.25
N ARG F 151 10.22 -23.66 45.40
CA ARG F 151 10.49 -22.29 45.84
C ARG F 151 9.38 -21.38 45.31
N ILE F 152 8.45 -21.02 46.18
CA ILE F 152 7.35 -20.12 45.84
C ILE F 152 7.54 -18.85 46.65
N SER F 153 7.71 -17.72 45.96
CA SER F 153 7.92 -16.45 46.65
C SER F 153 6.70 -16.09 47.49
N PHE F 154 5.51 -16.24 46.93
CA PHE F 154 4.30 -16.03 47.72
C PHE F 154 3.11 -16.68 47.01
N GLU F 155 2.03 -16.85 47.77
CA GLU F 155 0.80 -17.41 47.24
C GLU F 155 -0.40 -16.75 47.89
N ALA F 156 -1.46 -16.56 47.09
CA ALA F 156 -2.62 -15.77 47.48
C ALA F 156 -3.88 -16.42 46.94
N ILE F 157 -5.00 -16.20 47.64
CA ILE F 157 -6.32 -16.64 47.20
C ILE F 157 -7.23 -15.42 47.14
N ILE F 158 -7.88 -15.22 45.98
CA ILE F 158 -8.72 -14.06 45.76
C ILE F 158 -10.01 -14.49 45.08
N LYS F 159 -11.05 -13.68 45.27
CA LYS F 159 -12.32 -13.91 44.60
C LYS F 159 -12.23 -13.51 43.13
N GLY F 160 -12.92 -14.26 42.28
CA GLY F 160 -12.85 -13.98 40.85
C GLY F 160 -13.45 -12.65 40.48
N GLU F 161 -14.56 -12.28 41.12
CA GLU F 161 -15.27 -11.05 40.76
C GLU F 161 -14.39 -9.82 41.01
N ALA F 162 -13.74 -9.76 42.17
CA ALA F 162 -12.90 -8.61 42.48
C ALA F 162 -11.74 -8.48 41.51
N LEU F 163 -11.09 -9.61 41.21
CA LEU F 163 -9.97 -9.58 40.27
C LEU F 163 -10.43 -9.16 38.88
N HIS F 164 -11.59 -9.66 38.45
CA HIS F 164 -12.12 -9.25 37.14
C HIS F 164 -12.41 -7.77 37.12
N SER F 165 -12.99 -7.23 38.20
CA SER F 165 -13.25 -5.78 38.24
C SER F 165 -11.95 -5.00 38.18
N ALA F 166 -10.92 -5.43 38.92
CA ALA F 166 -9.65 -4.74 38.88
C ALA F 166 -9.02 -4.77 37.49
N LEU F 167 -9.08 -5.94 36.83
CA LEU F 167 -8.51 -6.04 35.49
C LEU F 167 -9.29 -5.17 34.50
N LYS F 168 -10.61 -5.11 34.64
CA LYS F 168 -11.40 -4.22 33.79
C LYS F 168 -11.00 -2.77 34.02
N ASP F 169 -10.80 -2.38 35.28
CA ASP F 169 -10.39 -1.01 35.57
C ASP F 169 -9.05 -0.69 34.94
N LEU F 170 -8.09 -1.61 35.04
CA LEU F 170 -6.79 -1.38 34.39
C LEU F 170 -6.94 -1.30 32.87
N LYS F 171 -7.79 -2.15 32.29
CA LYS F 171 -7.99 -2.11 30.85
C LYS F 171 -8.58 -0.78 30.40
N GLU F 172 -9.49 -0.22 31.20
CA GLU F 172 -10.14 1.03 30.81
C GLU F 172 -9.14 2.17 30.71
N ILE F 173 -8.17 2.23 31.62
CA ILE F 173 -7.25 3.36 31.68
C ILE F 173 -6.09 3.16 30.71
N GLY F 174 -6.17 2.13 29.87
CA GLY F 174 -5.12 1.87 28.90
C GLY F 174 -3.79 1.53 29.55
N CYS F 175 -3.82 0.62 30.52
CA CYS F 175 -2.61 0.25 31.23
C CYS F 175 -1.56 -0.27 30.26
N LYS F 176 -0.31 0.14 30.49
CA LYS F 176 0.83 -0.29 29.68
C LYS F 176 1.75 -1.24 30.42
N GLU F 177 1.99 -1.03 31.71
CA GLU F 177 2.80 -1.94 32.51
C GLU F 177 2.09 -2.22 33.83
N CYS F 178 2.28 -3.43 34.35
CA CYS F 178 1.60 -3.87 35.56
C CYS F 178 2.61 -4.33 36.59
N TYR F 179 2.28 -4.08 37.86
CA TYR F 179 3.10 -4.46 39.00
C TYR F 179 2.22 -5.24 39.96
N VAL F 180 2.61 -6.48 40.25
CA VAL F 180 1.95 -7.30 41.26
C VAL F 180 2.75 -7.15 42.55
N TYR F 181 2.14 -6.59 43.58
CA TYR F 181 2.80 -6.32 44.86
C TYR F 181 2.12 -7.17 45.93
N ALA F 182 2.92 -7.97 46.63
CA ALA F 182 2.42 -8.85 47.68
C ALA F 182 3.24 -8.64 48.95
N LYS F 183 2.55 -8.59 50.09
CA LYS F 183 3.22 -8.36 51.36
C LYS F 183 2.39 -8.98 52.49
N THR F 184 3.09 -9.60 53.43
CA THR F 184 2.47 -10.16 54.63
C THR F 184 3.20 -9.63 55.85
N GLU F 185 2.44 -9.14 56.83
CA GLU F 185 2.99 -8.58 58.06
C GLU F 185 2.30 -9.24 59.25
N ALA F 186 2.62 -8.75 60.44
CA ALA F 186 2.08 -9.32 61.66
C ALA F 186 0.61 -8.95 61.81
N ASN F 187 0.02 -9.36 62.94
CA ASN F 187 -1.37 -9.10 63.30
C ASN F 187 -2.30 -9.28 62.10
N ASP F 188 -2.05 -10.32 61.30
CA ASP F 188 -2.90 -10.66 60.16
C ASP F 188 -3.07 -9.47 59.22
N GLU F 189 -1.94 -9.02 58.67
CA GLU F 189 -1.90 -7.93 57.71
C GLU F 189 -1.49 -8.49 56.35
N ASN F 190 -2.41 -8.41 55.38
CA ASN F 190 -2.19 -8.94 54.05
C ASN F 190 -2.40 -7.83 53.04
N VAL F 191 -1.45 -7.66 52.12
CA VAL F 191 -1.51 -6.62 51.09
C VAL F 191 -1.26 -7.26 49.75
N PHE F 192 -2.24 -7.16 48.84
CA PHE F 192 -2.09 -7.56 47.45
C PHE F 192 -2.58 -6.40 46.59
N ALA F 193 -1.70 -5.88 45.74
CA ALA F 193 -2.00 -4.68 44.97
C ALA F 193 -1.53 -4.84 43.52
N LEU F 194 -2.24 -4.16 42.63
CA LEU F 194 -1.86 -4.02 41.23
C LEU F 194 -1.56 -2.56 40.97
N ILE F 195 -0.34 -2.26 40.55
CA ILE F 195 0.09 -0.90 40.26
C ILE F 195 0.29 -0.78 38.76
N SER F 196 -0.47 0.11 38.13
CA SER F 196 -0.48 0.28 36.68
C SER F 196 0.30 1.52 36.29
N LYS F 197 1.25 1.35 35.37
CA LYS F 197 1.95 2.45 34.73
C LYS F 197 1.34 2.65 33.35
N SER F 198 0.79 3.84 33.12
CA SER F 198 0.07 4.13 31.88
C SER F 198 0.18 5.62 31.58
N GLN F 199 -0.61 6.07 30.61
CA GLN F 199 -0.63 7.50 30.28
C GLN F 199 -1.17 8.33 31.45
N LEU F 200 -1.93 7.71 32.34
CA LEU F 200 -2.38 8.37 33.56
C LEU F 200 -1.24 8.59 34.55
N GLY F 201 -0.09 7.97 34.33
CA GLY F 201 0.99 7.99 35.30
C GLY F 201 1.07 6.65 36.03
N PHE F 202 0.99 6.69 37.36
CA PHE F 202 1.01 5.50 38.20
C PHE F 202 -0.26 5.46 39.03
N SER F 203 -1.04 4.38 38.87
CA SER F 203 -2.25 4.17 39.64
C SER F 203 -2.12 2.88 40.43
N LYS F 204 -2.87 2.80 41.54
CA LYS F 204 -2.78 1.67 42.46
C LYS F 204 -4.17 1.15 42.77
N ILE F 205 -4.33 -0.16 42.73
CA ILE F 205 -5.57 -0.83 43.14
C ILE F 205 -5.18 -1.87 44.18
N LYS F 206 -5.63 -1.69 45.42
CA LYS F 206 -5.30 -2.58 46.51
C LYS F 206 -6.54 -3.35 46.94
N LEU F 207 -6.39 -4.68 47.09
CA LEU F 207 -7.49 -5.51 47.55
C LEU F 207 -7.63 -5.41 49.07
N PRO F 208 -8.82 -5.65 49.61
CA PRO F 208 -9.03 -5.53 51.06
C PRO F 208 -8.50 -6.75 51.80
N SER F 209 -8.48 -6.62 53.13
CA SER F 209 -8.08 -7.71 54.01
C SER F 209 -9.25 -8.58 54.45
N ASN F 210 -10.46 -8.27 53.99
CA ASN F 210 -11.62 -9.08 54.34
C ASN F 210 -11.47 -10.50 53.80
N ARG F 211 -11.89 -11.48 54.60
CA ARG F 211 -11.78 -12.87 54.19
C ARG F 211 -12.63 -13.16 52.96
N SER F 212 -13.81 -12.54 52.88
CA SER F 212 -14.72 -12.84 51.78
C SER F 212 -14.10 -12.53 50.42
N ILE F 213 -13.20 -11.56 50.36
CA ILE F 213 -12.57 -11.18 49.11
C ILE F 213 -11.18 -11.79 49.03
N LEU F 214 -10.30 -11.37 49.94
CA LEU F 214 -8.95 -11.92 50.04
C LEU F 214 -8.92 -12.88 51.22
N GLU F 215 -8.68 -14.17 50.93
CA GLU F 215 -8.86 -15.21 51.93
C GLU F 215 -7.59 -15.46 52.75
N LYS F 216 -6.49 -15.81 52.09
CA LYS F 216 -5.36 -16.42 52.80
C LYS F 216 -4.09 -16.19 51.99
N LEU F 217 -3.04 -15.74 52.67
CA LEU F 217 -1.81 -15.25 52.02
C LEU F 217 -0.58 -15.81 52.70
N GLN F 218 0.43 -16.18 51.91
CA GLN F 218 1.78 -16.40 52.43
C GLN F 218 2.78 -15.67 51.54
N VAL F 219 3.81 -15.12 52.17
CA VAL F 219 5.02 -14.67 51.48
C VAL F 219 6.17 -15.49 52.05
N PHE F 220 6.51 -16.59 51.39
CA PHE F 220 7.51 -17.52 51.90
C PHE F 220 8.94 -17.01 51.76
N ASP F 221 9.21 -16.15 50.79
CA ASP F 221 10.54 -15.65 50.47
C ASP F 221 11.37 -16.66 49.69
N GLY F 222 10.77 -17.79 49.30
CA GLY F 222 11.45 -18.80 48.53
C GLY F 222 11.88 -19.99 49.36
N ASP F 223 11.07 -21.05 49.32
CA ASP F 223 11.30 -22.28 50.07
C ASP F 223 10.01 -23.08 50.16
N SER F 224 8.88 -22.38 50.18
CA SER F 224 7.54 -22.96 50.33
C SER F 224 7.33 -23.59 51.69
N THR F 225 8.23 -23.36 52.65
CA THR F 225 8.13 -23.94 53.99
C THR F 225 7.99 -22.87 55.06
N THR F 226 8.85 -21.85 55.07
CA THR F 226 8.87 -20.85 56.11
C THR F 226 8.22 -19.56 55.62
N VAL F 227 7.38 -18.97 56.47
CA VAL F 227 6.67 -17.73 56.17
C VAL F 227 7.32 -16.62 56.97
N ILE F 228 7.77 -15.57 56.28
CA ILE F 228 8.38 -14.42 56.91
C ILE F 228 7.45 -13.22 56.76
N ASP F 229 7.67 -12.22 57.60
CA ASP F 229 6.84 -11.01 57.64
C ASP F 229 7.72 -9.79 57.46
N GLY F 230 7.38 -8.95 56.50
CA GLY F 230 8.11 -7.72 56.21
C GLY F 230 8.68 -7.64 54.81
N PHE F 231 8.85 -8.77 54.14
CA PHE F 231 9.41 -8.79 52.80
C PHE F 231 8.30 -8.65 51.77
N ALA F 232 8.51 -7.78 50.79
CA ALA F 232 7.53 -7.51 49.75
C ALA F 232 8.00 -8.10 48.44
N VAL F 233 7.12 -8.84 47.77
CA VAL F 233 7.40 -9.46 46.48
C VAL F 233 6.77 -8.60 45.39
N ILE F 234 7.57 -8.19 44.41
CA ILE F 234 7.14 -7.32 43.33
C ILE F 234 7.43 -8.00 42.01
N GLY F 235 6.40 -8.14 41.17
CA GLY F 235 6.55 -8.71 39.86
C GLY F 235 6.11 -7.76 38.77
N PHE F 236 6.96 -7.52 37.79
CA PHE F 236 6.70 -6.55 36.73
C PHE F 236 6.32 -7.28 35.45
N PHE F 237 5.17 -6.94 34.89
CA PHE F 237 4.62 -7.62 33.73
C PHE F 237 4.17 -6.62 32.67
N ASP F 238 4.16 -7.08 31.43
CA ASP F 238 3.53 -6.33 30.35
C ASP F 238 2.02 -6.54 30.42
N PHE F 239 1.27 -5.44 30.39
CA PHE F 239 -0.18 -5.56 30.52
C PHE F 239 -0.79 -6.33 29.35
N THR F 240 -0.09 -6.42 28.22
CA THR F 240 -0.61 -7.20 27.10
C THR F 240 -0.81 -8.65 27.51
N SER F 241 0.16 -9.22 28.22
CA SER F 241 0.02 -10.59 28.70
C SER F 241 -0.92 -10.67 29.92
N PHE F 242 -0.88 -9.65 30.78
CA PHE F 242 -1.68 -9.70 32.01
C PHE F 242 -3.18 -9.61 31.73
N ASP F 243 -3.56 -8.94 30.65
CA ASP F 243 -4.97 -8.76 30.33
C ASP F 243 -5.59 -9.95 29.63
N LYS F 244 -4.80 -10.97 29.30
CA LYS F 244 -5.31 -12.16 28.63
C LYS F 244 -6.03 -13.11 29.58
N ILE F 245 -6.03 -12.84 30.88
CA ILE F 245 -6.71 -13.67 31.86
C ILE F 245 -8.00 -13.03 32.35
N ARG F 246 -8.34 -11.83 31.86
CA ARG F 246 -9.56 -11.15 32.33
C ARG F 246 -10.80 -11.96 31.99
N LYS F 247 -10.89 -12.44 30.75
CA LYS F 247 -12.04 -13.22 30.34
C LYS F 247 -12.15 -14.51 31.15
N SER F 248 -11.02 -15.17 31.38
CA SER F 248 -11.02 -16.37 32.22
C SER F 248 -11.47 -16.04 33.64
N THR F 249 -11.11 -14.86 34.15
CA THR F 249 -11.49 -14.47 35.49
C THR F 249 -12.96 -14.08 35.59
N LYS F 250 -13.57 -13.64 34.49
CA LYS F 250 -14.98 -13.24 34.54
C LYS F 250 -15.86 -14.40 35.01
N ILE F 251 -15.61 -15.61 34.49
CA ILE F 251 -16.35 -16.79 34.91
C ILE F 251 -15.77 -17.44 36.16
N ALA F 252 -14.64 -16.92 36.65
CA ALA F 252 -13.97 -17.56 37.78
C ALA F 252 -14.80 -17.47 39.05
N SER F 253 -14.73 -18.53 39.85
CA SER F 253 -15.27 -18.50 41.21
C SER F 253 -14.19 -18.36 42.27
N LYS F 254 -12.96 -18.77 41.95
CA LYS F 254 -11.83 -18.60 42.86
C LYS F 254 -10.56 -18.52 42.04
N VAL F 255 -9.60 -17.71 42.51
CA VAL F 255 -8.34 -17.49 41.81
C VAL F 255 -7.20 -17.71 42.80
N LEU F 256 -6.25 -18.55 42.42
CA LEU F 256 -5.06 -18.83 43.21
C LEU F 256 -3.85 -18.25 42.48
N PHE F 257 -3.16 -17.31 43.12
CA PHE F 257 -1.98 -16.68 42.57
C PHE F 257 -0.73 -17.25 43.23
N ARG F 258 0.31 -17.48 42.44
CA ARG F 258 1.57 -17.98 42.97
C ARG F 258 2.74 -17.35 42.22
N MET F 259 3.69 -16.79 42.98
CA MET F 259 4.94 -16.28 42.45
C MET F 259 6.10 -17.07 43.04
N ASP F 260 7.01 -17.51 42.18
CA ASP F 260 8.23 -18.18 42.56
C ASP F 260 9.39 -17.18 42.58
N VAL F 261 10.55 -17.67 43.03
CA VAL F 261 11.74 -16.81 43.02
C VAL F 261 12.14 -16.47 41.60
N HIS F 262 11.95 -17.39 40.65
CA HIS F 262 12.31 -17.17 39.26
C HIS F 262 11.47 -16.09 38.60
N GLY F 263 10.34 -15.71 39.20
CA GLY F 263 9.52 -14.63 38.69
C GLY F 263 8.34 -15.06 37.83
N VAL F 264 8.06 -16.35 37.73
CA VAL F 264 6.94 -16.83 36.93
C VAL F 264 5.66 -16.73 37.75
N LEU F 265 4.64 -16.11 37.17
CA LEU F 265 3.32 -16.00 37.80
C LEU F 265 2.45 -17.15 37.33
N SER F 266 1.84 -17.84 38.29
CA SER F 266 0.89 -18.91 38.03
C SER F 266 -0.47 -18.51 38.59
N VAL F 267 -1.51 -18.66 37.77
CA VAL F 267 -2.87 -18.34 38.15
C VAL F 267 -3.73 -19.57 37.90
N ASN F 268 -4.37 -20.06 38.95
CA ASN F 268 -5.34 -21.15 38.85
C ASN F 268 -6.73 -20.56 38.98
N ILE F 269 -7.58 -20.84 38.00
CA ILE F 269 -8.94 -20.32 37.94
C ILE F 269 -9.88 -21.50 38.10
N LEU F 270 -10.69 -21.46 39.16
CA LEU F 270 -11.68 -22.49 39.45
C LEU F 270 -13.07 -21.88 39.32
N SER F 271 -13.92 -22.52 38.52
CA SER F 271 -15.28 -22.05 38.28
C SER F 271 -16.30 -23.12 38.68
N GLY F 303 -16.79 -27.64 37.15
CA GLY F 303 -15.58 -28.40 37.35
C GLY F 303 -14.57 -28.19 36.22
N ILE F 304 -14.36 -26.93 35.85
CA ILE F 304 -13.43 -26.56 34.80
C ILE F 304 -12.34 -25.70 35.41
N VAL F 305 -11.09 -26.11 35.22
CA VAL F 305 -9.93 -25.46 35.83
C VAL F 305 -9.04 -24.91 34.72
N ILE F 306 -8.59 -23.65 34.88
CA ILE F 306 -7.72 -23.00 33.91
C ILE F 306 -6.43 -22.61 34.62
N GLU F 307 -5.30 -23.07 34.09
CA GLU F 307 -4.00 -22.74 34.64
C GLU F 307 -3.25 -21.85 33.65
N VAL F 308 -2.82 -20.69 34.11
CA VAL F 308 -2.14 -19.71 33.27
C VAL F 308 -0.77 -19.41 33.88
N CYS F 309 0.26 -19.40 33.05
CA CYS F 309 1.60 -19.02 33.47
C CYS F 309 2.10 -17.88 32.61
N MET F 310 2.55 -16.80 33.25
CA MET F 310 3.11 -15.66 32.54
C MET F 310 4.44 -15.27 33.17
N LEU F 311 5.33 -14.75 32.34
CA LEU F 311 6.68 -14.39 32.76
C LEU F 311 6.72 -12.96 33.29
N GLU F 312 7.80 -12.65 33.99
CA GLU F 312 8.05 -11.32 34.53
C GLU F 312 9.05 -10.59 33.64
N LYS F 313 8.96 -9.26 33.63
CA LYS F 313 9.83 -8.45 32.79
C LYS F 313 11.27 -8.52 33.30
N GLU F 314 12.20 -8.26 32.38
CA GLU F 314 13.61 -8.53 32.65
C GLU F 314 14.13 -7.70 33.83
N SER F 315 13.78 -6.42 33.89
CA SER F 315 14.31 -5.55 34.92
C SER F 315 13.27 -4.49 35.29
N ILE F 316 13.52 -3.83 36.42
CA ILE F 316 12.66 -2.78 36.95
C ILE F 316 13.43 -1.47 36.90
N ASP F 317 12.82 -0.43 36.32
CA ASP F 317 13.45 0.87 36.26
C ASP F 317 13.45 1.54 37.63
N GLU F 318 14.43 2.41 37.85
CA GLU F 318 14.57 3.06 39.15
C GLU F 318 13.36 3.94 39.46
N ALA F 319 12.86 4.67 38.46
CA ALA F 319 11.71 5.54 38.69
C ALA F 319 10.48 4.73 39.12
N ALA F 320 10.26 3.58 38.46
CA ALA F 320 9.13 2.75 38.83
C ALA F 320 9.25 2.23 40.26
N GLN F 321 10.45 1.82 40.66
CA GLN F 321 10.64 1.35 42.02
C GLN F 321 10.41 2.47 43.03
N THR F 322 10.90 3.68 42.73
CA THR F 322 10.69 4.80 43.62
C THR F 322 9.21 5.12 43.76
N GLU F 323 8.48 5.11 42.64
CA GLU F 323 7.05 5.39 42.69
C GLU F 323 6.31 4.30 43.46
N ILE F 324 6.74 3.05 43.31
CA ILE F 324 6.14 1.96 44.09
C ILE F 324 6.35 2.20 45.57
N GLU F 325 7.58 2.55 45.96
CA GLU F 325 7.87 2.80 47.36
C GLU F 325 7.02 3.95 47.90
N LEU F 326 6.91 5.04 47.12
CA LEU F 326 6.11 6.17 47.57
C LEU F 326 4.64 5.81 47.70
N LEU F 327 4.12 5.04 46.74
CA LEU F 327 2.70 4.66 46.78
C LEU F 327 2.38 3.76 47.97
N MET F 328 3.34 2.93 48.38
CA MET F 328 3.14 1.99 49.48
C MET F 328 3.66 2.53 50.80
N GLU F 329 3.60 3.84 50.99
CA GLU F 329 4.06 4.47 52.23
C GLU F 329 3.12 5.60 52.63
N MET G 35 -3.61 18.56 53.76
CA MET G 35 -4.09 18.59 52.35
C MET G 35 -4.52 20.01 51.97
N SER G 36 -3.94 20.52 50.88
CA SER G 36 -4.30 21.86 50.42
C SER G 36 -5.76 21.93 50.03
N PHE G 37 -6.26 20.94 49.30
CA PHE G 37 -7.66 20.91 48.87
C PHE G 37 -8.17 19.48 48.97
N LYS G 38 -9.38 19.33 49.51
CA LYS G 38 -10.00 18.02 49.71
C LYS G 38 -11.49 18.11 49.45
N ALA G 39 -12.02 17.15 48.71
CA ALA G 39 -13.47 17.06 48.50
C ALA G 39 -13.84 15.61 48.23
N THR G 40 -15.06 15.24 48.59
CA THR G 40 -15.51 13.86 48.46
C THR G 40 -17.00 13.83 48.10
N ILE G 41 -17.36 12.83 47.31
CA ILE G 41 -18.75 12.60 46.88
C ILE G 41 -19.15 11.20 47.32
N THR G 42 -20.33 11.08 47.93
CA THR G 42 -20.81 9.81 48.45
C THR G 42 -22.23 9.50 48.00
N GLU G 43 -22.68 10.08 46.90
CA GLU G 43 -24.02 9.82 46.36
C GLU G 43 -23.91 9.38 44.90
N SER G 44 -24.72 8.38 44.53
CA SER G 44 -24.64 7.83 43.18
C SER G 44 -25.06 8.87 42.14
N GLY G 45 -26.16 9.58 42.39
CA GLY G 45 -26.60 10.60 41.45
C GLY G 45 -25.61 11.74 41.34
N LYS G 46 -25.01 12.14 42.47
CA LYS G 46 -23.99 13.17 42.43
C LYS G 46 -22.79 12.72 41.61
N GLN G 47 -22.40 11.45 41.75
CA GLN G 47 -21.32 10.91 40.93
C GLN G 47 -21.70 10.94 39.45
N ASN G 48 -22.95 10.60 39.14
CA ASN G 48 -23.40 10.62 37.75
C ASN G 48 -23.31 12.03 37.16
N ILE G 49 -23.81 13.01 37.90
CA ILE G 49 -23.80 14.38 37.38
C ILE G 49 -22.38 14.90 37.27
N TRP G 50 -21.52 14.57 38.24
CA TRP G 50 -20.12 14.98 38.15
C TRP G 50 -19.45 14.39 36.91
N PHE G 51 -19.66 13.09 36.67
CA PHE G 51 -19.05 12.45 35.50
C PHE G 51 -19.58 13.07 34.22
N ARG G 52 -20.89 13.34 34.15
CA ARG G 52 -21.46 13.93 32.94
C ARG G 52 -20.90 15.33 32.70
N ALA G 53 -20.79 16.14 33.75
CA ALA G 53 -20.24 17.47 33.60
C ALA G 53 -18.79 17.42 33.13
N ILE G 54 -18.00 16.53 33.71
CA ILE G 54 -16.60 16.41 33.29
C ILE G 54 -16.51 15.95 31.85
N TYR G 55 -17.36 15.01 31.45
CA TYR G 55 -17.35 14.54 30.07
C TYR G 55 -17.71 15.66 29.11
N VAL G 56 -18.72 16.47 29.44
CA VAL G 56 -19.10 17.57 28.57
C VAL G 56 -17.95 18.57 28.46
N LEU G 57 -17.36 18.95 29.61
CA LEU G 57 -16.26 19.90 29.57
C LEU G 57 -15.10 19.38 28.73
N SER G 58 -14.80 18.08 28.85
CA SER G 58 -13.77 17.49 28.00
C SER G 58 -14.20 17.53 26.54
N THR G 59 -15.50 17.53 26.28
CA THR G 59 -15.97 17.66 24.89
C THR G 59 -15.68 19.06 24.35
N ILE G 60 -15.93 20.10 25.14
CA ILE G 60 -15.66 21.46 24.66
C ILE G 60 -14.16 21.66 24.42
N GLN G 61 -13.33 21.32 25.41
CA GLN G 61 -11.90 21.59 25.34
C GLN G 61 -11.12 20.37 25.81
N ASP G 62 -9.93 20.21 25.24
CA ASP G 62 -9.09 19.05 25.58
C ASP G 62 -8.65 19.11 27.04
N ASP G 63 -8.32 20.29 27.53
CA ASP G 63 -7.91 20.49 28.92
C ASP G 63 -9.00 21.27 29.66
N ILE G 64 -9.43 20.74 30.79
CA ILE G 64 -10.44 21.38 31.63
C ILE G 64 -9.73 22.21 32.68
N LYS G 65 -10.30 23.35 33.02
CA LYS G 65 -9.75 24.23 34.04
C LYS G 65 -10.57 24.06 35.32
N ILE G 66 -9.90 23.71 36.41
CA ILE G 66 -10.54 23.52 37.70
C ILE G 66 -10.06 24.65 38.62
N THR G 67 -11.01 25.40 39.16
CA THR G 67 -10.75 26.49 40.09
C THR G 67 -11.36 26.12 41.43
N VAL G 68 -10.55 26.14 42.48
CA VAL G 68 -10.97 25.79 43.82
C VAL G 68 -11.00 27.07 44.65
N THR G 69 -12.14 27.32 45.29
CA THR G 69 -12.35 28.46 46.17
C THR G 69 -12.88 27.94 47.50
N THR G 70 -13.06 28.86 48.45
CA THR G 70 -13.55 28.48 49.77
C THR G 70 -15.00 28.01 49.75
N ASN G 71 -15.75 28.34 48.71
CA ASN G 71 -17.18 28.06 48.66
C ASN G 71 -17.61 27.16 47.52
N GLU G 72 -16.88 27.14 46.40
CA GLU G 72 -17.33 26.42 45.22
C GLU G 72 -16.13 25.85 44.48
N LEU G 73 -16.39 24.83 43.66
CA LEU G 73 -15.42 24.28 42.73
C LEU G 73 -15.96 24.47 41.32
N ILE G 74 -15.19 25.16 40.47
CA ILE G 74 -15.63 25.53 39.14
C ILE G 74 -14.82 24.72 38.13
N ALA G 75 -15.50 23.88 37.36
CA ALA G 75 -14.90 23.17 36.24
C ALA G 75 -15.40 23.84 34.96
N TRP G 76 -14.49 24.36 34.16
CA TRP G 76 -14.90 25.13 32.99
C TRP G 76 -13.98 24.83 31.82
N SER G 77 -14.47 25.22 30.64
CA SER G 77 -13.74 25.02 29.39
C SER G 77 -14.17 26.07 28.38
N MET G 78 -13.29 26.29 27.39
CA MET G 78 -13.54 27.22 26.31
C MET G 78 -12.80 26.72 25.09
N ASN G 79 -13.44 26.80 23.93
CA ASN G 79 -12.83 26.28 22.71
C ASN G 79 -11.77 27.24 22.18
N GLU G 80 -11.02 26.78 21.18
CA GLU G 80 -9.94 27.59 20.63
C GLU G 80 -10.48 28.87 19.98
N THR G 81 -11.61 28.77 19.30
CA THR G 81 -12.18 29.93 18.63
C THR G 81 -12.75 30.96 19.60
N ASP G 82 -12.83 30.65 20.89
CA ASP G 82 -13.40 31.54 21.90
C ASP G 82 -14.86 31.84 21.59
N THR G 83 -15.57 30.88 21.01
CA THR G 83 -16.97 31.04 20.67
C THR G 83 -17.92 30.38 21.65
N THR G 84 -17.42 29.44 22.45
CA THR G 84 -18.24 28.74 23.44
C THR G 84 -17.48 28.66 24.77
N LEU G 85 -18.21 28.88 25.86
CA LEU G 85 -17.65 28.78 27.20
C LEU G 85 -18.62 28.02 28.08
N CYS G 86 -18.16 26.91 28.66
CA CYS G 86 -18.98 26.07 29.52
C CYS G 86 -18.46 26.13 30.94
N GLN G 87 -19.35 26.34 31.90
CA GLN G 87 -19.02 26.45 33.31
C GLN G 87 -19.93 25.55 34.13
N VAL G 88 -19.36 24.76 35.02
CA VAL G 88 -20.11 23.94 35.96
C VAL G 88 -19.56 24.25 37.36
N ARG G 89 -20.41 24.82 38.21
CA ARG G 89 -20.02 25.20 39.56
C ARG G 89 -20.70 24.26 40.55
N PHE G 90 -19.89 23.54 41.32
CA PHE G 90 -20.38 22.67 42.38
C PHE G 90 -20.19 23.38 43.71
N GLN G 91 -21.27 23.55 44.47
CA GLN G 91 -21.16 24.18 45.77
C GLN G 91 -20.46 23.23 46.75
N LYS G 92 -19.99 23.80 47.86
CA LYS G 92 -19.40 22.98 48.90
C LYS G 92 -20.41 21.98 49.46
N SER G 93 -21.70 22.34 49.43
CA SER G 93 -22.73 21.41 49.88
C SER G 93 -22.85 20.21 48.96
N PHE G 94 -22.38 20.31 47.71
CA PHE G 94 -22.40 19.16 46.81
C PHE G 94 -21.50 18.04 47.31
N PHE G 95 -20.53 18.35 48.15
CA PHE G 95 -19.61 17.38 48.72
C PHE G 95 -19.85 17.26 50.22
N GLU G 96 -19.88 16.02 50.73
CA GLU G 96 -20.08 15.83 52.15
C GLU G 96 -18.95 16.47 52.95
N GLU G 97 -17.71 16.29 52.52
CA GLU G 97 -16.54 16.89 53.15
C GLU G 97 -15.84 17.78 52.14
N TYR G 98 -15.60 19.03 52.51
CA TYR G 98 -14.95 20.00 51.64
C TYR G 98 -14.01 20.85 52.48
N GLU G 99 -12.71 20.75 52.21
CA GLU G 99 -11.69 21.50 52.93
C GLU G 99 -10.81 22.25 51.94
N PHE G 100 -10.60 23.53 52.20
CA PHE G 100 -9.75 24.37 51.35
C PHE G 100 -8.80 25.15 52.25
N LYS G 101 -7.50 24.89 52.10
CA LYS G 101 -6.46 25.53 52.90
C LYS G 101 -5.39 26.08 51.96
N PRO G 102 -5.70 27.17 51.26
CA PRO G 102 -4.73 27.71 50.29
C PRO G 102 -3.42 28.16 50.93
N HIS G 103 -3.43 28.55 52.21
CA HIS G 103 -2.21 29.00 52.85
C HIS G 103 -1.16 27.89 52.94
N GLU G 104 -1.56 26.63 52.90
CA GLU G 104 -0.60 25.53 52.96
C GLU G 104 0.10 25.29 51.64
N ILE G 105 -0.44 25.79 50.52
CA ILE G 105 0.16 25.50 49.22
C ILE G 105 1.54 26.13 49.12
N VAL G 106 2.52 25.34 48.69
CA VAL G 106 3.88 25.80 48.50
C VAL G 106 4.29 25.54 47.06
N PHE G 107 4.22 24.28 46.64
CA PHE G 107 4.53 23.93 45.27
C PHE G 107 3.45 24.46 44.33
N GLY G 108 3.85 24.83 43.12
CA GLY G 108 2.92 25.42 42.17
C GLY G 108 2.32 26.71 42.67
N GLU G 109 3.15 27.58 43.26
CA GLU G 109 2.64 28.83 43.84
C GLU G 109 2.04 29.75 42.78
N ASN G 110 2.38 29.56 41.51
CA ASN G 110 1.85 30.42 40.46
C ASN G 110 0.35 30.23 40.24
N GLY G 111 -0.25 29.18 40.81
CA GLY G 111 -1.67 28.97 40.68
C GLY G 111 -2.49 29.70 41.71
N VAL G 112 -1.85 30.11 42.80
CA VAL G 112 -2.56 30.85 43.85
C VAL G 112 -2.84 32.26 43.36
N GLN G 113 -4.08 32.71 43.56
CA GLN G 113 -4.50 34.03 43.11
C GLN G 113 -5.38 34.67 44.17
N VAL G 114 -5.40 36.00 44.18
CA VAL G 114 -6.19 36.79 45.11
C VAL G 114 -7.04 37.77 44.33
N ILE G 115 -8.31 37.89 44.70
CA ILE G 115 -9.27 38.75 44.01
C ILE G 115 -9.89 39.69 45.04
N GLU G 116 -9.92 40.98 44.71
CA GLU G 116 -10.56 41.96 45.57
C GLU G 116 -12.07 41.86 45.46
N ASP G 117 -12.75 42.30 46.52
CA ASP G 117 -14.21 42.28 46.59
C ASP G 117 -14.74 43.69 46.77
N THR G 118 -15.94 43.93 46.22
CA THR G 118 -16.55 45.25 46.33
C THR G 118 -16.81 45.64 47.78
N TYR G 119 -16.99 44.65 48.66
CA TYR G 119 -17.26 44.90 50.07
C TYR G 119 -15.98 44.95 50.91
N GLY G 120 -14.86 45.30 50.31
CA GLY G 120 -13.61 45.37 51.07
C GLY G 120 -13.14 44.04 51.60
N ASN G 121 -13.20 43.00 50.77
CA ASN G 121 -12.79 41.66 51.17
C ASN G 121 -11.90 41.06 50.08
N SER G 122 -11.05 40.13 50.49
CA SER G 122 -10.12 39.44 49.58
C SER G 122 -10.46 37.96 49.55
N HIS G 123 -10.57 37.41 48.35
CA HIS G 123 -10.87 36.00 48.15
C HIS G 123 -9.67 35.32 47.50
N LYS G 124 -9.27 34.19 48.08
CA LYS G 124 -8.10 33.45 47.62
C LYS G 124 -8.55 32.18 46.90
N LEU G 125 -8.01 31.95 45.72
CA LEU G 125 -8.42 30.83 44.89
C LEU G 125 -7.19 30.15 44.29
N TYR G 126 -7.36 28.89 43.89
CA TYR G 126 -6.29 28.13 43.26
C TYR G 126 -6.83 27.48 42.00
N SER G 127 -6.21 27.75 40.86
CA SER G 127 -6.69 27.28 39.58
C SER G 127 -5.63 26.45 38.88
N PHE G 128 -6.03 25.31 38.33
CA PHE G 128 -5.12 24.45 37.60
C PHE G 128 -5.81 23.92 36.35
N ARG G 129 -5.01 23.32 35.48
CA ARG G 129 -5.45 22.77 34.22
C ARG G 129 -5.16 21.27 34.21
N VAL G 130 -6.16 20.46 33.86
CA VAL G 130 -6.05 19.02 33.89
C VAL G 130 -6.59 18.45 32.59
N ASN G 131 -5.92 17.45 32.05
CA ASN G 131 -6.42 16.77 30.86
C ASN G 131 -7.83 16.26 31.10
N GLY G 132 -8.77 16.71 30.27
CA GLY G 132 -10.17 16.34 30.47
C GLY G 132 -10.42 14.87 30.24
N ARG G 133 -9.77 14.28 29.23
CA ARG G 133 -9.99 12.88 28.93
C ARG G 133 -9.59 11.99 30.12
N HIS G 134 -8.46 12.29 30.75
CA HIS G 134 -8.03 11.49 31.90
C HIS G 134 -9.01 11.62 33.05
N LEU G 135 -9.47 12.84 33.34
CA LEU G 135 -10.43 13.02 34.43
C LEU G 135 -11.73 12.26 34.14
N THR G 136 -12.19 12.31 32.89
CA THR G 136 -13.39 11.57 32.52
C THR G 136 -13.19 10.07 32.69
N THR G 137 -12.05 9.55 32.21
CA THR G 137 -11.77 8.12 32.36
C THR G 137 -11.53 7.72 33.80
N ILE G 138 -11.28 8.68 34.69
CA ILE G 138 -11.16 8.37 36.11
C ILE G 138 -12.52 8.45 36.81
N SER G 139 -13.43 9.28 36.32
CA SER G 139 -14.71 9.52 36.99
C SER G 139 -15.82 8.60 36.51
N ARG G 140 -15.59 7.77 35.49
CA ARG G 140 -16.66 6.94 34.96
C ARG G 140 -17.07 5.87 35.97
N LYS G 141 -18.36 5.53 35.95
CA LYS G 141 -18.87 4.48 36.82
C LYS G 141 -18.53 3.12 36.23
N PRO G 142 -17.89 2.23 36.99
CA PRO G 142 -17.53 0.92 36.42
C PRO G 142 -18.76 0.12 36.04
N ASP G 143 -18.61 -0.69 35.00
CA ASP G 143 -19.71 -1.50 34.47
C ASP G 143 -19.91 -2.71 35.38
N GLY G 144 -20.89 -2.63 36.27
CA GLY G 144 -21.23 -3.73 37.14
C GLY G 144 -21.00 -3.43 38.61
N ASP G 145 -19.94 -2.68 38.91
CA ASP G 145 -19.57 -2.36 40.28
C ASP G 145 -20.05 -0.96 40.64
N GLY G 146 -20.21 -0.73 41.94
CA GLY G 146 -20.68 0.55 42.45
C GLY G 146 -19.62 1.23 43.29
N ILE G 147 -19.61 2.56 43.24
CA ILE G 147 -18.66 3.38 43.97
C ILE G 147 -19.30 3.86 45.26
N LYS G 148 -18.63 3.65 46.38
CA LYS G 148 -19.12 4.12 47.67
C LYS G 148 -18.61 5.51 48.02
N SER G 149 -17.43 5.88 47.52
CA SER G 149 -16.85 7.19 47.79
C SER G 149 -15.94 7.58 46.62
N PHE G 150 -15.94 8.87 46.30
CA PHE G 150 -15.09 9.41 45.23
C PHE G 150 -14.42 10.67 45.76
N THR G 151 -13.10 10.61 45.92
CA THR G 151 -12.34 11.69 46.55
C THR G 151 -11.45 12.37 45.51
N ILE G 152 -11.41 13.71 45.58
CA ILE G 152 -10.49 14.52 44.80
C ILE G 152 -9.71 15.40 45.77
N ALA G 153 -8.38 15.36 45.68
CA ALA G 153 -7.54 16.09 46.60
C ALA G 153 -6.31 16.61 45.89
N VAL G 154 -5.87 17.80 46.29
CA VAL G 154 -4.63 18.41 45.83
C VAL G 154 -3.75 18.65 47.05
N ASN G 155 -2.53 18.13 47.01
CA ASN G 155 -1.55 18.27 48.08
C ASN G 155 -0.31 18.94 47.52
N ASN G 156 -0.05 20.17 47.96
CA ASN G 156 1.16 20.90 47.58
C ASN G 156 1.73 21.61 48.80
N THR G 157 1.71 20.93 49.94
CA THR G 157 2.15 21.52 51.20
C THR G 157 3.67 21.45 51.31
N SER G 158 4.21 22.01 52.41
CA SER G 158 5.65 22.00 52.60
C SER G 158 6.19 20.59 52.69
N THR G 159 5.50 19.71 53.44
CA THR G 159 5.90 18.31 53.56
C THR G 159 5.26 17.47 52.46
N CYS G 160 5.47 17.89 51.21
CA CYS G 160 4.90 17.23 50.05
C CYS G 160 5.99 16.51 49.28
N PRO G 161 5.91 15.19 49.11
CA PRO G 161 6.94 14.49 48.33
C PRO G 161 7.06 15.05 46.92
N GLU G 162 8.29 15.08 46.41
CA GLU G 162 8.51 15.63 45.07
C GLU G 162 7.71 14.89 44.02
N SER G 163 7.62 13.56 44.15
CA SER G 163 6.81 12.78 43.21
C SER G 163 5.34 13.17 43.28
N LEU G 164 4.88 13.63 44.44
CA LEU G 164 3.49 14.02 44.64
C LEU G 164 3.30 15.53 44.49
N ALA G 165 4.13 16.17 43.69
CA ALA G 165 4.06 17.60 43.46
C ALA G 165 3.33 17.87 42.14
N ASN G 166 2.40 18.83 42.17
CA ASN G 166 1.61 19.20 40.99
C ASN G 166 0.86 17.99 40.44
N ARG G 167 0.27 17.21 41.33
CA ARG G 167 -0.53 16.05 40.96
C ARG G 167 -1.83 16.06 41.75
N LEU G 168 -2.93 15.79 41.05
CA LEU G 168 -4.25 15.76 41.67
C LEU G 168 -4.52 14.34 42.20
N ILE G 169 -4.79 14.24 43.49
CA ILE G 169 -5.00 12.95 44.14
C ILE G 169 -6.47 12.58 44.01
N VAL G 170 -6.73 11.38 43.48
CA VAL G 170 -8.09 10.86 43.34
C VAL G 170 -8.13 9.47 43.96
N VAL G 171 -9.01 9.28 44.94
CA VAL G 171 -9.18 8.01 45.62
C VAL G 171 -10.62 7.55 45.39
N ILE G 172 -10.79 6.39 44.76
CA ILE G 172 -12.10 5.83 44.46
C ILE G 172 -12.25 4.55 45.24
N GLU G 173 -13.27 4.48 46.10
CA GLU G 173 -13.54 3.29 46.89
C GLU G 173 -14.74 2.56 46.31
N MET G 174 -14.58 1.27 46.07
CA MET G 174 -15.68 0.43 45.60
C MET G 174 -16.48 -0.11 46.77
N ASP G 175 -17.75 -0.45 46.48
CA ASP G 175 -18.59 -1.07 47.50
C ASP G 175 -18.01 -2.40 47.97
N SER G 176 -17.16 -3.03 47.17
CA SER G 176 -16.50 -4.28 47.54
C SER G 176 -15.18 -4.05 48.26
N LEU G 177 -15.00 -2.89 48.89
CA LEU G 177 -13.83 -2.54 49.68
C LEU G 177 -12.57 -2.41 48.85
N ILE G 178 -12.67 -2.36 47.52
CA ILE G 178 -11.51 -2.13 46.67
C ILE G 178 -11.25 -0.63 46.58
N VAL G 179 -9.97 -0.25 46.55
CA VAL G 179 -9.57 1.14 46.53
C VAL G 179 -8.65 1.36 45.33
N LYS G 180 -8.90 2.45 44.60
CA LYS G 180 -8.10 2.84 43.45
C LYS G 180 -7.53 4.24 43.68
N GLU G 181 -6.27 4.43 43.28
CA GLU G 181 -5.55 5.68 43.45
C GLU G 181 -5.08 6.19 42.10
N TYR G 182 -5.28 7.49 41.86
CA TYR G 182 -4.81 8.15 40.65
C TYR G 182 -4.15 9.47 41.01
N CYS G 183 -3.08 9.82 40.29
CA CYS G 183 -2.37 11.09 40.49
C CYS G 183 -2.07 11.71 39.12
N PRO G 184 -3.11 12.14 38.41
CA PRO G 184 -2.88 12.85 37.14
C PRO G 184 -2.24 14.21 37.34
N GLN G 185 -1.46 14.62 36.35
CA GLN G 185 -0.76 15.90 36.40
C GLN G 185 -1.73 17.07 36.23
N PHE G 186 -1.46 18.17 36.93
CA PHE G 186 -2.19 19.41 36.74
C PHE G 186 -1.20 20.57 36.69
N GLN G 187 -1.47 21.52 35.79
CA GLN G 187 -0.59 22.68 35.59
C GLN G 187 -1.22 23.91 36.23
N PRO G 188 -0.58 24.57 37.19
CA PRO G 188 -1.18 25.77 37.77
C PRO G 188 -1.38 26.86 36.73
N ILE G 189 -2.46 27.62 36.90
CA ILE G 189 -2.77 28.72 35.98
C ILE G 189 -3.45 29.84 36.76
N LYS G 190 -3.73 30.94 36.08
CA LYS G 190 -4.47 32.06 36.66
C LYS G 190 -5.89 32.07 36.11
N TYR G 191 -6.80 32.62 36.90
CA TYR G 191 -8.22 32.62 36.57
C TYR G 191 -8.64 34.02 36.13
N ASP G 192 -9.34 34.09 34.99
CA ASP G 192 -9.92 35.33 34.50
C ASP G 192 -11.43 35.20 34.50
N PRO G 193 -12.13 35.72 35.52
CA PRO G 193 -13.58 35.50 35.60
C PRO G 193 -14.31 36.08 34.41
N ILE G 194 -15.37 35.39 34.01
CA ILE G 194 -16.25 35.82 32.92
C ILE G 194 -17.50 36.42 33.55
N ILE G 195 -17.84 37.65 33.18
CA ILE G 195 -18.94 38.38 33.77
C ILE G 195 -20.01 38.73 32.75
N ILE G 196 -20.03 38.04 31.61
CA ILE G 196 -21.07 38.28 30.61
C ILE G 196 -22.44 37.95 31.18
N ASN G 197 -22.52 36.87 31.96
CA ASN G 197 -23.79 36.50 32.58
C ASN G 197 -24.25 37.58 33.56
N LEU G 198 -23.32 38.18 34.30
CA LEU G 198 -23.68 39.25 35.22
C LEU G 198 -24.31 40.41 34.47
N LYS G 199 -23.70 40.81 33.36
CA LYS G 199 -24.23 41.92 32.57
C LYS G 199 -25.59 41.58 31.97
N TYR G 200 -25.75 40.35 31.48
CA TYR G 200 -27.03 39.95 30.93
C TYR G 200 -28.13 39.97 32.00
N LYS G 201 -27.82 39.47 33.20
CA LYS G 201 -28.79 39.53 34.28
C LYS G 201 -29.14 40.97 34.64
N ARG G 202 -28.13 41.85 34.68
CA ARG G 202 -28.39 43.24 34.99
C ARG G 202 -29.31 43.87 33.95
N ARG G 203 -29.02 43.63 32.67
CA ARG G 203 -29.86 44.19 31.61
C ARG G 203 -31.27 43.62 31.67
N PHE G 204 -31.39 42.32 31.91
CA PHE G 204 -32.71 41.69 31.98
C PHE G 204 -33.54 42.27 33.12
N LEU G 205 -32.92 42.48 34.28
CA LEU G 205 -33.63 43.07 35.40
C LEU G 205 -34.00 44.53 35.12
N ASP G 206 -33.08 45.28 34.49
CA ASP G 206 -33.35 46.68 34.21
C ASP G 206 -34.51 46.83 33.22
N VAL G 207 -34.55 45.99 32.20
CA VAL G 207 -35.58 46.13 31.16
C VAL G 207 -36.92 45.58 31.65
N PHE G 208 -36.94 44.30 32.02
CA PHE G 208 -38.16 43.64 32.44
C PHE G 208 -38.40 43.73 33.96
N GLY G 209 -37.83 44.74 34.61
CA GLY G 209 -38.01 44.91 36.04
C GLY G 209 -37.78 46.34 36.48
N LEU G 221 -49.05 40.41 37.97
CA LEU G 221 -47.92 39.71 37.37
C LEU G 221 -47.84 38.26 37.85
N ASP G 222 -47.23 37.42 37.05
CA ASP G 222 -47.10 36.00 37.41
C ASP G 222 -46.15 35.87 38.59
N PRO G 223 -46.56 35.21 39.68
CA PRO G 223 -45.65 35.09 40.84
C PRO G 223 -44.36 34.38 40.52
N LYS G 224 -44.38 33.42 39.59
CA LYS G 224 -43.15 32.72 39.23
C LYS G 224 -42.15 33.68 38.59
N LEU G 225 -42.63 34.60 37.76
CA LEU G 225 -41.73 35.58 37.16
C LEU G 225 -41.11 36.48 38.22
N LEU G 226 -41.91 36.87 39.22
CA LEU G 226 -41.36 37.67 40.32
C LEU G 226 -40.32 36.88 41.10
N ASP G 227 -40.56 35.58 41.31
CA ASP G 227 -39.57 34.74 41.97
C ASP G 227 -38.28 34.68 41.16
N VAL G 228 -38.39 34.57 39.84
CA VAL G 228 -37.21 34.55 38.99
C VAL G 228 -36.46 35.88 39.09
N PHE G 229 -37.20 36.98 39.11
CA PHE G 229 -36.56 38.29 39.27
C PHE G 229 -35.81 38.38 40.58
N THR G 230 -36.43 37.92 41.67
CA THR G 230 -35.76 37.96 42.97
C THR G 230 -34.53 37.07 42.98
N ASN G 231 -34.62 35.89 42.35
CA ASN G 231 -33.46 35.01 42.27
C ASN G 231 -32.32 35.66 41.50
N THR G 232 -32.63 36.33 40.39
CA THR G 232 -31.60 37.01 39.62
C THR G 232 -30.97 38.14 40.44
N GLU G 233 -31.79 38.90 41.16
CA GLU G 233 -31.25 39.96 42.01
C GLU G 233 -30.34 39.40 43.10
N ARG G 234 -30.76 38.29 43.71
CA ARG G 234 -29.94 37.67 44.75
C ARG G 234 -28.62 37.18 44.16
N GLU G 235 -28.66 36.59 42.96
CA GLU G 235 -27.43 36.14 42.32
C GLU G 235 -26.50 37.32 42.03
N LEU G 236 -27.06 38.43 41.54
CA LEU G 236 -26.24 39.61 41.27
C LEU G 236 -25.60 40.14 42.54
N THR G 237 -26.39 40.22 43.62
CA THR G 237 -25.86 40.79 44.86
C THR G 237 -24.83 39.88 45.50
N SER G 238 -25.07 38.58 45.50
CA SER G 238 -24.15 37.65 46.16
C SER G 238 -22.81 37.56 45.44
N ALA G 239 -22.80 37.77 44.14
CA ALA G 239 -21.55 37.69 43.39
C ALA G 239 -20.54 38.70 43.92
N LEU G 240 -19.30 38.24 44.11
CA LEU G 240 -18.26 39.10 44.65
C LEU G 240 -17.79 40.16 43.67
N PHE G 241 -18.17 40.06 42.40
CA PHE G 241 -17.78 41.03 41.39
C PHE G 241 -18.81 42.16 41.34
N ASN G 242 -18.68 43.05 40.38
CA ASN G 242 -19.59 44.18 40.24
C ASN G 242 -20.86 43.73 39.50
N GLU G 243 -21.76 44.68 39.28
CA GLU G 243 -23.01 44.41 38.58
C GLU G 243 -22.75 43.93 37.15
N THR G 256 -35.20 52.41 25.81
CA THR G 256 -34.39 52.78 24.65
C THR G 256 -34.47 51.70 23.57
N ALA G 257 -33.64 51.84 22.53
CA ALA G 257 -33.60 50.89 21.44
C ALA G 257 -32.33 50.04 21.43
N ALA G 258 -31.32 50.42 22.21
CA ALA G 258 -30.07 49.66 22.28
C ALA G 258 -30.03 48.70 23.46
N ASP G 259 -31.11 48.60 24.24
CA ASP G 259 -31.19 47.71 25.38
C ASP G 259 -31.92 46.41 25.07
N GLU G 260 -31.77 45.90 23.85
CA GLU G 260 -32.43 44.67 23.46
C GLU G 260 -32.06 43.53 24.41
N ILE G 261 -33.07 42.82 24.89
CA ILE G 261 -32.87 41.68 25.77
C ILE G 261 -34.09 40.79 25.71
N ASN G 262 -33.87 39.48 25.59
CA ASN G 262 -34.95 38.51 25.44
C ASN G 262 -34.65 37.30 26.31
N TYR G 263 -35.68 36.83 27.03
CA TYR G 263 -35.56 35.79 28.03
C TYR G 263 -36.61 34.71 27.77
N ILE G 264 -36.20 33.45 27.89
CA ILE G 264 -37.09 32.31 27.64
C ILE G 264 -36.75 31.21 28.63
N CYS G 265 -37.66 30.90 29.54
CA CYS G 265 -37.53 29.77 30.44
C CYS G 265 -38.45 28.65 29.95
N CYS G 266 -37.85 27.50 29.63
CA CYS G 266 -38.60 26.41 28.99
C CYS G 266 -38.26 25.10 29.67
N ASN G 267 -39.25 24.21 29.73
CA ASN G 267 -39.03 22.88 30.29
C ASN G 267 -38.00 22.12 29.47
N SER G 268 -36.96 21.65 30.14
CA SER G 268 -35.85 21.03 29.43
C SER G 268 -36.24 19.74 28.72
N THR G 269 -37.39 19.16 29.07
CA THR G 269 -37.77 17.87 28.48
C THR G 269 -37.96 17.99 26.97
N LEU G 270 -38.69 19.01 26.52
CA LEU G 270 -38.99 19.14 25.10
C LEU G 270 -37.71 19.39 24.30
N LEU G 271 -36.90 20.34 24.74
CA LEU G 271 -35.66 20.65 24.03
C LEU G 271 -34.72 19.46 24.04
N LYS G 272 -34.64 18.76 25.17
CA LYS G 272 -33.77 17.58 25.25
C LYS G 272 -34.23 16.50 24.28
N ASN G 273 -35.54 16.25 24.22
CA ASN G 273 -36.06 15.25 23.29
C ASN G 273 -35.77 15.64 21.86
N PHE G 274 -35.95 16.92 21.52
CA PHE G 274 -35.64 17.36 20.15
C PHE G 274 -34.16 17.20 19.84
N LEU G 275 -33.29 17.58 20.79
CA LEU G 275 -31.86 17.60 20.51
C LEU G 275 -31.26 16.21 20.47
N ASP G 276 -31.82 15.26 21.23
CA ASP G 276 -31.28 13.90 21.21
C ASP G 276 -31.34 13.31 19.81
N ASN G 277 -32.42 13.58 19.08
CA ASN G 277 -32.54 13.05 17.72
C ASN G 277 -31.62 13.77 16.75
N CYS G 278 -31.31 15.04 17.01
CA CYS G 278 -30.46 15.79 16.09
C CYS G 278 -29.08 15.18 16.00
N ASN G 279 -28.51 15.22 14.79
CA ASN G 279 -27.15 14.74 14.54
C ASN G 279 -26.28 15.93 14.16
N VAL G 280 -25.23 16.16 14.94
CA VAL G 280 -24.37 17.32 14.69
C VAL G 280 -23.67 17.20 13.35
N ASN G 281 -23.40 15.97 12.89
CA ASN G 281 -22.71 15.79 11.63
C ASN G 281 -23.51 16.32 10.44
N VAL G 282 -24.83 16.46 10.60
CA VAL G 282 -25.71 16.91 9.51
C VAL G 282 -26.21 18.33 9.77
N THR G 283 -26.95 18.53 10.86
CA THR G 283 -27.52 19.83 11.18
C THR G 283 -26.56 20.57 12.09
N ASP G 284 -25.69 21.38 11.48
CA ASP G 284 -24.67 22.08 12.25
C ASP G 284 -25.24 23.25 13.03
N GLU G 285 -26.14 24.02 12.43
CA GLU G 285 -26.65 25.24 13.03
C GLU G 285 -27.97 24.99 13.74
N VAL G 286 -28.26 25.82 14.74
CA VAL G 286 -29.53 25.79 15.46
C VAL G 286 -30.09 27.21 15.48
N LYS G 287 -31.36 27.34 15.11
CA LYS G 287 -32.03 28.62 15.02
C LYS G 287 -33.29 28.61 15.87
N LEU G 288 -33.44 29.65 16.68
CA LEU G 288 -34.60 29.82 17.56
C LEU G 288 -35.40 31.02 17.07
N GLU G 289 -36.68 30.80 16.78
CA GLU G 289 -37.61 31.87 16.42
C GLU G 289 -38.65 31.99 17.52
N ILE G 290 -38.83 33.20 18.04
CA ILE G 290 -39.81 33.46 19.08
C ILE G 290 -40.77 34.53 18.58
N ASN G 291 -42.06 34.23 18.66
CA ASN G 291 -43.14 35.15 18.35
C ASN G 291 -43.94 35.40 19.62
N VAL G 292 -45.03 36.16 19.49
CA VAL G 292 -45.96 36.33 20.61
C VAL G 292 -46.92 35.16 20.73
N HIS G 293 -46.90 34.23 19.77
CA HIS G 293 -47.82 33.10 19.75
C HIS G 293 -47.12 31.75 19.80
N ARG G 294 -45.89 31.62 19.31
CA ARG G 294 -45.26 30.33 19.21
C ARG G 294 -43.74 30.47 19.34
N LEU G 295 -43.10 29.36 19.69
CA LEU G 295 -41.65 29.22 19.71
C LEU G 295 -41.26 28.05 18.82
N SER G 296 -40.32 28.29 17.90
CA SER G 296 -39.85 27.27 16.99
C SER G 296 -38.34 27.10 17.15
N ILE G 297 -37.89 25.86 17.21
CA ILE G 297 -36.47 25.53 17.27
C ILE G 297 -36.16 24.61 16.11
N THR G 298 -35.21 25.01 15.27
CA THR G 298 -34.89 24.26 14.06
C THR G 298 -33.39 24.01 13.98
N ALA G 299 -33.01 22.74 13.87
CA ALA G 299 -31.65 22.36 13.54
C ALA G 299 -31.52 22.31 12.03
N PHE G 300 -30.63 23.13 11.47
CA PHE G 300 -30.59 23.36 10.04
C PHE G 300 -29.15 23.47 9.57
N THR G 301 -29.01 23.42 8.24
CA THR G 301 -27.73 23.57 7.55
C THR G 301 -27.95 24.45 6.32
N LYS G 302 -26.91 25.18 5.93
CA LYS G 302 -26.97 26.05 4.77
C LYS G 302 -26.38 25.33 3.57
N ALA G 303 -27.09 25.36 2.44
CA ALA G 303 -26.60 24.74 1.22
C ALA G 303 -25.42 25.54 0.67
N VAL G 304 -24.44 24.82 0.12
CA VAL G 304 -23.27 25.42 -0.50
C VAL G 304 -23.18 24.91 -1.93
N TYR G 305 -23.01 25.84 -2.87
CA TYR G 305 -22.98 25.52 -4.29
C TYR G 305 -21.59 25.79 -4.85
N GLY G 306 -21.11 24.88 -5.71
CA GLY G 306 -19.77 24.97 -6.23
C GLY G 306 -19.66 25.75 -7.53
N LYS G 307 -18.79 25.27 -8.43
CA LYS G 307 -18.50 25.98 -9.67
C LYS G 307 -19.75 26.12 -10.54
N ASN G 308 -20.26 24.99 -11.04
CA ASN G 308 -21.42 25.00 -11.93
C ASN G 308 -22.71 24.74 -11.14
N ASN G 309 -22.94 25.58 -10.13
CA ASN G 309 -24.13 25.49 -9.31
C ASN G 309 -24.34 24.06 -8.80
N ASP G 310 -23.24 23.44 -8.37
CA ASP G 310 -23.26 22.05 -7.92
C ASP G 310 -23.20 22.02 -6.40
N LEU G 311 -24.09 21.26 -5.79
CA LEU G 311 -24.17 21.18 -4.34
C LEU G 311 -22.87 20.65 -3.76
N LEU G 312 -22.16 21.50 -3.01
CA LEU G 312 -21.00 21.07 -2.25
C LEU G 312 -21.37 20.52 -0.87
N ARG G 313 -22.55 20.86 -0.37
CA ARG G 313 -22.99 20.38 0.94
C ARG G 313 -24.50 20.52 1.01
N ASN G 314 -25.20 19.40 1.14
CA ASN G 314 -26.65 19.42 1.11
C ASN G 314 -27.23 20.08 2.35
N ALA G 315 -28.43 20.64 2.19
CA ALA G 315 -29.12 21.34 3.26
C ALA G 315 -30.28 20.50 3.77
N LEU G 316 -30.35 20.34 5.10
CA LEU G 316 -31.43 19.62 5.74
C LEU G 316 -31.94 20.44 6.92
N SER G 317 -33.23 20.31 7.20
CA SER G 317 -33.87 21.06 8.27
C SER G 317 -34.69 20.11 9.14
N MET G 318 -34.74 20.42 10.43
CA MET G 318 -35.50 19.62 11.39
C MET G 318 -36.03 20.57 12.45
N SER G 319 -37.33 20.87 12.41
CA SER G 319 -37.91 21.91 13.24
C SER G 319 -39.01 21.35 14.14
N ASN G 320 -39.11 21.93 15.33
CA ASN G 320 -40.21 21.66 16.25
C ASN G 320 -40.77 22.98 16.74
N THR G 321 -42.10 23.09 16.70
CA THR G 321 -42.80 24.32 17.07
C THR G 321 -43.80 24.01 18.18
N ILE G 322 -43.88 24.91 19.16
CA ILE G 322 -44.81 24.80 20.28
C ILE G 322 -45.43 26.15 20.54
N SER G 323 -46.53 26.15 21.29
CA SER G 323 -47.20 27.39 21.65
C SER G 323 -46.50 28.04 22.84
N THR G 324 -46.64 29.36 22.95
CA THR G 324 -46.05 30.08 24.07
C THR G 324 -46.67 29.69 25.40
N LEU G 325 -47.88 29.12 25.39
CA LEU G 325 -48.49 28.67 26.63
C LEU G 325 -47.72 27.50 27.22
N ASP G 326 -47.12 26.66 26.37
CA ASP G 326 -46.30 25.56 26.87
C ASP G 326 -45.06 26.06 27.58
N LEU G 327 -44.46 27.15 27.10
CA LEU G 327 -43.27 27.69 27.72
C LEU G 327 -43.55 28.12 29.16
N GLU G 328 -42.55 27.95 30.02
CA GLU G 328 -42.70 28.38 31.41
C GLU G 328 -42.75 29.90 31.51
N HIS G 329 -41.81 30.59 30.85
CA HIS G 329 -41.81 32.04 30.84
C HIS G 329 -41.20 32.53 29.54
N TYR G 330 -41.68 33.69 29.08
CA TYR G 330 -41.12 34.33 27.91
C TYR G 330 -41.25 35.84 28.05
N CYS G 331 -40.18 36.56 27.74
CA CYS G 331 -40.14 38.02 27.79
C CYS G 331 -39.37 38.51 26.59
N LEU G 332 -40.01 39.35 25.78
CA LEU G 332 -39.41 39.88 24.55
C LEU G 332 -39.36 41.40 24.61
N PHE G 333 -38.36 41.96 23.93
CA PHE G 333 -38.19 43.41 23.88
C PHE G 333 -39.17 44.00 22.88
N THR G 334 -40.02 44.91 23.34
CA THR G 334 -41.02 45.54 22.50
C THR G 334 -41.09 47.04 22.73
N MET G 353 -41.27 38.79 15.30
CA MET G 353 -40.57 37.52 15.21
C MET G 353 -39.07 37.72 15.39
N LYS G 354 -38.57 37.34 16.56
CA LYS G 354 -37.15 37.49 16.88
C LYS G 354 -36.45 36.17 16.63
N SER G 355 -35.42 36.19 15.78
CA SER G 355 -34.70 35.00 15.38
C SER G 355 -33.24 35.10 15.79
N ILE G 356 -32.71 34.00 16.32
CA ILE G 356 -31.30 33.91 16.68
C ILE G 356 -30.75 32.60 16.13
N ILE G 357 -29.45 32.61 15.82
CA ILE G 357 -28.78 31.45 15.25
C ILE G 357 -27.45 31.24 15.97
N PHE G 358 -27.11 29.99 16.24
CA PHE G 358 -25.83 29.66 16.85
C PHE G 358 -25.51 28.19 16.56
N LYS G 359 -24.49 27.68 17.22
CA LYS G 359 -24.07 26.29 17.02
C LYS G 359 -24.91 25.34 17.86
N LEU G 360 -24.97 24.09 17.41
CA LEU G 360 -25.84 23.08 18.00
C LEU G 360 -25.12 22.10 18.92
N LYS G 361 -23.87 21.74 18.58
CA LYS G 361 -23.20 20.66 19.31
C LYS G 361 -23.10 20.96 20.79
N ASP G 362 -22.60 22.15 21.14
CA ASP G 362 -22.39 22.46 22.55
C ASP G 362 -23.71 22.50 23.31
N PHE G 363 -24.74 23.09 22.72
CA PHE G 363 -26.05 23.11 23.37
C PHE G 363 -26.58 21.70 23.56
N LYS G 364 -26.44 20.85 22.53
CA LYS G 364 -26.92 19.48 22.62
C LYS G 364 -26.22 18.72 23.74
N ASN G 365 -24.90 18.88 23.86
CA ASN G 365 -24.19 18.18 24.94
C ASN G 365 -24.48 18.80 26.30
N PHE G 366 -24.73 20.11 26.35
CA PHE G 366 -24.94 20.79 27.61
C PHE G 366 -26.31 20.48 28.21
N ILE G 367 -27.32 20.28 27.37
CA ILE G 367 -28.67 20.04 27.87
C ILE G 367 -28.75 18.72 28.64
N THR G 368 -27.78 17.82 28.47
CA THR G 368 -27.85 16.49 29.04
C THR G 368 -27.22 16.36 30.43
N ILE G 369 -26.54 17.40 30.93
CA ILE G 369 -25.86 17.27 32.21
C ILE G 369 -26.86 17.20 33.36
N GLY G 370 -27.87 18.08 33.34
CA GLY G 370 -28.79 18.20 34.43
C GLY G 370 -29.59 16.94 34.71
N PRO G 371 -30.17 16.35 33.66
CA PRO G 371 -31.01 15.16 33.88
C PRO G 371 -30.27 13.97 34.47
N SER G 372 -28.94 13.95 34.43
CA SER G 372 -28.20 12.78 34.90
C SER G 372 -28.48 12.51 36.38
N TRP G 373 -28.53 13.56 37.20
CA TRP G 373 -28.77 13.38 38.62
C TRP G 373 -30.15 12.76 38.87
N LYS G 374 -31.15 13.18 38.13
CA LYS G 374 -32.52 12.68 38.28
C LYS G 374 -33.05 12.96 39.68
N THR G 375 -33.18 14.26 39.98
CA THR G 375 -33.73 14.71 41.25
C THR G 375 -35.22 14.98 41.11
N THR G 376 -35.94 14.77 42.21
CA THR G 376 -37.39 14.96 42.24
C THR G 376 -37.83 16.16 43.05
N GLN G 377 -37.05 16.58 44.04
CA GLN G 377 -37.42 17.69 44.91
C GLN G 377 -37.14 19.02 44.19
N ASP G 378 -37.21 20.12 44.93
CA ASP G 378 -36.98 21.47 44.42
C ASP G 378 -37.68 21.66 43.08
N GLY G 379 -37.09 22.47 42.19
CA GLY G 379 -37.73 22.79 40.94
C GLY G 379 -37.47 21.76 39.84
N ASN G 380 -38.33 21.80 38.82
CA ASN G 380 -38.18 20.91 37.69
C ASN G 380 -37.01 21.34 36.81
N ASP G 381 -36.60 20.44 35.93
CA ASP G 381 -35.48 20.72 35.03
C ASP G 381 -35.89 21.71 33.96
N ASN G 382 -35.66 23.00 34.22
CA ASN G 382 -35.97 24.07 33.27
C ASN G 382 -34.67 24.73 32.81
N ILE G 383 -34.62 25.09 31.53
CA ILE G 383 -33.46 25.77 30.95
C ILE G 383 -33.87 27.21 30.67
N SER G 384 -33.00 28.14 31.05
CA SER G 384 -33.23 29.57 30.83
C SER G 384 -32.29 30.07 29.75
N LEU G 385 -32.83 30.82 28.79
CA LEU G 385 -32.08 31.37 27.68
C LEU G 385 -32.19 32.89 27.68
N TRP G 386 -31.06 33.56 27.54
CA TRP G 386 -30.99 35.00 27.40
C TRP G 386 -30.26 35.33 26.10
N PHE G 387 -30.83 36.23 25.31
CA PHE G 387 -30.19 36.61 24.05
C PHE G 387 -30.53 38.05 23.71
N CYS G 388 -29.76 38.61 22.78
CA CYS G 388 -29.84 40.02 22.41
C CYS G 388 -29.69 40.10 20.89
N HIS G 389 -29.39 41.30 20.38
CA HIS G 389 -29.23 41.52 18.95
C HIS G 389 -28.39 40.42 18.32
N PRO G 390 -28.55 40.14 17.03
CA PRO G 390 -27.69 39.14 16.39
C PRO G 390 -26.22 39.54 16.51
N GLY G 391 -25.38 38.54 16.72
CA GLY G 391 -23.97 38.75 16.96
C GLY G 391 -23.59 38.85 18.42
N ASP G 392 -24.55 39.14 19.30
CA ASP G 392 -24.29 39.14 20.72
C ASP G 392 -24.36 37.71 21.28
N PRO G 393 -23.66 37.43 22.37
CA PRO G 393 -23.69 36.06 22.91
C PRO G 393 -25.05 35.68 23.44
N ILE G 394 -25.31 34.37 23.45
CA ILE G 394 -26.50 33.78 24.03
C ILE G 394 -26.08 32.97 25.26
N LEU G 395 -26.87 33.08 26.32
CA LEU G 395 -26.56 32.48 27.60
C LEU G 395 -27.63 31.45 27.97
N MET G 396 -27.20 30.23 28.26
CA MET G 396 -28.06 29.14 28.71
C MET G 396 -27.71 28.81 30.16
N GLN G 397 -28.73 28.63 30.99
CA GLN G 397 -28.52 28.41 32.42
C GLN G 397 -29.44 27.31 32.93
N MET G 398 -28.87 26.44 33.78
CA MET G 398 -29.60 25.39 34.46
C MET G 398 -29.11 25.29 35.89
N GLN G 399 -29.98 24.78 36.77
CA GLN G 399 -29.68 24.70 38.20
C GLN G 399 -30.07 23.34 38.75
N LYS G 400 -29.32 22.89 39.74
CA LYS G 400 -29.55 21.65 40.45
C LYS G 400 -29.32 21.92 41.94
N PRO G 401 -29.86 21.08 42.82
CA PRO G 401 -29.87 21.41 44.26
C PRO G 401 -28.55 21.95 44.79
N GLY G 402 -27.44 21.60 44.15
CA GLY G 402 -26.14 22.11 44.57
C GLY G 402 -25.20 22.40 43.44
N VAL G 403 -25.72 22.55 42.22
CA VAL G 403 -24.90 22.76 41.04
C VAL G 403 -25.49 23.87 40.19
N LYS G 404 -24.62 24.62 39.51
CA LYS G 404 -25.03 25.64 38.56
C LYS G 404 -24.31 25.39 37.25
N LEU G 405 -25.07 25.32 36.16
CA LEU G 405 -24.53 25.06 34.83
C LEU G 405 -24.80 26.26 33.94
N GLU G 406 -23.74 26.79 33.32
CA GLU G 406 -23.83 27.95 32.46
C GLU G 406 -23.13 27.67 31.15
N LEU G 407 -23.73 28.15 30.06
CA LEU G 407 -23.16 28.02 28.72
C LEU G 407 -23.28 29.36 28.01
N VAL G 408 -22.19 29.84 27.43
CA VAL G 408 -22.17 31.07 26.66
C VAL G 408 -21.73 30.73 25.25
N GLU G 409 -22.48 31.23 24.26
CA GLU G 409 -22.14 30.97 22.87
C GLU G 409 -22.22 32.26 22.06
N VAL G 410 -21.53 32.26 20.92
CA VAL G 410 -21.50 33.42 20.03
C VAL G 410 -22.50 33.17 18.90
N THR G 411 -23.37 34.14 18.66
CA THR G 411 -24.42 34.02 17.67
C THR G 411 -24.00 34.69 16.35
N ASP G 412 -24.73 34.38 15.29
CA ASP G 412 -24.50 34.99 14.00
C ASP G 412 -24.92 36.45 14.01
N SER G 413 -24.32 37.23 13.13
CA SER G 413 -24.56 38.67 13.03
C SER G 413 -25.00 39.07 11.63
N ASN G 414 -25.64 38.16 10.90
CA ASN G 414 -26.04 38.45 9.53
C ASN G 414 -27.02 39.61 9.47
N ILE G 415 -28.01 39.62 10.37
CA ILE G 415 -29.01 40.68 10.39
C ILE G 415 -28.60 41.74 11.40
N MET H 1 -47.78 19.88 -10.85
CA MET H 1 -47.27 18.80 -9.96
C MET H 1 -47.72 19.01 -8.52
N LYS H 2 -48.58 18.12 -8.03
CA LYS H 2 -49.08 18.17 -6.66
C LYS H 2 -48.89 16.81 -6.02
N LEU H 3 -48.28 16.80 -4.83
CA LEU H 3 -48.06 15.57 -4.07
C LEU H 3 -48.58 15.78 -2.65
N LYS H 4 -49.46 14.89 -2.22
CA LYS H 4 -50.01 14.96 -0.85
C LYS H 4 -50.32 13.56 -0.38
N LEU H 5 -49.68 13.14 0.70
CA LEU H 5 -49.89 11.81 1.27
C LEU H 5 -50.17 11.96 2.76
N ILE H 6 -51.13 11.17 3.26
CA ILE H 6 -51.47 11.14 4.68
C ILE H 6 -51.34 9.70 5.16
N VAL H 7 -50.65 9.51 6.28
CA VAL H 7 -50.39 8.19 6.85
C VAL H 7 -50.86 8.18 8.29
N ASN H 8 -51.46 7.07 8.71
CA ASN H 8 -51.88 6.86 10.10
C ASN H 8 -51.40 5.48 10.54
N GLY H 9 -50.48 5.45 11.50
CA GLY H 9 -49.95 4.18 11.96
C GLY H 9 -50.98 3.31 12.65
N CYS H 10 -51.88 3.94 13.42
CA CYS H 10 -52.86 3.17 14.16
C CYS H 10 -53.76 2.36 13.23
N GLU H 11 -54.20 2.97 12.13
CA GLU H 11 -55.06 2.28 11.18
C GLU H 11 -54.21 1.45 10.22
N ALA H 12 -54.62 0.20 10.00
CA ALA H 12 -53.92 -0.71 9.11
C ALA H 12 -52.46 -0.84 9.55
N PRO H 13 -52.19 -1.44 10.71
CA PRO H 13 -50.80 -1.57 11.17
C PRO H 13 -49.92 -2.36 10.23
N ASP H 14 -50.49 -3.32 9.49
CA ASP H 14 -49.66 -4.17 8.63
C ASP H 14 -48.98 -3.35 7.54
N ASP H 15 -49.71 -2.44 6.91
CA ASP H 15 -49.13 -1.65 5.83
C ASP H 15 -48.13 -0.63 6.37
N TYR H 16 -48.38 -0.11 7.57
CA TYR H 16 -47.40 0.73 8.23
C TYR H 16 -46.11 -0.04 8.48
N LYS H 17 -46.23 -1.30 8.93
CA LYS H 17 -45.04 -2.12 9.11
C LYS H 17 -44.34 -2.36 7.78
N LEU H 18 -45.11 -2.54 6.71
CA LEU H 18 -44.51 -2.70 5.38
C LEU H 18 -43.69 -1.47 5.01
N LEU H 19 -44.25 -0.28 5.23
CA LEU H 19 -43.51 0.95 4.93
C LEU H 19 -42.26 1.07 5.78
N ARG H 20 -42.36 0.75 7.07
CA ARG H 20 -41.19 0.75 7.93
C ARG H 20 -40.12 -0.18 7.39
N THR H 21 -40.51 -1.39 7.00
CA THR H 21 -39.55 -2.36 6.49
C THR H 21 -38.87 -1.85 5.22
N THR H 22 -39.66 -1.28 4.31
CA THR H 22 -39.08 -0.77 3.07
C THR H 22 -38.08 0.34 3.36
N ILE H 23 -38.45 1.29 4.22
CA ILE H 23 -37.56 2.41 4.51
C ILE H 23 -36.29 1.92 5.17
N ASN H 24 -36.41 1.02 6.15
CA ASN H 24 -35.23 0.52 6.84
C ASN H 24 -34.32 -0.25 5.89
N THR H 25 -34.91 -1.08 5.02
CA THR H 25 -34.10 -1.86 4.09
C THR H 25 -33.37 -0.95 3.10
N VAL H 26 -34.05 0.06 2.56
CA VAL H 26 -33.38 0.95 1.61
C VAL H 26 -32.29 1.76 2.31
N ALA H 27 -32.54 2.17 3.56
CA ALA H 27 -31.54 2.94 4.28
C ALA H 27 -30.36 2.09 4.75
N SER H 28 -30.54 0.77 4.83
CA SER H 28 -29.47 -0.12 5.26
C SER H 28 -28.64 -0.68 4.11
N LEU H 29 -28.89 -0.23 2.88
CA LEU H 29 -28.18 -0.72 1.71
C LEU H 29 -27.32 0.35 1.05
N ARG H 30 -27.86 1.56 0.84
CA ARG H 30 -27.13 2.61 0.16
C ARG H 30 -27.53 3.95 0.78
N LYS H 31 -27.07 5.04 0.17
CA LYS H 31 -27.29 6.38 0.72
C LYS H 31 -28.53 7.05 0.16
N THR H 32 -28.88 6.79 -1.09
CA THR H 32 -30.00 7.45 -1.75
C THR H 32 -30.89 6.42 -2.42
N ALA H 33 -32.18 6.77 -2.56
CA ALA H 33 -33.17 5.88 -3.14
C ALA H 33 -34.09 6.66 -4.06
N ILE H 34 -34.70 5.93 -5.00
CA ILE H 34 -35.63 6.49 -5.97
C ILE H 34 -37.05 6.23 -5.48
N LEU H 35 -37.88 7.28 -5.53
CA LEU H 35 -39.29 7.18 -5.17
C LEU H 35 -40.12 7.55 -6.38
N ARG H 36 -40.92 6.61 -6.87
CA ARG H 36 -41.84 6.82 -7.97
C ARG H 36 -43.26 6.83 -7.40
N PHE H 37 -43.90 8.00 -7.42
CA PHE H 37 -45.28 8.15 -7.01
C PHE H 37 -46.16 8.06 -8.24
N ASN H 38 -46.99 7.02 -8.31
CA ASN H 38 -47.88 6.77 -9.42
C ASN H 38 -49.33 6.88 -8.96
N SER H 39 -50.23 6.99 -9.93
CA SER H 39 -51.65 7.07 -9.63
C SER H 39 -52.19 5.82 -8.96
N GLU H 40 -51.46 4.71 -9.02
CA GLU H 40 -51.92 3.44 -8.48
C GLU H 40 -51.07 2.90 -7.33
N ARG H 41 -49.76 3.13 -7.33
CA ARG H 41 -48.89 2.57 -6.31
C ARG H 41 -47.63 3.40 -6.21
N LEU H 42 -46.91 3.20 -5.11
CA LEU H 42 -45.64 3.86 -4.84
C LEU H 42 -44.51 2.84 -4.96
N THR H 43 -43.47 3.19 -5.71
CA THR H 43 -42.32 2.31 -5.91
C THR H 43 -41.09 2.93 -5.25
N ILE H 44 -40.38 2.12 -4.46
CA ILE H 44 -39.13 2.53 -3.84
C ILE H 44 -38.03 1.64 -4.40
N ILE H 45 -37.00 2.24 -4.97
CA ILE H 45 -35.96 1.53 -5.69
C ILE H 45 -34.61 1.86 -5.07
N SER H 46 -33.82 0.83 -4.80
CA SER H 46 -32.43 0.97 -4.38
C SER H 46 -31.59 0.18 -5.36
N THR H 47 -30.89 0.88 -6.25
CA THR H 47 -30.11 0.29 -7.32
C THR H 47 -28.78 1.02 -7.44
N PRO H 48 -27.72 0.32 -7.86
CA PRO H 48 -26.43 1.02 -8.05
C PRO H 48 -26.49 2.13 -9.08
N LYS H 49 -27.30 1.99 -10.12
CA LYS H 49 -27.38 2.96 -11.21
C LYS H 49 -28.39 4.03 -10.82
N SER H 50 -27.89 5.18 -10.36
CA SER H 50 -28.71 6.30 -9.93
C SER H 50 -28.39 7.52 -10.78
N SER H 51 -28.99 8.66 -10.42
CA SER H 51 -28.77 9.90 -11.14
C SER H 51 -27.70 10.75 -10.45
N GLY H 63 -20.48 -9.31 -10.48
CA GLY H 63 -21.64 -9.42 -9.62
C GLY H 63 -22.25 -8.07 -9.27
N ASP H 64 -21.47 -7.26 -8.54
CA ASP H 64 -21.91 -5.94 -8.15
C ASP H 64 -22.98 -6.02 -7.06
N THR H 65 -23.41 -4.87 -6.55
CA THR H 65 -24.41 -4.84 -5.49
C THR H 65 -25.78 -5.24 -6.02
N GLY H 66 -26.61 -5.76 -5.13
CA GLY H 66 -27.96 -6.16 -5.47
C GLY H 66 -28.90 -4.98 -5.63
N GLN H 67 -30.13 -5.29 -6.02
CA GLN H 67 -31.16 -4.29 -6.24
C GLN H 67 -32.38 -4.61 -5.40
N LEU H 68 -33.03 -3.55 -4.90
CA LEU H 68 -34.23 -3.70 -4.08
C LEU H 68 -35.36 -2.91 -4.69
N TRP H 69 -36.51 -3.57 -4.88
CA TRP H 69 -37.71 -2.93 -5.42
C TRP H 69 -38.88 -3.19 -4.49
N CYS H 70 -39.51 -2.13 -4.01
CA CYS H 70 -40.65 -2.23 -3.11
C CYS H 70 -41.85 -1.55 -3.74
N THR H 71 -42.97 -2.27 -3.82
CA THR H 71 -44.22 -1.75 -4.35
C THR H 71 -45.23 -1.69 -3.22
N ILE H 72 -45.77 -0.49 -2.97
CA ILE H 72 -46.73 -0.24 -1.92
C ILE H 72 -48.03 0.23 -2.56
N PRO H 73 -49.17 -0.39 -2.28
CA PRO H 73 -50.42 0.04 -2.90
C PRO H 73 -50.82 1.43 -2.43
N HIS H 74 -51.58 2.13 -3.27
CA HIS H 74 -52.05 3.47 -2.92
C HIS H 74 -53.07 3.44 -1.78
N ASP H 75 -53.67 2.28 -1.51
CA ASP H 75 -54.68 2.19 -0.46
C ASP H 75 -54.11 2.37 0.94
N VAL H 76 -52.79 2.30 1.10
CA VAL H 76 -52.18 2.52 2.41
C VAL H 76 -52.46 3.93 2.90
N PHE H 77 -52.29 4.92 2.03
CA PHE H 77 -52.38 6.31 2.45
C PHE H 77 -53.84 6.74 2.52
N ARG H 78 -54.23 7.33 3.66
CA ARG H 78 -55.60 7.80 3.81
C ARG H 78 -55.96 8.81 2.72
N LEU H 79 -55.04 9.75 2.45
CA LEU H 79 -55.16 10.67 1.33
C LEU H 79 -53.97 10.46 0.42
N TYR H 80 -54.23 10.31 -0.87
CA TYR H 80 -53.18 10.05 -1.87
C TYR H 80 -53.50 10.89 -3.10
N THR H 81 -52.96 12.12 -3.14
CA THR H 81 -53.14 13.04 -4.25
C THR H 81 -51.81 13.14 -4.99
N VAL H 82 -51.76 12.54 -6.18
CA VAL H 82 -50.57 12.57 -7.04
C VAL H 82 -51.02 13.10 -8.39
N ILE H 83 -50.63 14.33 -8.70
CA ILE H 83 -50.99 14.98 -9.96
C ILE H 83 -49.70 15.43 -10.64
N SER H 84 -49.59 15.14 -11.93
CA SER H 84 -48.41 15.53 -12.69
C SER H 84 -48.78 15.61 -14.17
N ALA H 85 -47.92 16.25 -14.94
CA ALA H 85 -48.12 16.41 -16.37
C ALA H 85 -47.63 15.21 -17.18
N ARG H 86 -46.96 14.26 -16.53
CA ARG H 86 -46.46 13.07 -17.22
C ARG H 86 -47.54 12.01 -17.28
N GLU H 87 -47.27 10.96 -18.07
CA GLU H 87 -48.22 9.87 -18.21
C GLU H 87 -48.44 9.19 -16.87
N LEU H 88 -49.71 8.86 -16.59
CA LEU H 88 -50.10 8.20 -15.34
C LEU H 88 -49.75 9.05 -14.11
N ASN H 89 -49.50 10.34 -14.30
CA ASN H 89 -49.20 11.25 -13.20
C ASN H 89 -48.02 10.72 -12.37
N THR H 90 -47.01 10.19 -13.06
CA THR H 90 -45.84 9.65 -12.38
C THR H 90 -44.89 10.77 -11.98
N ILE H 91 -44.45 10.76 -10.72
CA ILE H 91 -43.49 11.71 -10.20
C ILE H 91 -42.30 10.92 -9.67
N THR H 92 -41.11 11.18 -10.21
CA THR H 92 -39.90 10.47 -9.84
C THR H 92 -38.99 11.39 -9.03
N MET H 93 -38.49 10.89 -7.91
CA MET H 93 -37.67 11.69 -7.01
C MET H 93 -36.48 10.86 -6.54
N GLU H 94 -35.40 11.55 -6.19
CA GLU H 94 -34.20 10.96 -5.61
C GLU H 94 -34.02 11.56 -4.23
N CYS H 95 -34.02 10.72 -3.20
CA CYS H 95 -34.01 11.19 -1.83
C CYS H 95 -32.96 10.46 -1.01
N ASN H 96 -32.34 11.20 -0.08
CA ASN H 96 -31.38 10.60 0.83
C ASN H 96 -32.10 9.68 1.80
N CYS H 97 -31.66 8.42 1.86
CA CYS H 97 -32.32 7.45 2.71
C CYS H 97 -32.21 7.81 4.19
N ASP H 98 -31.10 8.44 4.59
CA ASP H 98 -30.89 8.72 6.01
C ASP H 98 -31.91 9.71 6.55
N SER H 99 -32.25 10.74 5.78
CA SER H 99 -33.19 11.74 6.27
C SER H 99 -34.58 11.15 6.47
N LEU H 100 -35.08 10.44 5.45
CA LEU H 100 -36.38 9.79 5.59
C LEU H 100 -36.36 8.77 6.72
N LEU H 101 -35.25 8.04 6.86
CA LEU H 101 -35.16 7.03 7.91
C LEU H 101 -35.22 7.68 9.29
N SER H 102 -34.53 8.83 9.47
CA SER H 102 -34.59 9.53 10.74
C SER H 102 -36.00 10.04 11.02
N VAL H 103 -36.66 10.61 10.01
CA VAL H 103 -38.03 11.07 10.19
C VAL H 103 -38.93 9.90 10.59
N PHE H 104 -38.68 8.73 9.99
CA PHE H 104 -39.52 7.56 10.28
C PHE H 104 -39.25 7.03 11.67
N LYS H 105 -38.00 7.06 12.14
CA LYS H 105 -37.76 6.73 13.56
C LYS H 105 -38.48 7.70 14.48
N ARG H 106 -38.43 8.99 14.17
CA ARG H 106 -39.12 9.98 15.00
C ARG H 106 -40.61 9.67 15.06
N TYR H 107 -41.22 9.40 13.90
CA TYR H 107 -42.64 9.09 13.87
C TYR H 107 -42.94 7.79 14.61
N ASP H 108 -42.09 6.78 14.46
CA ASP H 108 -42.32 5.50 15.13
C ASP H 108 -42.29 5.67 16.64
N ARG H 109 -41.30 6.41 17.16
CA ARG H 109 -41.25 6.61 18.60
C ARG H 109 -42.40 7.48 19.08
N VAL H 110 -42.83 8.46 18.28
CA VAL H 110 -43.99 9.27 18.64
C VAL H 110 -45.22 8.38 18.77
N MET H 111 -45.42 7.49 17.81
CA MET H 111 -46.56 6.57 17.87
C MET H 111 -46.43 5.63 19.06
N ASN H 112 -45.21 5.14 19.35
CA ASN H 112 -45.01 4.26 20.50
C ASN H 112 -45.38 4.97 21.79
N GLN H 113 -45.06 6.26 21.90
CA GLN H 113 -45.48 7.03 23.06
C GLN H 113 -46.99 7.06 23.20
N GLY H 114 -47.71 6.85 22.11
CA GLY H 114 -49.16 6.82 22.14
C GLY H 114 -49.79 8.08 21.59
N SER H 115 -50.24 8.02 20.33
CA SER H 115 -50.88 9.17 19.69
C SER H 115 -51.58 8.69 18.43
N SER H 116 -52.55 9.48 17.98
CA SER H 116 -53.30 9.21 16.77
C SER H 116 -52.96 10.20 15.65
N SER H 117 -51.82 10.87 15.75
CA SER H 117 -51.45 11.86 14.76
C SER H 117 -51.16 11.21 13.41
N ASN H 118 -51.36 11.99 12.34
CA ASN H 118 -51.13 11.53 10.98
C ASN H 118 -49.93 12.25 10.39
N MET H 119 -49.12 11.51 9.64
CA MET H 119 -47.97 12.07 8.95
C MET H 119 -48.40 12.57 7.58
N THR H 120 -48.11 13.84 7.30
CA THR H 120 -48.47 14.48 6.05
C THR H 120 -47.19 14.75 5.26
N ILE H 121 -47.14 14.25 4.03
CA ILE H 121 -45.99 14.39 3.15
C ILE H 121 -46.42 15.20 1.93
N LYS H 122 -45.69 16.28 1.65
CA LYS H 122 -45.96 17.14 0.51
C LYS H 122 -44.65 17.48 -0.18
N LEU H 123 -44.74 17.81 -1.46
CA LEU H 123 -43.60 18.23 -2.25
C LEU H 123 -43.66 19.75 -2.44
N GLN H 124 -42.58 20.44 -2.06
CA GLN H 124 -42.53 21.88 -2.10
C GLN H 124 -41.26 22.33 -2.83
N SER H 125 -41.35 23.51 -3.44
CA SER H 125 -40.21 24.12 -4.10
C SER H 125 -39.45 25.00 -3.11
N MET H 126 -38.12 24.99 -3.23
CA MET H 126 -37.24 25.66 -2.28
C MET H 126 -36.43 26.73 -3.02
N PRO H 127 -36.91 27.98 -3.05
CA PRO H 127 -36.09 29.06 -3.63
C PRO H 127 -35.05 29.60 -2.67
N GLU H 128 -35.16 29.29 -1.37
CA GLU H 128 -34.12 29.71 -0.42
C GLU H 128 -32.82 28.96 -0.66
N TRP H 129 -32.89 27.70 -1.06
CA TRP H 129 -31.69 26.91 -1.33
C TRP H 129 -31.11 27.30 -2.68
N ASN H 151 -32.23 19.61 -13.45
CA ASN H 151 -32.47 18.82 -12.24
C ASN H 151 -32.88 19.71 -11.08
N PRO H 152 -34.13 20.17 -11.09
CA PRO H 152 -34.61 21.00 -9.98
C PRO H 152 -34.51 20.27 -8.65
N ILE H 153 -34.20 21.03 -7.59
CA ILE H 153 -34.07 20.49 -6.25
C ILE H 153 -35.25 21.00 -5.43
N CYS H 154 -35.99 20.07 -4.82
CA CYS H 154 -37.18 20.42 -4.03
C CYS H 154 -37.06 19.83 -2.64
N ALA H 155 -38.12 19.94 -1.85
CA ALA H 155 -38.13 19.42 -0.49
C ALA H 155 -39.41 18.66 -0.22
N LEU H 156 -39.32 17.72 0.71
CA LEU H 156 -40.46 16.99 1.23
C LEU H 156 -40.79 17.55 2.61
N GLY H 157 -41.99 18.09 2.76
CA GLY H 157 -42.43 18.69 4.00
C GLY H 157 -43.17 17.73 4.89
N ILE H 158 -42.45 16.79 5.49
CA ILE H 158 -43.07 15.77 6.33
C ILE H 158 -43.45 16.39 7.67
N THR H 159 -44.73 16.39 8.00
CA THR H 159 -45.24 17.03 9.20
C THR H 159 -46.15 16.08 9.95
N PHE H 160 -45.95 15.98 11.26
CA PHE H 160 -46.84 15.23 12.13
C PHE H 160 -46.79 15.82 13.53
N GLU H 161 -47.83 15.54 14.30
CA GLU H 161 -47.97 16.08 15.66
C GLU H 161 -47.51 15.04 16.69
N GLU H 162 -47.47 15.47 17.94
CA GLU H 162 -47.05 14.61 19.04
C GLU H 162 -47.67 15.14 20.32
N ILE H 163 -48.63 14.41 20.88
CA ILE H 163 -49.27 14.81 22.13
C ILE H 163 -48.51 14.22 23.30
N VAL H 200 -49.26 19.58 22.71
CA VAL H 200 -48.98 19.15 21.35
C VAL H 200 -47.72 19.85 20.83
N ILE H 201 -46.87 19.09 20.16
CA ILE H 201 -45.64 19.61 19.57
C ILE H 201 -45.68 19.32 18.07
N MET H 202 -45.52 20.35 17.26
CA MET H 202 -45.51 20.18 15.81
C MET H 202 -44.13 19.77 15.35
N HIS H 203 -44.05 18.63 14.68
CA HIS H 203 -42.81 18.10 14.11
C HIS H 203 -42.85 18.31 12.61
N SER H 204 -41.87 19.05 12.10
CA SER H 204 -41.77 19.36 10.68
C SER H 204 -40.36 19.04 10.19
N PHE H 205 -40.27 18.50 8.98
CA PHE H 205 -38.99 18.10 8.40
C PHE H 205 -39.00 18.45 6.91
N LYS H 206 -38.05 19.28 6.50
CA LYS H 206 -37.87 19.63 5.09
C LYS H 206 -36.71 18.78 4.56
N VAL H 207 -37.05 17.62 4.01
CA VAL H 207 -36.06 16.67 3.53
C VAL H 207 -35.69 17.06 2.10
N PRO H 208 -34.42 17.34 1.80
CA PRO H 208 -34.06 17.67 0.41
C PRO H 208 -34.30 16.48 -0.50
N VAL H 209 -34.61 16.78 -1.77
CA VAL H 209 -34.90 15.75 -2.76
C VAL H 209 -34.64 16.34 -4.13
N LYS H 210 -34.36 15.48 -5.10
CA LYS H 210 -34.05 15.91 -6.47
C LYS H 210 -35.10 15.34 -7.42
N LEU H 211 -35.74 16.22 -8.18
CA LEU H 211 -36.70 15.76 -9.18
C LEU H 211 -35.95 15.15 -10.37
N LEU H 212 -36.38 13.97 -10.78
CA LEU H 212 -35.68 13.20 -11.81
C LEU H 212 -36.41 13.32 -13.13
N PHE H 213 -35.66 13.43 -14.21
CA PHE H 213 -36.24 13.62 -15.53
C PHE H 213 -36.99 12.36 -15.98
N ARG H 214 -37.90 12.54 -16.93
CA ARG H 214 -38.70 11.42 -17.42
C ARG H 214 -37.84 10.36 -18.06
N ALA H 215 -36.90 10.77 -18.93
CA ALA H 215 -36.03 9.80 -19.57
C ALA H 215 -35.14 9.09 -18.56
N GLN H 216 -34.59 9.84 -17.60
CA GLN H 216 -33.74 9.22 -16.58
C GLN H 216 -34.53 8.23 -15.75
N ASP H 217 -35.77 8.56 -15.41
CA ASP H 217 -36.63 7.59 -14.72
C ASP H 217 -36.87 6.36 -15.58
N THR H 218 -37.11 6.57 -16.88
CA THR H 218 -37.34 5.43 -17.77
C THR H 218 -36.11 4.54 -17.88
N ARG H 219 -34.92 5.10 -17.67
CA ARG H 219 -33.70 4.30 -17.76
C ARG H 219 -33.71 3.16 -16.75
N ILE H 220 -34.12 3.45 -15.51
CA ILE H 220 -34.14 2.42 -14.48
C ILE H 220 -35.28 1.45 -14.75
N GLN H 221 -34.96 0.15 -14.75
CA GLN H 221 -35.93 -0.88 -15.07
C GLN H 221 -35.78 -2.04 -14.09
N GLU H 222 -36.88 -2.78 -13.91
CA GLU H 222 -36.86 -3.94 -13.03
C GLU H 222 -36.04 -5.07 -13.66
N PRO H 223 -35.15 -5.71 -12.91
CA PRO H 223 -34.43 -6.86 -13.47
C PRO H 223 -35.39 -7.99 -13.81
N MET H 224 -35.05 -8.73 -14.87
CA MET H 224 -35.84 -9.86 -15.34
C MET H 224 -35.10 -11.16 -15.06
N ILE H 225 -35.82 -12.14 -14.53
CA ILE H 225 -35.27 -13.42 -14.13
C ILE H 225 -35.93 -14.52 -14.94
N ASN H 226 -35.11 -15.39 -15.53
CA ASN H 226 -35.66 -16.50 -16.31
C ASN H 226 -36.46 -17.43 -15.41
N TYR H 227 -37.64 -17.83 -15.89
CA TYR H 227 -38.56 -18.66 -15.12
C TYR H 227 -38.55 -20.12 -15.52
N ILE H 228 -37.66 -20.52 -16.44
CA ILE H 228 -37.58 -21.92 -16.85
C ILE H 228 -36.39 -22.58 -16.13
N GLN H 229 -35.36 -21.79 -15.84
CA GLN H 229 -34.19 -22.26 -15.13
C GLN H 229 -34.24 -21.95 -13.64
N LEU H 230 -35.38 -21.49 -13.14
CA LEU H 230 -35.54 -21.07 -11.76
C LEU H 230 -36.62 -21.90 -11.08
N MET H 231 -36.35 -22.30 -9.84
CA MET H 231 -37.30 -23.04 -9.02
C MET H 231 -37.56 -22.27 -7.73
N MET H 232 -38.83 -22.09 -7.39
CA MET H 232 -39.20 -21.34 -6.21
C MET H 232 -39.19 -22.23 -4.97
N TYR H 233 -38.83 -21.63 -3.83
CA TYR H 233 -38.81 -22.30 -2.53
C TYR H 233 -39.73 -21.54 -1.60
N LYS H 234 -40.71 -22.24 -1.03
CA LYS H 234 -41.64 -21.64 -0.08
C LYS H 234 -41.09 -21.80 1.33
N LEU H 235 -41.11 -20.70 2.11
CA LEU H 235 -40.54 -20.72 3.45
C LEU H 235 -41.64 -20.78 4.49
N PRO H 236 -41.39 -21.39 5.65
CA PRO H 236 -42.42 -21.45 6.69
C PRO H 236 -42.75 -20.06 7.20
N PRO H 237 -43.97 -19.83 7.64
CA PRO H 237 -44.31 -18.51 8.21
C PRO H 237 -43.52 -18.25 9.49
N ILE H 238 -43.17 -16.98 9.70
CA ILE H 238 -42.46 -16.62 10.92
C ILE H 238 -43.34 -16.84 12.14
N SER H 239 -44.66 -16.72 11.98
CA SER H 239 -45.58 -16.91 13.09
C SER H 239 -45.89 -18.38 13.35
N GLY H 240 -45.46 -19.30 12.49
CA GLY H 240 -45.72 -20.71 12.67
C GLY H 240 -44.76 -21.35 13.66
N GLU H 241 -44.99 -22.65 13.88
CA GLU H 241 -44.14 -23.38 14.81
C GLU H 241 -42.72 -23.51 14.28
N PHE H 242 -42.55 -23.59 12.97
CA PHE H 242 -41.23 -23.68 12.35
C PHE H 242 -40.61 -22.32 12.07
N GLY H 243 -41.32 -21.23 12.34
CA GLY H 243 -40.79 -19.91 12.05
C GLY H 243 -39.53 -19.60 12.83
N SER H 244 -39.56 -19.86 14.14
CA SER H 244 -38.38 -19.60 14.96
C SER H 244 -37.22 -20.49 14.54
N ALA H 245 -37.50 -21.76 14.26
CA ALA H 245 -36.44 -22.68 13.84
C ALA H 245 -35.81 -22.22 12.53
N PHE H 246 -36.63 -21.81 11.57
CA PHE H 246 -36.08 -21.34 10.30
C PHE H 246 -35.32 -20.03 10.45
N HIS H 247 -35.80 -19.15 11.34
CA HIS H 247 -35.05 -17.91 11.60
C HIS H 247 -33.69 -18.23 12.19
N GLY H 248 -33.62 -19.16 13.15
CA GLY H 248 -32.34 -19.57 13.68
C GLY H 248 -31.46 -20.19 12.62
N PHE H 249 -32.03 -21.03 11.75
CA PHE H 249 -31.30 -21.58 10.62
C PHE H 249 -30.68 -20.46 9.78
N ILE H 250 -31.47 -19.44 9.46
CA ILE H 250 -30.98 -18.35 8.63
C ILE H 250 -29.83 -17.63 9.34
N ARG H 251 -29.97 -17.38 10.64
CA ARG H 251 -28.97 -16.62 11.38
C ARG H 251 -27.76 -17.46 11.80
N ARG H 252 -27.78 -18.79 11.58
CA ARG H 252 -26.64 -19.60 11.97
C ARG H 252 -25.33 -19.05 11.44
N VAL H 253 -25.31 -18.61 10.18
CA VAL H 253 -24.06 -18.20 9.54
C VAL H 253 -23.71 -16.74 9.81
N GLU H 254 -24.56 -16.00 10.53
CA GLU H 254 -24.32 -14.60 10.83
C GLU H 254 -23.54 -14.41 12.13
N ARG H 255 -22.75 -15.40 12.55
CA ARG H 255 -21.97 -15.31 13.77
C ARG H 255 -20.53 -15.80 13.60
N TYR H 256 -20.06 -15.93 12.36
CA TYR H 256 -18.69 -16.34 12.08
C TYR H 256 -17.90 -15.13 11.57
N SER H 257 -16.74 -14.90 12.16
CA SER H 257 -15.98 -13.67 11.92
C SER H 257 -15.53 -13.51 10.48
N ASN H 258 -14.66 -14.40 10.00
CA ASN H 258 -14.02 -14.21 8.70
C ASN H 258 -14.90 -14.64 7.53
N VAL H 259 -16.05 -15.27 7.79
CA VAL H 259 -16.91 -15.72 6.71
C VAL H 259 -17.51 -14.50 6.01
N ASN H 260 -17.39 -14.47 4.68
CA ASN H 260 -17.89 -13.35 3.90
C ASN H 260 -18.72 -13.82 2.71
N HIS H 261 -18.45 -15.02 2.22
CA HIS H 261 -19.11 -15.57 1.04
C HIS H 261 -19.72 -16.92 1.41
N ILE H 262 -21.04 -16.96 1.57
CA ILE H 262 -21.73 -18.20 1.87
C ILE H 262 -22.17 -18.85 0.55
N HIS H 263 -22.49 -20.13 0.63
CA HIS H 263 -22.81 -20.95 -0.54
C HIS H 263 -24.16 -21.62 -0.27
N LEU H 264 -25.23 -21.05 -0.84
CA LEU H 264 -26.55 -21.64 -0.71
C LEU H 264 -26.72 -22.76 -1.73
N MET H 265 -27.34 -23.85 -1.29
CA MET H 265 -27.61 -24.98 -2.17
C MET H 265 -29.01 -25.50 -1.90
N GLY H 266 -29.71 -25.90 -2.97
CA GLY H 266 -31.02 -26.48 -2.85
C GLY H 266 -31.11 -27.83 -3.53
N VAL H 267 -31.62 -28.83 -2.83
CA VAL H 267 -31.70 -30.20 -3.34
C VAL H 267 -33.15 -30.64 -3.36
N LYS H 268 -33.60 -31.18 -4.49
CA LYS H 268 -34.97 -31.65 -4.66
C LYS H 268 -35.00 -33.14 -4.30
N LYS H 269 -35.73 -33.48 -3.24
CA LYS H 269 -35.85 -34.85 -2.80
C LYS H 269 -34.48 -35.44 -2.49
N ASP H 277 -39.53 -34.58 3.69
CA ASP H 277 -39.08 -33.30 3.15
C ASP H 277 -38.93 -33.38 1.64
N ASP H 278 -39.84 -32.72 0.91
CA ASP H 278 -39.79 -32.74 -0.54
C ASP H 278 -38.50 -32.09 -1.05
N VAL H 279 -38.11 -30.96 -0.45
CA VAL H 279 -36.90 -30.25 -0.82
C VAL H 279 -36.13 -29.90 0.44
N GLU H 280 -34.83 -29.65 0.26
CA GLU H 280 -33.96 -29.29 1.37
C GLU H 280 -33.05 -28.14 0.95
N LEU H 281 -32.72 -27.29 1.91
CA LEU H 281 -31.86 -26.13 1.69
C LEU H 281 -30.67 -26.21 2.64
N LYS H 282 -29.47 -26.02 2.11
CA LYS H 282 -28.25 -26.11 2.88
C LYS H 282 -27.39 -24.86 2.66
N ILE H 283 -26.60 -24.52 3.67
CA ILE H 283 -25.69 -23.39 3.60
C ILE H 283 -24.28 -23.89 3.89
N ILE H 284 -23.33 -23.55 3.02
CA ILE H 284 -21.99 -24.09 3.10
C ILE H 284 -20.97 -22.95 3.09
N VAL H 285 -19.81 -23.22 3.68
CA VAL H 285 -18.66 -22.33 3.62
C VAL H 285 -17.43 -23.22 3.50
N ASN H 286 -16.77 -23.18 2.35
CA ASN H 286 -15.62 -24.03 2.06
C ASN H 286 -14.35 -23.20 2.11
N GLU H 287 -13.34 -23.70 2.82
CA GLU H 287 -12.07 -23.01 2.95
C GLU H 287 -10.98 -24.05 3.15
N LEU H 288 -9.74 -23.65 2.84
CA LEU H 288 -8.61 -24.57 2.99
C LEU H 288 -8.48 -25.07 4.41
N ASP H 289 -8.98 -24.31 5.39
CA ASP H 289 -8.93 -24.68 6.80
C ASP H 289 -10.29 -24.99 7.40
N TRP H 290 -11.36 -24.38 6.89
CA TRP H 290 -12.68 -24.47 7.49
C TRP H 290 -13.64 -25.17 6.53
N HIS H 291 -14.62 -25.85 7.11
CA HIS H 291 -15.70 -26.48 6.34
C HIS H 291 -16.97 -26.38 7.17
N LEU H 292 -17.75 -25.35 6.92
CA LEU H 292 -19.03 -25.13 7.60
C LEU H 292 -20.16 -25.65 6.71
N GLU H 293 -21.12 -26.33 7.31
CA GLU H 293 -22.22 -26.89 6.54
C GLU H 293 -23.44 -27.01 7.44
N ILE H 294 -24.53 -26.33 7.07
CA ILE H 294 -25.76 -26.28 7.85
C ILE H 294 -26.87 -26.88 7.01
N CYS H 295 -27.58 -27.86 7.56
CA CYS H 295 -28.72 -28.50 6.94
C CYS H 295 -30.02 -28.01 7.57
N TRP H 296 -31.11 -28.16 6.83
CA TRP H 296 -32.45 -27.89 7.33
C TRP H 296 -33.29 -29.16 7.22
N ASN H 297 -33.95 -29.53 8.31
CA ASN H 297 -34.74 -30.75 8.37
C ASN H 297 -36.23 -30.49 8.47
N GLY H 298 -36.66 -29.23 8.55
CA GLY H 298 -38.06 -28.91 8.64
C GLY H 298 -38.78 -29.11 7.33
N PRO H 299 -40.12 -29.02 7.35
CA PRO H 299 -40.90 -29.22 6.12
C PRO H 299 -40.85 -27.99 5.24
N LEU H 300 -40.15 -28.10 4.12
CA LEU H 300 -40.02 -27.02 3.14
C LEU H 300 -40.77 -27.40 1.88
N ASP H 301 -41.67 -26.53 1.43
CA ASP H 301 -42.50 -26.78 0.27
C ASP H 301 -41.96 -26.04 -0.94
N SER H 302 -42.24 -26.58 -2.12
CA SER H 302 -41.85 -25.99 -3.40
C SER H 302 -43.09 -25.45 -4.10
N VAL H 303 -43.03 -24.19 -4.54
CA VAL H 303 -44.17 -23.58 -5.19
C VAL H 303 -44.39 -24.23 -6.55
N ILE H 304 -45.63 -24.59 -6.83
CA ILE H 304 -45.98 -25.22 -8.10
C ILE H 304 -45.63 -24.29 -9.26
N SER H 403 -31.51 -31.44 -11.98
CA SER H 403 -32.66 -30.68 -11.51
C SER H 403 -32.54 -30.38 -10.02
N SER H 404 -31.85 -31.26 -9.30
CA SER H 404 -31.66 -31.10 -7.87
C SER H 404 -30.38 -30.36 -7.51
N THR H 405 -29.63 -29.90 -8.50
CA THR H 405 -28.38 -29.17 -8.28
C THR H 405 -28.62 -27.71 -8.58
N HIS H 406 -28.72 -26.89 -7.54
CA HIS H 406 -28.95 -25.45 -7.68
C HIS H 406 -28.17 -24.76 -6.56
N GLU H 407 -27.03 -24.18 -6.90
CA GLU H 407 -26.13 -23.57 -5.93
C GLU H 407 -25.78 -22.15 -6.36
N VAL H 408 -25.50 -21.30 -5.37
CA VAL H 408 -25.15 -19.92 -5.64
C VAL H 408 -24.36 -19.38 -4.45
N ILE H 409 -23.30 -18.63 -4.74
CA ILE H 409 -22.46 -18.01 -3.72
C ILE H 409 -22.87 -16.55 -3.57
N ILE H 410 -23.14 -16.13 -2.34
CA ILE H 410 -23.60 -14.77 -2.08
C ILE H 410 -22.88 -14.22 -0.86
N ARG H 411 -22.75 -12.88 -0.84
CA ARG H 411 -22.09 -12.21 0.28
C ARG H 411 -22.93 -12.33 1.55
N CYS H 412 -22.25 -12.18 2.69
CA CYS H 412 -22.94 -12.31 3.97
C CYS H 412 -23.87 -11.12 4.24
N LYS H 413 -23.55 -9.94 3.70
CA LYS H 413 -24.44 -8.80 3.87
C LYS H 413 -25.78 -9.05 3.21
N ASP H 414 -25.77 -9.64 2.01
CA ASP H 414 -27.01 -9.94 1.32
C ASP H 414 -27.83 -10.95 2.12
N TRP H 415 -27.18 -11.97 2.67
CA TRP H 415 -27.90 -12.96 3.46
C TRP H 415 -28.46 -12.34 4.72
N LYS H 416 -27.73 -11.42 5.35
CA LYS H 416 -28.24 -10.73 6.53
C LYS H 416 -29.45 -9.87 6.19
N VAL H 417 -29.41 -9.19 5.04
CA VAL H 417 -30.57 -8.41 4.60
C VAL H 417 -31.77 -9.31 4.38
N CYS H 418 -31.55 -10.46 3.74
CA CYS H 418 -32.63 -11.42 3.55
C CYS H 418 -33.16 -11.92 4.88
N SER H 419 -32.27 -12.14 5.84
CA SER H 419 -32.68 -12.59 7.17
C SER H 419 -33.59 -11.56 7.84
N LYS H 420 -33.19 -10.29 7.78
CA LYS H 420 -34.01 -9.24 8.36
C LYS H 420 -35.36 -9.15 7.64
N LEU H 421 -35.36 -9.29 6.31
CA LEU H 421 -36.61 -9.22 5.56
C LEU H 421 -37.56 -10.35 5.96
N TYR H 422 -37.02 -11.56 6.12
CA TYR H 422 -37.87 -12.71 6.41
C TYR H 422 -38.58 -12.55 7.75
N ALA H 423 -37.96 -11.88 8.71
CA ALA H 423 -38.54 -11.76 10.05
C ALA H 423 -39.79 -10.89 10.08
N ALA H 424 -40.08 -10.16 9.00
CA ALA H 424 -41.23 -9.25 8.97
C ALA H 424 -42.42 -9.82 8.22
N PHE H 425 -42.19 -10.41 7.04
CA PHE H 425 -43.28 -10.90 6.21
C PHE H 425 -43.55 -12.38 6.49
N GLU H 426 -44.65 -12.87 5.94
CA GLU H 426 -45.08 -14.25 6.11
C GLU H 426 -44.92 -15.09 4.87
N GLU H 427 -45.43 -14.63 3.73
CA GLU H 427 -45.38 -15.39 2.48
C GLU H 427 -44.08 -15.06 1.75
N VAL H 428 -42.98 -15.53 2.32
CA VAL H 428 -41.65 -15.31 1.78
C VAL H 428 -41.32 -16.41 0.79
N VAL H 429 -40.70 -16.05 -0.32
CA VAL H 429 -40.31 -16.98 -1.36
C VAL H 429 -38.84 -16.75 -1.70
N LEU H 430 -38.11 -17.84 -1.94
CA LEU H 430 -36.71 -17.79 -2.30
C LEU H 430 -36.53 -18.38 -3.69
N ALA H 431 -35.49 -17.94 -4.39
CA ALA H 431 -35.17 -18.51 -5.69
C ALA H 431 -33.68 -18.41 -5.94
N ILE H 432 -33.10 -19.45 -6.51
CA ILE H 432 -31.68 -19.50 -6.82
C ILE H 432 -31.53 -19.83 -8.31
N SER H 433 -31.01 -18.88 -9.08
CA SER H 433 -30.67 -19.12 -10.48
C SER H 433 -29.23 -19.58 -10.52
N HIS H 434 -29.03 -20.87 -10.82
CA HIS H 434 -27.75 -21.55 -10.67
C HIS H 434 -26.61 -20.73 -11.25
N ASP H 435 -25.64 -20.39 -10.40
CA ASP H 435 -24.46 -19.63 -10.80
C ASP H 435 -24.83 -18.32 -11.48
N GLU H 436 -26.08 -17.87 -11.31
CA GLU H 436 -26.55 -16.63 -11.92
C GLU H 436 -26.92 -15.59 -10.89
N SER H 437 -27.83 -15.90 -9.96
CA SER H 437 -28.26 -14.88 -8.99
C SER H 437 -29.17 -15.53 -7.95
N CYS H 438 -29.63 -14.70 -7.01
CA CYS H 438 -30.59 -15.10 -6.00
C CYS H 438 -31.69 -14.06 -5.92
N VAL H 439 -32.92 -14.52 -5.71
CA VAL H 439 -34.09 -13.65 -5.65
C VAL H 439 -34.82 -13.93 -4.34
N PHE H 440 -35.19 -12.85 -3.64
CA PHE H 440 -35.88 -12.93 -2.36
C PHE H 440 -37.15 -12.12 -2.48
N HIS H 441 -38.31 -12.78 -2.47
CA HIS H 441 -39.60 -12.15 -2.67
C HIS H 441 -40.41 -12.18 -1.38
N CYS H 442 -41.04 -11.06 -1.05
CA CYS H 442 -41.90 -10.96 0.12
C CYS H 442 -43.20 -10.29 -0.27
N SER H 443 -44.32 -10.86 0.18
CA SER H 443 -45.64 -10.33 -0.12
C SER H 443 -46.44 -10.24 1.18
N LEU H 444 -47.38 -9.28 1.21
CA LEU H 444 -48.19 -9.01 2.38
C LEU H 444 -49.66 -9.15 1.98
N ASP H 445 -50.28 -10.25 2.38
CA ASP H 445 -51.68 -10.48 2.07
C ASP H 445 -52.56 -9.50 2.83
N ARG H 446 -53.61 -9.01 2.17
CA ARG H 446 -54.56 -8.09 2.77
C ARG H 446 -55.97 -8.48 2.34
N GLY H 447 -56.90 -8.49 3.30
CA GLY H 447 -58.27 -8.83 3.00
C GLY H 447 -59.03 -7.68 2.37
N SER H 448 -60.23 -8.01 1.88
CA SER H 448 -61.10 -7.02 1.24
C SER H 448 -62.42 -6.90 1.98
N LYS H 457 -62.83 -7.94 -4.58
CA LYS H 457 -61.66 -8.82 -4.58
C LYS H 457 -60.60 -8.30 -3.60
N PRO H 458 -59.58 -9.11 -3.34
CA PRO H 458 -58.51 -8.67 -2.43
C PRO H 458 -57.80 -7.44 -2.96
N ARG H 459 -57.33 -6.61 -2.04
CA ARG H 459 -56.63 -5.39 -2.41
C ARG H 459 -55.27 -5.73 -3.03
N GLU H 460 -54.69 -4.73 -3.70
CA GLU H 460 -53.38 -4.92 -4.31
C GLU H 460 -52.37 -5.34 -3.25
N ARG H 461 -51.56 -6.34 -3.59
CA ARG H 461 -50.62 -6.94 -2.65
C ARG H 461 -49.27 -6.24 -2.78
N GLY H 462 -48.87 -5.53 -1.73
CA GLY H 462 -47.56 -4.91 -1.72
C GLY H 462 -46.47 -5.96 -1.72
N GLN H 463 -45.34 -5.63 -2.37
CA GLN H 463 -44.27 -6.60 -2.58
C GLN H 463 -42.93 -5.96 -2.27
N ILE H 464 -41.97 -6.81 -1.91
CA ILE H 464 -40.58 -6.41 -1.74
C ILE H 464 -39.72 -7.50 -2.40
N ILE H 465 -38.97 -7.13 -3.43
CA ILE H 465 -38.14 -8.05 -4.19
C ILE H 465 -36.69 -7.61 -4.08
N TYR H 466 -35.82 -8.54 -3.72
CA TYR H 466 -34.39 -8.28 -3.60
C TYR H 466 -33.64 -9.21 -4.54
N TYR H 467 -32.78 -8.64 -5.38
CA TYR H 467 -31.96 -9.39 -6.32
C TYR H 467 -30.51 -9.30 -5.87
N ILE H 468 -29.84 -10.45 -5.76
CA ILE H 468 -28.45 -10.53 -5.34
C ILE H 468 -27.67 -11.20 -6.46
N ALA H 469 -26.58 -10.58 -6.87
CA ALA H 469 -25.74 -11.11 -7.94
C ALA H 469 -24.70 -12.07 -7.36
N ARG H 470 -24.23 -12.97 -8.23
CA ARG H 470 -23.20 -13.94 -7.83
C ARG H 470 -21.96 -13.22 -7.32
N SER H 471 -21.69 -13.35 -6.02
CA SER H 471 -20.51 -12.70 -5.44
C SER H 471 -19.22 -13.26 -6.05
N LYS H 472 -19.09 -14.58 -6.05
CA LYS H 472 -17.95 -15.26 -6.66
C LYS H 472 -18.38 -16.20 -7.78
N GLY H 473 -19.33 -17.09 -7.52
CA GLY H 473 -19.81 -18.02 -8.52
C GLY H 473 -19.01 -19.30 -8.56
N LEU H 474 -19.59 -20.31 -9.20
CA LEU H 474 -18.95 -21.62 -9.33
C LEU H 474 -17.83 -21.56 -10.36
PG AGS K . 7.93 29.01 10.05
S1G AGS K . 9.40 27.77 10.35
O2G AGS K . 7.33 29.46 11.42
O3G AGS K . 6.82 28.30 9.23
PB AGS K . 7.91 31.70 9.63
O1B AGS K . 7.70 32.49 8.41
O2B AGS K . 6.62 31.50 10.43
O3B AGS K . 8.45 30.25 9.27
PA AGS K . 8.41 33.41 11.72
O1A AGS K . 7.42 34.35 11.16
O2A AGS K . 7.87 32.57 12.87
O3A AGS K . 8.93 32.40 10.62
O5' AGS K . 9.68 34.25 12.16
C5' AGS K . 10.90 33.59 12.57
C4' AGS K . 11.13 33.81 14.05
O4' AGS K . 12.12 34.85 14.22
C3' AGS K . 9.91 34.21 14.87
O3' AGS K . 9.82 33.44 16.06
C2' AGS K . 10.15 35.69 15.17
O2' AGS K . 9.58 36.09 16.42
C1' AGS K . 11.67 35.73 15.23
N9 AGS K . 12.27 37.05 15.01
C8 AGS K . 13.18 37.68 15.80
N7 AGS K . 13.54 38.86 15.34
C5 AGS K . 12.81 39.02 14.17
C6 AGS K . 12.73 40.05 13.23
N6 AGS K . 13.44 41.18 13.31
N1 AGS K . 11.90 39.87 12.17
C2 AGS K . 11.20 38.74 12.09
N3 AGS K . 11.18 37.70 12.92
C4 AGS K . 12.02 37.90 13.95
H5'1 AGS K . 11.65 33.95 12.07
H5'2 AGS K . 10.82 32.63 12.40
H4' AGS K . 11.48 32.98 14.42
H3' AGS K . 9.09 34.11 14.35
HO3' AGS K . 9.72 33.97 16.76
H2' AGS K . 9.82 36.25 14.45
HO2' AGS K . 9.74 36.94 16.56
H1' AGS K . 11.98 35.39 16.10
H8 AGS K . 13.53 37.31 16.61
HN61 AGS K . 13.99 41.32 14.01
HN62 AGS K . 13.36 41.81 12.65
H2 AGS K . 10.61 38.67 11.31
MG MG L . 5.67 31.24 12.10
MG MG M . 22.72 6.03 19.10
PG AGS N . 24.37 5.40 16.92
S1G AGS N . 24.08 4.25 15.38
O2G AGS N . 23.74 4.75 18.18
O3G AGS N . 23.70 6.79 16.67
PB AGS N . 26.45 6.19 18.50
O1B AGS N . 27.47 7.23 18.23
O2B AGS N . 25.23 6.75 19.25
O3B AGS N . 25.91 5.59 17.14
PA AGS N . 27.16 5.17 20.97
O1A AGS N . 27.28 6.58 21.37
O2A AGS N . 25.93 4.47 21.56
O3A AGS N . 27.03 5.02 19.39
O5' AGS N . 28.49 4.41 21.35
C5' AGS N . 28.49 3.01 21.68
C4' AGS N . 29.59 2.74 22.67
O4' AGS N . 30.87 2.97 22.04
C3' AGS N . 29.58 3.63 23.91
O3' AGS N . 28.77 3.07 24.93
C2' AGS N . 31.06 3.67 24.31
O2' AGS N . 31.42 2.54 25.10
C1' AGS N . 31.76 3.61 22.94
N9 AGS N . 32.11 4.92 22.41
C8 AGS N . 31.59 5.51 21.28
N7 AGS N . 32.09 6.69 21.02
C5 AGS N . 32.99 6.90 22.06
C6 AGS N . 33.85 7.98 22.37
N6 AGS N . 33.94 9.09 21.64
N1 AGS N . 34.63 7.86 23.48
C2 AGS N . 34.53 6.75 24.21
N3 AGS N . 33.76 5.67 24.01
C4 AGS N . 33.01 5.81 22.91
H5'1 AGS N . 28.63 2.48 20.88
H5'2 AGS N . 27.63 2.76 22.08
H4' AGS N . 29.55 1.81 22.95
H3' AGS N . 29.28 4.53 23.67
HO3' AGS N . 28.29 2.41 24.59
H2' AGS N . 31.27 4.49 24.76
HO2' AGS N . 30.72 1.99 25.19
H1' AGS N . 32.57 3.07 23.02
H8 AGS N . 30.93 5.09 20.72
HN61 AGS N . 33.32 9.27 21.01
HN62 AGS N . 34.64 9.66 21.78
H2 AGS N . 35.10 6.72 25.00
MG MG O . 19.69 -20.72 6.50
PG AGS P . 21.40 -20.11 3.61
S1G AGS P . 20.52 -20.02 1.87
O2G AGS P . 20.32 -20.18 4.73
O3G AGS P . 22.25 -18.82 3.80
PB AGS P . 22.87 -21.88 5.07
O1B AGS P . 24.27 -21.45 5.26
O2B AGS P . 21.93 -21.33 6.15
O3B AGS P . 22.32 -21.36 3.68
PA AGS P . 21.96 -24.15 6.33
O1A AGS P . 22.74 -24.10 7.58
O2A AGS P . 20.60 -23.44 6.42
O3A AGS P . 22.75 -23.46 5.14
O5' AGS P . 21.78 -25.67 5.92
C5' AGS P . 22.30 -26.17 4.67
C4' AGS P . 22.36 -27.67 4.73
O4' AGS P . 23.58 -28.13 4.10
C3' AGS P . 22.36 -28.25 6.14
O3' AGS P . 21.05 -28.59 6.57
C2' AGS P . 23.24 -29.50 6.00
O2' AGS P . 22.51 -30.62 5.50
C1' AGS P . 24.26 -29.01 4.96
N9 AGS P . 25.40 -28.30 5.54
C8 AGS P . 25.67 -26.96 5.44
N7 AGS P . 26.75 -26.59 6.06
C5 AGS P . 27.23 -27.76 6.63
C6 AGS P . 28.36 -28.04 7.42
N6 AGS P . 29.25 -27.12 7.80
N1 AGS P . 28.55 -29.31 7.82
C2 AGS P . 27.66 -30.24 7.44
N3 AGS P . 26.56 -30.10 6.70
C4 AGS P . 26.40 -28.82 6.32
H5'1 AGS P . 23.20 -25.82 4.51
H5'2 AGS P . 21.71 -25.90 3.94
H4' AGS P . 21.59 -28.04 4.25
H3' AGS P . 22.77 -27.63 6.77
HO3' AGS P . 21.08 -28.95 7.37
H2' AGS P . 23.68 -29.70 6.83
HO2' AGS P . 21.63 -30.47 5.61
H1' AGS P . 24.58 -29.78 4.46
H8 AGS P . 25.11 -26.35 4.94
HN61 AGS P . 29.24 -26.30 7.41
HN62 AGS P . 29.86 -27.31 8.44
H2 AGS P . 27.84 -31.15 7.75
MG MG Q . 3.88 -25.11 -18.01
PG AGS R . 6.23 -24.43 -20.75
S1G AGS R . 5.95 -22.93 -21.97
O2G AGS R . 5.08 -24.46 -19.71
O3G AGS R . 7.59 -24.25 -20.02
PB AGS R . 5.98 -27.15 -20.83
O1B AGS R . 7.26 -27.84 -20.58
O2B AGS R . 5.21 -26.82 -19.55
O3B AGS R . 6.24 -25.76 -21.56
PA AGS R . 3.83 -28.85 -21.07
O1A AGS R . 4.32 -30.08 -20.41
O2A AGS R . 3.10 -27.89 -20.12
O3A AGS R . 5.01 -28.04 -21.73
O5' AGS R . 2.90 -29.29 -22.26
C5' AGS R . 3.33 -29.23 -23.63
C4' AGS R . 2.61 -30.29 -24.43
O4' AGS R . 3.49 -30.83 -25.44
C3' AGS R . 2.13 -31.49 -23.62
O3' AGS R . 0.79 -31.30 -23.17
C2' AGS R . 2.25 -32.65 -24.61
O2' AGS R . 1.12 -32.73 -25.46
C1' AGS R . 3.50 -32.24 -25.38
N9 AGS R . 4.75 -32.67 -24.77
C8 AGS R . 5.72 -31.87 -24.24
N7 AGS R . 6.75 -32.52 -23.75
C5 AGS R . 6.43 -33.86 -23.97
C6 AGS R . 7.09 -35.05 -23.68
N6 AGS R . 8.28 -35.12 -23.08
N1 AGS R . 6.49 -36.21 -24.03
C2 AGS R . 5.30 -36.16 -24.63
N3 AGS R . 4.57 -35.08 -24.96
C4 AGS R . 5.19 -33.96 -24.60
H5'1 AGS R . 4.30 -29.40 -23.68
H5'2 AGS R . 3.14 -28.35 -24.01
H4' AGS R . 1.84 -29.89 -24.87
H3' AGS R . 2.72 -31.64 -22.86
HO3' AGS R . 0.52 -32.02 -22.71
H2' AGS R . 2.40 -33.48 -24.14
HO2' AGS R . 0.41 -32.38 -25.07
H1' AGS R . 3.44 -32.60 -26.29
H8 AGS R . 5.67 -30.91 -24.23
HN61 AGS R . 8.74 -34.36 -22.90
HN62 AGS R . 8.64 -35.93 -22.85
H2 AGS R . 4.90 -37.02 -24.87
PB ADP S . -6.68 -5.40 -39.95
O1B ADP S . -5.46 -6.03 -40.56
O2B ADP S . -6.45 -4.03 -39.36
O3B ADP S . -7.49 -6.31 -39.07
PA ADP S . -9.08 -4.42 -41.02
O1A ADP S . -10.06 -5.47 -40.56
O2A ADP S . -8.87 -3.17 -40.21
O3A ADP S . -7.65 -5.12 -41.22
O5' ADP S . -9.46 -3.98 -42.52
C5' ADP S . -9.92 -2.66 -42.77
C4' ADP S . -10.84 -2.62 -43.98
O4' ADP S . -10.33 -3.42 -45.06
C3' ADP S . -12.22 -3.18 -43.65
O3' ADP S . -13.15 -2.13 -43.40
C2' ADP S . -12.61 -3.99 -44.88
O2' ADP S . -13.76 -3.42 -45.53
C1' ADP S . -11.42 -3.96 -45.81
N9 ADP S . -11.11 -5.34 -46.28
C8 ADP S . -10.31 -6.22 -45.66
N7 ADP S . -10.25 -7.39 -46.37
C5 ADP S . -11.02 -7.24 -47.46
C6 ADP S . -11.42 -8.07 -48.62
N6 ADP S . -10.94 -9.34 -48.76
N1 ADP S . -12.25 -7.54 -49.53
C2 ADP S . -12.73 -6.30 -49.42
N3 ADP S . -12.42 -5.48 -48.39
C4 ADP S . -11.59 -5.89 -47.40
H5'1 ADP S . -9.07 -2.00 -42.94
H5'2 ADP S . -10.47 -2.29 -41.89
H4' ADP S . -10.95 -1.59 -44.31
H3' ADP S . -12.14 -3.85 -42.79
HO3' ADP S . -13.96 -2.50 -43.03
H2' ADP S . -12.83 -5.03 -44.58
HO2' ADP S . -14.53 -3.48 -44.93
H1' ADP S . -11.65 -3.31 -46.66
H8 ADP S . -9.79 -6.04 -44.74
HN61 ADP S . -10.32 -9.72 -48.06
HN62 ADP S . -11.21 -9.89 -49.55
H2 ADP S . -13.41 -5.92 -50.18
#